data_7X01
#
_entry.id   7X01
#
_cell.length_a   1.00
_cell.length_b   1.00
_cell.length_c   1.00
_cell.angle_alpha   90.00
_cell.angle_beta   90.00
_cell.angle_gamma   90.00
#
_symmetry.space_group_name_H-M   'P 1'
#
loop_
_entity.id
_entity.type
_entity.pdbx_description
1 polymer 'mRNA-capping enzyme nsP1'
2 non-polymer 'ZINC ION'
3 non-polymer (1R,2S,3S,4R,5R)-3-(6-aminopurin-9-yl)-4-fluoranyl-5-(2-hydroxyethyl)cyclopentane-1,2-diol
#
_entity_poly.entity_id   1
_entity_poly.type   'polypeptide(L)'
_entity_poly.pdbx_seq_one_letter_code
;MDPVYVDIDADSAFLKALQRAYPMFEVEPRQVTPNDHANARAFSHLAIKLIEQEIDPDSTILDIGSAPARRMMSDRKYHC
VCPMRSAEDPERLANYARKLASAAGKVLDRNISGKIGDLQAVMAVPDTETPTFCLHTDVSCRQRADVAIYQDVYAVHAPT
SLYHQAIKGVRLAYWVGFDTTPFMYNAMAGAYPSYSTNWADEQVLKAKNIGLCSTDLTEGRRGKLSIMRGKKLEPCDRVL
FSVGSTLYPESRKLLKSWHLPSVFHLKGKLSFTCRCDTVVSCEGYVVKRITMSPGLYGKTTGYAVTHHADGFLMCKTTDT
VDGERVSFSVCTYVPATICDQMTGILATEVTPEDAQKLLVGLNQRIVVNGRTQRNTNTMKNYMIPVVAQAFSKWAKECRK
DMEDEKLLGVRERTLTCCCLWAFKKQKTHTVYKRPDTQSIQKVQAEFDSFVVPSLWSSGLSIPLRTRIKWLLSKVPKTDL
TPYSGDAQEARDAEKEAEEEREAELTLEALPPLQAAGGGGSWSHPQFEKMDYKDHDGDYKDHDIDYKDDDDK
;
_entity_poly.pdbx_strand_id   A,B,C,D,E,F,G,H,I,J,K,L
#
loop_
_chem_comp.id
_chem_comp.type
_chem_comp.name
_chem_comp.formula
7XQ non-polymer (1R,2S,3S,4R,5R)-3-(6-aminopurin-9-yl)-4-fluoranyl-5-(2-hydroxyethyl)cyclopentane-1,2-diol 'C12 H16 F N5 O3'
ZN non-polymer 'ZINC ION' 'Zn 2'
#
# COMPACT_ATOMS: atom_id res chain seq x y z
N ASP A 2 11.49 -48.84 39.09
CA ASP A 2 12.63 -47.98 38.81
C ASP A 2 12.40 -46.50 39.16
N PRO A 3 11.29 -45.89 38.73
CA PRO A 3 11.04 -44.50 39.10
C PRO A 3 10.77 -44.37 40.60
N VAL A 4 11.21 -43.25 41.17
CA VAL A 4 10.99 -42.96 42.58
C VAL A 4 9.85 -41.95 42.70
N TYR A 5 8.83 -42.30 43.47
CA TYR A 5 7.64 -41.46 43.61
C TYR A 5 7.77 -40.59 44.85
N VAL A 6 7.59 -39.28 44.67
CA VAL A 6 7.69 -38.30 45.74
C VAL A 6 6.40 -37.49 45.79
N ASP A 7 6.10 -36.97 46.98
CA ASP A 7 4.84 -36.25 47.22
C ASP A 7 5.00 -34.78 46.86
N ILE A 8 5.03 -34.50 45.56
CA ILE A 8 5.06 -33.13 45.06
C ILE A 8 4.03 -33.00 43.94
N ASP A 9 3.61 -31.77 43.68
CA ASP A 9 2.67 -31.51 42.60
C ASP A 9 3.36 -31.70 41.25
N ALA A 10 2.55 -31.98 40.22
CA ALA A 10 3.09 -32.30 38.91
C ALA A 10 3.90 -31.14 38.33
N ASP A 11 3.33 -29.94 38.34
CA ASP A 11 4.00 -28.77 37.79
C ASP A 11 4.71 -27.98 38.89
N SER A 12 5.80 -28.56 39.39
CA SER A 12 6.64 -27.93 40.40
C SER A 12 8.04 -27.73 39.85
N ALA A 13 8.58 -26.53 40.07
CA ALA A 13 9.91 -26.20 39.56
C ALA A 13 11.04 -26.85 40.37
N PHE A 14 10.75 -27.33 41.57
CA PHE A 14 11.76 -28.02 42.39
C PHE A 14 12.11 -29.39 41.83
N LEU A 15 11.29 -29.93 40.93
CA LEU A 15 11.57 -31.24 40.36
C LEU A 15 12.86 -31.24 39.55
N LYS A 16 13.09 -30.18 38.77
CA LYS A 16 14.34 -30.11 38.00
C LYS A 16 15.54 -29.91 38.91
N ALA A 17 15.37 -29.18 40.01
CA ALA A 17 16.44 -29.09 41.00
C ALA A 17 16.78 -30.44 41.60
N LEU A 18 15.76 -31.24 41.91
CA LEU A 18 15.99 -32.60 42.38
C LEU A 18 16.71 -33.43 41.31
N GLN A 19 16.31 -33.26 40.04
CA GLN A 19 16.96 -33.96 38.94
C GLN A 19 18.45 -33.62 38.89
N ARG A 20 18.78 -32.33 38.95
CA ARG A 20 20.18 -31.92 38.90
C ARG A 20 20.94 -32.41 40.13
N ALA A 21 20.27 -32.47 41.27
CA ALA A 21 20.91 -32.91 42.51
C ALA A 21 21.11 -34.43 42.58
N TYR A 22 20.22 -35.22 41.98
CA TYR A 22 20.27 -36.67 42.03
C TYR A 22 20.17 -37.24 40.62
N PRO A 23 21.24 -37.12 39.82
CA PRO A 23 21.19 -37.62 38.44
C PRO A 23 21.49 -39.11 38.33
N MET A 24 20.92 -39.92 39.23
CA MET A 24 21.04 -41.37 39.13
C MET A 24 19.76 -42.06 39.57
N PHE A 25 18.66 -41.31 39.71
CA PHE A 25 17.35 -41.89 39.98
C PHE A 25 16.33 -41.27 39.03
N GLU A 26 15.24 -41.99 38.82
CA GLU A 26 14.09 -41.47 38.10
C GLU A 26 13.05 -40.98 39.09
N VAL A 27 12.58 -39.75 38.88
CA VAL A 27 11.69 -39.08 39.82
C VAL A 27 10.37 -38.80 39.11
N GLU A 28 9.26 -39.19 39.75
CA GLU A 28 7.92 -38.95 39.23
C GLU A 28 7.04 -38.42 40.34
N PRO A 29 6.28 -37.35 40.08
CA PRO A 29 5.45 -36.75 41.14
C PRO A 29 4.14 -37.50 41.34
N ARG A 30 3.82 -37.76 42.61
CA ARG A 30 2.60 -38.46 42.99
C ARG A 30 2.07 -37.79 44.27
N GLN A 31 1.12 -36.88 44.10
CA GLN A 31 0.62 -36.10 45.21
C GLN A 31 -0.44 -36.87 45.99
N VAL A 32 -0.35 -36.83 47.31
CA VAL A 32 -1.32 -37.49 48.18
C VAL A 32 -1.93 -36.48 49.15
N THR A 33 -1.10 -35.87 49.99
CA THR A 33 -1.59 -34.94 51.00
C THR A 33 -1.14 -33.52 50.71
N PRO A 34 -1.89 -32.52 51.17
CA PRO A 34 -1.52 -31.11 50.96
C PRO A 34 -0.57 -30.59 52.04
N ASN A 35 0.60 -31.21 52.14
CA ASN A 35 1.60 -30.77 53.12
C ASN A 35 2.23 -29.45 52.68
N ASP A 36 2.30 -28.50 53.60
CA ASP A 36 2.81 -27.17 53.28
C ASP A 36 4.33 -27.07 53.39
N HIS A 37 5.02 -28.14 53.78
CA HIS A 37 6.48 -28.17 53.81
C HIS A 37 6.95 -29.50 53.20
N ALA A 38 6.36 -29.87 52.07
CA ALA A 38 6.57 -31.18 51.48
C ALA A 38 7.85 -31.28 50.66
N ASN A 39 8.57 -30.18 50.43
CA ASN A 39 9.78 -30.25 49.61
C ASN A 39 10.93 -30.91 50.34
N ALA A 40 11.01 -30.75 51.66
CA ALA A 40 12.07 -31.37 52.46
C ALA A 40 12.00 -32.88 52.43
N ARG A 41 10.79 -33.44 52.47
CA ARG A 41 10.60 -34.89 52.47
C ARG A 41 11.11 -35.54 51.20
N ALA A 42 10.93 -34.90 50.05
CA ALA A 42 11.44 -35.46 48.79
C ALA A 42 12.96 -35.48 48.75
N PHE A 43 13.63 -34.55 49.43
CA PHE A 43 15.09 -34.57 49.48
C PHE A 43 15.59 -35.63 50.45
N SER A 44 15.06 -35.64 51.67
CA SER A 44 15.44 -36.66 52.64
C SER A 44 15.01 -38.05 52.21
N HIS A 45 14.09 -38.15 51.25
CA HIS A 45 13.61 -39.41 50.69
C HIS A 45 14.64 -40.04 49.77
N LEU A 46 15.20 -39.23 48.86
CA LEU A 46 16.26 -39.71 47.98
C LEU A 46 17.62 -39.82 48.67
N ALA A 47 17.85 -39.04 49.73
CA ALA A 47 19.14 -39.08 50.42
C ALA A 47 19.42 -40.46 51.00
N ILE A 48 18.42 -41.05 51.66
CA ILE A 48 18.60 -42.36 52.29
C ILE A 48 18.82 -43.43 51.22
N LYS A 49 18.11 -43.33 50.10
CA LYS A 49 18.31 -44.28 49.01
C LYS A 49 19.71 -44.16 48.43
N LEU A 50 20.22 -42.94 48.27
CA LEU A 50 21.59 -42.79 47.80
C LEU A 50 22.58 -43.40 48.78
N ILE A 51 22.37 -43.16 50.08
CA ILE A 51 23.27 -43.69 51.10
C ILE A 51 23.28 -45.21 51.05
N GLU A 52 22.10 -45.82 50.95
CA GLU A 52 22.01 -47.28 50.93
C GLU A 52 22.59 -47.85 49.63
N GLN A 53 22.36 -47.19 48.51
CA GLN A 53 22.89 -47.61 47.21
C GLN A 53 24.40 -47.42 47.13
N GLU A 54 25.00 -46.62 48.01
CA GLU A 54 26.46 -46.51 48.05
C GLU A 54 27.10 -47.13 49.28
N ILE A 55 26.39 -47.94 50.05
CA ILE A 55 26.94 -48.61 51.23
C ILE A 55 27.02 -50.10 50.96
N ASP A 56 28.00 -50.75 51.58
CA ASP A 56 28.19 -52.18 51.37
C ASP A 56 27.03 -52.98 51.97
N PRO A 57 26.58 -54.04 51.31
CA PRO A 57 25.51 -54.86 51.88
C PRO A 57 25.97 -55.64 53.09
N ASP A 58 24.99 -56.08 53.88
CA ASP A 58 25.23 -56.89 55.09
C ASP A 58 26.10 -56.13 56.09
N SER A 59 25.63 -54.95 56.46
CA SER A 59 26.29 -54.12 57.47
C SER A 59 25.25 -53.63 58.47
N THR A 60 25.66 -53.55 59.73
CA THR A 60 24.79 -53.05 60.79
C THR A 60 24.90 -51.53 60.84
N ILE A 61 23.75 -50.87 60.95
CA ILE A 61 23.65 -49.41 60.83
C ILE A 61 23.02 -48.86 62.10
N LEU A 62 23.75 -47.97 62.78
CA LEU A 62 23.17 -47.25 63.90
C LEU A 62 22.26 -46.14 63.39
N ASP A 63 21.36 -45.70 64.27
CA ASP A 63 20.41 -44.64 63.94
C ASP A 63 20.20 -43.77 65.17
N ILE A 64 20.73 -42.56 65.15
CA ILE A 64 20.66 -41.67 66.29
C ILE A 64 19.39 -40.82 66.20
N GLY A 65 18.57 -40.87 67.24
CA GLY A 65 17.32 -40.14 67.27
C GLY A 65 16.42 -40.49 66.11
N SER A 66 15.98 -41.75 66.07
CA SER A 66 15.26 -42.28 64.91
C SER A 66 13.75 -42.34 65.16
N ALA A 67 13.02 -42.52 64.07
CA ALA A 67 11.60 -42.88 64.11
C ALA A 67 11.48 -44.27 63.50
N PRO A 68 11.26 -45.30 64.32
CA PRO A 68 11.37 -46.68 63.81
C PRO A 68 10.37 -47.03 62.72
N ALA A 69 9.28 -46.28 62.58
CA ALA A 69 8.33 -46.57 61.50
C ALA A 69 8.92 -46.35 60.12
N ARG A 70 9.93 -45.47 60.00
CA ARG A 70 10.55 -45.23 58.70
C ARG A 70 11.42 -46.41 58.27
N ARG A 71 12.08 -47.08 59.22
CA ARG A 71 13.03 -48.15 58.93
C ARG A 71 12.45 -49.52 59.22
N MET A 72 11.16 -49.72 58.95
CA MET A 72 10.51 -51.00 59.22
C MET A 72 10.33 -51.85 57.97
N MET A 73 9.97 -51.25 56.84
CA MET A 73 9.77 -51.98 55.59
C MET A 73 11.02 -52.01 54.72
N SER A 74 12.19 -51.77 55.29
CA SER A 74 13.44 -51.82 54.54
C SER A 74 14.03 -53.22 54.56
N ASP A 75 15.23 -53.38 54.03
CA ASP A 75 15.84 -54.70 53.99
C ASP A 75 17.25 -54.73 54.60
N ARG A 76 17.64 -53.75 55.38
CA ARG A 76 18.95 -53.72 56.01
C ARG A 76 18.79 -53.73 57.53
N LYS A 77 19.86 -54.16 58.21
CA LYS A 77 19.83 -54.36 59.66
C LYS A 77 20.13 -53.04 60.35
N TYR A 78 19.09 -52.31 60.73
CA TYR A 78 19.26 -51.09 61.51
C TYR A 78 19.23 -51.39 63.00
N HIS A 79 19.69 -50.41 63.78
CA HIS A 79 19.55 -50.43 65.23
C HIS A 79 19.16 -49.03 65.67
N CYS A 80 17.93 -48.87 66.14
CA CYS A 80 17.34 -47.55 66.38
C CYS A 80 17.61 -47.13 67.82
N VAL A 81 18.25 -45.99 67.98
CA VAL A 81 18.47 -45.38 69.28
C VAL A 81 17.36 -44.37 69.52
N CYS A 82 16.42 -44.71 70.41
CA CYS A 82 15.18 -43.94 70.57
C CYS A 82 14.99 -43.57 72.02
N PRO A 83 15.66 -42.51 72.49
CA PRO A 83 15.37 -41.99 73.83
C PRO A 83 14.09 -41.18 73.84
N MET A 84 13.60 -40.92 75.04
CA MET A 84 12.39 -40.12 75.25
C MET A 84 12.80 -38.80 75.90
N ARG A 85 13.13 -37.83 75.06
CA ARG A 85 13.54 -36.51 75.52
C ARG A 85 12.66 -35.38 74.98
N SER A 86 11.85 -35.64 73.96
CA SER A 86 10.97 -34.64 73.38
C SER A 86 9.51 -35.07 73.53
N ALA A 87 8.62 -34.08 73.45
CA ALA A 87 7.20 -34.34 73.66
C ALA A 87 6.57 -35.14 72.52
N GLU A 88 7.28 -35.30 71.40
CA GLU A 88 6.72 -35.95 70.22
C GLU A 88 7.13 -37.41 70.08
N ASP A 89 7.80 -37.98 71.08
CA ASP A 89 8.27 -39.36 71.05
C ASP A 89 7.19 -40.41 71.37
N PRO A 90 6.34 -40.21 72.39
CA PRO A 90 5.38 -41.27 72.75
C PRO A 90 4.48 -41.71 71.62
N GLU A 91 3.95 -40.78 70.83
CA GLU A 91 3.13 -41.17 69.70
C GLU A 91 3.93 -41.83 68.59
N ARG A 92 5.21 -41.50 68.44
CA ARG A 92 6.07 -42.26 67.54
C ARG A 92 6.20 -43.71 67.99
N LEU A 93 6.42 -43.94 69.28
CA LEU A 93 6.50 -45.31 69.78
C LEU A 93 5.17 -46.04 69.61
N ALA A 94 4.05 -45.38 69.91
CA ALA A 94 2.74 -45.98 69.69
C ALA A 94 2.47 -46.30 68.23
N ASN A 95 3.02 -45.52 67.32
CA ASN A 95 2.78 -45.71 65.90
C ASN A 95 3.58 -46.88 65.47
N TYR A 96 4.82 -46.97 65.92
CA TYR A 96 5.63 -48.14 65.64
C TYR A 96 4.94 -49.40 66.15
N ALA A 97 4.37 -49.35 67.35
CA ALA A 97 3.64 -50.49 67.89
C ALA A 97 2.44 -50.84 67.00
N ARG A 98 1.74 -49.83 66.51
CA ARG A 98 0.54 -50.07 65.72
C ARG A 98 0.88 -50.76 64.40
N LYS A 99 1.95 -50.34 63.78
CA LYS A 99 2.31 -50.90 62.49
C LYS A 99 3.03 -52.21 62.70
N LEU A 100 3.58 -52.43 63.90
CA LEU A 100 4.13 -53.75 64.19
C LEU A 100 3.03 -54.76 64.40
N ALA A 101 1.93 -54.35 65.05
CA ALA A 101 0.81 -55.24 65.29
C ALA A 101 -0.03 -55.47 64.03
N SER A 102 -0.06 -54.50 63.12
CA SER A 102 -0.91 -54.59 61.94
C SER A 102 -0.31 -55.46 60.84
N ALA A 103 0.91 -55.96 61.03
CA ALA A 103 1.55 -56.84 60.05
C ALA A 103 2.15 -58.07 60.73
N ALA A 104 1.39 -58.69 61.63
CA ALA A 104 1.87 -59.83 62.39
C ALA A 104 2.21 -61.01 61.49
N GLY A 105 1.34 -61.31 60.52
CA GLY A 105 1.56 -62.42 59.64
C GLY A 105 1.26 -62.11 58.19
N LYS A 106 0.73 -60.92 57.92
CA LYS A 106 0.44 -60.51 56.55
C LYS A 106 1.73 -60.37 55.75
N VAL A 107 2.75 -59.78 56.35
CA VAL A 107 4.06 -59.64 55.73
C VAL A 107 5.06 -60.52 56.48
N LEU A 108 5.82 -61.32 55.74
CA LEU A 108 6.76 -62.25 56.34
C LEU A 108 8.14 -62.14 55.71
N ASP A 109 8.26 -61.32 54.66
CA ASP A 109 9.55 -61.12 54.00
C ASP A 109 10.50 -60.38 54.93
N ARG A 110 9.95 -59.64 55.89
CA ARG A 110 10.74 -58.84 56.81
C ARG A 110 11.07 -59.62 58.09
N ASN A 111 11.60 -58.93 59.08
CA ASN A 111 11.94 -59.50 60.38
C ASN A 111 10.95 -59.03 61.43
N ILE A 112 9.65 -59.04 61.07
CA ILE A 112 8.62 -58.45 61.91
C ILE A 112 8.52 -59.20 63.25
N SER A 113 8.59 -60.54 63.19
CA SER A 113 8.51 -61.33 64.42
C SER A 113 9.65 -61.01 65.37
N GLY A 114 10.87 -60.91 64.84
CA GLY A 114 12.01 -60.55 65.68
C GLY A 114 11.88 -59.16 66.27
N LYS A 115 11.40 -58.21 65.46
CA LYS A 115 11.22 -56.85 65.95
C LYS A 115 10.18 -56.79 67.07
N ILE A 116 9.07 -57.53 66.90
CA ILE A 116 8.03 -57.57 67.92
C ILE A 116 8.57 -58.17 69.20
N GLY A 117 9.30 -59.28 69.08
CA GLY A 117 9.89 -59.91 70.26
C GLY A 117 10.87 -58.99 70.96
N ASP A 118 11.69 -58.27 70.19
CA ASP A 118 12.66 -57.35 70.78
C ASP A 118 11.95 -56.20 71.50
N LEU A 119 10.90 -55.66 70.88
CA LEU A 119 10.15 -54.58 71.52
C LEU A 119 9.50 -55.05 72.82
N GLN A 120 8.93 -56.26 72.81
CA GLN A 120 8.36 -56.81 74.04
C GLN A 120 9.43 -57.01 75.11
N ALA A 121 10.61 -57.49 74.71
CA ALA A 121 11.70 -57.66 75.68
C ALA A 121 12.12 -56.32 76.28
N VAL A 122 12.21 -55.27 75.46
CA VAL A 122 12.54 -53.95 75.97
C VAL A 122 11.45 -53.46 76.93
N MET A 123 10.19 -53.67 76.58
CA MET A 123 9.10 -53.27 77.46
C MET A 123 9.17 -54.02 78.79
N ALA A 124 9.65 -55.27 78.76
CA ALA A 124 9.78 -56.05 79.98
C ALA A 124 10.85 -55.48 80.90
N VAL A 125 12.10 -55.48 80.46
CA VAL A 125 13.21 -54.92 81.21
C VAL A 125 13.72 -53.70 80.45
N PRO A 126 13.59 -52.48 81.00
CA PRO A 126 14.00 -51.27 80.25
C PRO A 126 15.47 -50.87 80.40
N ASP A 127 16.35 -51.86 80.28
CA ASP A 127 17.78 -51.61 80.24
C ASP A 127 18.48 -52.55 79.26
N THR A 128 17.69 -53.39 78.58
CA THR A 128 18.27 -54.37 77.68
C THR A 128 18.76 -53.70 76.40
N GLU A 129 19.70 -54.35 75.73
CA GLU A 129 20.24 -53.89 74.45
C GLU A 129 19.93 -54.96 73.40
N THR A 130 18.83 -54.78 72.69
CA THR A 130 18.38 -55.69 71.66
C THR A 130 19.00 -55.32 70.33
N PRO A 131 19.02 -56.26 69.37
CA PRO A 131 19.61 -55.97 68.06
C PRO A 131 19.05 -54.73 67.37
N THR A 132 17.76 -54.45 67.53
CA THR A 132 17.10 -53.43 66.72
C THR A 132 16.47 -52.30 67.53
N PHE A 133 16.65 -52.26 68.85
CA PHE A 133 15.97 -51.22 69.61
C PHE A 133 16.63 -51.08 70.99
N CYS A 134 16.56 -49.86 71.53
CA CYS A 134 17.07 -49.57 72.86
C CYS A 134 16.48 -48.24 73.33
N LEU A 135 16.67 -47.94 74.60
CA LEU A 135 16.16 -46.72 75.23
C LEU A 135 17.29 -45.91 75.85
N HIS A 136 18.37 -45.73 75.09
CA HIS A 136 19.53 -45.00 75.56
C HIS A 136 19.77 -43.79 74.67
N THR A 137 20.69 -42.93 75.11
CA THR A 137 21.11 -41.79 74.30
C THR A 137 22.20 -42.22 73.31
N ASP A 138 22.83 -41.24 72.65
CA ASP A 138 23.92 -41.52 71.72
C ASP A 138 25.23 -41.87 72.41
N VAL A 139 25.48 -41.32 73.60
CA VAL A 139 26.74 -41.57 74.31
C VAL A 139 26.64 -42.69 75.33
N SER A 140 25.51 -43.40 75.39
CA SER A 140 25.34 -44.48 76.34
C SER A 140 25.00 -45.82 75.71
N CYS A 141 24.52 -45.84 74.47
CA CYS A 141 24.30 -47.11 73.77
C CYS A 141 25.62 -47.84 73.57
N ARG A 142 25.62 -49.14 73.88
CA ARG A 142 26.83 -49.95 73.78
C ARG A 142 26.78 -50.94 72.62
N GLN A 143 25.82 -50.79 71.71
CA GLN A 143 25.73 -51.67 70.55
C GLN A 143 26.83 -51.30 69.55
N ARG A 144 27.79 -52.20 69.36
CA ARG A 144 28.88 -51.96 68.42
C ARG A 144 28.38 -52.08 66.98
N ALA A 145 28.90 -51.20 66.13
CA ALA A 145 28.50 -51.17 64.73
C ALA A 145 29.64 -50.56 63.92
N ASP A 146 29.39 -50.34 62.63
CA ASP A 146 30.39 -49.74 61.75
C ASP A 146 29.89 -48.56 60.94
N VAL A 147 28.58 -48.25 60.98
CA VAL A 147 28.00 -47.14 60.24
C VAL A 147 27.01 -46.42 61.15
N ALA A 148 27.02 -45.09 61.08
CA ALA A 148 26.10 -44.26 61.83
C ALA A 148 25.47 -43.24 60.89
N ILE A 149 24.21 -42.91 61.14
CA ILE A 149 23.47 -41.97 60.31
C ILE A 149 22.76 -40.95 61.20
N TYR A 150 22.82 -39.70 60.79
CA TYR A 150 22.12 -38.60 61.48
C TYR A 150 21.12 -37.99 60.51
N GLN A 151 19.89 -37.81 60.97
CA GLN A 151 18.84 -37.19 60.18
C GLN A 151 18.14 -36.11 61.00
N ASP A 152 18.30 -34.85 60.58
CA ASP A 152 17.70 -33.70 61.24
C ASP A 152 18.01 -33.68 62.74
N VAL A 153 19.28 -33.95 63.07
CA VAL A 153 19.75 -33.94 64.45
C VAL A 153 20.57 -32.68 64.66
N TYR A 154 20.12 -31.84 65.59
CA TYR A 154 20.74 -30.55 65.84
C TYR A 154 21.15 -30.30 67.28
N ALA A 155 20.72 -31.14 68.22
CA ALA A 155 20.90 -30.87 69.64
C ALA A 155 22.09 -31.61 70.25
N VAL A 156 22.94 -32.24 69.44
CA VAL A 156 24.10 -32.94 69.94
C VAL A 156 25.36 -32.15 69.58
N HIS A 157 26.40 -32.31 70.40
CA HIS A 157 27.69 -31.68 70.16
C HIS A 157 28.52 -32.64 69.32
N ALA A 158 28.90 -32.20 68.11
CA ALA A 158 29.48 -33.10 67.11
C ALA A 158 30.77 -33.81 67.56
N PRO A 159 31.76 -33.13 68.15
CA PRO A 159 33.00 -33.86 68.51
C PRO A 159 32.77 -34.98 69.51
N THR A 160 32.05 -34.71 70.59
CA THR A 160 31.81 -35.73 71.60
C THR A 160 31.00 -36.90 71.03
N SER A 161 29.95 -36.58 70.27
CA SER A 161 29.15 -37.63 69.65
C SER A 161 29.98 -38.50 68.74
N LEU A 162 30.75 -37.89 67.83
CA LEU A 162 31.56 -38.67 66.90
C LEU A 162 32.62 -39.50 67.63
N TYR A 163 33.21 -38.94 68.69
CA TYR A 163 34.20 -39.70 69.45
C TYR A 163 33.57 -40.90 70.16
N HIS A 164 32.31 -40.78 70.57
CA HIS A 164 31.67 -41.89 71.27
C HIS A 164 31.22 -43.03 70.35
N GLN A 165 31.19 -42.83 69.02
CA GLN A 165 31.09 -43.97 68.13
C GLN A 165 32.42 -44.35 67.48
N ALA A 166 33.43 -43.49 67.58
CA ALA A 166 34.76 -43.85 67.09
C ALA A 166 35.34 -45.04 67.86
N ILE A 167 35.07 -45.12 69.16
CA ILE A 167 35.63 -46.16 70.01
C ILE A 167 34.77 -47.42 69.95
N LYS A 168 33.79 -47.43 69.04
CA LYS A 168 32.90 -48.58 68.93
C LYS A 168 32.98 -49.27 67.57
N GLY A 169 34.02 -49.04 66.78
CA GLY A 169 34.16 -49.72 65.50
C GLY A 169 33.48 -49.04 64.34
N VAL A 170 32.97 -47.82 64.51
CA VAL A 170 32.33 -47.09 63.43
C VAL A 170 33.40 -46.34 62.64
N ARG A 171 33.41 -46.55 61.32
CA ARG A 171 34.41 -45.94 60.46
C ARG A 171 33.81 -45.01 59.41
N LEU A 172 32.50 -44.80 59.43
CA LEU A 172 31.84 -43.99 58.41
C LEU A 172 30.53 -43.45 58.97
N ALA A 173 30.28 -42.16 58.76
CA ALA A 173 29.08 -41.51 59.29
C ALA A 173 28.52 -40.54 58.26
N TYR A 174 27.21 -40.36 58.29
CA TYR A 174 26.51 -39.44 57.40
C TYR A 174 25.67 -38.46 58.21
N TRP A 175 25.53 -37.25 57.67
CA TRP A 175 24.74 -36.19 58.32
C TRP A 175 23.97 -35.42 57.26
N VAL A 176 22.65 -35.40 57.38
CA VAL A 176 21.78 -34.72 56.42
C VAL A 176 21.04 -33.61 57.16
N GLY A 177 21.07 -32.40 56.60
CA GLY A 177 20.38 -31.31 57.27
C GLY A 177 20.50 -29.99 56.54
N PHE A 178 20.24 -28.92 57.28
CA PHE A 178 20.32 -27.56 56.78
C PHE A 178 21.77 -27.10 56.69
N ASP A 179 22.02 -26.16 55.78
CA ASP A 179 23.35 -25.56 55.66
C ASP A 179 23.67 -24.73 56.90
N THR A 180 24.91 -24.87 57.38
CA THR A 180 25.37 -24.19 58.58
C THR A 180 26.00 -22.84 58.26
N THR A 181 26.17 -22.52 56.98
CA THR A 181 26.87 -21.30 56.59
C THR A 181 26.25 -20.02 57.14
N PRO A 182 24.93 -19.82 57.15
CA PRO A 182 24.39 -18.55 57.68
C PRO A 182 24.74 -18.27 59.14
N PHE A 183 25.01 -19.30 59.95
CA PHE A 183 25.37 -19.08 61.34
C PHE A 183 26.86 -18.88 61.55
N MET A 184 27.69 -19.20 60.55
CA MET A 184 29.10 -18.83 60.63
C MET A 184 29.31 -17.35 60.36
N TYR A 185 28.43 -16.75 59.57
CA TYR A 185 28.44 -15.30 59.33
C TYR A 185 27.77 -14.52 60.45
N ASN A 186 27.07 -15.21 61.36
CA ASN A 186 26.49 -14.61 62.57
C ASN A 186 25.40 -13.58 62.23
N ALA A 187 24.43 -14.02 61.42
CA ALA A 187 23.30 -13.17 61.08
C ALA A 187 22.24 -13.24 62.16
N MET A 188 21.26 -12.33 62.08
CA MET A 188 20.21 -12.24 63.08
C MET A 188 18.92 -12.93 62.65
N ALA A 189 18.62 -12.99 61.36
CA ALA A 189 17.43 -13.65 60.87
C ALA A 189 17.68 -14.12 59.44
N GLY A 190 16.88 -15.06 58.97
CA GLY A 190 17.09 -15.57 57.63
C GLY A 190 15.98 -16.48 57.18
N ALA A 191 16.09 -16.91 55.92
CA ALA A 191 15.09 -17.74 55.27
C ALA A 191 15.76 -18.81 54.41
N TYR A 192 15.01 -19.88 54.17
CA TYR A 192 15.35 -20.93 53.20
C TYR A 192 14.16 -21.02 52.26
N PRO A 193 14.03 -20.08 51.32
CA PRO A 193 12.75 -19.89 50.62
C PRO A 193 12.30 -21.07 49.78
N SER A 194 13.18 -21.99 49.41
CA SER A 194 12.78 -23.14 48.62
C SER A 194 12.13 -24.24 49.46
N TYR A 195 12.17 -24.14 50.79
CA TYR A 195 11.57 -25.14 51.67
C TYR A 195 10.56 -24.53 52.63
N SER A 196 10.16 -23.29 52.40
CA SER A 196 9.17 -22.59 53.23
C SER A 196 9.58 -22.59 54.71
N THR A 197 10.81 -22.14 54.95
CA THR A 197 11.40 -22.14 56.29
C THR A 197 11.94 -20.75 56.61
N ASN A 198 11.60 -20.25 57.79
CA ASN A 198 12.13 -18.99 58.27
C ASN A 198 12.68 -19.15 59.67
N TRP A 199 13.80 -18.49 59.95
CA TRP A 199 14.40 -18.55 61.28
C TRP A 199 14.74 -17.15 61.76
N ALA A 200 14.64 -16.95 63.06
CA ALA A 200 14.87 -15.63 63.63
C ALA A 200 15.40 -15.73 65.06
N ASP A 201 16.19 -14.73 65.43
CA ASP A 201 16.65 -14.57 66.80
C ASP A 201 15.49 -14.15 67.70
N GLU A 202 15.59 -14.50 68.98
CA GLU A 202 14.48 -14.24 69.91
C GLU A 202 14.24 -12.76 70.16
N GLN A 203 15.25 -11.91 69.98
CA GLN A 203 15.11 -10.49 70.30
C GLN A 203 14.46 -9.68 69.19
N VAL A 204 14.15 -10.28 68.05
CA VAL A 204 13.52 -9.58 66.94
C VAL A 204 12.19 -10.20 66.55
N LEU A 205 11.56 -10.95 67.47
CA LEU A 205 10.29 -11.60 67.14
C LEU A 205 9.16 -10.60 66.98
N LYS A 206 9.31 -9.38 67.51
CA LYS A 206 8.30 -8.33 67.37
C LYS A 206 8.67 -7.31 66.30
N ALA A 207 9.33 -7.74 65.22
CA ALA A 207 9.64 -6.86 64.11
C ALA A 207 8.41 -6.71 63.22
N LYS A 208 8.58 -6.10 62.06
CA LYS A 208 7.45 -5.80 61.18
C LYS A 208 7.53 -6.47 59.81
N ASN A 209 8.69 -6.44 59.15
CA ASN A 209 8.78 -6.84 57.75
C ASN A 209 9.76 -7.98 57.51
N ILE A 210 9.97 -8.87 58.49
CA ILE A 210 10.76 -10.07 58.26
C ILE A 210 9.81 -11.25 58.17
N GLY A 211 10.32 -12.42 57.80
CA GLY A 211 9.48 -13.56 57.51
C GLY A 211 8.83 -14.22 58.71
N LEU A 212 9.29 -13.90 59.92
CA LEU A 212 8.77 -14.51 61.14
C LEU A 212 8.68 -13.43 62.23
N CYS A 213 7.51 -12.81 62.35
CA CYS A 213 7.32 -11.73 63.32
C CYS A 213 5.83 -11.44 63.46
N SER A 214 5.51 -10.59 64.44
CA SER A 214 4.16 -10.07 64.65
C SER A 214 4.26 -8.78 65.43
N THR A 215 3.50 -7.77 65.01
CA THR A 215 3.50 -6.46 65.65
C THR A 215 2.06 -5.98 65.85
N ASP A 216 1.94 -4.74 66.35
CA ASP A 216 0.64 -4.15 66.67
C ASP A 216 0.52 -2.79 66.00
N LEU A 217 -0.69 -2.23 66.07
CA LEU A 217 -0.95 -0.87 65.63
C LEU A 217 -0.74 0.11 66.78
N THR A 218 -0.22 1.29 66.47
CA THR A 218 0.11 2.27 67.49
C THR A 218 0.13 3.66 66.89
N GLU A 219 0.10 4.67 67.76
CA GLU A 219 0.12 6.07 67.35
C GLU A 219 1.49 6.70 67.49
N GLY A 220 2.26 6.32 68.51
CA GLY A 220 3.58 6.89 68.70
C GLY A 220 3.73 7.69 69.98
N ARG A 221 4.45 7.13 70.94
CA ARG A 221 4.65 7.75 72.24
C ARG A 221 6.02 8.45 72.27
N ARG A 222 6.13 9.51 73.06
CA ARG A 222 7.38 10.25 73.22
C ARG A 222 8.24 9.75 74.36
N GLY A 223 7.79 8.75 75.12
CA GLY A 223 8.55 8.22 76.23
C GLY A 223 9.37 7.00 75.88
N ARG A 229 18.64 0.44 80.42
CA ARG A 229 19.16 0.83 79.11
C ARG A 229 19.63 -0.37 78.30
N GLY A 230 19.64 -0.20 76.97
CA GLY A 230 20.05 -1.24 76.06
C GLY A 230 21.36 -0.89 75.37
N LYS A 231 21.24 -0.36 74.14
CA LYS A 231 22.35 0.10 73.32
C LYS A 231 23.17 -1.05 72.73
N LYS A 232 22.85 -2.28 73.12
CA LYS A 232 23.53 -3.48 72.64
C LYS A 232 22.48 -4.41 72.02
N LEU A 233 22.46 -4.49 70.69
CA LEU A 233 21.59 -5.41 69.95
C LEU A 233 22.50 -6.37 69.21
N GLU A 234 22.72 -7.54 69.79
CA GLU A 234 23.67 -8.52 69.25
C GLU A 234 23.02 -9.89 69.29
N PRO A 235 23.45 -10.80 68.41
CA PRO A 235 22.87 -12.15 68.39
C PRO A 235 23.10 -12.88 69.71
N CYS A 236 22.14 -13.71 70.08
N CYS A 236 22.15 -13.71 70.08
CA CYS A 236 22.18 -14.51 71.30
CA CYS A 236 22.21 -14.52 71.30
C CYS A 236 22.06 -16.00 70.93
C CYS A 236 22.07 -16.00 70.93
N ASP A 237 22.10 -16.84 71.96
CA ASP A 237 22.14 -18.29 71.74
C ASP A 237 20.84 -18.82 71.15
N ARG A 238 19.70 -18.36 71.64
CA ARG A 238 18.42 -18.99 71.31
C ARG A 238 17.89 -18.50 69.97
N VAL A 239 17.53 -19.44 69.10
CA VAL A 239 17.00 -19.13 67.77
C VAL A 239 15.74 -19.95 67.56
N LEU A 240 14.80 -19.40 66.80
CA LEU A 240 13.53 -20.07 66.50
C LEU A 240 13.45 -20.38 65.02
N PHE A 241 13.12 -21.64 64.70
CA PHE A 241 12.96 -22.12 63.34
C PHE A 241 11.49 -22.43 63.09
N SER A 242 11.00 -22.10 61.90
CA SER A 242 9.64 -22.40 61.49
C SER A 242 9.71 -23.05 60.11
N VAL A 243 9.41 -24.34 60.05
CA VAL A 243 9.36 -25.11 58.81
C VAL A 243 7.88 -25.30 58.50
N GLY A 244 7.38 -24.59 57.48
CA GLY A 244 5.96 -24.56 57.24
C GLY A 244 5.23 -23.96 58.43
N SER A 245 4.53 -24.80 59.19
CA SER A 245 3.87 -24.36 60.42
C SER A 245 4.42 -25.04 61.66
N THR A 246 5.55 -25.76 61.55
CA THR A 246 6.12 -26.46 62.69
C THR A 246 7.27 -25.64 63.27
N LEU A 247 7.34 -25.58 64.60
CA LEU A 247 8.27 -24.71 65.32
C LEU A 247 9.32 -25.55 66.03
N TYR A 248 10.58 -25.10 65.94
CA TYR A 248 11.70 -25.79 66.59
C TYR A 248 12.61 -24.76 67.24
N PRO A 249 12.87 -24.86 68.54
CA PRO A 249 13.90 -24.01 69.15
C PRO A 249 15.28 -24.64 69.01
N GLU A 250 16.29 -23.80 68.75
CA GLU A 250 17.65 -24.27 68.53
C GLU A 250 18.63 -23.34 69.23
N SER A 251 19.86 -23.84 69.38
CA SER A 251 20.97 -23.09 69.98
C SER A 251 22.05 -22.86 68.93
N ARG A 252 22.71 -21.71 69.01
CA ARG A 252 23.71 -21.34 68.01
C ARG A 252 24.97 -22.18 68.15
N LYS A 253 25.37 -22.51 69.38
CA LYS A 253 26.62 -23.25 69.59
C LYS A 253 26.56 -24.64 68.97
N LEU A 254 25.48 -25.38 69.21
CA LEU A 254 25.35 -26.72 68.66
C LEU A 254 25.18 -26.71 67.15
N LEU A 255 24.58 -25.65 66.59
CA LEU A 255 24.52 -25.52 65.14
C LEU A 255 25.90 -25.27 64.55
N LYS A 256 26.68 -24.38 65.17
CA LYS A 256 28.01 -24.09 64.68
C LYS A 256 28.98 -25.25 64.86
N SER A 257 28.73 -26.12 65.85
CA SER A 257 29.64 -27.23 66.11
C SER A 257 29.71 -28.24 64.98
N TRP A 258 28.74 -28.24 64.06
CA TRP A 258 28.74 -29.17 62.95
C TRP A 258 29.41 -28.60 61.69
N HIS A 259 29.95 -27.38 61.76
CA HIS A 259 30.73 -26.81 60.66
C HIS A 259 32.17 -27.24 60.85
N LEU A 260 32.49 -28.46 60.38
CA LEU A 260 33.76 -29.10 60.65
C LEU A 260 34.77 -28.84 59.53
N PRO A 261 36.06 -28.77 59.85
CA PRO A 261 37.07 -28.57 58.82
C PRO A 261 37.28 -29.83 57.98
N SER A 262 38.13 -29.70 56.98
CA SER A 262 38.40 -30.82 56.08
C SER A 262 39.16 -31.94 56.77
N VAL A 263 40.06 -31.61 57.70
CA VAL A 263 40.84 -32.59 58.45
C VAL A 263 40.89 -32.16 59.90
N PHE A 264 40.64 -33.10 60.81
CA PHE A 264 40.76 -32.82 62.23
C PHE A 264 41.17 -34.09 62.99
N HIS A 265 41.52 -33.91 64.26
CA HIS A 265 42.05 -34.97 65.10
C HIS A 265 41.21 -35.09 66.37
N LEU A 266 40.82 -36.31 66.72
CA LEU A 266 40.15 -36.60 67.99
C LEU A 266 41.12 -37.41 68.84
N LYS A 267 41.73 -36.76 69.83
CA LYS A 267 42.77 -37.40 70.65
C LYS A 267 42.38 -37.32 72.14
N GLY A 268 41.78 -38.40 72.63
CA GLY A 268 41.50 -38.54 74.05
C GLY A 268 42.33 -39.65 74.67
N LYS A 269 41.69 -40.81 74.88
CA LYS A 269 42.41 -42.02 75.26
C LYS A 269 42.85 -42.78 74.01
N LEU A 270 41.91 -43.14 73.13
CA LEU A 270 42.23 -43.58 71.79
C LEU A 270 42.19 -42.38 70.84
N SER A 271 42.98 -42.46 69.78
CA SER A 271 43.18 -41.34 68.87
C SER A 271 42.71 -41.69 67.47
N PHE A 272 42.13 -40.69 66.79
CA PHE A 272 41.58 -40.87 65.47
C PHE A 272 41.84 -39.62 64.64
N THR A 273 41.95 -39.83 63.32
CA THR A 273 42.09 -38.75 62.35
C THR A 273 40.88 -38.79 61.43
N CYS A 274 40.18 -37.65 61.31
CA CYS A 274 38.88 -37.61 60.66
C CYS A 274 38.87 -36.57 59.55
N ARG A 275 38.05 -36.85 58.53
CA ARG A 275 37.89 -35.97 57.37
C ARG A 275 36.41 -35.73 57.13
N CYS A 276 36.09 -34.53 56.66
CA CYS A 276 34.71 -34.13 56.39
C CYS A 276 34.58 -33.64 54.95
N ASP A 277 33.60 -34.17 54.23
CA ASP A 277 33.36 -33.83 52.84
C ASP A 277 31.87 -33.67 52.59
N THR A 278 31.53 -32.76 51.67
CA THR A 278 30.15 -32.52 51.28
C THR A 278 29.91 -33.19 49.92
N VAL A 279 28.90 -34.05 49.86
CA VAL A 279 28.62 -34.83 48.66
C VAL A 279 27.37 -34.37 47.93
N VAL A 280 26.33 -33.93 48.64
CA VAL A 280 25.09 -33.48 48.02
C VAL A 280 24.70 -32.14 48.64
N SER A 281 24.34 -31.18 47.78
CA SER A 281 23.97 -29.84 48.22
C SER A 281 22.84 -29.34 47.32
N CYS A 282 21.75 -28.89 47.94
CA CYS A 282 20.59 -28.38 47.20
C CYS A 282 19.94 -27.26 48.00
N GLU A 283 20.24 -26.02 47.62
CA GLU A 283 19.54 -24.81 48.05
C GLU A 283 19.28 -24.74 49.55
N GLY A 284 20.15 -25.33 50.36
CA GLY A 284 19.97 -25.27 51.80
C GLY A 284 20.18 -26.59 52.51
N TYR A 285 19.92 -27.70 51.83
CA TYR A 285 20.17 -29.02 52.39
C TYR A 285 21.52 -29.55 51.93
N VAL A 286 22.24 -30.14 52.88
CA VAL A 286 23.55 -30.71 52.63
C VAL A 286 23.61 -32.11 53.24
N VAL A 287 24.37 -32.98 52.59
CA VAL A 287 24.73 -34.29 53.10
C VAL A 287 26.24 -34.32 53.27
N LYS A 288 26.69 -34.64 54.47
CA LYS A 288 28.10 -34.65 54.83
C LYS A 288 28.52 -36.06 55.18
N ARG A 289 29.65 -36.49 54.61
CA ARG A 289 30.21 -37.81 54.88
C ARG A 289 31.50 -37.65 55.68
N ILE A 290 31.60 -38.39 56.80
CA ILE A 290 32.74 -38.31 57.70
C ILE A 290 33.37 -39.69 57.78
N THR A 291 34.69 -39.76 57.61
CA THR A 291 35.46 -40.98 57.71
C THR A 291 36.45 -40.85 58.85
N MET A 292 36.63 -41.94 59.60
CA MET A 292 37.48 -41.96 60.78
C MET A 292 38.46 -43.12 60.71
N SER A 293 39.67 -42.90 61.24
CA SER A 293 40.72 -43.92 61.23
C SER A 293 41.62 -43.71 62.44
N PRO A 294 42.06 -44.80 63.09
CA PRO A 294 42.88 -44.66 64.30
C PRO A 294 44.26 -44.11 63.98
N GLY A 295 44.85 -43.40 64.96
CA GLY A 295 46.21 -42.92 64.85
C GLY A 295 46.34 -41.48 64.39
N LEU A 296 47.37 -40.80 64.87
CA LEU A 296 47.63 -39.42 64.45
C LEU A 296 48.41 -39.41 63.14
N TYR A 297 47.71 -39.13 62.04
CA TYR A 297 48.33 -38.96 60.74
C TYR A 297 48.65 -37.47 60.54
N GLY A 298 48.93 -36.99 59.33
CA GLY A 298 49.52 -35.68 59.12
C GLY A 298 48.79 -34.46 59.65
N LYS A 299 49.31 -33.29 59.32
CA LYS A 299 48.98 -32.05 60.03
C LYS A 299 47.65 -31.50 59.54
N THR A 300 47.15 -30.52 60.29
CA THR A 300 45.87 -29.88 60.03
C THR A 300 46.08 -28.38 59.83
N THR A 301 45.22 -27.76 59.01
CA THR A 301 45.25 -26.33 58.79
C THR A 301 44.19 -25.58 59.58
N GLY A 302 42.98 -26.11 59.66
CA GLY A 302 41.91 -25.46 60.40
C GLY A 302 40.98 -24.60 59.58
N TYR A 303 40.79 -24.87 58.30
CA TYR A 303 39.96 -24.07 57.43
C TYR A 303 38.77 -24.90 56.93
N ALA A 304 37.60 -24.28 56.93
CA ALA A 304 36.39 -24.88 56.37
C ALA A 304 35.98 -24.10 55.12
N VAL A 305 35.61 -24.83 54.07
CA VAL A 305 35.35 -24.27 52.75
C VAL A 305 33.93 -24.64 52.32
N THR A 306 33.23 -23.66 51.74
CA THR A 306 31.87 -23.83 51.23
C THR A 306 31.83 -23.37 49.79
N HIS A 307 31.32 -24.22 48.90
CA HIS A 307 31.18 -23.89 47.49
C HIS A 307 29.75 -23.42 47.20
N HIS A 308 29.63 -22.33 46.45
CA HIS A 308 28.34 -21.70 46.20
C HIS A 308 27.89 -22.00 44.77
N ALA A 309 26.85 -22.81 44.64
CA ALA A 309 26.23 -23.04 43.34
C ALA A 309 25.15 -22.00 43.04
N ASP A 310 24.65 -21.30 44.04
CA ASP A 310 23.71 -20.21 43.89
C ASP A 310 24.23 -19.00 44.66
N GLY A 311 23.58 -17.86 44.45
CA GLY A 311 24.01 -16.64 45.11
C GLY A 311 23.63 -16.63 46.58
N PHE A 312 24.54 -16.09 47.40
CA PHE A 312 24.31 -15.94 48.83
C PHE A 312 24.44 -14.46 49.19
N LEU A 313 23.44 -13.93 49.88
CA LEU A 313 23.43 -12.51 50.25
C LEU A 313 23.29 -12.34 51.74
N MET A 314 23.97 -11.33 52.28
CA MET A 314 23.80 -10.90 53.66
C MET A 314 23.88 -9.38 53.69
N CYS A 315 22.83 -8.73 54.17
CA CYS A 315 22.74 -7.29 54.05
C CYS A 315 22.17 -6.67 55.33
N LYS A 316 22.51 -5.39 55.52
CA LYS A 316 21.96 -4.59 56.60
C LYS A 316 20.57 -4.08 56.21
N THR A 317 19.68 -3.98 57.20
CA THR A 317 18.33 -3.49 56.98
C THR A 317 17.87 -2.75 58.23
N THR A 318 16.93 -1.84 58.01
CA THR A 318 16.34 -1.03 59.08
C THR A 318 14.88 -1.42 59.26
N ASP A 319 14.49 -1.73 60.49
CA ASP A 319 13.13 -2.16 60.79
C ASP A 319 12.69 -1.49 62.09
N THR A 320 11.44 -1.77 62.47
CA THR A 320 10.87 -1.29 63.73
C THR A 320 10.51 -2.50 64.59
N VAL A 321 11.14 -2.60 65.74
CA VAL A 321 10.91 -3.68 66.69
C VAL A 321 10.22 -3.08 67.91
N ASP A 322 8.96 -3.49 68.14
CA ASP A 322 8.19 -3.07 69.30
C ASP A 322 8.09 -1.55 69.39
N GLY A 323 8.10 -0.88 68.24
CA GLY A 323 7.97 0.55 68.15
C GLY A 323 9.28 1.30 68.00
N GLU A 324 10.41 0.65 68.27
CA GLU A 324 11.71 1.31 68.22
C GLU A 324 12.42 0.98 66.91
N ARG A 325 12.97 2.00 66.26
CA ARG A 325 13.64 1.83 64.99
C ARG A 325 15.08 1.36 65.21
N VAL A 326 15.44 0.23 64.59
CA VAL A 326 16.76 -0.37 64.75
C VAL A 326 17.22 -0.91 63.40
N SER A 327 18.47 -1.40 63.38
CA SER A 327 19.07 -1.97 62.19
C SER A 327 19.78 -3.27 62.54
N PHE A 328 19.70 -4.24 61.63
CA PHE A 328 20.38 -5.53 61.83
C PHE A 328 20.51 -6.23 60.48
N SER A 329 21.14 -7.41 60.50
CA SER A 329 21.54 -8.10 59.27
C SER A 329 20.61 -9.27 58.97
N VAL A 330 20.35 -9.48 57.69
CA VAL A 330 19.50 -10.57 57.20
C VAL A 330 20.20 -11.23 56.01
N CYS A 331 20.09 -12.56 55.93
CA CYS A 331 20.74 -13.33 54.88
C CYS A 331 19.71 -14.15 54.11
N THR A 332 20.06 -14.49 52.86
CA THR A 332 19.14 -15.20 51.98
C THR A 332 19.90 -15.82 50.80
N TYR A 333 19.18 -16.64 50.04
CA TYR A 333 19.69 -17.34 48.87
C TYR A 333 19.00 -16.79 47.62
N VAL A 334 19.73 -16.73 46.52
CA VAL A 334 19.24 -16.18 45.25
C VAL A 334 19.56 -17.18 44.15
N PRO A 335 18.63 -17.46 43.24
CA PRO A 335 18.90 -18.40 42.14
C PRO A 335 19.98 -17.87 41.21
N ALA A 336 20.66 -18.81 40.53
CA ALA A 336 21.83 -18.45 39.72
C ALA A 336 21.43 -17.67 38.47
N THR A 337 20.27 -18.00 37.88
CA THR A 337 19.88 -17.35 36.63
C THR A 337 19.67 -15.85 36.81
N ILE A 338 19.01 -15.45 37.90
CA ILE A 338 18.80 -14.04 38.18
C ILE A 338 20.14 -13.34 38.40
N CYS A 339 21.04 -13.98 39.14
CA CYS A 339 22.36 -13.40 39.37
C CYS A 339 23.11 -13.19 38.06
N ASP A 340 23.03 -14.16 37.15
CA ASP A 340 23.68 -14.03 35.86
C ASP A 340 23.04 -12.92 35.02
N GLN A 341 21.72 -12.78 35.08
CA GLN A 341 21.02 -11.77 34.30
C GLN A 341 21.10 -10.37 34.90
N MET A 342 21.59 -10.23 36.13
CA MET A 342 21.78 -8.93 36.75
C MET A 342 23.19 -8.38 36.57
N THR A 343 24.06 -9.06 35.82
CA THR A 343 25.46 -8.67 35.70
C THR A 343 25.60 -7.31 35.01
N GLY A 344 24.83 -7.09 33.94
CA GLY A 344 24.99 -5.86 33.17
C GLY A 344 24.57 -4.62 33.93
N ILE A 345 23.45 -4.70 34.66
CA ILE A 345 22.90 -3.53 35.33
C ILE A 345 23.82 -3.07 36.46
N LEU A 346 24.45 -4.02 37.15
CA LEU A 346 25.25 -3.69 38.33
C LEU A 346 26.56 -2.97 37.99
N ALA A 347 26.85 -2.75 36.72
CA ALA A 347 28.07 -2.01 36.36
C ALA A 347 28.00 -0.56 36.82
N THR A 348 26.81 0.05 36.76
CA THR A 348 26.63 1.43 37.18
C THR A 348 25.98 1.47 38.56
N GLU A 349 25.68 2.69 39.03
CA GLU A 349 25.03 2.91 40.32
C GLU A 349 23.54 3.03 40.07
N VAL A 350 22.75 2.23 40.79
CA VAL A 350 21.31 2.13 40.56
C VAL A 350 20.60 2.35 41.89
N THR A 351 19.36 2.84 41.81
CA THR A 351 18.49 3.07 42.95
C THR A 351 17.73 1.81 43.31
N PRO A 352 17.33 1.66 44.57
CA PRO A 352 16.61 0.43 44.98
C PRO A 352 15.32 0.19 44.22
N GLU A 353 14.56 1.24 43.87
CA GLU A 353 13.28 1.03 43.20
C GLU A 353 13.47 0.59 41.75
N ASP A 354 14.48 1.13 41.06
CA ASP A 354 14.78 0.65 39.71
C ASP A 354 15.18 -0.81 39.73
N ALA A 355 16.02 -1.21 40.69
CA ALA A 355 16.38 -2.61 40.84
C ALA A 355 15.17 -3.47 41.16
N GLN A 356 14.26 -2.96 41.98
CA GLN A 356 13.03 -3.69 42.29
C GLN A 356 12.21 -3.93 41.03
N LYS A 357 12.05 -2.89 40.20
CA LYS A 357 11.27 -3.03 38.97
C LYS A 357 11.94 -4.02 38.01
N LEU A 358 13.27 -3.93 37.89
CA LEU A 358 13.98 -4.86 37.02
C LEU A 358 13.83 -6.30 37.51
N LEU A 359 13.96 -6.51 38.82
CA LEU A 359 13.81 -7.84 39.38
C LEU A 359 12.40 -8.39 39.18
N VAL A 360 11.38 -7.54 39.32
CA VAL A 360 10.01 -7.98 39.06
C VAL A 360 9.84 -8.33 37.59
N GLY A 361 10.46 -7.55 36.70
CA GLY A 361 10.38 -7.87 35.28
C GLY A 361 11.02 -9.20 34.94
N LEU A 362 12.22 -9.47 35.49
CA LEU A 362 12.87 -10.75 35.22
C LEU A 362 12.15 -11.91 35.88
N ASN A 363 11.60 -11.72 37.07
CA ASN A 363 10.92 -12.80 37.78
C ASN A 363 9.57 -13.13 37.12
N ASN A 377 6.63 -17.83 38.76
CA ASN A 377 7.68 -17.10 39.48
C ASN A 377 8.87 -18.02 39.76
N THR A 378 10.08 -17.45 39.66
CA THR A 378 11.29 -18.19 39.96
C THR A 378 11.71 -18.05 41.41
N MET A 379 11.59 -16.85 41.97
CA MET A 379 11.87 -16.60 43.38
C MET A 379 10.63 -16.02 44.04
N LYS A 380 10.48 -16.27 45.35
CA LYS A 380 9.31 -15.78 46.08
C LYS A 380 9.34 -14.27 46.19
N ASN A 381 8.16 -13.66 46.15
CA ASN A 381 8.05 -12.21 46.01
C ASN A 381 8.30 -11.45 47.32
N TYR A 382 8.25 -12.13 48.47
CA TYR A 382 8.43 -11.41 49.73
C TYR A 382 9.89 -11.15 50.05
N MET A 383 10.83 -11.69 49.29
CA MET A 383 12.25 -11.44 49.52
C MET A 383 12.84 -10.43 48.55
N ILE A 384 12.11 -10.03 47.53
CA ILE A 384 12.59 -9.11 46.49
C ILE A 384 13.01 -7.75 47.04
N PRO A 385 12.22 -7.08 47.91
CA PRO A 385 12.61 -5.73 48.34
C PRO A 385 13.94 -5.65 49.06
N VAL A 386 14.35 -6.71 49.77
CA VAL A 386 15.63 -6.64 50.49
C VAL A 386 16.79 -7.00 49.56
N VAL A 387 16.54 -7.90 48.59
CA VAL A 387 17.55 -8.21 47.59
C VAL A 387 17.87 -7.00 46.74
N ALA A 388 16.84 -6.22 46.37
CA ALA A 388 17.08 -5.01 45.58
C ALA A 388 17.95 -4.01 46.34
N GLN A 389 17.66 -3.82 47.64
CA GLN A 389 18.45 -2.92 48.46
C GLN A 389 19.89 -3.41 48.61
N ALA A 390 20.09 -4.72 48.79
CA ALA A 390 21.44 -5.26 48.89
C ALA A 390 22.22 -5.04 47.60
N PHE A 391 21.60 -5.28 46.45
CA PHE A 391 22.28 -5.05 45.17
C PHE A 391 22.63 -3.58 45.00
N SER A 392 21.69 -2.69 45.35
CA SER A 392 21.94 -1.26 45.21
C SER A 392 23.11 -0.80 46.09
N LYS A 393 23.17 -1.31 47.31
CA LYS A 393 24.28 -0.94 48.19
C LYS A 393 25.61 -1.56 47.76
N TRP A 394 25.58 -2.75 47.16
CA TRP A 394 26.81 -3.37 46.68
C TRP A 394 27.40 -2.61 45.49
N ALA A 395 26.54 -2.20 44.55
CA ALA A 395 27.02 -1.51 43.36
C ALA A 395 27.69 -0.19 43.70
N LYS A 396 27.24 0.49 44.77
CA LYS A 396 27.86 1.75 45.16
C LYS A 396 29.22 1.55 45.82
N GLU A 397 29.35 0.53 46.68
CA GLU A 397 30.64 0.25 47.29
C GLU A 397 31.67 -0.20 46.25
N CYS A 398 31.25 -0.93 45.21
CA CYS A 398 32.19 -1.26 44.14
C CYS A 398 32.75 0.00 43.49
N ARG A 399 31.88 0.96 43.16
CA ARG A 399 32.33 2.21 42.56
C ARG A 399 33.24 2.99 43.49
N LYS A 400 32.89 3.05 44.78
CA LYS A 400 33.75 3.76 45.73
C LYS A 400 35.13 3.11 45.84
N ASP A 401 35.19 1.77 45.78
CA ASP A 401 36.49 1.10 45.75
C ASP A 401 37.26 1.45 44.48
N MET A 402 36.56 1.55 43.35
CA MET A 402 37.23 1.82 42.07
C MET A 402 37.88 3.20 42.02
N GLU A 403 37.37 4.17 42.77
CA GLU A 403 37.83 5.55 42.66
C GLU A 403 38.80 5.98 43.75
N ASP A 404 39.34 5.03 44.53
CA ASP A 404 40.28 5.34 45.60
C ASP A 404 41.53 4.46 45.44
N GLU A 405 42.05 4.45 44.21
CA GLU A 405 43.18 3.59 43.86
C GLU A 405 44.39 3.87 44.74
N LYS A 406 45.08 2.80 45.11
CA LYS A 406 46.26 2.84 45.98
C LYS A 406 47.49 2.38 45.19
N LEU A 407 48.61 2.26 45.90
CA LEU A 407 49.87 1.83 45.31
C LEU A 407 50.11 0.35 45.60
N LEU A 408 50.94 -0.28 44.78
CA LEU A 408 51.18 -1.72 44.90
C LEU A 408 52.05 -2.03 46.11
N GLY A 409 51.53 -2.88 46.99
CA GLY A 409 52.32 -3.48 48.04
C GLY A 409 52.67 -2.59 49.23
N VAL A 410 51.99 -1.48 49.40
CA VAL A 410 52.27 -0.56 50.51
C VAL A 410 50.97 -0.23 51.22
N ARG A 411 51.04 -0.20 52.56
CA ARG A 411 49.92 0.20 53.41
C ARG A 411 50.28 1.50 54.12
N GLU A 412 49.34 2.44 54.12
CA GLU A 412 49.59 3.76 54.71
C GLU A 412 49.00 3.77 56.13
N ARG A 413 49.90 3.85 57.10
CA ARG A 413 49.51 4.00 58.50
C ARG A 413 50.32 5.10 59.18
N ALA A 422 47.81 3.93 63.26
CA ALA A 422 46.38 3.68 63.14
C ALA A 422 45.92 3.84 61.70
N PHE A 423 45.11 2.89 61.23
CA PHE A 423 44.59 2.90 59.87
C PHE A 423 43.07 2.97 59.88
N LYS A 424 42.52 3.69 58.91
CA LYS A 424 41.08 3.89 58.83
C LYS A 424 40.39 2.64 58.27
N LYS A 425 39.21 2.33 58.78
CA LYS A 425 38.37 1.27 58.25
C LYS A 425 37.19 1.86 57.50
N GLN A 426 36.69 1.11 56.51
CA GLN A 426 35.61 1.57 55.66
C GLN A 426 34.32 0.84 55.99
N LYS A 427 33.23 1.30 55.37
CA LYS A 427 31.91 0.73 55.60
C LYS A 427 31.72 -0.53 54.77
N THR A 428 31.02 -1.51 55.35
CA THR A 428 30.61 -2.71 54.63
C THR A 428 29.17 -3.03 55.04
N HIS A 429 28.24 -2.87 54.10
CA HIS A 429 26.83 -3.11 54.37
C HIS A 429 26.27 -4.30 53.59
N THR A 430 27.04 -4.91 52.71
CA THR A 430 26.57 -6.04 51.93
C THR A 430 27.69 -7.05 51.74
N VAL A 431 27.36 -8.33 51.89
CA VAL A 431 28.22 -9.44 51.54
C VAL A 431 27.50 -10.25 50.48
N TYR A 432 28.14 -10.41 49.32
CA TYR A 432 27.54 -11.06 48.16
C TYR A 432 28.49 -12.13 47.65
N LYS A 433 28.05 -13.38 47.71
CA LYS A 433 28.82 -14.52 47.21
C LYS A 433 28.13 -15.02 45.94
N ARG A 434 28.77 -14.75 44.80
CA ARG A 434 28.25 -15.15 43.51
C ARG A 434 28.47 -16.64 43.27
N PRO A 435 27.70 -17.26 42.37
CA PRO A 435 27.90 -18.68 42.08
C PRO A 435 29.28 -18.94 41.48
N ASP A 436 29.78 -20.16 41.73
CA ASP A 436 31.11 -20.60 41.34
C ASP A 436 32.19 -19.91 42.17
N THR A 437 31.87 -19.57 43.43
CA THR A 437 32.83 -19.02 44.37
C THR A 437 32.84 -19.87 45.63
N GLN A 438 33.74 -19.54 46.54
CA GLN A 438 33.93 -20.31 47.76
C GLN A 438 34.17 -19.39 48.95
N SER A 439 33.56 -19.75 50.07
CA SER A 439 33.81 -19.11 51.35
C SER A 439 34.74 -19.96 52.18
N ILE A 440 35.60 -19.31 52.98
CA ILE A 440 36.59 -20.00 53.80
C ILE A 440 36.60 -19.37 55.18
N GLN A 441 36.52 -20.20 56.22
CA GLN A 441 36.50 -19.73 57.60
C GLN A 441 37.50 -20.52 58.44
N LYS A 442 37.95 -19.91 59.53
CA LYS A 442 38.86 -20.53 60.48
C LYS A 442 38.08 -21.13 61.64
N VAL A 443 38.33 -22.41 61.92
CA VAL A 443 37.62 -23.12 62.98
C VAL A 443 38.62 -23.94 63.81
N GLN A 444 38.11 -24.66 64.80
CA GLN A 444 38.94 -25.50 65.65
C GLN A 444 39.21 -26.84 64.97
N ALA A 445 40.43 -27.35 65.16
CA ALA A 445 40.84 -28.61 64.56
C ALA A 445 41.45 -29.60 65.54
N GLU A 446 41.79 -29.18 66.76
CA GLU A 446 42.39 -30.04 67.76
C GLU A 446 41.38 -30.26 68.89
N PHE A 447 40.81 -31.46 68.94
CA PHE A 447 39.78 -31.81 69.92
C PHE A 447 40.37 -32.85 70.87
N ASP A 448 40.30 -32.57 72.17
CA ASP A 448 40.82 -33.47 73.18
C ASP A 448 39.76 -33.84 74.21
N ASP B 2 -17.82 -43.09 44.14
CA ASP B 2 -16.45 -42.61 44.32
C ASP B 2 -16.36 -41.07 44.32
N PRO B 3 -17.01 -40.39 43.36
CA PRO B 3 -16.99 -38.92 43.38
C PRO B 3 -17.79 -38.40 44.57
N VAL B 4 -17.32 -37.30 45.14
CA VAL B 4 -18.00 -36.64 46.26
C VAL B 4 -18.81 -35.49 45.71
N TYR B 5 -20.13 -35.51 45.94
CA TYR B 5 -21.03 -34.52 45.40
C TYR B 5 -21.29 -33.44 46.45
N VAL B 6 -21.09 -32.18 46.07
CA VAL B 6 -21.26 -31.05 46.97
C VAL B 6 -22.21 -30.05 46.34
N ASP B 7 -22.89 -29.27 47.18
CA ASP B 7 -23.94 -28.34 46.75
C ASP B 7 -23.32 -26.99 46.40
N ILE B 8 -22.71 -26.93 45.21
CA ILE B 8 -22.18 -25.68 44.68
C ILE B 8 -22.57 -25.59 43.21
N ASP B 9 -22.56 -24.37 42.68
CA ASP B 9 -22.84 -24.15 41.28
C ASP B 9 -21.69 -24.67 40.42
N ALA B 10 -22.01 -25.00 39.16
CA ALA B 10 -21.01 -25.63 38.29
C ALA B 10 -19.81 -24.70 38.06
N ASP B 11 -20.06 -23.44 37.73
CA ASP B 11 -18.99 -22.48 37.46
C ASP B 11 -18.70 -21.63 38.71
N SER B 12 -18.10 -22.27 39.70
CA SER B 12 -17.70 -21.61 40.93
C SER B 12 -16.19 -21.71 41.10
N ALA B 13 -15.56 -20.59 41.45
CA ALA B 13 -14.11 -20.54 41.60
C ALA B 13 -13.62 -21.20 42.88
N PHE B 14 -14.50 -21.40 43.87
CA PHE B 14 -14.13 -22.07 45.11
C PHE B 14 -13.84 -23.56 44.91
N LEU B 15 -14.28 -24.13 43.79
CA LEU B 15 -14.07 -25.55 43.53
C LEU B 15 -12.58 -25.87 43.38
N LYS B 16 -11.82 -25.01 42.69
CA LYS B 16 -10.40 -25.25 42.55
C LYS B 16 -9.67 -25.09 43.88
N ALA B 17 -10.12 -24.15 44.72
CA ALA B 17 -9.56 -24.04 46.06
C ALA B 17 -9.83 -25.29 46.88
N LEU B 18 -11.04 -25.84 46.77
CA LEU B 18 -11.36 -27.10 47.44
C LEU B 18 -10.44 -28.23 46.95
N GLN B 19 -10.20 -28.28 45.64
CA GLN B 19 -9.32 -29.30 45.10
C GLN B 19 -7.90 -29.14 45.63
N ARG B 20 -7.40 -27.90 45.69
CA ARG B 20 -6.06 -27.68 46.21
C ARG B 20 -5.99 -28.04 47.68
N ALA B 21 -7.09 -27.86 48.41
CA ALA B 21 -7.13 -28.18 49.83
C ALA B 21 -7.29 -29.66 50.11
N TYR B 22 -7.94 -30.41 49.23
CA TYR B 22 -8.21 -31.83 49.42
C TYR B 22 -7.76 -32.61 48.18
N PRO B 23 -6.45 -32.75 47.98
CA PRO B 23 -5.97 -33.46 46.79
C PRO B 23 -5.93 -34.97 46.98
N MET B 24 -7.00 -35.52 47.56
CA MET B 24 -7.19 -36.96 47.64
C MET B 24 -8.65 -37.33 47.44
N PHE B 25 -9.47 -36.37 46.99
CA PHE B 25 -10.83 -36.65 46.59
C PHE B 25 -11.08 -35.97 45.25
N GLU B 26 -11.95 -36.55 44.45
CA GLU B 26 -12.43 -35.91 43.23
C GLU B 26 -13.83 -35.35 43.46
N VAL B 27 -14.01 -34.10 43.08
CA VAL B 27 -15.16 -33.29 43.49
C VAL B 27 -16.03 -33.00 42.27
N GLU B 28 -17.33 -33.20 42.42
CA GLU B 28 -18.31 -32.93 41.37
C GLU B 28 -19.44 -32.06 41.94
N PRO B 29 -19.76 -30.94 41.29
CA PRO B 29 -20.82 -30.06 41.80
C PRO B 29 -22.22 -30.52 41.42
N ARG B 30 -23.12 -30.48 42.41
CA ARG B 30 -24.53 -30.86 42.19
C ARG B 30 -25.41 -29.92 43.01
N GLN B 31 -25.91 -28.88 42.34
CA GLN B 31 -26.73 -27.87 43.02
C GLN B 31 -28.16 -28.36 43.19
N VAL B 32 -28.70 -28.15 44.40
CA VAL B 32 -30.08 -28.51 44.70
C VAL B 32 -30.84 -27.31 45.26
N THR B 33 -30.27 -26.65 46.27
CA THR B 33 -30.94 -25.55 46.94
C THR B 33 -30.16 -24.25 46.81
N PRO B 34 -30.84 -23.10 46.84
CA PRO B 34 -30.15 -21.80 46.71
C PRO B 34 -29.67 -21.26 48.07
N ASN B 35 -28.81 -22.02 48.73
CA ASN B 35 -28.28 -21.59 50.01
C ASN B 35 -27.28 -20.46 49.82
N ASP B 36 -27.43 -19.40 50.61
CA ASP B 36 -26.58 -18.22 50.49
C ASP B 36 -25.28 -18.32 51.26
N HIS B 37 -25.07 -19.40 52.03
CA HIS B 37 -23.82 -19.63 52.73
C HIS B 37 -23.40 -21.09 52.53
N ALA B 38 -23.50 -21.57 51.30
CA ALA B 38 -23.31 -22.98 50.99
C ALA B 38 -21.85 -23.39 50.86
N ASN B 39 -20.91 -22.45 50.93
CA ASN B 39 -19.50 -22.80 50.74
C ASN B 39 -18.91 -23.50 51.96
N ALA B 40 -19.34 -23.10 53.16
CA ALA B 40 -18.81 -23.72 54.38
C ALA B 40 -19.24 -25.18 54.52
N ARG B 41 -20.44 -25.53 54.06
CA ARG B 41 -20.91 -26.89 54.10
C ARG B 41 -20.05 -27.83 53.26
N ALA B 42 -19.60 -27.39 52.09
CA ALA B 42 -18.72 -28.22 51.27
C ALA B 42 -17.38 -28.48 51.95
N PHE B 43 -16.87 -27.54 52.75
CA PHE B 43 -15.62 -27.77 53.47
C PHE B 43 -15.84 -28.72 54.64
N SER B 44 -16.86 -28.46 55.45
CA SER B 44 -17.17 -29.34 56.57
C SER B 44 -17.63 -30.72 56.12
N HIS B 45 -18.00 -30.88 54.85
CA HIS B 45 -18.42 -32.15 54.29
C HIS B 45 -17.22 -33.06 54.03
N LEU B 46 -16.20 -32.52 53.36
CA LEU B 46 -14.97 -33.28 53.12
C LEU B 46 -14.12 -33.41 54.37
N ALA B 47 -14.27 -32.50 55.34
CA ALA B 47 -13.48 -32.64 56.57
C ALA B 47 -13.78 -33.95 57.28
N ILE B 48 -15.07 -34.30 57.38
CA ILE B 48 -15.45 -35.54 58.05
C ILE B 48 -14.96 -36.76 57.26
N LYS B 49 -15.02 -36.68 55.93
CA LYS B 49 -14.49 -37.76 55.10
C LYS B 49 -13.00 -37.97 55.35
N LEU B 50 -12.23 -36.89 55.41
CA LEU B 50 -10.80 -37.01 55.69
C LEU B 50 -10.57 -37.61 57.08
N ILE B 51 -11.33 -37.13 58.07
CA ILE B 51 -11.14 -37.61 59.45
C ILE B 51 -11.42 -39.11 59.52
N GLU B 52 -12.51 -39.55 58.87
CA GLU B 52 -12.87 -40.96 58.91
C GLU B 52 -11.89 -41.82 58.11
N GLN B 53 -11.41 -41.32 56.97
CA GLN B 53 -10.45 -42.08 56.19
C GLN B 53 -9.09 -42.17 56.86
N GLU B 54 -8.75 -41.24 57.76
CA GLU B 54 -7.48 -41.32 58.46
C GLU B 54 -7.58 -41.82 59.90
N ILE B 55 -8.73 -42.37 60.31
CA ILE B 55 -8.90 -42.91 61.64
C ILE B 55 -9.01 -44.42 61.55
N ASP B 56 -8.55 -45.11 62.60
CA ASP B 56 -8.57 -46.57 62.59
C ASP B 56 -10.01 -47.10 62.62
N PRO B 57 -10.29 -48.17 61.89
CA PRO B 57 -11.64 -48.75 61.94
C PRO B 57 -11.94 -49.39 63.29
N ASP B 58 -13.23 -49.58 63.55
CA ASP B 58 -13.72 -50.19 64.78
C ASP B 58 -13.27 -49.39 66.01
N SER B 59 -13.65 -48.12 66.00
CA SER B 59 -13.37 -47.21 67.11
C SER B 59 -14.64 -46.46 67.47
N THR B 60 -14.75 -46.07 68.73
CA THR B 60 -15.88 -45.29 69.21
C THR B 60 -15.52 -43.81 69.24
N ILE B 61 -16.41 -42.98 68.71
CA ILE B 61 -16.16 -41.56 68.54
C ILE B 61 -17.20 -40.78 69.31
N LEU B 62 -16.75 -39.92 70.23
CA LEU B 62 -17.65 -38.98 70.87
C LEU B 62 -17.93 -37.80 69.95
N ASP B 63 -19.06 -37.14 70.19
CA ASP B 63 -19.49 -36.01 69.38
C ASP B 63 -20.03 -34.93 70.31
N ILE B 64 -19.29 -33.84 70.47
CA ILE B 64 -19.68 -32.76 71.37
C ILE B 64 -20.59 -31.79 70.63
N GLY B 65 -21.77 -31.54 71.20
CA GLY B 65 -22.75 -30.66 70.58
C GLY B 65 -23.10 -31.08 69.17
N SER B 66 -23.70 -32.25 69.04
CA SER B 66 -23.91 -32.85 67.73
C SER B 66 -25.35 -32.66 67.24
N ALA B 67 -25.52 -32.89 65.94
CA ALA B 67 -26.84 -33.03 65.31
C ALA B 67 -26.95 -34.47 64.84
N PRO B 68 -27.70 -35.33 65.54
CA PRO B 68 -27.64 -36.77 65.24
C PRO B 68 -28.10 -37.14 63.85
N ALA B 69 -28.86 -36.28 63.17
CA ALA B 69 -29.29 -36.59 61.81
C ALA B 69 -28.12 -36.70 60.84
N ARG B 70 -27.01 -36.00 61.11
CA ARG B 70 -25.85 -36.09 60.23
C ARG B 70 -25.13 -37.41 60.36
N ARG B 71 -25.12 -37.99 61.57
CA ARG B 71 -24.40 -39.23 61.85
C ARG B 71 -25.32 -40.43 61.93
N MET B 72 -26.37 -40.47 61.12
CA MET B 72 -27.31 -41.58 61.12
C MET B 72 -27.01 -42.64 60.07
N MET B 73 -26.76 -42.23 58.83
CA MET B 73 -26.51 -43.14 57.73
C MET B 73 -25.02 -43.45 57.53
N SER B 74 -24.21 -43.31 58.58
CA SER B 74 -22.80 -43.64 58.49
C SER B 74 -22.58 -45.09 58.88
N ASP B 75 -21.31 -45.52 58.93
CA ASP B 75 -21.02 -46.90 59.30
C ASP B 75 -20.06 -47.01 60.48
N ARG B 76 -19.88 -45.96 61.27
CA ARG B 76 -18.99 -45.98 62.42
C ARG B 76 -19.77 -45.70 63.69
N LYS B 77 -19.25 -46.18 64.82
CA LYS B 77 -19.96 -46.13 66.09
C LYS B 77 -19.74 -44.77 66.74
N TYR B 78 -20.67 -43.85 66.54
CA TYR B 78 -20.64 -42.56 67.20
C TYR B 78 -21.38 -42.62 68.55
N HIS B 79 -21.13 -41.60 69.36
CA HIS B 79 -21.89 -41.37 70.58
C HIS B 79 -22.16 -39.88 70.68
N CYS B 80 -23.42 -39.50 70.53
CA CYS B 80 -23.80 -38.10 70.38
C CYS B 80 -24.11 -37.49 71.74
N VAL B 81 -23.40 -36.42 72.08
CA VAL B 81 -23.67 -35.65 73.29
C VAL B 81 -24.54 -34.46 72.90
N CYS B 82 -25.81 -34.49 73.30
CA CYS B 82 -26.80 -33.53 72.83
C CYS B 82 -27.50 -32.88 74.01
N PRO B 83 -26.86 -31.88 74.63
CA PRO B 83 -27.55 -31.09 75.66
C PRO B 83 -28.57 -30.16 75.03
N MET B 84 -29.44 -29.63 75.89
CA MET B 84 -30.51 -28.72 75.47
C MET B 84 -30.19 -27.34 76.04
N ARG B 85 -29.41 -26.56 75.27
CA ARG B 85 -28.98 -25.24 75.71
C ARG B 85 -29.31 -24.13 74.72
N SER B 86 -29.59 -24.46 73.46
CA SER B 86 -29.89 -23.47 72.44
C SER B 86 -31.33 -23.65 71.95
N ALA B 87 -31.89 -22.57 71.41
CA ALA B 87 -33.29 -22.57 70.98
C ALA B 87 -33.53 -23.44 69.75
N GLU B 88 -32.47 -23.87 69.06
CA GLU B 88 -32.61 -24.63 67.83
C GLU B 88 -32.46 -26.13 68.02
N ASP B 89 -32.36 -26.59 69.26
CA ASP B 89 -32.16 -28.01 69.59
C ASP B 89 -33.44 -28.85 69.52
N PRO B 90 -34.59 -28.38 70.03
CA PRO B 90 -35.80 -29.22 69.96
C PRO B 90 -36.19 -29.65 68.56
N GLU B 91 -36.06 -28.76 67.58
CA GLU B 91 -36.32 -29.13 66.21
C GLU B 91 -35.32 -30.13 65.67
N ARG B 92 -34.05 -30.04 66.09
CA ARG B 92 -33.06 -31.06 65.73
C ARG B 92 -33.45 -32.42 66.28
N LEU B 93 -33.86 -32.49 67.55
CA LEU B 93 -34.27 -33.76 68.13
C LEU B 93 -35.52 -34.31 67.46
N ALA B 94 -36.50 -33.46 67.19
CA ALA B 94 -37.71 -33.90 66.49
C ALA B 94 -37.42 -34.41 65.08
N ASN B 95 -36.54 -33.72 64.34
CA ASN B 95 -36.16 -34.13 63.01
C ASN B 95 -35.38 -35.45 63.01
N TYR B 96 -34.50 -35.64 64.00
CA TYR B 96 -33.86 -36.93 64.20
C TYR B 96 -34.90 -38.01 64.45
N ALA B 97 -35.90 -37.73 65.27
CA ALA B 97 -36.96 -38.69 65.53
C ALA B 97 -37.72 -39.01 64.25
N ARG B 98 -37.95 -38.01 63.41
CA ARG B 98 -38.68 -38.25 62.17
C ARG B 98 -37.89 -39.13 61.22
N LYS B 99 -36.58 -38.89 61.05
CA LYS B 99 -35.82 -39.85 60.24
C LYS B 99 -35.74 -41.23 60.88
N LEU B 100 -35.68 -41.33 62.20
CA LEU B 100 -35.65 -42.64 62.82
C LEU B 100 -36.96 -43.40 62.58
N ALA B 101 -38.09 -42.70 62.61
CA ALA B 101 -39.37 -43.32 62.36
C ALA B 101 -39.59 -43.63 60.88
N SER B 102 -38.98 -42.86 59.97
CA SER B 102 -39.20 -43.03 58.54
C SER B 102 -38.38 -44.15 57.94
N ALA B 103 -37.51 -44.79 58.72
CA ALA B 103 -36.68 -45.89 58.23
C ALA B 103 -36.71 -47.07 59.20
N ALA B 104 -37.91 -47.44 59.67
CA ALA B 104 -38.05 -48.51 60.65
C ALA B 104 -37.58 -49.85 60.10
N GLY B 105 -37.95 -50.16 58.87
CA GLY B 105 -37.58 -51.44 58.27
C GLY B 105 -37.12 -51.33 56.83
N LYS B 106 -37.23 -50.12 56.26
CA LYS B 106 -36.78 -49.91 54.89
C LYS B 106 -35.27 -50.09 54.76
N VAL B 107 -34.53 -49.57 55.75
CA VAL B 107 -33.08 -49.73 55.81
C VAL B 107 -32.74 -50.61 57.00
N LEU B 108 -31.90 -51.62 56.76
CA LEU B 108 -31.53 -52.56 57.80
C LEU B 108 -30.02 -52.74 57.87
N ASP B 109 -29.30 -52.13 56.93
CA ASP B 109 -27.84 -52.20 56.93
C ASP B 109 -27.28 -51.44 58.13
N ARG B 110 -28.05 -50.50 58.66
CA ARG B 110 -27.61 -49.67 59.77
C ARG B 110 -28.02 -50.28 61.11
N ASN B 111 -27.88 -49.51 62.19
CA ASN B 111 -28.27 -49.91 63.53
C ASN B 111 -29.53 -49.15 63.96
N ILE B 112 -30.48 -49.04 63.04
CA ILE B 112 -31.65 -48.19 63.26
C ILE B 112 -32.47 -48.69 64.44
N SER B 113 -32.64 -50.02 64.54
CA SER B 113 -33.42 -50.58 65.65
C SER B 113 -32.77 -50.26 66.99
N GLY B 114 -31.45 -50.42 67.08
CA GLY B 114 -30.76 -50.08 68.31
C GLY B 114 -30.86 -48.61 68.66
N LYS B 115 -30.74 -47.75 67.65
CA LYS B 115 -30.84 -46.32 67.88
C LYS B 115 -32.23 -45.94 68.38
N ILE B 116 -33.27 -46.53 67.78
CA ILE B 116 -34.63 -46.25 68.19
C ILE B 116 -34.86 -46.71 69.63
N GLY B 117 -34.38 -47.92 69.95
CA GLY B 117 -34.50 -48.41 71.32
C GLY B 117 -33.78 -47.53 72.32
N ASP B 118 -32.58 -47.07 71.96
CA ASP B 118 -31.81 -46.22 72.84
C ASP B 118 -32.51 -44.87 73.06
N LEU B 119 -33.06 -44.30 71.98
CA LEU B 119 -33.78 -43.04 72.10
C LEU B 119 -35.02 -43.20 72.99
N GLN B 120 -35.75 -44.30 72.83
CA GLN B 120 -36.90 -44.55 73.68
C GLN B 120 -36.48 -44.72 75.14
N ALA B 121 -35.36 -45.41 75.39
CA ALA B 121 -34.86 -45.57 76.75
C ALA B 121 -34.50 -44.22 77.37
N VAL B 122 -33.85 -43.35 76.60
CA VAL B 122 -33.53 -42.02 77.11
C VAL B 122 -34.79 -41.22 77.39
N MET B 123 -35.79 -41.32 76.51
CA MET B 123 -37.05 -40.63 76.75
C MET B 123 -37.73 -41.15 78.01
N ALA B 124 -37.55 -42.44 78.32
CA ALA B 124 -38.14 -43.01 79.53
C ALA B 124 -37.48 -42.46 80.78
N VAL B 125 -36.19 -42.73 80.96
CA VAL B 125 -35.44 -42.22 82.11
C VAL B 125 -34.40 -41.23 81.57
N PRO B 126 -34.50 -39.94 81.91
CA PRO B 126 -33.57 -38.94 81.35
C PRO B 126 -32.27 -38.75 82.14
N ASP B 127 -31.66 -39.87 82.52
CA ASP B 127 -30.33 -39.85 83.14
C ASP B 127 -29.49 -41.02 82.67
N THR B 128 -30.05 -41.83 81.78
CA THR B 128 -29.33 -43.02 81.32
C THR B 128 -28.20 -42.63 80.38
N GLU B 129 -27.22 -43.52 80.27
CA GLU B 129 -26.08 -43.35 79.36
C GLU B 129 -26.11 -44.51 78.38
N THR B 130 -26.76 -44.30 77.24
CA THR B 130 -26.86 -45.29 76.18
C THR B 130 -25.64 -45.23 75.27
N PRO B 131 -25.38 -46.30 74.51
CA PRO B 131 -24.21 -46.31 73.63
C PRO B 131 -24.16 -45.17 72.64
N THR B 132 -25.32 -44.67 72.18
CA THR B 132 -25.35 -43.73 71.07
C THR B 132 -26.02 -42.39 71.40
N PHE B 133 -26.42 -42.15 72.65
CA PHE B 133 -27.14 -40.92 72.92
C PHE B 133 -27.14 -40.64 74.43
N CYS B 134 -27.19 -39.35 74.77
CA CYS B 134 -27.27 -38.91 76.15
C CYS B 134 -27.75 -37.46 76.17
N LEU B 135 -28.09 -36.97 77.37
CA LEU B 135 -28.58 -35.61 77.57
C LEU B 135 -27.69 -34.88 78.56
N HIS B 136 -26.38 -34.99 78.40
CA HIS B 136 -25.42 -34.36 79.29
C HIS B 136 -24.58 -33.36 78.52
N THR B 137 -23.78 -32.59 79.27
CA THR B 137 -22.82 -31.67 78.67
C THR B 137 -21.53 -32.41 78.34
N ASP B 138 -20.48 -31.67 77.98
CA ASP B 138 -19.17 -32.26 77.71
C ASP B 138 -18.43 -32.67 78.96
N VAL B 139 -18.65 -31.98 80.09
CA VAL B 139 -17.95 -32.30 81.33
C VAL B 139 -18.74 -33.21 82.24
N SER B 140 -19.90 -33.72 81.80
CA SER B 140 -20.72 -34.59 82.63
C SER B 140 -20.96 -35.96 82.01
N CYS B 141 -20.81 -36.12 80.71
CA CYS B 141 -20.92 -37.45 80.09
C CYS B 141 -19.80 -38.36 80.61
N ARG B 142 -20.18 -39.59 80.98
CA ARG B 142 -19.24 -40.56 81.51
C ARG B 142 -18.96 -41.70 80.53
N GLN B 143 -19.40 -41.58 79.29
CA GLN B 143 -19.12 -42.61 78.29
C GLN B 143 -17.66 -42.57 77.88
N ARG B 144 -16.92 -43.62 78.23
CA ARG B 144 -15.51 -43.70 77.90
C ARG B 144 -15.33 -43.98 76.41
N ALA B 145 -14.34 -43.34 75.81
CA ALA B 145 -14.05 -43.50 74.39
C ALA B 145 -12.57 -43.20 74.16
N ASP B 146 -12.17 -43.12 72.89
CA ASP B 146 -10.79 -42.81 72.55
C ASP B 146 -10.64 -41.70 71.51
N VAL B 147 -11.72 -41.22 70.90
CA VAL B 147 -11.66 -40.17 69.90
C VAL B 147 -12.79 -39.18 70.16
N ALA B 148 -12.49 -37.89 69.99
CA ALA B 148 -13.47 -36.84 70.15
C ALA B 148 -13.39 -35.91 68.95
N ILE B 149 -14.54 -35.36 68.55
CA ILE B 149 -14.62 -34.47 67.40
C ILE B 149 -15.43 -33.23 67.79
N TYR B 150 -14.93 -32.07 67.37
CA TYR B 150 -15.61 -30.80 67.58
C TYR B 150 -15.94 -30.21 66.21
N GLN B 151 -17.19 -29.81 66.02
CA GLN B 151 -17.63 -29.18 64.78
C GLN B 151 -18.37 -27.89 65.09
N ASP B 152 -17.78 -26.76 64.70
CA ASP B 152 -18.37 -25.43 64.90
C ASP B 152 -18.76 -25.21 66.36
N VAL B 153 -17.87 -25.60 67.27
CA VAL B 153 -18.08 -25.44 68.70
C VAL B 153 -17.21 -24.28 69.16
N TYR B 154 -17.84 -23.26 69.74
CA TYR B 154 -17.14 -22.04 70.13
C TYR B 154 -17.39 -21.62 71.58
N ALA B 155 -18.32 -22.24 72.28
CA ALA B 155 -18.74 -21.77 73.60
C ALA B 155 -18.11 -22.55 74.75
N VAL B 156 -17.14 -23.41 74.48
CA VAL B 156 -16.47 -24.17 75.53
C VAL B 156 -15.06 -23.64 75.72
N HIS B 157 -14.55 -23.81 76.94
CA HIS B 157 -13.18 -23.41 77.26
C HIS B 157 -12.27 -24.61 76.98
N ALA B 158 -11.33 -24.43 76.05
CA ALA B 158 -10.56 -25.56 75.51
C ALA B 158 -9.77 -26.35 76.55
N PRO B 159 -9.02 -25.74 77.48
CA PRO B 159 -8.25 -26.56 78.44
C PRO B 159 -9.12 -27.46 79.30
N THR B 160 -10.21 -26.91 79.86
CA THR B 160 -11.08 -27.72 80.71
C THR B 160 -11.75 -28.84 79.92
N SER B 161 -12.22 -28.53 78.71
CA SER B 161 -12.87 -29.53 77.88
C SER B 161 -11.90 -30.65 77.52
N LEU B 162 -10.67 -30.30 77.16
CA LEU B 162 -9.68 -31.32 76.84
C LEU B 162 -9.28 -32.14 78.06
N TYR B 163 -9.16 -31.50 79.22
CA TYR B 163 -8.82 -32.24 80.43
C TYR B 163 -9.91 -33.23 80.82
N HIS B 164 -11.18 -32.83 80.71
CA HIS B 164 -12.27 -33.73 81.04
C HIS B 164 -12.48 -34.82 80.00
N GLN B 165 -11.85 -34.70 78.83
CA GLN B 165 -11.84 -35.79 77.85
C GLN B 165 -10.63 -36.70 78.00
N ALA B 166 -9.52 -36.18 78.52
CA ALA B 166 -8.29 -36.96 78.62
C ALA B 166 -8.40 -38.05 79.68
N ILE B 167 -9.18 -37.81 80.74
CA ILE B 167 -9.26 -38.74 81.87
C ILE B 167 -10.24 -39.86 81.55
N LYS B 168 -10.72 -39.88 80.31
CA LYS B 168 -11.67 -40.91 79.92
C LYS B 168 -11.14 -41.83 78.82
N GLY B 169 -9.83 -41.87 78.58
CA GLY B 169 -9.26 -42.75 77.58
C GLY B 169 -9.15 -42.16 76.19
N VAL B 170 -9.39 -40.87 76.02
CA VAL B 170 -9.30 -40.22 74.72
C VAL B 170 -7.86 -39.79 74.48
N ARG B 171 -7.31 -40.20 73.34
CA ARG B 171 -5.92 -39.89 72.99
C ARG B 171 -5.80 -39.06 71.72
N LEU B 172 -6.91 -38.66 71.11
CA LEU B 172 -6.87 -37.95 69.84
C LEU B 172 -8.15 -37.15 69.67
N ALA B 173 -8.02 -35.88 69.30
CA ALA B 173 -9.19 -35.01 69.14
C ALA B 173 -9.01 -34.15 67.90
N TYR B 174 -10.13 -33.77 67.30
CA TYR B 174 -10.15 -32.92 66.11
C TYR B 174 -11.04 -31.70 66.37
N TRP B 175 -10.71 -30.60 65.70
CA TRP B 175 -11.46 -29.36 65.82
C TRP B 175 -11.52 -28.68 64.47
N VAL B 176 -12.73 -28.45 63.96
CA VAL B 176 -12.93 -27.80 62.66
C VAL B 176 -13.67 -26.50 62.91
N GLY B 177 -13.17 -25.41 62.33
CA GLY B 177 -13.82 -24.13 62.56
C GLY B 177 -13.13 -23.00 61.82
N PHE B 178 -13.44 -21.79 62.27
CA PHE B 178 -12.88 -20.58 61.67
C PHE B 178 -11.50 -20.28 62.27
N ASP B 179 -10.69 -19.57 61.48
CA ASP B 179 -9.36 -19.17 61.94
C ASP B 179 -9.45 -18.22 63.13
N THR B 180 -8.62 -18.46 64.13
CA THR B 180 -8.60 -17.70 65.37
C THR B 180 -7.63 -16.52 65.29
N THR B 181 -6.85 -16.43 64.21
CA THR B 181 -5.82 -15.39 64.10
C THR B 181 -6.35 -13.96 64.21
N PRO B 182 -7.48 -13.58 63.58
CA PRO B 182 -7.92 -12.18 63.70
C PRO B 182 -8.18 -11.71 65.12
N PHE B 183 -8.55 -12.61 66.04
CA PHE B 183 -8.81 -12.21 67.42
C PHE B 183 -7.56 -12.19 68.28
N MET B 184 -6.45 -12.76 67.81
CA MET B 184 -5.18 -12.60 68.52
C MET B 184 -4.57 -11.23 68.24
N TYR B 185 -4.91 -10.61 67.12
CA TYR B 185 -4.50 -9.25 66.80
C TYR B 185 -5.43 -8.20 67.40
N ASN B 186 -6.56 -8.62 67.96
CA ASN B 186 -7.50 -7.73 68.67
C ASN B 186 -8.09 -6.69 67.74
N ALA B 187 -8.65 -7.15 66.62
CA ALA B 187 -9.33 -6.26 65.69
C ALA B 187 -10.74 -5.95 66.18
N MET B 188 -11.35 -4.93 65.58
CA MET B 188 -12.69 -4.49 65.97
C MET B 188 -13.78 -5.07 65.09
N ALA B 189 -13.49 -5.30 63.81
CA ALA B 189 -14.46 -5.89 62.88
C ALA B 189 -13.70 -6.61 61.78
N GLY B 190 -14.41 -7.48 61.07
CA GLY B 190 -13.72 -8.24 60.03
C GLY B 190 -14.66 -9.03 59.16
N ALA B 191 -14.09 -9.66 58.15
CA ALA B 191 -14.83 -10.42 57.16
C ALA B 191 -14.09 -11.71 56.80
N TYR B 192 -14.87 -12.69 56.33
CA TYR B 192 -14.35 -13.92 55.72
C TYR B 192 -14.99 -14.00 54.34
N PRO B 193 -14.50 -13.23 53.38
CA PRO B 193 -15.26 -12.99 52.15
C PRO B 193 -15.52 -14.21 51.29
N SER B 194 -14.77 -15.30 51.48
CA SER B 194 -15.00 -16.51 50.70
C SER B 194 -16.16 -17.36 51.22
N TYR B 195 -16.70 -17.03 52.40
CA TYR B 195 -17.81 -17.78 52.99
C TYR B 195 -19.00 -16.88 53.31
N SER B 196 -19.00 -15.65 52.79
CA SER B 196 -20.10 -14.70 52.99
C SER B 196 -20.39 -14.50 54.48
N THR B 197 -19.33 -14.19 55.24
CA THR B 197 -19.42 -14.05 56.68
C THR B 197 -18.81 -12.72 57.10
N ASN B 198 -19.51 -11.99 57.97
CA ASN B 198 -18.99 -10.75 58.52
C ASN B 198 -19.18 -10.75 60.03
N TRP B 199 -18.22 -10.19 60.76
CA TRP B 199 -18.32 -10.13 62.21
C TRP B 199 -17.94 -8.74 62.68
N ALA B 200 -18.56 -8.32 63.78
CA ALA B 200 -18.33 -6.98 64.30
C ALA B 200 -18.51 -6.95 65.82
N ASP B 201 -17.85 -5.97 66.43
CA ASP B 201 -18.04 -5.67 67.84
C ASP B 201 -19.35 -4.90 68.04
N GLU B 202 -19.91 -5.00 69.25
CA GLU B 202 -21.20 -4.38 69.53
C GLU B 202 -21.17 -2.86 69.48
N GLN B 203 -20.02 -2.23 69.75
CA GLN B 203 -19.95 -0.78 69.83
C GLN B 203 -19.87 -0.10 68.47
N VAL B 204 -19.76 -0.86 67.38
CA VAL B 204 -19.69 -0.29 66.04
C VAL B 204 -20.82 -0.80 65.14
N LEU B 205 -21.91 -1.29 65.74
CA LEU B 205 -23.01 -1.81 64.94
C LEU B 205 -23.75 -0.70 64.19
N LYS B 206 -23.60 0.55 64.63
CA LYS B 206 -24.22 1.69 63.93
C LYS B 206 -23.23 2.46 63.08
N ALA B 207 -22.27 1.77 62.48
CA ALA B 207 -21.32 2.39 61.56
C ALA B 207 -21.98 2.57 60.20
N LYS B 208 -21.19 2.93 59.19
CA LYS B 208 -21.72 3.25 57.88
C LYS B 208 -21.21 2.34 56.76
N ASN B 209 -19.90 2.06 56.71
CA ASN B 209 -19.31 1.43 55.53
C ASN B 209 -18.63 0.10 55.84
N ILE B 210 -18.80 -0.44 57.06
CA ILE B 210 -18.32 -1.80 57.33
C ILE B 210 -19.37 -2.78 56.83
N GLY B 211 -19.02 -4.06 56.78
CA GLY B 211 -19.89 -5.05 56.17
C GLY B 211 -21.10 -5.46 56.99
N LEU B 212 -21.17 -5.04 58.26
CA LEU B 212 -22.28 -5.40 59.14
C LEU B 212 -22.65 -4.18 59.98
N CYS B 213 -23.59 -3.38 59.51
CA CYS B 213 -23.99 -2.16 60.20
C CYS B 213 -25.28 -1.63 59.60
N SER B 214 -25.86 -0.62 60.27
CA SER B 214 -27.00 0.11 59.77
C SER B 214 -27.00 1.50 60.38
N THR B 215 -27.24 2.53 59.56
CA THR B 215 -27.25 3.91 60.01
C THR B 215 -28.49 4.62 59.48
N ASP B 216 -28.59 5.92 59.77
CA ASP B 216 -29.73 6.73 59.41
C ASP B 216 -29.27 7.98 58.65
N LEU B 217 -30.25 8.70 58.10
CA LEU B 217 -30.01 10.00 57.48
C LEU B 217 -30.16 11.10 58.51
N THR B 218 -29.31 12.12 58.39
CA THR B 218 -29.31 13.20 59.37
C THR B 218 -28.74 14.46 58.73
N GLU B 219 -28.98 15.60 59.39
CA GLU B 219 -28.49 16.89 58.93
C GLU B 219 -27.22 17.33 59.65
N GLY B 220 -27.11 17.05 60.96
CA GLY B 220 -25.94 17.45 61.71
C GLY B 220 -26.22 18.40 62.84
N ARG B 221 -26.09 17.93 64.07
CA ARG B 221 -26.35 18.72 65.26
C ARG B 221 -25.02 19.19 65.87
N ARG B 222 -25.06 20.34 66.55
CA ARG B 222 -23.89 20.89 67.21
C ARG B 222 -23.72 20.44 68.64
N GLY B 223 -24.64 19.64 69.16
CA GLY B 223 -24.55 19.17 70.54
C GLY B 223 -24.13 17.72 70.65
N ARG B 229 -19.09 10.94 79.72
CA ARG B 229 -18.07 11.02 78.69
C ARG B 229 -17.55 9.65 78.28
N GLY B 230 -16.95 9.59 77.10
CA GLY B 230 -16.39 8.37 76.57
C GLY B 230 -14.87 8.41 76.50
N LYS B 231 -14.35 8.72 75.30
CA LYS B 231 -12.93 8.86 75.01
C LYS B 231 -12.20 7.51 74.99
N LYS B 232 -12.91 6.43 75.30
CA LYS B 232 -12.36 5.08 75.27
C LYS B 232 -13.18 4.24 74.30
N LEU B 233 -12.61 3.96 73.13
CA LEU B 233 -13.21 3.06 72.15
C LEU B 233 -12.25 1.88 72.00
N GLU B 234 -12.54 0.80 72.70
CA GLU B 234 -11.67 -0.37 72.76
C GLU B 234 -12.51 -1.63 72.60
N PRO B 235 -11.93 -2.71 72.08
CA PRO B 235 -12.70 -3.95 71.91
C PRO B 235 -13.22 -4.49 73.23
N CYS B 236 -14.40 -5.10 73.17
N CYS B 236 -14.39 -5.10 73.18
CA CYS B 236 -15.07 -5.68 74.34
CA CYS B 236 -15.04 -5.69 74.34
C CYS B 236 -15.32 -7.17 74.08
C CYS B 236 -15.31 -7.17 74.09
N ASP B 237 -15.91 -7.83 75.08
CA ASP B 237 -16.07 -9.28 75.03
C ASP B 237 -17.04 -9.73 73.95
N ARG B 238 -18.18 -9.06 73.82
CA ARG B 238 -19.27 -9.58 73.00
C ARG B 238 -19.04 -9.25 71.52
N VAL B 239 -19.17 -10.26 70.66
CA VAL B 239 -18.98 -10.09 69.22
C VAL B 239 -20.14 -10.76 68.50
N LEU B 240 -20.53 -10.20 67.36
CA LEU B 240 -21.62 -10.73 66.55
C LEU B 240 -21.08 -11.25 65.22
N PHE B 241 -21.50 -12.46 64.86
CA PHE B 241 -21.15 -13.11 63.61
C PHE B 241 -22.38 -13.25 62.75
N SER B 242 -22.23 -13.03 61.44
CA SER B 242 -23.30 -13.21 60.47
C SER B 242 -22.76 -14.07 59.34
N VAL B 243 -23.25 -15.30 59.26
CA VAL B 243 -22.90 -16.24 58.19
C VAL B 243 -24.09 -16.28 57.25
N GLY B 244 -23.93 -15.71 56.05
CA GLY B 244 -25.06 -15.51 55.17
C GLY B 244 -26.08 -14.60 55.84
N SER B 245 -27.21 -15.18 56.25
CA SER B 245 -28.22 -14.45 57.00
C SER B 245 -28.44 -14.99 58.41
N THR B 246 -27.59 -15.89 58.89
CA THR B 246 -27.73 -16.46 60.22
C THR B 246 -26.81 -15.73 61.20
N LEU B 247 -27.33 -15.46 62.38
CA LEU B 247 -26.65 -14.64 63.38
C LEU B 247 -26.23 -15.49 64.57
N TYR B 248 -25.00 -15.28 65.04
CA TYR B 248 -24.45 -16.00 66.19
C TYR B 248 -23.71 -15.03 67.10
N PRO B 249 -24.04 -14.96 68.38
CA PRO B 249 -23.21 -14.17 69.30
C PRO B 249 -22.12 -15.04 69.95
N GLU B 250 -20.92 -14.46 70.07
CA GLU B 250 -19.81 -15.15 70.73
C GLU B 250 -19.07 -14.20 71.66
N SER B 251 -18.11 -14.78 72.39
CA SER B 251 -17.26 -14.09 73.33
C SER B 251 -15.81 -14.19 72.88
N ARG B 252 -15.03 -13.14 73.16
CA ARG B 252 -13.65 -13.09 72.70
C ARG B 252 -12.78 -14.07 73.47
N LYS B 253 -13.05 -14.25 74.77
CA LYS B 253 -12.20 -15.11 75.60
C LYS B 253 -12.26 -16.57 75.14
N LEU B 254 -13.46 -17.10 74.91
CA LEU B 254 -13.60 -18.47 74.47
C LEU B 254 -13.11 -18.68 73.06
N LEU B 255 -13.12 -17.64 72.22
CA LEU B 255 -12.50 -17.75 70.90
C LEU B 255 -10.99 -17.80 71.00
N LYS B 256 -10.40 -16.94 71.83
CA LYS B 256 -8.95 -16.92 72.01
C LYS B 256 -8.44 -18.18 72.70
N SER B 257 -9.28 -18.83 73.52
CA SER B 257 -8.82 -20.01 74.26
C SER B 257 -8.45 -21.18 73.37
N TRP B 258 -8.88 -21.17 72.09
CA TRP B 258 -8.58 -22.26 71.19
C TRP B 258 -7.32 -22.02 70.36
N HIS B 259 -6.63 -20.89 70.56
CA HIS B 259 -5.34 -20.63 69.91
C HIS B 259 -4.26 -21.23 70.80
N LEU B 260 -3.98 -22.54 70.59
CA LEU B 260 -3.14 -23.31 71.48
C LEU B 260 -1.71 -23.38 70.97
N PRO B 261 -0.73 -23.44 71.87
CA PRO B 261 0.67 -23.57 71.44
C PRO B 261 0.97 -24.97 70.91
N SER B 262 2.20 -25.12 70.41
CA SER B 262 2.60 -26.39 69.82
C SER B 262 2.75 -27.49 70.87
N VAL B 263 3.19 -27.14 72.08
CA VAL B 263 3.35 -28.09 73.18
C VAL B 263 2.85 -27.44 74.46
N PHE B 264 2.00 -28.16 75.21
CA PHE B 264 1.55 -27.67 76.50
C PHE B 264 1.30 -28.84 77.44
N HIS B 265 1.03 -28.51 78.70
CA HIS B 265 0.90 -29.50 79.77
C HIS B 265 -0.42 -29.28 80.50
N LEU B 266 -1.16 -30.36 80.71
CA LEU B 266 -2.38 -30.34 81.55
C LEU B 266 -2.06 -31.13 82.82
N LYS B 267 -1.84 -30.43 83.93
CA LYS B 267 -1.44 -31.05 85.18
C LYS B 267 -2.40 -30.66 86.29
N GLY B 268 -3.37 -31.54 86.56
CA GLY B 268 -4.27 -31.40 87.69
C GLY B 268 -4.03 -32.48 88.71
N LYS B 269 -4.90 -33.50 88.71
CA LYS B 269 -4.68 -34.72 89.48
C LYS B 269 -3.85 -35.70 88.65
N LEU B 270 -4.28 -36.01 87.44
CA LEU B 270 -3.46 -36.71 86.47
C LEU B 270 -2.77 -35.70 85.55
N SER B 271 -1.65 -36.10 84.98
CA SER B 271 -0.82 -35.22 84.17
C SER B 271 -0.75 -35.72 82.74
N PHE B 272 -0.82 -34.79 81.79
CA PHE B 272 -0.79 -35.09 80.37
C PHE B 272 0.05 -34.06 79.64
N THR B 273 0.68 -34.51 78.55
CA THR B 273 1.46 -33.66 77.66
C THR B 273 0.77 -33.65 76.31
N CYS B 274 0.49 -32.46 75.78
CA CYS B 274 -0.38 -32.30 74.63
C CYS B 274 0.31 -31.49 73.54
N ARG B 275 -0.04 -31.79 72.29
CA ARG B 275 0.48 -31.09 71.13
C ARG B 275 -0.66 -30.67 70.23
N CYS B 276 -0.48 -29.58 69.50
CA CYS B 276 -1.48 -29.05 68.59
C CYS B 276 -0.84 -28.81 67.22
N ASP B 277 -1.49 -29.29 66.17
CA ASP B 277 -1.01 -29.14 64.80
C ASP B 277 -2.17 -28.83 63.87
N THR B 278 -1.88 -28.04 62.84
CA THR B 278 -2.87 -27.67 61.83
C THR B 278 -2.61 -28.50 60.57
N VAL B 279 -3.64 -29.20 60.10
CA VAL B 279 -3.49 -30.12 58.98
C VAL B 279 -4.21 -29.63 57.73
N VAL B 280 -5.31 -28.91 57.85
CA VAL B 280 -6.06 -28.40 56.71
C VAL B 280 -6.39 -26.93 56.95
N SER B 281 -6.14 -26.10 55.95
CA SER B 281 -6.38 -24.66 56.04
C SER B 281 -6.86 -24.15 54.69
N CYS B 282 -8.00 -23.47 54.68
CA CYS B 282 -8.57 -22.94 53.45
C CYS B 282 -9.26 -21.61 53.74
N GLU B 283 -8.57 -20.51 53.43
CA GLU B 283 -9.11 -19.16 53.39
C GLU B 283 -9.97 -18.78 54.59
N GLY B 284 -9.67 -19.34 55.76
CA GLY B 284 -10.42 -19.00 56.95
C GLY B 284 -10.86 -20.18 57.77
N TYR B 285 -11.05 -21.33 57.13
CA TYR B 285 -11.42 -22.57 57.82
C TYR B 285 -10.16 -23.39 58.11
N VAL B 286 -10.09 -23.93 59.33
CA VAL B 286 -8.95 -24.71 59.77
C VAL B 286 -9.43 -25.98 60.45
N VAL B 287 -8.62 -27.02 60.32
CA VAL B 287 -8.78 -28.28 61.04
C VAL B 287 -7.54 -28.49 61.89
N LYS B 288 -7.75 -28.71 63.20
CA LYS B 288 -6.67 -28.85 64.18
C LYS B 288 -6.75 -30.25 64.78
N ARG B 289 -5.59 -30.91 64.87
CA ARG B 289 -5.49 -32.23 65.46
C ARG B 289 -4.70 -32.13 66.76
N ILE B 290 -5.24 -32.68 67.84
CA ILE B 290 -4.62 -32.64 69.16
C ILE B 290 -4.39 -34.06 69.65
N THR B 291 -3.17 -34.35 70.09
CA THR B 291 -2.80 -35.65 70.64
C THR B 291 -2.44 -35.50 72.11
N MET B 292 -2.82 -36.51 72.89
CA MET B 292 -2.63 -36.46 74.34
C MET B 292 -1.94 -37.73 74.82
N SER B 293 -1.10 -37.59 75.84
CA SER B 293 -0.33 -38.70 76.39
C SER B 293 -0.09 -38.50 77.88
N PRO B 294 -0.23 -39.56 78.68
CA PRO B 294 -0.02 -39.43 80.13
C PRO B 294 1.44 -39.13 80.46
N GLY B 295 1.65 -38.38 81.53
CA GLY B 295 2.99 -38.09 82.01
C GLY B 295 3.52 -36.74 81.57
N LEU B 296 4.30 -36.09 82.44
CA LEU B 296 4.88 -34.80 82.13
C LEU B 296 6.21 -35.00 81.41
N TYR B 297 6.21 -34.80 80.09
CA TYR B 297 7.39 -34.94 79.26
C TYR B 297 8.07 -33.57 79.16
N GLY B 298 8.98 -33.33 78.21
CA GLY B 298 9.89 -32.20 78.24
C GLY B 298 9.28 -30.81 78.20
N LYS B 299 10.14 -29.81 78.00
CA LYS B 299 9.83 -28.42 78.29
C LYS B 299 8.97 -27.80 77.20
N THR B 300 8.40 -26.65 77.52
CA THR B 300 7.52 -25.89 76.64
C THR B 300 8.08 -24.49 76.43
N THR B 301 7.80 -23.92 75.26
CA THR B 301 8.23 -22.56 74.94
C THR B 301 7.11 -21.54 75.07
N GLY B 302 5.89 -21.88 74.67
CA GLY B 302 4.78 -20.98 74.77
C GLY B 302 4.51 -20.11 73.56
N TYR B 303 4.81 -20.59 72.36
CA TYR B 303 4.62 -19.81 71.13
C TYR B 303 3.66 -20.53 70.21
N ALA B 304 2.77 -19.77 69.58
CA ALA B 304 1.85 -20.27 68.58
C ALA B 304 2.18 -19.65 67.23
N VAL B 305 2.21 -20.49 66.20
CA VAL B 305 2.67 -20.11 64.87
C VAL B 305 1.54 -20.33 63.87
N THR B 306 1.37 -19.37 62.97
CA THR B 306 0.38 -19.43 61.90
C THR B 306 1.07 -19.21 60.57
N HIS B 307 0.84 -20.11 59.61
CA HIS B 307 1.41 -20.00 58.28
C HIS B 307 0.40 -19.39 57.32
N HIS B 308 0.85 -18.43 56.52
CA HIS B 308 -0.03 -17.68 55.63
C HIS B 308 0.15 -18.14 54.20
N ALA B 309 -0.86 -18.83 53.66
CA ALA B 309 -0.87 -19.17 52.24
C ALA B 309 -1.49 -18.07 51.40
N ASP B 310 -2.20 -17.13 52.01
CA ASP B 310 -2.75 -15.96 51.34
C ASP B 310 -2.41 -14.72 52.16
N GLY B 311 -2.66 -13.55 51.57
CA GLY B 311 -2.32 -12.32 52.26
C GLY B 311 -3.29 -12.01 53.39
N PHE B 312 -2.75 -11.47 54.48
CA PHE B 312 -3.56 -11.05 55.62
C PHE B 312 -3.30 -9.58 55.89
N LEU B 313 -4.37 -8.79 56.00
CA LEU B 313 -4.24 -7.35 56.19
C LEU B 313 -5.00 -6.91 57.43
N MET B 314 -4.43 -5.93 58.14
CA MET B 314 -5.10 -5.25 59.24
C MET B 314 -4.75 -3.77 59.15
N CYS B 315 -5.76 -2.91 59.08
CA CYS B 315 -5.51 -1.50 58.82
C CYS B 315 -6.44 -0.62 59.64
N LYS B 316 -5.98 0.61 59.86
CA LYS B 316 -6.80 1.64 60.49
C LYS B 316 -7.74 2.27 59.46
N THR B 317 -8.93 2.64 59.92
CA THR B 317 -9.93 3.26 59.06
C THR B 317 -10.74 4.26 59.87
N THR B 318 -11.26 5.26 59.18
CA THR B 318 -12.08 6.31 59.78
C THR B 318 -13.51 6.18 59.28
N ASP B 319 -14.46 6.12 60.21
CA ASP B 319 -15.87 5.95 59.88
C ASP B 319 -16.70 6.87 60.76
N THR B 320 -18.01 6.83 60.55
CA THR B 320 -18.97 7.58 61.35
C THR B 320 -19.90 6.60 62.05
N VAL B 321 -19.88 6.60 63.37
CA VAL B 321 -20.72 5.73 64.18
C VAL B 321 -21.76 6.62 64.87
N ASP B 322 -23.02 6.44 64.52
CA ASP B 322 -24.14 7.15 65.14
C ASP B 322 -23.95 8.66 65.08
N GLY B 323 -23.31 9.13 64.00
CA GLY B 323 -23.09 10.54 63.77
C GLY B 323 -21.72 11.04 64.17
N GLU B 324 -20.98 10.30 64.98
CA GLU B 324 -19.70 10.75 65.49
C GLU B 324 -18.56 10.10 64.71
N ARG B 325 -17.58 10.92 64.30
CA ARG B 325 -16.46 10.44 63.51
C ARG B 325 -15.40 9.83 64.40
N VAL B 326 -15.04 8.57 64.13
CA VAL B 326 -14.08 7.81 64.93
C VAL B 326 -13.20 6.99 64.00
N SER B 327 -12.19 6.35 64.60
CA SER B 327 -11.24 5.49 63.88
C SER B 327 -11.06 4.18 64.61
N PHE B 328 -10.93 3.09 63.85
CA PHE B 328 -10.69 1.78 64.43
C PHE B 328 -10.10 0.85 63.37
N SER B 329 -9.78 -0.37 63.78
CA SER B 329 -9.03 -1.31 62.96
C SER B 329 -9.92 -2.38 62.36
N VAL B 330 -9.62 -2.76 61.11
CA VAL B 330 -10.36 -3.77 60.37
C VAL B 330 -9.36 -4.71 59.70
N CYS B 331 -9.69 -6.01 59.67
CA CYS B 331 -8.82 -7.03 59.10
C CYS B 331 -9.53 -7.81 58.01
N THR B 332 -8.74 -8.37 57.09
CA THR B 332 -9.30 -9.09 55.94
C THR B 332 -8.25 -9.99 55.32
N TYR B 333 -8.71 -10.84 54.40
CA TYR B 333 -7.89 -11.78 53.65
C TYR B 333 -7.84 -11.35 52.19
N VAL B 334 -6.70 -11.55 51.55
CA VAL B 334 -6.47 -11.15 50.16
C VAL B 334 -5.90 -12.36 49.40
N PRO B 335 -6.38 -12.64 48.20
CA PRO B 335 -5.84 -13.77 47.43
C PRO B 335 -4.38 -13.57 47.06
N ALA B 336 -3.68 -14.69 46.85
CA ALA B 336 -2.24 -14.64 46.64
C ALA B 336 -1.87 -14.04 45.29
N THR B 337 -2.69 -14.27 44.26
CA THR B 337 -2.36 -13.79 42.92
C THR B 337 -2.31 -12.26 42.87
N ILE B 338 -3.28 -11.60 43.50
CA ILE B 338 -3.29 -10.14 43.53
C ILE B 338 -2.08 -9.62 44.29
N CYS B 339 -1.76 -10.26 45.42
CA CYS B 339 -0.59 -9.85 46.19
C CYS B 339 0.69 -9.97 45.37
N ASP B 340 0.83 -11.06 44.63
CA ASP B 340 1.99 -11.23 43.77
C ASP B 340 2.04 -10.18 42.66
N GLN B 341 0.89 -9.87 42.06
CA GLN B 341 0.85 -8.91 40.97
C GLN B 341 0.96 -7.46 41.44
N MET B 342 0.85 -7.21 42.75
CA MET B 342 0.99 -5.87 43.28
C MET B 342 2.42 -5.54 43.71
N THR B 343 3.37 -6.46 43.52
CA THR B 343 4.72 -6.27 44.03
C THR B 343 5.42 -5.08 43.39
N GLY B 344 5.26 -4.93 42.07
CA GLY B 344 5.97 -3.86 41.37
C GLY B 344 5.49 -2.48 41.74
N ILE B 345 4.17 -2.31 41.90
CA ILE B 345 3.61 -0.99 42.15
C ILE B 345 4.04 -0.46 43.51
N LEU B 346 4.16 -1.35 44.50
CA LEU B 346 4.43 -0.94 45.87
C LEU B 346 5.86 -0.46 46.09
N ALA B 347 6.70 -0.46 45.06
CA ALA B 347 8.06 0.04 45.21
C ALA B 347 8.07 1.55 45.48
N THR B 348 7.14 2.28 44.87
CA THR B 348 7.07 3.73 45.03
C THR B 348 5.90 4.09 45.94
N GLU B 349 5.72 5.40 46.15
CA GLU B 349 4.63 5.92 46.96
C GLU B 349 3.43 6.17 46.05
N VAL B 350 2.29 5.56 46.37
CA VAL B 350 1.11 5.62 45.54
C VAL B 350 -0.05 6.15 46.38
N THR B 351 -0.98 6.82 45.69
CA THR B 351 -2.21 7.35 46.28
C THR B 351 -3.29 6.29 46.29
N PRO B 352 -4.27 6.40 47.19
CA PRO B 352 -5.36 5.40 47.22
C PRO B 352 -6.16 5.32 45.92
N GLU B 353 -6.31 6.42 45.19
CA GLU B 353 -7.09 6.39 43.96
C GLU B 353 -6.42 5.54 42.89
N ASP B 354 -5.11 5.71 42.69
CA ASP B 354 -4.39 4.91 41.71
C ASP B 354 -4.39 3.45 42.10
N ALA B 355 -4.20 3.17 43.39
CA ALA B 355 -4.25 1.78 43.85
C ALA B 355 -5.62 1.17 43.62
N GLN B 356 -6.68 1.93 43.87
CA GLN B 356 -8.04 1.44 43.61
C GLN B 356 -8.25 1.13 42.14
N LYS B 357 -7.80 2.03 41.26
CA LYS B 357 -7.96 1.80 39.83
C LYS B 357 -7.17 0.58 39.36
N LEU B 358 -5.95 0.43 39.86
CA LEU B 358 -5.15 -0.74 39.51
C LEU B 358 -5.80 -2.02 40.01
N LEU B 359 -6.32 -2.01 41.23
CA LEU B 359 -6.98 -3.19 41.78
C LEU B 359 -8.22 -3.55 40.98
N VAL B 360 -9.00 -2.54 40.56
CA VAL B 360 -10.16 -2.82 39.70
C VAL B 360 -9.71 -3.39 38.36
N GLY B 361 -8.60 -2.88 37.82
CA GLY B 361 -8.11 -3.42 36.56
C GLY B 361 -7.68 -4.88 36.67
N LEU B 362 -6.95 -5.22 37.73
CA LEU B 362 -6.52 -6.62 37.91
C LEU B 362 -7.67 -7.54 38.26
N ASN B 363 -8.66 -7.07 39.01
CA ASN B 363 -9.78 -7.90 39.42
C ASN B 363 -10.72 -8.15 38.24
N ASN B 377 -14.96 -12.03 38.74
CA ASN B 377 -14.19 -11.36 39.78
C ASN B 377 -13.45 -12.38 40.65
N THR B 378 -12.25 -12.01 41.07
CA THR B 378 -11.46 -12.86 41.96
C THR B 378 -11.71 -12.55 43.43
N MET B 379 -11.86 -11.28 43.78
CA MET B 379 -12.20 -10.85 45.13
C MET B 379 -13.45 -9.98 45.08
N LYS B 380 -14.22 -10.01 46.17
CA LYS B 380 -15.46 -9.24 46.22
C LYS B 380 -15.17 -7.75 46.21
N ASN B 381 -16.03 -7.00 45.53
CA ASN B 381 -15.78 -5.58 45.25
C ASN B 381 -15.96 -4.68 46.46
N TYR B 382 -16.71 -5.10 47.48
CA TYR B 382 -16.98 -4.22 48.60
C TYR B 382 -15.80 -4.11 49.57
N MET B 383 -14.76 -4.93 49.41
CA MET B 383 -13.59 -4.84 50.27
C MET B 383 -12.42 -4.11 49.63
N ILE B 384 -12.50 -3.76 48.35
CA ILE B 384 -11.41 -3.11 47.62
C ILE B 384 -11.01 -1.76 48.22
N PRO B 385 -11.94 -0.87 48.58
CA PRO B 385 -11.52 0.46 49.06
C PRO B 385 -10.65 0.45 50.31
N VAL B 386 -10.82 -0.51 51.22
CA VAL B 386 -9.97 -0.54 52.40
C VAL B 386 -8.62 -1.19 52.08
N VAL B 387 -8.61 -2.17 51.18
CA VAL B 387 -7.36 -2.79 50.77
C VAL B 387 -6.46 -1.77 50.08
N ALA B 388 -7.03 -0.91 49.22
CA ALA B 388 -6.24 0.11 48.54
C ALA B 388 -5.62 1.08 49.54
N GLN B 389 -6.40 1.52 50.53
CA GLN B 389 -5.89 2.42 51.56
C GLN B 389 -4.80 1.77 52.40
N ALA B 390 -4.96 0.49 52.75
CA ALA B 390 -3.94 -0.22 53.51
C ALA B 390 -2.64 -0.34 52.72
N PHE B 391 -2.73 -0.68 51.44
CA PHE B 391 -1.53 -0.76 50.61
C PHE B 391 -0.84 0.59 50.48
N SER B 392 -1.62 1.64 50.28
CA SER B 392 -1.05 2.98 50.14
C SER B 392 -0.34 3.42 51.41
N LYS B 393 -0.92 3.11 52.58
CA LYS B 393 -0.27 3.48 53.83
C LYS B 393 0.95 2.61 54.12
N TRP B 394 0.94 1.33 53.75
CA TRP B 394 2.10 0.48 53.94
C TRP B 394 3.29 0.93 53.09
N ALA B 395 3.03 1.30 51.84
CA ALA B 395 4.11 1.71 50.95
C ALA B 395 4.82 2.96 51.45
N LYS B 396 4.10 3.87 52.09
CA LYS B 396 4.72 5.09 52.60
C LYS B 396 5.57 4.83 53.84
N GLU B 397 5.09 3.98 54.76
CA GLU B 397 5.88 3.63 55.92
C GLU B 397 7.16 2.88 55.54
N CYS B 398 7.10 2.03 54.52
CA CYS B 398 8.33 1.39 54.05
C CYS B 398 9.36 2.42 53.60
N ARG B 399 8.92 3.41 52.81
CA ARG B 399 9.84 4.43 52.34
C ARG B 399 10.37 5.29 53.48
N LYS B 400 9.54 5.58 54.48
CA LYS B 400 10.03 6.32 55.64
C LYS B 400 11.07 5.53 56.40
N ASP B 401 10.89 4.21 56.52
CA ASP B 401 11.91 3.38 57.15
C ASP B 401 13.21 3.40 56.34
N MET B 402 13.10 3.40 55.01
CA MET B 402 14.31 3.39 54.17
C MET B 402 15.17 4.64 54.32
N GLU B 403 14.58 5.78 54.73
CA GLU B 403 15.31 7.04 54.75
C GLU B 403 15.75 7.47 56.15
N ASP B 404 15.69 6.60 57.14
CA ASP B 404 16.11 6.91 58.51
C ASP B 404 17.08 5.85 59.00
N GLU B 405 18.09 5.57 58.17
CA GLU B 405 19.06 4.53 58.45
C GLU B 405 19.78 4.77 59.77
N LYS B 406 20.07 3.67 60.48
CA LYS B 406 20.69 3.68 61.80
C LYS B 406 22.05 2.97 61.72
N LEU B 407 22.67 2.80 62.88
CA LEU B 407 23.95 2.11 62.98
C LEU B 407 23.74 0.69 63.50
N LEU B 408 24.68 -0.20 63.17
CA LEU B 408 24.55 -1.61 63.52
C LEU B 408 24.73 -1.83 65.01
N GLY B 409 23.74 -2.48 65.62
CA GLY B 409 23.86 -3.01 66.96
C GLY B 409 23.80 -2.01 68.09
N VAL B 410 23.33 -0.79 67.84
CA VAL B 410 23.26 0.23 68.88
C VAL B 410 21.88 0.86 68.89
N ARG B 411 21.31 1.02 70.08
CA ARG B 411 20.05 1.70 70.28
C ARG B 411 20.32 3.04 70.96
N GLU B 412 19.68 4.10 70.48
CA GLU B 412 19.90 5.44 71.03
C GLU B 412 18.76 5.77 71.99
N ARG B 413 19.15 6.01 73.25
CA ARG B 413 18.21 6.43 74.27
C ARG B 413 18.84 7.50 75.15
N ALA B 422 14.62 7.39 77.68
CA ALA B 422 13.37 7.31 76.96
C ALA B 422 13.59 7.31 75.45
N PHE B 423 12.93 6.40 74.75
CA PHE B 423 13.06 6.27 73.30
C PHE B 423 11.73 6.55 72.62
N LYS B 424 11.81 7.18 71.44
CA LYS B 424 10.60 7.55 70.70
C LYS B 424 10.03 6.33 69.97
N LYS B 425 8.70 6.26 69.92
CA LYS B 425 8.01 5.26 69.13
C LYS B 425 7.45 5.89 67.86
N GLN B 426 7.29 5.07 66.83
CA GLN B 426 6.82 5.53 65.54
C GLN B 426 5.38 5.07 65.28
N LYS B 427 4.81 5.58 64.19
CA LYS B 427 3.45 5.24 63.83
C LYS B 427 3.38 3.90 63.10
N THR B 428 2.33 3.13 63.38
CA THR B 428 2.04 1.90 62.66
C THR B 428 0.54 1.87 62.37
N HIS B 429 0.18 1.98 61.10
CA HIS B 429 -1.22 1.99 60.69
C HIS B 429 -1.61 0.78 59.84
N THR B 430 -0.65 -0.05 59.45
CA THR B 430 -0.94 -1.21 58.62
C THR B 430 -0.07 -2.38 59.03
N VAL B 431 -0.69 -3.56 59.13
CA VAL B 431 0.00 -4.82 59.30
C VAL B 431 -0.34 -5.67 58.09
N TYR B 432 0.68 -6.13 57.38
CA TYR B 432 0.52 -6.86 56.13
C TYR B 432 1.38 -8.12 56.19
N LYS B 433 0.73 -9.28 56.19
CA LYS B 433 1.41 -10.57 56.18
C LYS B 433 1.26 -11.17 54.79
N ARG B 434 2.36 -11.18 54.04
CA ARG B 434 2.39 -11.70 52.69
C ARG B 434 2.39 -13.23 52.70
N PRO B 435 2.00 -13.86 51.59
CA PRO B 435 2.02 -15.33 51.55
C PRO B 435 3.43 -15.88 51.70
N ASP B 436 3.51 -17.10 52.24
CA ASP B 436 4.76 -17.78 52.58
C ASP B 436 5.46 -17.13 53.76
N THR B 437 4.70 -16.53 54.67
CA THR B 437 5.23 -15.97 55.90
C THR B 437 4.51 -16.61 57.08
N GLN B 438 4.96 -16.27 58.29
CA GLN B 438 4.43 -16.86 59.51
C GLN B 438 4.30 -15.80 60.59
N SER B 439 3.21 -15.89 61.34
CA SER B 439 2.98 -15.08 62.53
C SER B 439 3.26 -15.91 63.77
N ILE B 440 3.78 -15.27 64.81
CA ILE B 440 4.14 -15.95 66.05
C ILE B 440 3.66 -15.12 67.24
N GLN B 441 2.95 -15.75 68.16
CA GLN B 441 2.41 -15.06 69.33
C GLN B 441 2.74 -15.84 70.60
N LYS B 442 2.84 -15.10 71.71
CA LYS B 442 3.09 -15.68 73.03
C LYS B 442 1.77 -15.97 73.73
N VAL B 443 1.61 -17.22 74.18
CA VAL B 443 0.37 -17.63 74.85
C VAL B 443 0.71 -18.44 76.10
N GLN B 444 -0.32 -18.91 76.80
CA GLN B 444 -0.15 -19.71 78.00
C GLN B 444 0.13 -21.17 77.65
N ALA B 445 0.99 -21.81 78.43
CA ALA B 445 1.34 -23.20 78.21
C ALA B 445 1.24 -24.08 79.45
N GLU B 446 1.12 -23.50 80.64
CA GLU B 446 1.03 -24.26 81.88
C GLU B 446 -0.40 -24.16 82.40
N PHE B 447 -1.15 -25.26 82.32
CA PHE B 447 -2.55 -25.31 82.73
C PHE B 447 -2.67 -26.24 83.93
N ASP B 448 -3.30 -25.74 85.00
CA ASP B 448 -3.48 -26.53 86.21
C ASP B 448 -4.94 -26.55 86.65
N ASP C 2 -43.59 -32.46 33.93
CA ASP C 2 -42.40 -32.07 34.69
C ASP C 2 -42.10 -30.57 34.64
N PRO C 3 -42.06 -29.96 33.45
CA PRO C 3 -41.78 -28.50 33.40
C PRO C 3 -42.94 -27.71 34.02
N VAL C 4 -42.59 -26.58 34.64
CA VAL C 4 -43.58 -25.69 35.23
C VAL C 4 -43.80 -24.52 34.28
N TYR C 5 -45.06 -24.27 33.93
CA TYR C 5 -45.42 -23.23 32.99
C TYR C 5 -45.83 -21.97 33.75
N VAL C 6 -45.24 -20.83 33.38
CA VAL C 6 -45.54 -19.55 34.01
C VAL C 6 -45.95 -18.56 32.92
N ASP C 7 -46.79 -17.60 33.30
CA ASP C 7 -47.36 -16.64 32.36
C ASP C 7 -46.41 -15.46 32.20
N ILE C 8 -45.32 -15.68 31.45
CA ILE C 8 -44.36 -14.63 31.14
C ILE C 8 -44.01 -14.74 29.66
N ASP C 9 -43.53 -13.63 29.10
CA ASP C 9 -43.11 -13.62 27.71
C ASP C 9 -41.82 -14.43 27.54
N ALA C 10 -41.60 -14.90 26.31
CA ALA C 10 -40.46 -15.78 26.05
C ALA C 10 -39.13 -15.09 26.34
N ASP C 11 -38.97 -13.87 25.85
CA ASP C 11 -37.72 -13.12 26.04
C ASP C 11 -37.86 -12.13 27.20
N SER C 12 -37.90 -12.69 28.41
CA SER C 12 -37.98 -11.91 29.64
C SER C 12 -36.74 -12.17 30.49
N ALA C 13 -36.13 -11.11 31.00
CA ALA C 13 -34.91 -11.23 31.79
C ALA C 13 -35.16 -11.74 33.20
N PHE C 14 -36.39 -11.67 33.70
CA PHE C 14 -36.73 -12.20 35.02
C PHE C 14 -36.67 -13.72 35.07
N LEU C 15 -36.65 -14.39 33.92
CA LEU C 15 -36.60 -15.84 33.86
C LEU C 15 -35.33 -16.39 34.49
N LYS C 16 -34.18 -15.81 34.15
CA LYS C 16 -32.92 -16.28 34.71
C LYS C 16 -32.84 -16.02 36.21
N ALA C 17 -33.41 -14.90 36.67
CA ALA C 17 -33.52 -14.67 38.10
C ALA C 17 -34.39 -15.73 38.75
N LEU C 18 -35.46 -16.16 38.07
CA LEU C 18 -36.30 -17.23 38.59
C LEU C 18 -35.50 -18.52 38.75
N GLN C 19 -34.69 -18.86 37.75
CA GLN C 19 -33.83 -20.05 37.90
C GLN C 19 -32.84 -19.88 39.05
N ARG C 20 -32.21 -18.71 39.17
CA ARG C 20 -31.25 -18.51 40.24
C ARG C 20 -31.92 -18.62 41.60
N ALA C 21 -33.20 -18.26 41.68
CA ALA C 21 -33.93 -18.34 42.94
C ALA C 21 -34.50 -19.71 43.22
N TYR C 22 -34.79 -20.50 42.18
CA TYR C 22 -35.40 -21.83 42.34
C TYR C 22 -34.61 -22.84 41.51
N PRO C 23 -33.41 -23.22 41.99
CA PRO C 23 -32.61 -24.20 41.24
C PRO C 23 -33.00 -25.63 41.55
N MET C 24 -34.31 -25.91 41.57
CA MET C 24 -34.83 -27.26 41.70
C MET C 24 -36.05 -27.47 40.81
N PHE C 25 -36.33 -26.53 39.92
CA PHE C 25 -37.42 -26.65 38.97
C PHE C 25 -36.95 -26.11 37.63
N GLU C 26 -37.48 -26.69 36.56
CA GLU C 26 -37.22 -26.19 35.21
C GLU C 26 -38.45 -25.43 34.72
N VAL C 27 -38.19 -24.23 34.17
CA VAL C 27 -39.24 -23.25 33.92
C VAL C 27 -39.37 -23.04 32.42
N GLU C 28 -40.61 -23.04 31.93
CA GLU C 28 -40.93 -22.80 30.54
C GLU C 28 -41.98 -21.71 30.44
N PRO C 29 -41.73 -20.66 29.65
CA PRO C 29 -42.68 -19.55 29.55
C PRO C 29 -43.84 -19.86 28.62
N ARG C 30 -45.05 -19.52 29.08
CA ARG C 30 -46.28 -19.77 28.31
C ARG C 30 -47.22 -18.58 28.55
N GLN C 31 -47.19 -17.63 27.61
CA GLN C 31 -47.99 -16.43 27.75
C GLN C 31 -49.44 -16.68 27.35
N VAL C 32 -50.36 -16.18 28.17
CA VAL C 32 -51.80 -16.29 27.87
C VAL C 32 -52.43 -14.91 27.85
N THR C 33 -52.38 -14.20 28.97
CA THR C 33 -53.02 -12.91 29.10
C THR C 33 -51.99 -11.79 29.24
N PRO C 34 -52.33 -10.56 28.82
CA PRO C 34 -51.40 -9.44 28.93
C PRO C 34 -51.49 -8.74 30.30
N ASN C 35 -51.19 -9.48 31.36
CA ASN C 35 -51.21 -8.90 32.69
C ASN C 35 -50.02 -7.98 32.89
N ASP C 36 -50.28 -6.78 33.39
CA ASP C 36 -49.23 -5.77 33.56
C ASP C 36 -48.45 -5.93 34.86
N HIS C 37 -48.83 -6.88 35.72
CA HIS C 37 -48.09 -7.16 36.95
C HIS C 37 -47.92 -8.67 37.10
N ALA C 38 -47.53 -9.32 36.01
CA ALA C 38 -47.51 -10.77 35.92
C ALA C 38 -46.27 -11.42 36.52
N ASN C 39 -45.27 -10.64 36.93
CA ASN C 39 -44.05 -11.23 37.48
C ASN C 39 -44.28 -11.77 38.89
N ALA C 40 -45.17 -11.15 39.66
CA ALA C 40 -45.47 -11.61 41.01
C ALA C 40 -46.09 -13.01 41.03
N ARG C 41 -46.97 -13.30 40.09
CA ARG C 41 -47.65 -14.58 40.03
C ARG C 41 -46.70 -15.74 39.79
N ALA C 42 -45.68 -15.55 38.95
CA ALA C 42 -44.70 -16.60 38.71
C ALA C 42 -43.88 -16.93 39.96
N PHE C 43 -43.64 -15.95 40.83
CA PHE C 43 -42.91 -16.22 42.07
C PHE C 43 -43.81 -16.89 43.09
N SER C 44 -45.01 -16.33 43.30
CA SER C 44 -45.96 -16.94 44.23
C SER C 44 -46.44 -18.31 43.76
N HIS C 45 -46.26 -18.63 42.48
CA HIS C 45 -46.61 -19.92 41.90
C HIS C 45 -45.59 -20.98 42.27
N LEU C 46 -44.30 -20.67 42.11
CA LEU C 46 -43.23 -21.59 42.50
C LEU C 46 -43.08 -21.71 44.01
N ALA C 47 -43.45 -20.66 44.77
CA ALA C 47 -43.32 -20.72 46.21
C ALA C 47 -44.18 -21.85 46.79
N ILE C 48 -45.42 -21.97 46.32
CA ILE C 48 -46.31 -23.01 46.83
C ILE C 48 -45.81 -24.39 46.45
N LYS C 49 -45.28 -24.53 45.24
CA LYS C 49 -44.67 -25.80 44.83
C LYS C 49 -43.52 -26.18 45.76
N LEU C 50 -42.65 -25.23 46.08
CA LEU C 50 -41.54 -25.51 46.99
C LEU C 50 -42.05 -25.91 48.36
N ILE C 51 -43.04 -25.17 48.87
CA ILE C 51 -43.58 -25.46 50.21
C ILE C 51 -44.15 -26.87 50.26
N GLU C 52 -44.93 -27.24 49.24
CA GLU C 52 -45.55 -28.56 49.22
C GLU C 52 -44.50 -29.66 49.01
N GLN C 53 -43.50 -29.41 48.19
CA GLN C 53 -42.43 -30.37 47.93
C GLN C 53 -41.49 -30.53 49.12
N GLU C 54 -41.49 -29.60 50.07
CA GLU C 54 -40.71 -29.77 51.29
C GLU C 54 -41.53 -30.02 52.54
N ILE C 55 -42.83 -30.31 52.42
CA ILE C 55 -43.69 -30.59 53.58
C ILE C 55 -44.05 -32.07 53.56
N ASP C 56 -44.24 -32.63 54.75
CA ASP C 56 -44.56 -34.06 54.87
C ASP C 56 -45.94 -34.34 54.29
N PRO C 57 -46.12 -35.47 53.61
CA PRO C 57 -47.45 -35.81 53.08
C PRO C 57 -48.43 -36.16 54.19
N ASP C 58 -49.71 -36.08 53.85
CA ASP C 58 -50.81 -36.41 54.76
C ASP C 58 -50.78 -35.51 56.01
N SER C 59 -50.83 -34.20 55.75
CA SER C 59 -50.89 -33.20 56.81
C SER C 59 -51.99 -32.20 56.48
N THR C 60 -52.68 -31.75 57.52
CA THR C 60 -53.73 -30.75 57.37
C THR C 60 -53.11 -29.36 57.41
N ILE C 61 -53.53 -28.49 56.50
CA ILE C 61 -52.91 -27.20 56.29
C ILE C 61 -53.98 -26.11 56.42
N LEU C 62 -53.75 -25.18 57.33
CA LEU C 62 -54.60 -24.00 57.41
C LEU C 62 -54.21 -22.99 56.33
N ASP C 63 -55.15 -22.10 56.02
CA ASP C 63 -54.95 -21.07 55.01
C ASP C 63 -55.63 -19.79 55.48
N ILE C 64 -54.83 -18.79 55.84
CA ILE C 64 -55.37 -17.54 56.36
C ILE C 64 -55.64 -16.59 55.19
N GLY C 65 -56.86 -16.08 55.13
CA GLY C 65 -57.26 -15.18 54.05
C GLY C 65 -57.04 -15.78 52.68
N SER C 66 -57.70 -16.90 52.40
CA SER C 66 -57.44 -17.67 51.20
C SER C 66 -58.43 -17.35 50.09
N ALA C 67 -58.07 -17.78 48.88
CA ALA C 67 -58.97 -17.82 47.74
C ALA C 67 -59.18 -19.29 47.38
N PRO C 68 -60.33 -19.87 47.71
CA PRO C 68 -60.48 -21.33 47.60
C PRO C 68 -60.34 -21.87 46.18
N ALA C 69 -60.52 -21.03 45.16
CA ALA C 69 -60.34 -21.50 43.79
C ALA C 69 -58.90 -21.92 43.50
N ARG C 70 -57.93 -21.34 44.20
CA ARG C 70 -56.53 -21.72 43.99
C ARG C 70 -56.22 -23.10 44.54
N ARG C 71 -56.86 -23.49 45.65
CA ARG C 71 -56.60 -24.76 46.32
C ARG C 71 -57.69 -25.77 46.06
N MET C 72 -58.26 -25.80 44.85
CA MET C 72 -59.31 -26.75 44.51
C MET C 72 -58.80 -27.98 43.78
N MET C 73 -57.94 -27.78 42.77
CA MET C 73 -57.43 -28.88 41.96
C MET C 73 -56.13 -29.47 42.51
N SER C 74 -55.86 -29.28 43.81
CA SER C 74 -54.64 -29.82 44.40
C SER C 74 -54.89 -31.22 44.97
N ASP C 75 -53.91 -31.77 45.68
CA ASP C 75 -54.08 -33.10 46.25
C ASP C 75 -53.77 -33.15 47.75
N ARG C 76 -53.70 -32.02 48.44
CA ARG C 76 -53.43 -31.98 49.86
C ARG C 76 -54.62 -31.37 50.59
N LYS C 77 -54.80 -31.78 51.85
CA LYS C 77 -55.97 -31.41 52.64
C LYS C 77 -55.78 -30.02 53.21
N TYR C 78 -56.36 -29.02 52.54
CA TYR C 78 -56.36 -27.66 53.04
C TYR C 78 -57.59 -27.39 53.90
N HIS C 79 -57.52 -26.30 54.65
CA HIS C 79 -58.68 -25.77 55.37
C HIS C 79 -58.64 -24.25 55.21
N CYS C 80 -59.60 -23.71 54.48
CA CYS C 80 -59.57 -22.31 54.05
C CYS C 80 -60.36 -21.47 55.03
N VAL C 81 -59.69 -20.47 55.62
CA VAL C 81 -60.34 -19.48 56.46
C VAL C 81 -60.67 -18.27 55.59
N CYS C 82 -61.95 -18.06 55.33
CA CYS C 82 -62.40 -17.06 54.35
C CYS C 82 -63.43 -16.13 54.98
N PRO C 83 -62.97 -15.16 55.77
CA PRO C 83 -63.89 -14.13 56.25
C PRO C 83 -64.22 -13.14 55.15
N MET C 84 -65.31 -12.40 55.36
CA MET C 84 -65.78 -11.39 54.41
C MET C 84 -65.50 -10.01 55.02
N ARG C 85 -64.31 -9.49 54.76
CA ARG C 85 -63.90 -8.19 55.26
C ARG C 85 -63.49 -7.21 54.16
N SER C 86 -63.30 -7.67 52.93
CA SER C 86 -62.93 -6.82 51.82
C SER C 86 -63.99 -6.89 50.73
N ALA C 87 -64.01 -5.85 49.89
CA ALA C 87 -65.03 -5.73 48.85
C ALA C 87 -64.87 -6.77 47.75
N GLU C 88 -63.74 -7.47 47.69
CA GLU C 88 -63.47 -8.42 46.61
C GLU C 88 -63.73 -9.87 47.02
N ASP C 89 -64.29 -10.10 48.21
CA ASP C 89 -64.55 -11.45 48.71
C ASP C 89 -65.80 -12.10 48.10
N PRO C 90 -66.92 -11.39 47.95
CA PRO C 90 -68.11 -12.03 47.34
C PRO C 90 -67.85 -12.60 45.95
N GLU C 91 -67.07 -11.90 45.12
CA GLU C 91 -66.70 -12.42 43.82
C GLU C 91 -65.85 -13.68 43.92
N ARG C 92 -64.93 -13.73 44.89
CA ARG C 92 -64.16 -14.95 45.13
C ARG C 92 -65.06 -16.11 45.51
N LEU C 93 -66.02 -15.88 46.42
CA LEU C 93 -66.94 -16.95 46.81
C LEU C 93 -67.81 -17.41 45.64
N ALA C 94 -68.32 -16.47 44.84
CA ALA C 94 -69.09 -16.83 43.65
C ALA C 94 -68.27 -17.61 42.64
N ASN C 95 -67.01 -17.22 42.42
CA ASN C 95 -66.11 -17.98 41.56
C ASN C 95 -65.85 -19.38 42.07
N TYR C 96 -65.64 -19.54 43.38
CA TYR C 96 -65.51 -20.86 43.96
C TYR C 96 -66.76 -21.69 43.74
N ALA C 97 -67.93 -21.08 43.91
CA ALA C 97 -69.19 -21.78 43.68
C ALA C 97 -69.31 -22.24 42.23
N ARG C 98 -68.93 -21.38 41.29
CA ARG C 98 -69.07 -21.74 39.88
C ARG C 98 -68.09 -22.86 39.50
N LYS C 99 -66.84 -22.78 39.94
CA LYS C 99 -65.91 -23.87 39.66
C LYS C 99 -66.23 -25.14 40.43
N LEU C 100 -66.96 -25.06 41.53
CA LEU C 100 -67.43 -26.28 42.17
C LEU C 100 -68.59 -26.89 41.41
N ALA C 101 -69.49 -26.06 40.88
CA ALA C 101 -70.64 -26.56 40.15
C ALA C 101 -70.28 -27.06 38.75
N SER C 102 -69.19 -26.55 38.17
CA SER C 102 -68.81 -26.91 36.81
C SER C 102 -68.04 -28.21 36.74
N ALA C 103 -67.75 -28.85 37.87
CA ALA C 103 -67.04 -30.12 37.91
C ALA C 103 -67.73 -31.11 38.85
N ALA C 104 -69.07 -31.21 38.75
CA ALA C 104 -69.84 -32.07 39.64
C ALA C 104 -69.46 -33.53 39.49
N GLY C 105 -69.31 -33.99 38.25
CA GLY C 105 -68.97 -35.38 38.00
C GLY C 105 -67.93 -35.58 36.93
N LYS C 106 -67.52 -34.48 36.28
CA LYS C 106 -66.48 -34.56 35.27
C LYS C 106 -65.14 -34.96 35.87
N VAL C 107 -64.83 -34.39 37.03
CA VAL C 107 -63.61 -34.72 37.77
C VAL C 107 -64.00 -35.44 39.05
N LEU C 108 -63.34 -36.57 39.32
CA LEU C 108 -63.65 -37.36 40.50
C LEU C 108 -62.39 -37.72 41.27
N ASP C 109 -61.23 -37.36 40.72
CA ASP C 109 -59.96 -37.62 41.41
C ASP C 109 -59.83 -36.73 42.64
N ARG C 110 -60.60 -35.64 42.66
CA ARG C 110 -60.56 -34.69 43.77
C ARG C 110 -61.58 -35.05 44.84
N ASN C 111 -61.80 -34.15 45.79
CA ASN C 111 -62.80 -34.30 46.84
C ASN C 111 -63.95 -33.33 46.58
N ILE C 112 -64.37 -33.24 45.32
CA ILE C 112 -65.32 -32.22 44.90
C ILE C 112 -66.66 -32.40 45.61
N SER C 113 -67.12 -33.66 45.71
CA SER C 113 -68.41 -33.91 46.37
C SER C 113 -68.38 -33.48 47.82
N GLY C 114 -67.30 -33.81 48.53
CA GLY C 114 -67.17 -33.39 49.91
C GLY C 114 -67.11 -31.88 50.06
N LYS C 115 -66.38 -31.22 49.16
CA LYS C 115 -66.29 -29.76 49.20
C LYS C 115 -67.65 -29.11 48.97
N ILE C 116 -68.41 -29.64 48.00
CA ILE C 116 -69.73 -29.10 47.72
C ILE C 116 -70.65 -29.29 48.92
N GLY C 117 -70.62 -30.49 49.51
CA GLY C 117 -71.44 -30.73 50.69
C GLY C 117 -71.06 -29.82 51.84
N ASP C 118 -69.77 -29.60 52.05
CA ASP C 118 -69.32 -28.72 53.13
C ASP C 118 -69.75 -27.28 52.87
N LEU C 119 -69.64 -26.82 51.63
CA LEU C 119 -70.07 -25.47 51.30
C LEU C 119 -71.56 -25.30 51.52
N GLN C 120 -72.36 -26.29 51.12
CA GLN C 120 -73.80 -26.23 51.38
C GLN C 120 -74.10 -26.23 52.87
N ALA C 121 -73.36 -27.02 53.66
CA ALA C 121 -73.57 -27.04 55.11
C ALA C 121 -73.26 -25.68 55.73
N VAL C 122 -72.17 -25.04 55.30
CA VAL C 122 -71.84 -23.71 55.81
C VAL C 122 -72.91 -22.71 55.39
N MET C 123 -73.42 -22.84 54.16
CA MET C 123 -74.48 -21.96 53.70
C MET C 123 -75.73 -22.11 54.54
N ALA C 124 -76.02 -23.33 55.00
CA ALA C 124 -77.19 -23.58 55.82
C ALA C 124 -77.04 -22.93 57.19
N VAL C 125 -76.07 -23.38 57.98
CA VAL C 125 -75.79 -22.83 59.29
C VAL C 125 -74.46 -22.09 59.22
N PRO C 126 -74.44 -20.76 59.36
CA PRO C 126 -73.18 -19.99 59.22
C PRO C 126 -72.36 -19.86 60.50
N ASP C 127 -72.22 -20.96 61.22
CA ASP C 127 -71.33 -21.02 62.39
C ASP C 127 -70.62 -22.37 62.47
N THR C 128 -70.86 -23.24 61.49
CA THR C 128 -70.29 -24.57 61.52
C THR C 128 -68.79 -24.51 61.19
N GLU C 129 -68.08 -25.55 61.60
CA GLU C 129 -66.66 -25.70 61.32
C GLU C 129 -66.46 -26.98 60.54
N THR C 130 -66.43 -26.87 59.22
CA THR C 130 -66.25 -28.00 58.31
C THR C 130 -64.78 -28.25 58.05
N PRO C 131 -64.42 -29.45 57.59
CA PRO C 131 -63.01 -29.76 57.34
C PRO C 131 -62.30 -28.81 56.39
N THR C 132 -63.02 -28.24 55.42
CA THR C 132 -62.37 -27.50 54.34
C THR C 132 -62.84 -26.05 54.22
N PHE C 133 -63.70 -25.56 55.11
CA PHE C 133 -64.22 -24.21 54.91
C PHE C 133 -64.83 -23.70 56.21
N CYS C 134 -64.77 -22.38 56.38
CA CYS C 134 -65.37 -21.71 57.54
C CYS C 134 -65.50 -20.22 57.22
N LEU C 135 -66.20 -19.51 58.10
CA LEU C 135 -66.44 -18.08 57.95
C LEU C 135 -66.00 -17.34 59.21
N HIS C 136 -64.79 -17.64 59.69
CA HIS C 136 -64.28 -17.08 60.93
C HIS C 136 -63.03 -16.26 60.67
N THR C 137 -62.59 -15.56 61.70
CA THR C 137 -61.35 -14.78 61.66
C THR C 137 -60.19 -15.73 61.97
N ASP C 138 -58.94 -15.25 61.85
CA ASP C 138 -57.78 -16.08 62.16
C ASP C 138 -57.64 -16.39 63.63
N VAL C 139 -58.12 -15.50 64.52
CA VAL C 139 -58.06 -15.74 65.96
C VAL C 139 -59.33 -16.36 66.51
N SER C 140 -60.26 -16.76 65.66
CA SER C 140 -61.51 -17.37 66.11
C SER C 140 -61.78 -18.74 65.54
N CYS C 141 -61.12 -19.13 64.44
CA CYS C 141 -61.25 -20.49 63.93
C CYS C 141 -60.70 -21.48 64.94
N ARG C 142 -61.45 -22.55 65.20
CA ARG C 142 -61.07 -23.56 66.17
C ARG C 142 -60.63 -24.87 65.53
N GLN C 143 -60.40 -24.88 64.21
CA GLN C 143 -59.94 -26.09 63.54
C GLN C 143 -58.47 -26.33 63.85
N ARG C 144 -58.18 -27.39 64.59
CA ARG C 144 -56.81 -27.72 64.96
C ARG C 144 -56.05 -28.27 63.76
N ALA C 145 -54.77 -27.90 63.65
CA ALA C 145 -53.92 -28.34 62.55
C ALA C 145 -52.48 -28.30 63.02
N ASP C 146 -51.54 -28.46 62.07
CA ASP C 146 -50.12 -28.43 62.38
C ASP C 146 -49.31 -27.54 61.46
N VAL C 147 -49.88 -27.03 60.37
CA VAL C 147 -49.18 -26.18 59.42
C VAL C 147 -50.10 -25.01 59.05
N ALA C 148 -49.50 -23.82 58.96
CA ALA C 148 -50.22 -22.62 58.57
C ALA C 148 -49.44 -21.92 57.47
N ILE C 149 -50.16 -21.27 56.55
CA ILE C 149 -49.56 -20.58 55.42
C ILE C 149 -50.17 -19.19 55.30
N TYR C 150 -49.31 -18.21 55.06
CA TYR C 150 -49.74 -16.83 54.82
C TYR C 150 -49.29 -16.43 53.42
N GLN C 151 -50.22 -15.89 52.63
CA GLN C 151 -49.92 -15.42 51.28
C GLN C 151 -50.46 -14.00 51.11
N ASP C 152 -49.55 -13.04 50.94
CA ASP C 152 -49.90 -11.63 50.73
C ASP C 152 -50.83 -11.12 51.82
N VAL C 153 -50.54 -11.49 53.06
CA VAL C 153 -51.32 -11.07 54.23
C VAL C 153 -50.55 -9.99 54.95
N TYR C 154 -51.12 -8.79 55.03
CA TYR C 154 -50.45 -7.63 55.59
C TYR C 154 -51.20 -6.94 56.71
N ALA C 155 -52.47 -7.30 56.96
CA ALA C 155 -53.32 -6.57 57.88
C ALA C 155 -53.44 -7.23 59.26
N VAL C 156 -52.64 -8.26 59.53
CA VAL C 156 -52.69 -8.93 60.83
C VAL C 156 -51.44 -8.58 61.62
N HIS C 157 -51.57 -8.58 62.95
CA HIS C 157 -50.44 -8.36 63.85
C HIS C 157 -49.78 -9.70 64.11
N ALA C 158 -48.51 -9.82 63.75
CA ALA C 158 -47.83 -11.11 63.72
C ALA C 158 -47.77 -11.82 65.06
N PRO C 159 -47.39 -11.17 66.17
CA PRO C 159 -47.31 -11.93 67.44
C PRO C 159 -48.62 -12.55 67.88
N THR C 160 -49.72 -11.79 67.83
CA THR C 160 -51.01 -12.32 68.25
C THR C 160 -51.48 -13.43 67.33
N SER C 161 -51.31 -13.24 66.02
CA SER C 161 -51.71 -14.27 65.06
C SER C 161 -50.92 -15.57 65.27
N LEU C 162 -49.61 -15.45 65.51
CA LEU C 162 -48.80 -16.65 65.74
C LEU C 162 -49.14 -17.31 67.07
N TYR C 163 -49.44 -16.52 68.11
CA TYR C 163 -49.81 -17.09 69.39
C TYR C 163 -51.13 -17.84 69.31
N HIS C 164 -52.11 -17.29 68.58
CA HIS C 164 -53.39 -17.97 68.43
C HIS C 164 -53.31 -19.18 67.49
N GLN C 165 -52.21 -19.35 66.77
CA GLN C 165 -51.98 -20.55 65.98
C GLN C 165 -51.17 -21.60 66.75
N ALA C 166 -50.30 -21.17 67.66
CA ALA C 166 -49.42 -22.10 68.36
C ALA C 166 -50.20 -22.96 69.36
N ILE C 167 -51.29 -22.44 69.92
CA ILE C 167 -52.03 -23.15 70.96
C ILE C 167 -52.98 -24.15 70.32
N LYS C 168 -52.89 -24.30 68.99
CA LYS C 168 -53.76 -25.24 68.30
C LYS C 168 -53.00 -26.40 67.67
N GLY C 169 -51.75 -26.66 68.07
CA GLY C 169 -51.00 -27.77 67.52
C GLY C 169 -50.16 -27.44 66.30
N VAL C 170 -50.05 -26.16 65.93
CA VAL C 170 -49.28 -25.76 64.77
C VAL C 170 -47.82 -25.57 65.19
N ARG C 171 -46.91 -26.24 64.48
CA ARG C 171 -45.49 -26.18 64.78
C ARG C 171 -44.65 -25.61 63.66
N LEU C 172 -45.27 -25.14 62.57
CA LEU C 172 -44.53 -24.66 61.41
C LEU C 172 -45.41 -23.72 60.62
N ALA C 173 -44.87 -22.58 60.21
CA ALA C 173 -45.64 -21.58 59.48
C ALA C 173 -44.77 -20.97 58.39
N TYR C 174 -45.41 -20.51 57.32
CA TYR C 174 -44.74 -19.88 56.20
C TYR C 174 -45.38 -18.53 55.90
N TRP C 175 -44.55 -17.61 55.39
CA TRP C 175 -45.01 -16.27 55.04
C TRP C 175 -44.32 -15.82 53.76
N VAL C 176 -45.10 -15.51 52.73
CA VAL C 176 -44.58 -15.07 51.44
C VAL C 176 -45.06 -13.66 51.18
N GLY C 177 -44.14 -12.76 50.84
CA GLY C 177 -44.57 -11.39 50.60
C GLY C 177 -43.43 -10.48 50.21
N PHE C 178 -43.68 -9.18 50.35
CA PHE C 178 -42.70 -8.14 50.07
C PHE C 178 -41.68 -8.03 51.21
N ASP C 179 -40.49 -7.56 50.85
CA ASP C 179 -39.46 -7.30 51.85
C ASP C 179 -39.87 -6.16 52.76
N THR C 180 -39.65 -6.35 54.06
CA THR C 180 -40.02 -5.39 55.09
C THR C 180 -38.90 -4.38 55.35
N THR C 181 -37.73 -4.58 54.74
CA THR C 181 -36.56 -3.75 55.03
C THR C 181 -36.79 -2.26 54.78
N PRO C 182 -37.42 -1.82 53.68
CA PRO C 182 -37.56 -0.36 53.46
C PRO C 182 -38.34 0.36 54.55
N PHE C 183 -39.22 -0.33 55.27
CA PHE C 183 -39.98 0.31 56.35
C PHE C 183 -39.25 0.29 57.69
N MET C 184 -38.21 -0.52 57.82
CA MET C 184 -37.36 -0.44 59.01
C MET C 184 -36.46 0.78 58.95
N TYR C 185 -36.10 1.24 57.76
CA TYR C 185 -35.34 2.47 57.58
C TYR C 185 -36.21 3.72 57.60
N ASN C 186 -37.54 3.55 57.61
CA ASN C 186 -38.49 4.65 57.73
C ASN C 186 -38.36 5.64 56.56
N ALA C 187 -38.48 5.10 55.35
CA ALA C 187 -38.45 5.92 54.16
C ALA C 187 -39.82 6.53 53.88
N MET C 188 -39.83 7.52 52.99
CA MET C 188 -41.06 8.24 52.66
C MET C 188 -41.79 7.65 51.45
N ALA C 189 -41.04 7.15 50.47
CA ALA C 189 -41.63 6.54 49.28
C ALA C 189 -40.63 5.57 48.68
N GLY C 190 -41.10 4.69 47.80
CA GLY C 190 -40.19 3.72 47.24
C GLY C 190 -40.80 2.92 46.11
N ALA C 191 -39.98 2.05 45.53
CA ALA C 191 -40.34 1.26 44.37
C ALA C 191 -39.80 -0.16 44.49
N TYR C 192 -40.46 -1.08 43.79
CA TYR C 192 -40.00 -2.46 43.59
C TYR C 192 -39.96 -2.67 42.08
N PRO C 193 -38.94 -2.13 41.39
CA PRO C 193 -39.03 -1.97 39.93
C PRO C 193 -39.12 -3.27 39.15
N SER C 194 -38.75 -4.41 39.74
CA SER C 194 -38.84 -5.68 39.02
C SER C 194 -40.25 -6.25 39.01
N TYR C 195 -41.17 -5.70 39.81
CA TYR C 195 -42.55 -6.19 39.85
C TYR C 195 -43.56 -5.11 39.50
N SER C 196 -43.08 -3.97 38.97
CA SER C 196 -43.96 -2.87 38.56
C SER C 196 -44.83 -2.39 39.73
N THR C 197 -44.18 -2.11 40.85
CA THR C 197 -44.86 -1.72 42.08
C THR C 197 -44.24 -0.43 42.61
N ASN C 198 -45.09 0.51 42.99
CA ASN C 198 -44.64 1.75 43.62
C ASN C 198 -45.48 2.03 44.86
N TRP C 199 -44.84 2.51 45.92
CA TRP C 199 -45.55 2.82 47.14
C TRP C 199 -45.14 4.21 47.63
N ALA C 200 -46.09 4.88 48.29
CA ALA C 200 -45.83 6.24 48.75
C ALA C 200 -46.65 6.55 49.98
N ASP C 201 -46.15 7.50 50.77
CA ASP C 201 -46.88 8.03 51.91
C ASP C 201 -47.94 9.02 51.43
N GLU C 202 -48.99 9.18 52.23
CA GLU C 202 -50.14 9.98 51.80
C GLU C 202 -49.81 11.46 51.63
N GLN C 203 -48.86 11.99 52.41
CA GLN C 203 -48.56 13.42 52.39
C GLN C 203 -47.77 13.86 51.16
N VAL C 204 -47.30 12.93 50.32
CA VAL C 204 -46.52 13.28 49.14
C VAL C 204 -47.20 12.80 47.85
N LEU C 205 -48.52 12.58 47.88
CA LEU C 205 -49.20 12.09 46.69
C LEU C 205 -49.30 13.16 45.61
N LYS C 206 -49.12 14.43 45.96
CA LYS C 206 -49.11 15.51 44.98
C LYS C 206 -47.71 15.98 44.63
N ALA C 207 -46.74 15.07 44.61
CA ALA C 207 -45.38 15.41 44.20
C ALA C 207 -45.32 15.44 42.68
N LYS C 208 -44.12 15.52 42.12
CA LYS C 208 -43.94 15.69 40.68
C LYS C 208 -43.18 14.55 40.01
N ASN C 209 -42.06 14.10 40.58
CA ASN C 209 -41.16 13.18 39.87
C ASN C 209 -40.97 11.86 40.58
N ILE C 210 -41.76 11.55 41.60
CA ILE C 210 -41.74 10.21 42.19
C ILE C 210 -42.63 9.32 41.34
N GLY C 211 -42.54 8.01 41.56
CA GLY C 211 -43.24 7.05 40.70
C GLY C 211 -44.73 6.97 40.87
N LEU C 212 -45.28 7.58 41.93
CA LEU C 212 -46.72 7.54 42.22
C LEU C 212 -47.15 8.92 42.70
N CYS C 213 -47.61 9.77 41.77
CA CYS C 213 -48.01 11.13 42.11
C CYS C 213 -48.79 11.72 40.94
N SER C 214 -49.37 12.89 41.20
CA SER C 214 -50.03 13.69 40.17
C SER C 214 -50.01 15.15 40.59
N THR C 215 -49.66 16.04 39.67
CA THR C 215 -49.56 17.46 39.94
C THR C 215 -50.28 18.26 38.84
N ASP C 216 -50.22 19.58 38.95
CA ASP C 216 -50.91 20.48 38.04
C ASP C 216 -49.92 21.51 37.48
N LEU C 217 -50.38 22.25 36.48
CA LEU C 217 -49.64 23.38 35.94
C LEU C 217 -50.00 24.66 36.70
N THR C 218 -49.02 25.53 36.89
CA THR C 218 -49.23 26.74 37.67
C THR C 218 -48.19 27.78 37.28
N GLU C 219 -48.47 29.03 37.67
CA GLU C 219 -47.58 30.15 37.39
C GLU C 219 -46.70 30.52 38.58
N GLY C 220 -47.21 30.40 39.79
CA GLY C 220 -46.44 30.74 40.97
C GLY C 220 -46.98 31.92 41.76
N ARG C 221 -47.56 31.64 42.92
CA ARG C 221 -48.15 32.66 43.77
C ARG C 221 -47.19 33.02 44.90
N ARG C 222 -47.28 34.26 45.37
CA ARG C 222 -46.45 34.74 46.47
C ARG C 222 -47.06 34.51 47.84
N GLY C 223 -48.27 33.97 47.92
CA GLY C 223 -48.92 33.74 49.19
C GLY C 223 -48.56 32.42 49.82
N ARG C 229 -49.75 26.28 60.48
CA ARG C 229 -48.36 26.10 60.06
C ARG C 229 -47.98 24.62 60.01
N GLY C 230 -46.90 24.33 59.27
CA GLY C 230 -46.41 22.98 59.12
C GLY C 230 -45.07 22.78 59.79
N LYS C 231 -44.01 22.86 59.01
CA LYS C 231 -42.61 22.72 59.45
C LYS C 231 -42.28 21.30 59.88
N LYS C 232 -43.26 20.40 59.87
CA LYS C 232 -43.08 18.99 60.23
C LYS C 232 -43.54 18.14 59.05
N LEU C 233 -42.57 17.58 58.32
CA LEU C 233 -42.85 16.63 57.23
C LEU C 233 -42.19 15.31 57.61
N GLU C 234 -42.97 14.42 58.21
CA GLU C 234 -42.46 13.16 58.73
C GLU C 234 -43.38 12.03 58.30
N PRO C 235 -42.85 10.81 58.19
CA PRO C 235 -43.70 9.68 57.78
C PRO C 235 -44.85 9.45 58.75
N CYS C 236 -45.98 9.01 58.21
N CYS C 236 -45.98 9.01 58.21
CA CYS C 236 -47.19 8.73 58.97
CA CYS C 236 -47.18 8.72 58.98
C CYS C 236 -47.59 7.26 58.76
C CYS C 236 -47.59 7.26 58.77
N ASP C 237 -48.69 6.88 59.42
CA ASP C 237 -49.09 5.47 59.41
C ASP C 237 -49.57 5.00 58.05
N ARG C 238 -50.36 5.81 57.34
CA ARG C 238 -51.04 5.33 56.15
C ARG C 238 -50.14 5.38 54.93
N VAL C 239 -50.06 4.26 54.20
CA VAL C 239 -49.23 4.14 53.01
C VAL C 239 -50.06 3.53 51.90
N LEU C 240 -49.77 3.95 50.66
CA LEU C 240 -50.49 3.44 49.49
C LEU C 240 -49.54 2.65 48.61
N PHE C 241 -49.98 1.46 48.20
CA PHE C 241 -49.23 0.58 47.31
C PHE C 241 -49.98 0.49 45.98
N SER C 242 -49.21 0.46 44.89
CA SER C 242 -49.76 0.26 43.55
C SER C 242 -48.96 -0.84 42.86
N VAL C 243 -49.60 -1.98 42.65
CA VAL C 243 -49.01 -3.11 41.94
C VAL C 243 -49.66 -3.13 40.56
N GLY C 244 -48.88 -2.80 39.53
CA GLY C 244 -49.46 -2.58 38.23
C GLY C 244 -50.46 -1.45 38.27
N SER C 245 -51.74 -1.78 38.19
CA SER C 245 -52.81 -0.80 38.33
C SER C 245 -53.73 -1.08 39.52
N THR C 246 -53.36 -1.99 40.40
CA THR C 246 -54.19 -2.32 41.56
C THR C 246 -53.67 -1.59 42.79
N LEU C 247 -54.58 -1.03 43.58
CA LEU C 247 -54.25 -0.17 44.70
C LEU C 247 -54.56 -0.88 46.02
N TYR C 248 -53.65 -0.76 46.98
CA TYR C 248 -53.81 -1.36 48.31
C TYR C 248 -53.39 -0.35 49.37
N PRO C 249 -54.28 0.00 50.30
CA PRO C 249 -53.84 0.81 51.45
C PRO C 249 -53.36 -0.06 52.59
N GLU C 250 -52.28 0.39 53.25
CA GLU C 250 -51.67 -0.37 54.33
C GLU C 250 -51.22 0.56 55.45
N SER C 251 -50.86 -0.05 56.58
CA SER C 251 -50.39 0.64 57.77
C SER C 251 -48.95 0.28 58.06
N ARG C 252 -48.19 1.23 58.60
CA ARG C 252 -46.76 1.01 58.84
C ARG C 252 -46.52 0.05 60.00
N LYS C 253 -47.37 0.12 61.03
CA LYS C 253 -47.15 -0.71 62.22
C LYS C 253 -47.29 -2.19 61.90
N LEU C 254 -48.35 -2.57 61.19
CA LEU C 254 -48.56 -3.96 60.84
C LEU C 254 -47.53 -4.47 59.84
N LEU C 255 -46.99 -3.59 58.98
CA LEU C 255 -45.90 -3.98 58.11
C LEU C 255 -44.62 -4.24 58.90
N LYS C 256 -44.31 -3.36 59.84
CA LYS C 256 -43.11 -3.53 60.66
C LYS C 256 -43.21 -4.72 61.61
N SER C 257 -44.43 -5.10 62.00
CA SER C 257 -44.58 -6.18 62.96
C SER C 257 -44.10 -7.52 62.43
N TRP C 258 -43.90 -7.67 61.13
CA TRP C 258 -43.45 -8.92 60.54
C TRP C 258 -41.93 -8.99 60.37
N HIS C 259 -41.20 -7.96 60.81
CA HIS C 259 -39.74 -7.99 60.81
C HIS C 259 -39.30 -8.58 62.14
N LEU C 260 -39.30 -9.92 62.22
CA LEU C 260 -39.09 -10.64 63.47
C LEU C 260 -37.62 -10.99 63.67
N PRO C 261 -37.17 -11.06 64.92
CA PRO C 261 -35.78 -11.46 65.19
C PRO C 261 -35.57 -12.94 64.99
N SER C 262 -34.31 -13.36 65.12
CA SER C 262 -33.96 -14.75 64.92
C SER C 262 -34.54 -15.66 65.99
N VAL C 263 -34.60 -15.19 67.24
CA VAL C 263 -35.14 -15.97 68.36
C VAL C 263 -36.03 -15.05 69.18
N PHE C 264 -37.23 -15.51 69.50
CA PHE C 264 -38.12 -14.76 70.39
C PHE C 264 -38.97 -15.72 71.20
N HIS C 265 -39.66 -15.16 72.20
CA HIS C 265 -40.45 -15.92 73.16
C HIS C 265 -41.88 -15.41 73.17
N LEU C 266 -42.85 -16.32 73.08
CA LEU C 266 -44.27 -15.99 73.25
C LEU C 266 -44.72 -16.58 74.58
N LYS C 267 -44.91 -15.72 75.58
CA LYS C 267 -45.23 -16.16 76.93
C LYS C 267 -46.51 -15.48 77.42
N GLY C 268 -47.63 -16.18 77.27
CA GLY C 268 -48.90 -15.74 77.84
C GLY C 268 -49.36 -16.67 78.93
N LYS C 269 -50.31 -17.56 78.61
CA LYS C 269 -50.69 -18.65 79.50
C LYS C 269 -49.79 -19.85 79.25
N LEU C 270 -49.71 -20.32 78.01
CA LEU C 270 -48.70 -21.27 77.59
C LEU C 270 -47.51 -20.52 77.00
N SER C 271 -46.34 -21.15 77.06
CA SER C 271 -45.09 -20.52 76.65
C SER C 271 -44.49 -21.27 75.46
N PHE C 272 -43.93 -20.50 74.53
CA PHE C 272 -43.34 -21.04 73.32
C PHE C 272 -42.07 -20.27 73.00
N THR C 273 -41.13 -20.96 72.34
CA THR C 273 -39.89 -20.37 71.86
C THR C 273 -39.88 -20.51 70.35
N CYS C 274 -39.68 -19.40 69.64
CA CYS C 274 -39.87 -19.35 68.20
C CYS C 274 -38.63 -18.81 67.51
N ARG C 275 -38.41 -19.29 66.28
CA ARG C 275 -37.28 -18.89 65.45
C ARG C 275 -37.80 -18.47 64.07
N CYS C 276 -37.11 -17.52 63.45
CA CYS C 276 -37.47 -16.99 62.15
C CYS C 276 -36.27 -17.05 61.21
N ASP C 277 -36.49 -17.58 60.01
CA ASP C 277 -35.42 -17.72 59.01
C ASP C 277 -35.97 -17.40 57.64
N THR C 278 -35.10 -16.87 56.78
CA THR C 278 -35.43 -16.53 55.40
C THR C 278 -34.83 -17.58 54.48
N VAL C 279 -35.66 -18.18 53.62
CA VAL C 279 -35.21 -19.26 52.76
C VAL C 279 -35.16 -18.88 51.30
N VAL C 280 -36.02 -17.97 50.84
CA VAL C 280 -36.04 -17.54 49.44
C VAL C 280 -36.15 -16.03 49.39
N SER C 281 -35.29 -15.41 48.57
CA SER C 281 -35.30 -13.95 48.38
C SER C 281 -35.08 -13.66 46.90
N CYS C 282 -35.93 -12.81 46.33
CA CYS C 282 -35.82 -12.42 44.92
C CYS C 282 -36.29 -10.98 44.77
N GLU C 283 -35.33 -10.05 44.72
CA GLU C 283 -35.53 -8.66 44.32
C GLU C 283 -36.76 -7.99 44.95
N GLY C 284 -37.13 -8.40 46.15
CA GLY C 284 -38.27 -7.79 46.80
C GLY C 284 -39.21 -8.77 47.47
N TYR C 285 -39.32 -9.98 46.93
CA TYR C 285 -40.13 -11.03 47.53
C TYR C 285 -39.28 -11.92 48.43
N VAL C 286 -39.85 -12.27 49.58
CA VAL C 286 -39.19 -13.11 50.57
C VAL C 286 -40.17 -14.17 51.04
N VAL C 287 -39.62 -15.35 51.35
CA VAL C 287 -40.34 -16.43 52.00
C VAL C 287 -39.68 -16.67 53.35
N LYS C 288 -40.49 -16.63 54.41
CA LYS C 288 -40.02 -16.76 55.79
C LYS C 288 -40.62 -18.01 56.41
N ARG C 289 -39.79 -18.82 57.05
CA ARG C 289 -40.22 -20.02 57.74
C ARG C 289 -40.10 -19.81 59.24
N ILE C 290 -41.17 -20.09 59.99
CA ILE C 290 -41.21 -19.91 61.43
C ILE C 290 -41.51 -21.26 62.08
N THR C 291 -40.69 -21.63 63.07
CA THR C 291 -40.86 -22.86 63.82
C THR C 291 -41.14 -22.51 65.28
N MET C 292 -42.03 -23.28 65.91
CA MET C 292 -42.46 -23.03 67.27
C MET C 292 -42.36 -24.30 68.09
N SER C 293 -42.05 -24.14 69.39
CA SER C 293 -41.88 -25.27 70.29
C SER C 293 -42.28 -24.86 71.70
N PRO C 294 -43.00 -25.72 72.43
CA PRO C 294 -43.41 -25.37 73.80
C PRO C 294 -42.22 -25.27 74.73
N GLY C 295 -42.33 -24.39 75.72
CA GLY C 295 -41.29 -24.24 76.73
C GLY C 295 -40.38 -23.06 76.50
N LEU C 296 -39.99 -22.39 77.58
CA LEU C 296 -39.09 -21.24 77.49
C LEU C 296 -37.64 -21.72 77.51
N TYR C 297 -37.02 -21.79 76.35
CA TYR C 297 -35.63 -22.22 76.21
C TYR C 297 -34.72 -21.00 76.26
N GLY C 298 -33.46 -21.06 75.84
CA GLY C 298 -32.45 -20.07 76.16
C GLY C 298 -32.69 -18.64 75.73
N LYS C 299 -31.67 -17.79 75.90
CA LYS C 299 -31.82 -16.35 75.91
C LYS C 299 -31.95 -15.80 74.49
N THR C 300 -32.37 -14.53 74.43
CA THR C 300 -32.60 -13.82 73.18
C THR C 300 -31.74 -12.57 73.15
N THR C 301 -31.34 -12.17 71.94
CA THR C 301 -30.55 -10.95 71.75
C THR C 301 -31.39 -9.78 71.28
N GLY C 302 -32.30 -9.99 70.33
CA GLY C 302 -33.15 -8.94 69.83
C GLY C 302 -32.67 -8.27 68.57
N TYR C 303 -31.96 -8.97 67.69
CA TYR C 303 -31.41 -8.39 66.47
C TYR C 303 -32.00 -9.10 65.25
N ALA C 304 -32.35 -8.31 64.24
CA ALA C 304 -32.82 -8.83 62.97
C ALA C 304 -31.79 -8.51 61.89
N VAL C 305 -31.51 -9.50 61.04
CA VAL C 305 -30.43 -9.43 60.06
C VAL C 305 -31.00 -9.65 58.67
N THR C 306 -30.56 -8.84 57.71
CA THR C 306 -30.96 -8.94 56.32
C THR C 306 -29.72 -9.04 55.45
N HIS C 307 -29.69 -10.05 54.58
CA HIS C 307 -28.58 -10.25 53.66
C HIS C 307 -28.92 -9.65 52.30
N HIS C 308 -27.97 -8.93 51.71
CA HIS C 308 -28.20 -8.20 50.47
C HIS C 308 -27.49 -8.91 49.32
N ALA C 309 -28.28 -9.47 48.41
CA ALA C 309 -27.73 -10.02 47.17
C ALA C 309 -27.68 -8.99 46.05
N ASP C 310 -28.44 -7.91 46.16
CA ASP C 310 -28.40 -6.80 45.23
C ASP C 310 -28.20 -5.51 46.03
N GLY C 311 -27.90 -4.43 45.31
CA GLY C 311 -27.66 -3.17 45.98
C GLY C 311 -28.94 -2.54 46.50
N PHE C 312 -28.84 -1.92 47.68
CA PHE C 312 -29.95 -1.20 48.29
C PHE C 312 -29.54 0.24 48.49
N LEU C 313 -30.38 1.18 48.06
CA LEU C 313 -30.08 2.60 48.17
C LEU C 313 -31.20 3.34 48.88
N MET C 314 -30.82 4.33 49.68
CA MET C 314 -31.76 5.27 50.30
C MET C 314 -31.13 6.64 50.29
N CYS C 315 -31.76 7.60 49.63
CA CYS C 315 -31.13 8.90 49.40
C CYS C 315 -32.12 10.03 49.62
N LYS C 316 -31.58 11.19 49.95
CA LYS C 316 -32.35 12.42 50.04
C LYS C 316 -32.60 13.00 48.66
N THR C 317 -33.76 13.64 48.48
CA THR C 317 -34.10 14.27 47.21
C THR C 317 -34.99 15.47 47.48
N THR C 318 -34.97 16.41 46.53
CA THR C 318 -35.74 17.63 46.59
C THR C 318 -36.80 17.62 45.49
N ASP C 319 -38.05 17.87 45.87
CA ASP C 319 -39.16 17.85 44.94
C ASP C 319 -40.11 19.01 45.26
N THR C 320 -41.16 19.12 44.46
CA THR C 320 -42.20 20.11 44.67
C THR C 320 -43.53 19.39 44.92
N VAL C 321 -44.08 19.60 46.11
CA VAL C 321 -45.35 19.00 46.51
C VAL C 321 -46.38 20.12 46.58
N ASP C 322 -47.38 20.06 45.70
CA ASP C 322 -48.48 21.01 45.68
C ASP C 322 -47.99 22.46 45.60
N GLY C 323 -46.88 22.64 44.87
CA GLY C 323 -46.31 23.95 44.65
C GLY C 323 -45.18 24.33 45.59
N GLU C 324 -45.05 23.63 46.71
CA GLU C 324 -44.05 23.97 47.72
C GLU C 324 -42.84 23.06 47.61
N ARG C 325 -41.64 23.66 47.63
CA ARG C 325 -40.41 22.90 47.49
C ARG C 325 -40.01 22.30 48.83
N VAL C 326 -39.82 20.98 48.85
CA VAL C 326 -39.48 20.24 50.07
C VAL C 326 -38.46 19.17 49.73
N SER C 327 -37.97 18.48 50.77
CA SER C 327 -36.99 17.41 50.64
C SER C 327 -37.40 16.22 51.50
N PHE C 328 -37.18 15.02 50.97
CA PHE C 328 -37.48 13.79 51.70
C PHE C 328 -36.68 12.64 51.10
N SER C 329 -36.84 11.46 51.69
CA SER C 329 -36.00 10.30 51.38
C SER C 329 -36.73 9.28 50.53
N VAL C 330 -36.01 8.68 49.59
CA VAL C 330 -36.53 7.66 48.68
C VAL C 330 -35.56 6.49 48.64
N CYS C 331 -36.09 5.27 48.57
CA CYS C 331 -35.29 4.06 48.58
C CYS C 331 -35.58 3.21 47.35
N THR C 332 -34.61 2.39 46.96
CA THR C 332 -34.74 1.58 45.75
C THR C 332 -33.72 0.44 45.76
N TYR C 333 -33.88 -0.46 44.78
CA TYR C 333 -33.01 -1.62 44.58
C TYR C 333 -32.23 -1.44 43.28
N VAL C 334 -30.99 -1.90 43.27
CA VAL C 334 -30.10 -1.78 42.12
C VAL C 334 -29.52 -3.16 41.79
N PRO C 335 -29.46 -3.56 40.53
CA PRO C 335 -28.88 -4.86 40.19
C PRO C 335 -27.41 -4.95 40.53
N ALA C 336 -26.93 -6.17 40.78
CA ALA C 336 -25.57 -6.37 41.27
C ALA C 336 -24.53 -6.07 40.20
N THR C 337 -24.84 -6.36 38.93
CA THR C 337 -23.86 -6.17 37.86
C THR C 337 -23.48 -4.70 37.71
N ILE C 338 -24.47 -3.80 37.76
CA ILE C 338 -24.20 -2.37 37.66
C ILE C 338 -23.36 -1.91 38.85
N CYS C 339 -23.69 -2.39 40.05
CA CYS C 339 -22.93 -2.02 41.23
C CYS C 339 -21.48 -2.48 41.11
N ASP C 340 -21.25 -3.69 40.59
CA ASP C 340 -19.88 -4.17 40.40
C ASP C 340 -19.15 -3.36 39.34
N GLN C 341 -19.82 -2.99 38.25
CA GLN C 341 -19.18 -2.22 37.19
C GLN C 341 -19.02 -0.75 37.54
N MET C 342 -19.61 -0.28 38.64
CA MET C 342 -19.50 1.11 39.06
C MET C 342 -18.39 1.33 40.06
N THR C 343 -17.63 0.29 40.43
CA THR C 343 -16.65 0.39 41.50
C THR C 343 -15.51 1.35 41.14
N GLY C 344 -15.04 1.30 39.90
CA GLY C 344 -13.89 2.10 39.52
C GLY C 344 -14.17 3.59 39.51
N ILE C 345 -15.36 3.97 39.02
CA ILE C 345 -15.67 5.39 38.86
C ILE C 345 -15.81 6.06 40.22
N LEU C 346 -16.37 5.35 41.21
CA LEU C 346 -16.67 5.94 42.51
C LEU C 346 -15.42 6.22 43.34
N ALA C 347 -14.22 5.95 42.82
CA ALA C 347 -13.00 6.26 43.58
C ALA C 347 -12.81 7.76 43.72
N THR C 348 -13.19 8.53 42.70
CA THR C 348 -13.03 9.98 42.72
C THR C 348 -14.39 10.67 42.92
N GLU C 349 -14.37 11.99 42.94
CA GLU C 349 -15.58 12.80 43.09
C GLU C 349 -16.15 13.06 41.70
N VAL C 350 -17.40 12.70 41.50
CA VAL C 350 -18.05 12.79 40.20
C VAL C 350 -19.33 13.62 40.33
N THR C 351 -19.69 14.29 39.24
CA THR C 351 -20.90 15.09 39.14
C THR C 351 -22.09 14.20 38.79
N PRO C 352 -23.31 14.63 39.15
CA PRO C 352 -24.48 13.78 38.85
C PRO C 352 -24.70 13.51 37.37
N GLU C 353 -24.40 14.47 36.48
CA GLU C 353 -24.68 14.25 35.06
C GLU C 353 -23.68 13.28 34.44
N ASP C 354 -22.41 13.33 34.88
CA ASP C 354 -21.44 12.34 34.42
C ASP C 354 -21.84 10.93 34.84
N ALA C 355 -22.29 10.78 36.09
CA ALA C 355 -22.79 9.49 36.55
C ALA C 355 -24.01 9.05 35.76
N GLN C 356 -24.90 9.99 35.44
CA GLN C 356 -26.08 9.68 34.64
C GLN C 356 -25.67 9.14 33.26
N LYS C 357 -24.71 9.81 32.61
CA LYS C 357 -24.27 9.38 31.29
C LYS C 357 -23.60 8.01 31.36
N LEU C 358 -22.77 7.79 32.38
CA LEU C 358 -22.13 6.50 32.55
C LEU C 358 -23.16 5.39 32.77
N LEU C 359 -24.17 5.67 33.60
CA LEU C 359 -25.21 4.68 33.86
C LEU C 359 -26.02 4.38 32.60
N VAL C 360 -26.32 5.40 31.80
CA VAL C 360 -27.02 5.16 30.54
C VAL C 360 -26.16 4.33 29.60
N GLY C 361 -24.85 4.59 29.59
CA GLY C 361 -23.96 3.79 28.77
C GLY C 361 -23.91 2.32 29.18
N LEU C 362 -23.82 2.06 30.48
CA LEU C 362 -23.80 0.68 30.95
C LEU C 362 -25.15 -0.01 30.79
N ASN C 363 -26.25 0.71 30.98
CA ASN C 363 -27.59 0.12 30.87
C ASN C 363 -27.94 -0.17 29.41
N ASN C 377 -32.63 -3.29 28.14
CA ASN C 377 -32.27 -2.59 29.36
C ASN C 377 -32.23 -3.55 30.54
N THR C 378 -31.29 -3.31 31.45
CA THR C 378 -31.19 -4.10 32.68
C THR C 378 -31.99 -3.51 33.83
N MET C 379 -31.96 -2.19 33.98
CA MET C 379 -32.74 -1.49 34.98
C MET C 379 -33.67 -0.49 34.29
N LYS C 380 -34.82 -0.23 34.90
CA LYS C 380 -35.78 0.71 34.32
C LYS C 380 -35.23 2.13 34.35
N ASN C 381 -35.55 2.89 33.30
CA ASN C 381 -34.91 4.18 33.08
C ASN C 381 -35.43 5.29 33.98
N TYR C 382 -36.62 5.13 34.56
CA TYR C 382 -37.18 6.23 35.35
C TYR C 382 -36.54 6.35 36.74
N MET C 383 -35.74 5.37 37.15
CA MET C 383 -35.06 5.46 38.44
C MET C 383 -33.60 5.87 38.33
N ILE C 384 -33.07 6.00 37.12
CA ILE C 384 -31.66 6.34 36.90
C ILE C 384 -31.27 7.70 37.47
N PRO C 385 -32.04 8.78 37.27
CA PRO C 385 -31.59 10.10 37.75
C PRO C 385 -31.40 10.18 39.25
N VAL C 386 -32.17 9.44 40.05
CA VAL C 386 -31.99 9.52 41.50
C VAL C 386 -30.85 8.63 41.95
N VAL C 387 -30.62 7.51 41.26
CA VAL C 387 -29.47 6.66 41.55
C VAL C 387 -28.17 7.40 41.28
N ALA C 388 -28.11 8.16 40.18
CA ALA C 388 -26.90 8.92 39.87
C ALA C 388 -26.60 9.94 40.96
N GLN C 389 -27.63 10.66 41.42
CA GLN C 389 -27.45 11.64 42.49
C GLN C 389 -27.01 10.98 43.79
N ALA C 390 -27.59 9.82 44.13
CA ALA C 390 -27.18 9.11 45.34
C ALA C 390 -25.71 8.68 45.26
N PHE C 391 -25.29 8.14 44.12
CA PHE C 391 -23.89 7.75 43.97
C PHE C 391 -22.96 8.95 44.08
N SER C 392 -23.34 10.07 43.44
CA SER C 392 -22.50 11.26 43.49
C SER C 392 -22.36 11.78 44.91
N LYS C 393 -23.45 11.76 45.69
CA LYS C 393 -23.36 12.23 47.07
C LYS C 393 -22.62 11.25 47.97
N TRP C 394 -22.66 9.95 47.68
CA TRP C 394 -21.91 8.98 48.47
C TRP C 394 -20.41 9.12 48.25
N ALA C 395 -20.01 9.31 46.98
CA ALA C 395 -18.58 9.41 46.67
C ALA C 395 -17.94 10.62 47.35
N LYS C 396 -18.67 11.71 47.53
CA LYS C 396 -18.12 12.90 48.18
C LYS C 396 -17.97 12.71 49.69
N GLU C 397 -18.95 12.07 50.33
CA GLU C 397 -18.84 11.78 51.75
C GLU C 397 -17.70 10.81 52.06
N CYS C 398 -17.45 9.84 51.17
CA CYS C 398 -16.29 8.99 51.36
C CYS C 398 -15.00 9.79 51.38
N ARG C 399 -14.83 10.71 50.42
CA ARG C 399 -13.63 11.55 50.37
C ARG C 399 -13.53 12.43 51.60
N LYS C 400 -14.65 13.00 52.06
CA LYS C 400 -14.61 13.83 53.26
C LYS C 400 -14.22 13.02 54.49
N ASP C 401 -14.65 11.76 54.57
CA ASP C 401 -14.19 10.90 55.65
C ASP C 401 -12.69 10.64 55.55
N MET C 402 -12.17 10.47 54.33
CA MET C 402 -10.76 10.17 54.17
C MET C 402 -9.84 11.30 54.63
N GLU C 403 -10.30 12.55 54.62
CA GLU C 403 -9.43 13.70 54.89
C GLU C 403 -9.59 14.28 56.29
N ASP C 404 -10.27 13.59 57.20
CA ASP C 404 -10.46 14.07 58.57
C ASP C 404 -10.04 12.97 59.55
N GLU C 405 -8.85 12.43 59.31
CA GLU C 405 -8.34 11.30 60.08
C GLU C 405 -8.23 11.63 61.57
N LYS C 406 -8.52 10.64 62.39
CA LYS C 406 -8.53 10.75 63.85
C LYS C 406 -7.47 9.82 64.46
N LEU C 407 -7.47 9.73 65.79
CA LEU C 407 -6.54 8.89 66.52
C LEU C 407 -7.21 7.61 66.97
N LEU C 408 -6.41 6.56 67.15
CA LEU C 408 -6.94 5.25 67.51
C LEU C 408 -7.46 5.24 68.94
N GLY C 409 -8.68 4.76 69.13
CA GLY C 409 -9.20 4.44 70.43
C GLY C 409 -9.67 5.62 71.27
N VAL C 410 -9.65 6.83 70.73
CA VAL C 410 -10.05 8.01 71.50
C VAL C 410 -11.04 8.83 70.67
N ARG C 411 -12.09 9.31 71.33
CA ARG C 411 -13.04 10.23 70.75
C ARG C 411 -12.96 11.56 71.51
N GLU C 412 -13.15 12.66 70.80
CA GLU C 412 -12.98 13.99 71.37
C GLU C 412 -14.34 14.60 71.70
N ARG C 413 -14.49 15.00 72.96
CA ARG C 413 -15.66 15.75 73.41
C ARG C 413 -15.26 16.85 74.37
N ALA C 422 -20.03 17.81 74.71
CA ALA C 422 -20.83 17.75 73.48
C ALA C 422 -19.97 17.48 72.26
N PHE C 423 -20.45 16.61 71.38
CA PHE C 423 -19.74 16.23 70.17
C PHE C 423 -20.54 16.60 68.93
N LYS C 424 -19.85 17.00 67.88
CA LYS C 424 -20.49 17.41 66.64
C LYS C 424 -20.92 16.19 65.82
N LYS C 425 -22.07 16.29 65.17
CA LYS C 425 -22.52 15.28 64.23
C LYS C 425 -22.32 15.78 62.80
N GLN C 426 -22.21 14.83 61.87
CA GLN C 426 -21.95 15.14 60.47
C GLN C 426 -23.18 14.85 59.62
N LYS C 427 -23.10 15.26 58.36
CA LYS C 427 -24.19 15.06 57.42
C LYS C 427 -24.18 13.65 56.86
N THR C 428 -25.37 13.07 56.70
CA THR C 428 -25.54 11.80 56.02
C THR C 428 -26.74 11.92 55.08
N HIS C 429 -26.47 11.91 53.79
CA HIS C 429 -27.52 12.04 52.78
C HIS C 429 -27.72 10.79 51.94
N THR C 430 -26.91 9.76 52.12
CA THR C 430 -27.03 8.54 51.34
C THR C 430 -26.69 7.33 52.21
N VAL C 431 -27.50 6.29 52.07
CA VAL C 431 -27.22 4.98 52.65
C VAL C 431 -27.16 4.00 51.51
N TYR C 432 -26.03 3.30 51.38
CA TYR C 432 -25.75 2.40 50.28
C TYR C 432 -25.30 1.06 50.85
N LYS C 433 -26.09 0.02 50.60
CA LYS C 433 -25.77 -1.35 51.01
C LYS C 433 -25.40 -2.14 49.77
N ARG C 434 -24.11 -2.41 49.62
CA ARG C 434 -23.58 -3.15 48.48
C ARG C 434 -23.90 -4.64 48.61
N PRO C 435 -23.88 -5.38 47.51
CA PRO C 435 -24.13 -6.82 47.58
C PRO C 435 -23.08 -7.54 48.41
N ASP C 436 -23.51 -8.65 49.04
CA ASP C 436 -22.71 -9.45 49.96
C ASP C 436 -22.47 -8.72 51.28
N THR C 437 -23.42 -7.88 51.68
CA THR C 437 -23.39 -7.21 52.97
C THR C 437 -24.66 -7.56 53.74
N GLN C 438 -24.73 -7.08 54.99
CA GLN C 438 -25.83 -7.38 55.88
C GLN C 438 -26.22 -6.16 56.68
N SER C 439 -27.53 -5.97 56.85
CA SER C 439 -28.09 -4.95 57.71
C SER C 439 -28.58 -5.60 59.00
N ILE C 440 -28.45 -4.86 60.11
CA ILE C 440 -28.81 -5.37 61.43
C ILE C 440 -29.58 -4.30 62.18
N GLN C 441 -30.73 -4.65 62.73
CA GLN C 441 -31.57 -3.71 63.47
C GLN C 441 -32.01 -4.30 64.80
N LYS C 442 -32.30 -3.42 65.76
CA LYS C 442 -32.78 -3.82 67.07
C LYS C 442 -34.31 -3.81 67.10
N VAL C 443 -34.89 -4.93 67.53
CA VAL C 443 -36.35 -5.06 67.57
C VAL C 443 -36.77 -5.69 68.89
N GLN C 444 -38.07 -5.88 69.07
CA GLN C 444 -38.62 -6.49 70.28
C GLN C 444 -38.52 -8.01 70.20
N ALA C 445 -38.21 -8.62 71.35
CA ALA C 445 -38.06 -10.07 71.43
C ALA C 445 -38.88 -10.72 72.54
N GLU C 446 -39.44 -9.94 73.46
CA GLU C 446 -40.23 -10.48 74.57
C GLU C 446 -41.68 -10.08 74.36
N PHE C 447 -42.52 -11.05 74.03
CA PHE C 447 -43.94 -10.83 73.75
C PHE C 447 -44.76 -11.53 74.82
N ASP C 448 -45.67 -10.78 75.46
CA ASP C 448 -46.51 -11.34 76.50
C ASP C 448 -47.99 -11.07 76.22
N ASP D 2 -59.06 -19.98 12.55
CA ASP D 2 -58.33 -19.58 13.75
C ASP D 2 -57.81 -18.13 13.69
N PRO D 3 -57.13 -17.72 12.62
CA PRO D 3 -56.66 -16.33 12.54
C PRO D 3 -57.83 -15.36 12.43
N VAL D 4 -57.65 -14.18 13.01
CA VAL D 4 -58.65 -13.12 12.95
C VAL D 4 -58.23 -12.10 11.91
N TYR D 5 -59.12 -11.81 10.96
CA TYR D 5 -58.83 -10.90 9.86
C TYR D 5 -59.35 -9.51 10.22
N VAL D 6 -58.47 -8.52 10.09
CA VAL D 6 -58.81 -7.13 10.39
C VAL D 6 -58.47 -6.27 9.17
N ASP D 7 -59.17 -5.14 9.03
CA ASP D 7 -59.04 -4.27 7.88
C ASP D 7 -57.91 -3.26 8.10
N ILE D 8 -56.68 -3.77 7.98
CA ILE D 8 -55.50 -2.91 8.03
C ILE D 8 -54.57 -3.30 6.89
N ASP D 9 -53.68 -2.38 6.53
CA ASP D 9 -52.70 -2.65 5.49
C ASP D 9 -51.65 -3.65 5.99
N ALA D 10 -51.02 -4.34 5.04
CA ALA D 10 -50.08 -5.40 5.40
C ALA D 10 -48.90 -4.87 6.21
N ASP D 11 -48.27 -3.81 5.74
CA ASP D 11 -47.11 -3.23 6.43
C ASP D 11 -47.54 -2.05 7.32
N SER D 12 -48.18 -2.39 8.42
CA SER D 12 -48.62 -1.41 9.42
C SER D 12 -47.98 -1.72 10.76
N ALA D 13 -47.45 -0.68 11.41
CA ALA D 13 -46.77 -0.85 12.69
C ALA D 13 -47.73 -1.09 13.85
N PHE D 14 -49.02 -0.77 13.68
CA PHE D 14 -50.02 -1.00 14.71
C PHE D 14 -50.31 -2.49 14.92
N LEU D 15 -49.93 -3.33 13.95
CA LEU D 15 -50.19 -4.77 14.07
C LEU D 15 -49.44 -5.36 15.26
N LYS D 16 -48.18 -4.96 15.46
CA LYS D 16 -47.43 -5.48 16.60
C LYS D 16 -47.99 -4.97 17.92
N ALA D 17 -48.51 -3.75 17.93
CA ALA D 17 -49.19 -3.24 19.12
C ALA D 17 -50.43 -4.08 19.44
N LEU D 18 -51.20 -4.42 18.40
CA LEU D 18 -52.35 -5.32 18.60
C LEU D 18 -51.89 -6.67 19.12
N GLN D 19 -50.77 -7.19 18.59
CA GLN D 19 -50.22 -8.45 19.05
C GLN D 19 -49.89 -8.40 20.54
N ARG D 20 -49.21 -7.34 20.97
CA ARG D 20 -48.84 -7.20 22.38
C ARG D 20 -50.08 -7.02 23.24
N ALA D 21 -51.10 -6.35 22.72
CA ALA D 21 -52.33 -6.11 23.47
C ALA D 21 -53.22 -7.33 23.58
N TYR D 22 -53.21 -8.21 22.58
CA TYR D 22 -54.08 -9.38 22.53
C TYR D 22 -53.23 -10.62 22.24
N PRO D 23 -52.46 -11.10 23.22
CA PRO D 23 -51.60 -12.26 22.97
C PRO D 23 -52.34 -13.59 23.15
N MET D 24 -53.55 -13.68 22.59
CA MET D 24 -54.32 -14.93 22.61
C MET D 24 -55.16 -15.08 21.34
N PHE D 25 -54.87 -14.27 20.31
CA PHE D 25 -55.50 -14.42 19.02
C PHE D 25 -54.44 -14.31 17.93
N GLU D 26 -54.76 -14.83 16.76
CA GLU D 26 -53.92 -14.69 15.58
C GLU D 26 -54.52 -13.61 14.68
N VAL D 27 -53.68 -12.65 14.28
CA VAL D 27 -54.13 -11.49 13.53
C VAL D 27 -53.46 -11.49 12.16
N GLU D 28 -54.27 -11.35 11.12
CA GLU D 28 -53.78 -11.29 9.75
C GLU D 28 -54.45 -10.12 9.03
N PRO D 29 -53.67 -9.27 8.36
CA PRO D 29 -54.26 -8.10 7.69
C PRO D 29 -54.93 -8.45 6.37
N ARG D 30 -56.15 -7.91 6.19
CA ARG D 30 -56.93 -8.14 4.97
C ARG D 30 -57.65 -6.82 4.66
N GLN D 31 -57.04 -6.04 3.77
CA GLN D 31 -57.55 -4.71 3.45
C GLN D 31 -58.71 -4.80 2.46
N VAL D 32 -59.76 -4.03 2.71
CA VAL D 32 -60.91 -3.97 1.81
C VAL D 32 -61.17 -2.54 1.37
N THR D 33 -61.46 -1.67 2.33
CA THR D 33 -61.80 -0.29 2.03
C THR D 33 -60.74 0.67 2.55
N PRO D 34 -60.59 1.84 1.92
CA PRO D 34 -59.60 2.84 2.36
C PRO D 34 -60.15 3.75 3.47
N ASN D 35 -60.49 3.14 4.61
CA ASN D 35 -61.00 3.91 5.73
C ASN D 35 -59.86 4.68 6.39
N ASP D 36 -60.08 5.97 6.64
CA ASP D 36 -59.04 6.82 7.20
C ASP D 36 -58.98 6.78 8.73
N HIS D 37 -59.87 6.03 9.38
CA HIS D 37 -59.83 5.85 10.83
C HIS D 37 -60.06 4.36 11.13
N ALA D 38 -59.37 3.50 10.40
CA ALA D 38 -59.61 2.07 10.44
C ALA D 38 -58.92 1.36 11.61
N ASN D 39 -58.07 2.07 12.36
CA ASN D 39 -57.36 1.40 13.46
C ASN D 39 -58.26 1.13 14.65
N ALA D 40 -59.27 1.98 14.89
CA ALA D 40 -60.20 1.78 15.98
C ALA D 40 -61.04 0.51 15.81
N ARG D 41 -61.45 0.23 14.57
CA ARG D 41 -62.27 -0.94 14.29
C ARG D 41 -61.55 -2.24 14.60
N ALA D 42 -60.25 -2.33 14.32
CA ALA D 42 -59.50 -3.54 14.65
C ALA D 42 -59.40 -3.78 16.14
N PHE D 43 -59.37 -2.72 16.96
CA PHE D 43 -59.33 -2.89 18.41
C PHE D 43 -60.71 -3.29 18.94
N SER D 44 -61.75 -2.55 18.52
CA SER D 44 -63.10 -2.88 18.94
C SER D 44 -63.57 -4.21 18.41
N HIS D 45 -62.92 -4.75 17.38
CA HIS D 45 -63.24 -6.04 16.80
C HIS D 45 -62.74 -7.17 17.69
N LEU D 46 -61.51 -7.06 18.19
CA LEU D 46 -60.97 -8.07 19.10
C LEU D 46 -61.51 -7.92 20.51
N ALA D 47 -61.93 -6.72 20.91
CA ALA D 47 -62.46 -6.54 22.26
C ALA D 47 -63.70 -7.39 22.48
N ILE D 48 -64.63 -7.39 21.52
CA ILE D 48 -65.86 -8.15 21.66
C ILE D 48 -65.58 -9.65 21.67
N LYS D 49 -64.63 -10.08 20.83
CA LYS D 49 -64.24 -11.49 20.81
C LYS D 49 -63.66 -11.92 22.15
N LEU D 50 -62.81 -11.08 22.75
CA LEU D 50 -62.24 -11.41 24.05
C LEU D 50 -63.34 -11.47 25.12
N ILE D 51 -64.27 -10.52 25.07
CA ILE D 51 -65.37 -10.50 26.05
C ILE D 51 -66.20 -11.77 25.93
N GLU D 52 -66.52 -12.17 24.70
CA GLU D 52 -67.33 -13.39 24.52
C GLU D 52 -66.55 -14.63 24.91
N GLN D 53 -65.25 -14.68 24.60
CA GLN D 53 -64.41 -15.81 24.94
C GLN D 53 -64.13 -15.91 26.46
N GLU D 54 -64.35 -14.84 27.22
CA GLU D 54 -64.23 -14.91 28.66
C GLU D 54 -65.56 -14.82 29.41
N ILE D 55 -66.70 -14.97 28.74
CA ILE D 55 -68.00 -14.93 29.39
C ILE D 55 -68.63 -16.32 29.33
N ASP D 56 -69.44 -16.64 30.33
CA ASP D 56 -70.07 -17.95 30.39
C ASP D 56 -71.07 -18.13 29.26
N PRO D 57 -71.16 -19.32 28.67
CA PRO D 57 -72.14 -19.55 27.60
C PRO D 57 -73.56 -19.57 28.15
N ASP D 58 -74.52 -19.38 27.24
CA ASP D 58 -75.95 -19.39 27.56
C ASP D 58 -76.29 -18.31 28.60
N SER D 59 -75.96 -17.07 28.25
CA SER D 59 -76.28 -15.92 29.08
C SER D 59 -76.91 -14.84 28.20
N THR D 60 -77.87 -14.13 28.78
CA THR D 60 -78.52 -13.02 28.08
C THR D 60 -77.71 -11.75 28.30
N ILE D 61 -77.50 -11.00 27.22
CA ILE D 61 -76.58 -9.86 27.23
C ILE D 61 -77.35 -8.63 26.78
N LEU D 62 -77.38 -7.61 27.64
CA LEU D 62 -77.91 -6.32 27.25
C LEU D 62 -76.92 -5.58 26.36
N ASP D 63 -77.45 -4.62 25.59
CA ASP D 63 -76.62 -3.81 24.70
C ASP D 63 -77.18 -2.40 24.69
N ILE D 64 -76.44 -1.47 25.29
CA ILE D 64 -76.88 -0.09 25.41
C ILE D 64 -76.40 0.69 24.19
N GLY D 65 -77.33 1.36 23.50
CA GLY D 65 -77.01 2.12 22.32
C GLY D 65 -76.32 1.29 21.25
N SER D 66 -77.02 0.26 20.75
CA SER D 66 -76.41 -0.71 19.88
C SER D 66 -76.75 -0.45 18.42
N ALA D 67 -75.98 -1.09 17.54
CA ALA D 67 -76.29 -1.19 16.11
C ALA D 67 -76.58 -2.65 15.82
N PRO D 68 -77.85 -3.03 15.62
CA PRO D 68 -78.20 -4.46 15.59
C PRO D 68 -77.57 -5.23 14.45
N ALA D 69 -77.10 -4.55 13.39
CA ALA D 69 -76.43 -5.25 12.30
C ALA D 69 -75.14 -5.91 12.74
N ARG D 70 -74.46 -5.36 13.75
CA ARG D 70 -73.23 -5.97 14.24
C ARG D 70 -73.49 -7.29 14.96
N ARG D 71 -74.61 -7.39 15.67
CA ARG D 71 -74.92 -8.56 16.48
C ARG D 71 -75.97 -9.44 15.83
N MET D 72 -75.95 -9.56 14.50
CA MET D 72 -76.91 -10.39 13.79
C MET D 72 -76.37 -11.77 13.43
N MET D 73 -75.09 -11.86 13.04
CA MET D 73 -74.49 -13.12 12.61
C MET D 73 -73.80 -13.87 13.75
N SER D 74 -74.08 -13.49 15.00
CA SER D 74 -73.42 -14.12 16.14
C SER D 74 -74.21 -15.32 16.63
N ASP D 75 -73.76 -15.92 17.74
CA ASP D 75 -74.45 -17.10 18.26
C ASP D 75 -74.87 -16.96 19.72
N ARG D 76 -74.93 -15.75 20.27
CA ARG D 76 -75.33 -15.53 21.65
C ARG D 76 -76.59 -14.68 21.69
N LYS D 77 -77.32 -14.80 22.79
CA LYS D 77 -78.63 -14.14 22.93
C LYS D 77 -78.41 -12.70 23.42
N TYR D 78 -78.39 -11.76 22.48
CA TYR D 78 -78.33 -10.35 22.84
C TYR D 78 -79.73 -9.76 22.97
N HIS D 79 -79.79 -8.58 23.57
CA HIS D 79 -81.01 -7.77 23.60
C HIS D 79 -80.59 -6.32 23.36
N CYS D 80 -80.98 -5.78 22.21
CA CYS D 80 -80.47 -4.49 21.75
C CYS D 80 -81.40 -3.38 22.22
N VAL D 81 -80.85 -2.42 22.94
CA VAL D 81 -81.57 -1.22 23.35
C VAL D 81 -81.26 -0.13 22.34
N CYS D 82 -82.24 0.21 21.50
CA CYS D 82 -82.01 1.08 20.35
C CYS D 82 -83.02 2.23 20.35
N PRO D 83 -82.76 3.26 21.15
CA PRO D 83 -83.59 4.47 21.07
C PRO D 83 -83.21 5.31 19.86
N MET D 84 -84.11 6.23 19.51
CA MET D 84 -83.90 7.15 18.40
C MET D 84 -83.65 8.55 18.97
N ARG D 85 -82.38 8.84 19.27
CA ARG D 85 -81.98 10.13 19.81
C ARG D 85 -80.96 10.86 18.95
N SER D 86 -80.31 10.18 18.01
CA SER D 86 -79.32 10.78 17.13
C SER D 86 -79.77 10.71 15.68
N ALA D 87 -79.20 11.58 14.86
CA ALA D 87 -79.59 11.67 13.46
C ALA D 87 -79.14 10.46 12.66
N GLU D 88 -78.28 9.61 13.22
CA GLU D 88 -77.71 8.49 12.48
C GLU D 88 -78.38 7.15 12.77
N ASP D 89 -79.49 7.16 13.53
CA ASP D 89 -80.22 5.96 13.88
C ASP D 89 -81.14 5.40 12.78
N PRO D 90 -81.91 6.23 12.07
CA PRO D 90 -82.87 5.68 11.10
C PRO D 90 -82.24 4.80 10.02
N GLU D 91 -81.09 5.20 9.48
CA GLU D 91 -80.43 4.35 8.50
C GLU D 91 -79.86 3.08 9.13
N ARG D 92 -79.47 3.12 10.41
CA ARG D 92 -79.11 1.89 11.09
C ARG D 92 -80.30 0.93 11.17
N LEU D 93 -81.48 1.43 11.53
CA LEU D 93 -82.67 0.58 11.57
C LEU D 93 -83.02 0.05 10.19
N ALA D 94 -82.96 0.89 9.16
CA ALA D 94 -83.21 0.44 7.79
C ALA D 94 -82.20 -0.59 7.33
N ASN D 95 -80.93 -0.44 7.69
CA ASN D 95 -79.88 -1.40 7.39
C ASN D 95 -80.12 -2.75 8.06
N TYR D 96 -80.52 -2.72 9.33
CA TYR D 96 -80.92 -3.94 10.01
C TYR D 96 -82.09 -4.61 9.31
N ALA D 97 -83.08 -3.83 8.89
CA ALA D 97 -84.21 -4.39 8.15
C ALA D 97 -83.75 -5.00 6.84
N ARG D 98 -82.80 -4.35 6.15
CA ARG D 98 -82.35 -4.83 4.86
C ARG D 98 -81.64 -6.18 4.97
N LYS D 99 -80.81 -6.32 5.99
CA LYS D 99 -80.06 -7.53 6.16
C LYS D 99 -80.93 -8.57 6.81
N LEU D 100 -82.02 -8.16 7.46
CA LEU D 100 -82.95 -9.16 7.96
C LEU D 100 -83.78 -9.74 6.82
N ALA D 101 -84.15 -8.91 5.85
CA ALA D 101 -84.92 -9.38 4.70
C ALA D 101 -84.05 -10.14 3.70
N SER D 102 -82.76 -9.84 3.62
CA SER D 102 -81.87 -10.45 2.64
C SER D 102 -81.41 -11.85 3.05
N ALA D 103 -81.79 -12.31 4.25
CA ALA D 103 -81.44 -13.65 4.70
C ALA D 103 -82.65 -14.37 5.29
N ALA D 104 -83.79 -14.29 4.60
CA ALA D 104 -85.03 -14.88 5.09
C ALA D 104 -84.93 -16.38 5.23
N GLY D 105 -84.35 -17.05 4.24
CA GLY D 105 -84.23 -18.50 4.28
C GLY D 105 -82.88 -19.01 3.83
N LYS D 106 -82.03 -18.11 3.35
CA LYS D 106 -80.68 -18.51 2.93
C LYS D 106 -79.86 -18.99 4.11
N VAL D 107 -79.97 -18.30 5.25
CA VAL D 107 -79.29 -18.70 6.48
C VAL D 107 -80.34 -19.13 7.49
N LEU D 108 -80.12 -20.28 8.12
CA LEU D 108 -81.07 -20.83 9.07
C LEU D 108 -80.38 -21.23 10.37
N ASP D 109 -79.06 -21.13 10.40
CA ASP D 109 -78.29 -21.47 11.61
C ASP D 109 -78.57 -20.44 12.69
N ARG D 110 -79.03 -19.26 12.30
CA ARG D 110 -79.29 -18.18 13.24
C ARG D 110 -80.74 -18.22 13.74
N ASN D 111 -81.16 -17.15 14.43
CA ASN D 111 -82.52 -16.98 14.88
C ASN D 111 -83.21 -15.91 14.05
N ILE D 112 -82.99 -15.95 12.73
CA ILE D 112 -83.43 -14.87 11.84
C ILE D 112 -84.94 -14.74 11.86
N SER D 113 -85.65 -15.87 11.83
CA SER D 113 -87.10 -15.83 11.82
C SER D 113 -87.65 -15.17 13.09
N GLY D 114 -87.09 -15.54 14.24
CA GLY D 114 -87.52 -14.92 15.48
C GLY D 114 -87.23 -13.43 15.53
N LYS D 115 -86.06 -13.04 15.03
CA LYS D 115 -85.71 -11.62 14.99
C LYS D 115 -86.66 -10.84 14.09
N ILE D 116 -86.99 -11.40 12.93
CA ILE D 116 -87.92 -10.74 12.01
C ILE D 116 -89.29 -10.59 12.65
N GLY D 117 -89.77 -11.67 13.28
CA GLY D 117 -91.06 -11.59 13.96
C GLY D 117 -91.06 -10.57 15.08
N ASP D 118 -89.97 -10.51 15.85
CA ASP D 118 -89.89 -9.54 16.94
C ASP D 118 -89.87 -8.11 16.40
N LEU D 119 -89.11 -7.88 15.32
CA LEU D 119 -89.08 -6.54 14.73
C LEU D 119 -90.45 -6.13 14.21
N GLN D 120 -91.16 -7.06 13.57
CA GLN D 120 -92.51 -6.76 13.11
C GLN D 120 -93.45 -6.46 14.27
N ALA D 121 -93.32 -7.22 15.37
CA ALA D 121 -94.14 -6.96 16.55
C ALA D 121 -93.87 -5.58 17.13
N VAL D 122 -92.59 -5.18 17.18
CA VAL D 122 -92.26 -3.84 17.67
C VAL D 122 -92.83 -2.78 16.74
N MET D 123 -92.73 -3.00 15.43
CA MET D 123 -93.31 -2.05 14.48
C MET D 123 -94.81 -1.94 14.64
N ALA D 124 -95.47 -3.03 15.05
CA ALA D 124 -96.90 -3.01 15.26
C ALA D 124 -97.28 -2.17 16.46
N VAL D 125 -96.84 -2.57 17.66
CA VAL D 125 -97.08 -1.83 18.88
C VAL D 125 -95.73 -1.31 19.38
N PRO D 126 -95.49 0.01 19.41
CA PRO D 126 -94.17 0.54 19.80
C PRO D 126 -93.99 0.76 21.30
N ASP D 127 -94.40 -0.22 22.09
CA ASP D 127 -94.15 -0.21 23.53
C ASP D 127 -93.83 -1.61 24.04
N THR D 128 -93.80 -2.58 23.13
CA THR D 128 -93.56 -3.96 23.53
C THR D 128 -92.11 -4.17 23.91
N GLU D 129 -91.87 -5.21 24.72
CA GLU D 129 -90.53 -5.59 25.14
C GLU D 129 -90.28 -7.01 24.63
N THR D 130 -89.66 -7.12 23.47
CA THR D 130 -89.34 -8.39 22.84
C THR D 130 -88.00 -8.90 23.33
N PRO D 131 -87.73 -10.20 23.17
CA PRO D 131 -86.45 -10.77 23.61
C PRO D 131 -85.22 -10.06 23.06
N THR D 132 -85.28 -9.58 21.83
CA THR D 132 -84.07 -9.11 21.15
C THR D 132 -84.15 -7.65 20.70
N PHE D 133 -85.19 -6.90 21.04
CA PHE D 133 -85.29 -5.55 20.52
C PHE D 133 -86.30 -4.75 21.35
N CYS D 134 -86.06 -3.44 21.42
CA CYS D 134 -86.96 -2.53 22.11
C CYS D 134 -86.64 -1.10 21.67
N LEU D 135 -87.50 -0.16 22.03
CA LEU D 135 -87.36 1.25 21.67
C LEU D 135 -87.34 2.12 22.92
N HIS D 136 -86.57 1.71 23.92
CA HIS D 136 -86.47 2.43 25.18
C HIS D 136 -85.04 2.92 25.38
N THR D 137 -84.86 3.75 26.42
CA THR D 137 -83.52 4.19 26.81
C THR D 137 -82.89 3.16 27.74
N ASP D 138 -81.76 3.51 28.35
CA ASP D 138 -81.09 2.63 29.31
C ASP D 138 -81.77 2.56 30.65
N VAL D 139 -82.44 3.65 31.09
CA VAL D 139 -83.08 3.68 32.40
C VAL D 139 -84.56 3.32 32.35
N SER D 140 -85.07 2.92 31.17
CA SER D 140 -86.49 2.58 31.04
C SER D 140 -86.73 1.17 30.55
N CYS D 141 -85.75 0.51 29.92
CA CYS D 141 -85.90 -0.88 29.54
C CYS D 141 -86.07 -1.75 30.78
N ARG D 142 -87.06 -2.65 30.73
CA ARG D 142 -87.36 -3.53 31.85
C ARG D 142 -86.96 -4.97 31.59
N GLN D 143 -86.19 -5.25 30.54
CA GLN D 143 -85.73 -6.60 30.27
C GLN D 143 -84.64 -6.99 31.25
N ARG D 144 -84.93 -7.96 32.11
CA ARG D 144 -83.96 -8.41 33.10
C ARG D 144 -82.87 -9.25 32.45
N ALA D 145 -81.63 -9.06 32.90
CA ALA D 145 -80.49 -9.76 32.35
C ALA D 145 -79.41 -9.85 33.43
N ASP D 146 -78.24 -10.34 33.05
CA ASP D 146 -77.12 -10.45 33.98
C ASP D 146 -75.81 -9.87 33.46
N VAL D 147 -75.75 -9.44 32.20
CA VAL D 147 -74.54 -8.86 31.62
C VAL D 147 -74.94 -7.65 30.79
N ALA D 148 -74.14 -6.59 30.89
CA ALA D 148 -74.35 -5.38 30.12
C ALA D 148 -73.03 -4.98 29.45
N ILE D 149 -73.13 -4.41 28.26
CA ILE D 149 -71.96 -4.01 27.49
C ILE D 149 -72.17 -2.60 26.96
N TYR D 150 -71.11 -1.79 27.04
CA TYR D 150 -71.11 -0.43 26.51
C TYR D 150 -70.03 -0.34 25.45
N GLN D 151 -70.37 0.22 24.29
CA GLN D 151 -69.42 0.42 23.21
C GLN D 151 -69.53 1.84 22.68
N ASP D 152 -68.48 2.63 22.89
CA ASP D 152 -68.40 4.02 22.45
C ASP D 152 -69.60 4.83 22.94
N VAL D 153 -69.95 4.64 24.20
CA VAL D 153 -71.06 5.34 24.84
C VAL D 153 -70.49 6.40 25.76
N TYR D 154 -70.81 7.67 25.49
CA TYR D 154 -70.24 8.78 26.22
C TYR D 154 -71.26 9.74 26.80
N ALA D 155 -72.54 9.62 26.43
CA ALA D 155 -73.55 10.61 26.80
C ALA D 155 -74.39 10.20 28.00
N VAL D 156 -74.03 9.13 28.69
CA VAL D 156 -74.77 8.68 29.87
C VAL D 156 -73.96 8.98 31.12
N HIS D 157 -74.67 9.17 32.23
CA HIS D 157 -74.03 9.39 33.53
C HIS D 157 -73.83 8.04 34.19
N ALA D 158 -72.57 7.68 34.45
CA ALA D 158 -72.22 6.32 34.85
C ALA D 158 -72.91 5.84 36.13
N PRO D 159 -72.95 6.60 37.23
CA PRO D 159 -73.59 6.04 38.45
C PRO D 159 -75.05 5.70 38.26
N THR D 160 -75.84 6.61 37.69
CA THR D 160 -77.27 6.37 37.50
C THR D 160 -77.49 5.18 36.55
N SER D 161 -76.74 5.15 35.45
CA SER D 161 -76.87 4.04 34.51
C SER D 161 -76.57 2.71 35.18
N LEU D 162 -75.43 2.61 35.87
CA LEU D 162 -75.05 1.36 36.52
C LEU D 162 -76.06 0.96 37.59
N TYR D 163 -76.59 1.93 38.34
CA TYR D 163 -77.59 1.62 39.35
C TYR D 163 -78.88 1.10 38.72
N HIS D 164 -79.22 1.58 37.53
CA HIS D 164 -80.46 1.12 36.91
C HIS D 164 -80.37 -0.26 36.27
N GLN D 165 -79.18 -0.83 36.11
CA GLN D 165 -79.08 -2.26 35.81
C GLN D 165 -78.68 -3.09 37.03
N ALA D 166 -78.23 -2.45 38.11
CA ALA D 166 -77.94 -3.20 39.33
C ALA D 166 -79.21 -3.82 39.92
N ILE D 167 -80.34 -3.13 39.79
CA ILE D 167 -81.60 -3.59 40.39
C ILE D 167 -82.30 -4.54 39.43
N LYS D 168 -81.62 -4.93 38.36
CA LYS D 168 -82.23 -5.83 37.39
C LYS D 168 -81.50 -7.16 37.25
N GLY D 169 -80.65 -7.53 38.21
CA GLY D 169 -79.98 -8.82 38.15
C GLY D 169 -78.67 -8.83 37.40
N VAL D 170 -78.16 -7.67 36.99
CA VAL D 170 -76.89 -7.59 36.27
C VAL D 170 -75.76 -7.54 37.29
N ARG D 171 -74.80 -8.45 37.15
CA ARG D 171 -73.67 -8.55 38.07
C ARG D 171 -72.33 -8.27 37.42
N LEU D 172 -72.30 -7.93 36.14
CA LEU D 172 -71.04 -7.75 35.42
C LEU D 172 -71.28 -6.84 34.22
N ALA D 173 -70.40 -5.86 34.04
CA ALA D 173 -70.54 -4.89 32.96
C ALA D 173 -69.18 -4.60 32.36
N TYR D 174 -69.18 -4.25 31.07
CA TYR D 174 -67.97 -3.91 30.33
C TYR D 174 -68.13 -2.55 29.67
N TRP D 175 -67.01 -1.84 29.53
CA TRP D 175 -66.99 -0.52 28.91
C TRP D 175 -65.73 -0.38 28.08
N VAL D 176 -65.89 -0.13 26.78
CA VAL D 176 -64.77 0.02 25.85
C VAL D 176 -64.80 1.43 25.28
N GLY D 177 -63.66 2.12 25.34
CA GLY D 177 -63.64 3.47 24.82
C GLY D 177 -62.28 4.13 24.93
N PHE D 178 -62.30 5.45 24.82
CA PHE D 178 -61.12 6.29 24.96
C PHE D 178 -60.70 6.44 26.41
N ASP D 179 -59.40 6.66 26.62
CA ASP D 179 -58.88 6.94 27.96
C ASP D 179 -59.43 8.26 28.48
N THR D 180 -59.80 8.27 29.75
CA THR D 180 -60.38 9.43 30.41
C THR D 180 -59.32 10.28 31.10
N THR D 181 -58.07 9.83 31.09
CA THR D 181 -57.00 10.53 31.80
C THR D 181 -56.79 11.98 31.36
N PRO D 182 -56.78 12.32 30.06
CA PRO D 182 -56.54 13.72 29.68
C PRO D 182 -57.57 14.70 30.23
N PHE D 183 -58.80 14.27 30.51
CA PHE D 183 -59.81 15.17 31.05
C PHE D 183 -59.78 15.28 32.56
N MET D 184 -59.09 14.36 33.25
CA MET D 184 -58.87 14.53 34.68
C MET D 184 -57.79 15.57 34.96
N TYR D 185 -56.85 15.74 34.03
CA TYR D 185 -55.85 16.79 34.11
C TYR D 185 -56.37 18.14 33.64
N ASN D 186 -57.55 18.17 33.01
CA ASN D 186 -58.23 19.40 32.61
C ASN D 186 -57.43 20.19 31.57
N ALA D 187 -57.08 19.50 30.49
CA ALA D 187 -56.37 20.14 29.39
C ALA D 187 -57.35 20.84 28.43
N MET D 188 -56.80 21.66 27.55
CA MET D 188 -57.62 22.43 26.62
C MET D 188 -57.78 21.75 25.27
N ALA D 189 -56.76 21.04 24.79
CA ALA D 189 -56.82 20.35 23.50
C ALA D 189 -55.89 19.15 23.56
N GLY D 190 -56.11 18.21 22.64
CA GLY D 190 -55.26 17.03 22.66
C GLY D 190 -55.47 16.16 21.44
N ALA D 191 -54.67 15.09 21.38
CA ALA D 191 -54.65 14.17 20.25
C ALA D 191 -54.51 12.74 20.74
N TYR D 192 -54.96 11.81 19.89
CA TYR D 192 -54.73 10.37 20.05
C TYR D 192 -54.07 9.92 18.75
N PRO D 193 -52.78 10.19 18.58
CA PRO D 193 -52.16 10.11 17.24
C PRO D 193 -52.16 8.73 16.61
N SER D 194 -52.33 7.67 17.39
CA SER D 194 -52.36 6.33 16.82
C SER D 194 -53.70 5.96 16.20
N TYR D 195 -54.74 6.78 16.39
CA TYR D 195 -56.06 6.52 15.84
C TYR D 195 -56.57 7.67 14.98
N SER D 196 -55.70 8.63 14.65
CA SER D 196 -56.06 9.78 13.82
C SER D 196 -57.24 10.55 14.40
N THR D 197 -57.12 10.91 15.68
CA THR D 197 -58.18 11.57 16.41
C THR D 197 -57.64 12.82 17.08
N ASN D 198 -58.35 13.94 16.93
CA ASN D 198 -58.01 15.18 17.60
C ASN D 198 -59.22 15.76 18.29
N TRP D 199 -59.01 16.33 19.48
CA TRP D 199 -60.11 16.93 20.22
C TRP D 199 -59.70 18.31 20.71
N ALA D 200 -60.67 19.20 20.79
CA ALA D 200 -60.38 20.58 21.18
C ALA D 200 -61.59 21.23 21.83
N ASP D 201 -61.31 22.19 22.71
CA ASP D 201 -62.34 23.03 23.31
C ASP D 201 -62.86 24.05 22.29
N GLU D 202 -64.10 24.51 22.50
CA GLU D 202 -64.73 25.41 21.55
C GLU D 202 -64.04 26.77 21.46
N GLN D 203 -63.39 27.23 22.53
CA GLN D 203 -62.82 28.57 22.55
C GLN D 203 -61.49 28.69 21.83
N VAL D 204 -60.93 27.57 21.35
CA VAL D 204 -59.67 27.58 20.63
C VAL D 204 -59.80 27.00 19.22
N LEU D 205 -61.03 26.96 18.68
CA LEU D 205 -61.23 26.41 17.35
C LEU D 205 -60.60 27.28 16.26
N LYS D 206 -60.36 28.56 16.56
CA LYS D 206 -59.71 29.45 15.60
C LYS D 206 -58.23 29.66 15.90
N ALA D 207 -57.54 28.62 16.39
CA ALA D 207 -56.11 28.69 16.64
C ALA D 207 -55.37 28.47 15.32
N LYS D 208 -54.06 28.31 15.39
CA LYS D 208 -53.23 28.22 14.19
C LYS D 208 -52.48 26.90 14.06
N ASN D 209 -51.85 26.40 15.12
CA ASN D 209 -50.92 25.29 15.03
C ASN D 209 -51.31 24.10 15.91
N ILE D 210 -52.60 23.89 16.15
CA ILE D 210 -53.05 22.68 16.84
C ILE D 210 -53.69 21.77 15.80
N GLY D 211 -54.02 20.54 16.19
CA GLY D 211 -54.48 19.55 15.24
C GLY D 211 -55.88 19.75 14.69
N LEU D 212 -56.67 20.61 15.32
CA LEU D 212 -58.05 20.86 14.90
C LEU D 212 -58.34 22.36 15.01
N CYS D 213 -58.16 23.08 13.91
CA CYS D 213 -58.35 24.54 13.91
C CYS D 213 -58.40 25.03 12.48
N SER D 214 -58.74 26.32 12.33
CA SER D 214 -58.70 27.02 11.05
C SER D 214 -58.61 28.51 11.33
N THR D 215 -57.74 29.20 10.59
CA THR D 215 -57.53 30.63 10.76
C THR D 215 -57.50 31.31 9.40
N ASP D 216 -57.23 32.62 9.41
CA ASP D 216 -57.23 33.44 8.21
C ASP D 216 -55.93 34.22 8.10
N LEU D 217 -55.74 34.87 6.95
CA LEU D 217 -54.63 35.77 6.73
C LEU D 217 -55.01 37.19 7.14
N THR D 218 -54.06 37.91 7.70
CA THR D 218 -54.34 39.25 8.20
C THR D 218 -53.05 40.05 8.25
N GLU D 219 -53.20 41.37 8.40
CA GLU D 219 -52.07 42.29 8.46
C GLU D 219 -51.76 42.73 9.89
N GLY D 220 -52.77 42.89 10.74
CA GLY D 220 -52.53 43.30 12.11
C GLY D 220 -53.12 44.66 12.45
N ARG D 221 -54.19 44.65 13.25
CA ARG D 221 -54.87 45.87 13.63
C ARG D 221 -54.46 46.27 15.05
N ARG D 222 -54.50 47.59 15.33
CA ARG D 222 -54.14 48.11 16.65
C ARG D 222 -55.33 48.21 17.59
N GLY D 223 -56.53 47.88 17.14
CA GLY D 223 -57.72 47.97 17.98
C GLY D 223 -57.99 46.70 18.77
N ARG D 229 -64.92 42.65 27.96
CA ARG D 229 -63.60 42.19 28.36
C ARG D 229 -63.58 40.68 28.65
N GLY D 230 -62.40 40.09 28.50
CA GLY D 230 -62.20 38.67 28.73
C GLY D 230 -61.35 38.42 29.97
N LYS D 231 -60.06 38.19 29.73
CA LYS D 231 -59.04 37.97 30.75
C LYS D 231 -59.17 36.61 31.44
N LYS D 232 -60.20 35.84 31.08
CA LYS D 232 -60.43 34.51 31.62
C LYS D 232 -60.50 33.53 30.45
N LEU D 233 -59.45 32.73 30.26
CA LEU D 233 -59.42 31.67 29.27
C LEU D 233 -59.29 30.35 30.01
N GLU D 234 -60.42 29.68 30.22
CA GLU D 234 -60.47 28.46 31.02
C GLU D 234 -61.32 27.43 30.30
N PRO D 235 -61.07 26.14 30.55
CA PRO D 235 -61.85 25.10 29.88
C PRO D 235 -63.34 25.18 30.22
N CYS D 236 -64.17 24.84 29.24
N CYS D 236 -64.17 24.82 29.25
CA CYS D 236 -65.62 24.84 29.37
CA CYS D 236 -65.62 24.83 29.40
C CYS D 236 -66.17 23.43 29.10
C CYS D 236 -66.15 23.43 29.12
N ASP D 237 -67.48 23.29 29.23
CA ASP D 237 -68.10 21.97 29.15
C ASP D 237 -68.00 21.37 27.76
N ARG D 238 -68.23 22.15 26.71
CA ARG D 238 -68.41 21.59 25.38
C ARG D 238 -67.07 21.36 24.70
N VAL D 239 -66.88 20.14 24.17
CA VAL D 239 -65.65 19.74 23.51
C VAL D 239 -66.01 19.08 22.18
N LEU D 240 -65.13 19.23 21.19
CA LEU D 240 -65.33 18.64 19.87
C LEU D 240 -64.28 17.57 19.62
N PHE D 241 -64.73 16.42 19.14
CA PHE D 241 -63.89 15.28 18.78
C PHE D 241 -63.95 15.07 17.28
N SER D 242 -62.80 14.76 16.68
CA SER D 242 -62.71 14.43 15.26
C SER D 242 -61.94 13.13 15.12
N VAL D 243 -62.64 12.08 14.74
CA VAL D 243 -62.05 10.77 14.48
C VAL D 243 -61.99 10.61 12.96
N GLY D 244 -60.79 10.69 12.40
CA GLY D 244 -60.66 10.77 10.97
C GLY D 244 -61.33 12.01 10.43
N SER D 245 -62.48 11.83 9.76
CA SER D 245 -63.28 12.95 9.30
C SER D 245 -64.66 13.01 9.95
N THR D 246 -64.91 12.22 10.99
CA THR D 246 -66.21 12.20 11.65
C THR D 246 -66.15 13.07 12.91
N LEU D 247 -67.21 13.84 13.14
CA LEU D 247 -67.26 14.84 14.20
C LEU D 247 -68.25 14.42 15.27
N TYR D 248 -67.85 14.57 16.53
CA TYR D 248 -68.71 14.23 17.67
C TYR D 248 -68.62 15.32 18.72
N PRO D 249 -69.73 15.93 19.13
CA PRO D 249 -69.70 16.85 20.28
C PRO D 249 -69.86 16.07 21.59
N GLU D 250 -69.12 16.50 22.61
CA GLU D 250 -69.10 15.82 23.90
C GLU D 250 -69.11 16.84 25.02
N SER D 251 -69.44 16.37 26.22
CA SER D 251 -69.45 17.17 27.44
C SER D 251 -68.38 16.65 28.40
N ARG D 252 -67.77 17.58 29.15
CA ARG D 252 -66.68 17.20 30.04
C ARG D 252 -67.18 16.43 31.25
N LYS D 253 -68.36 16.79 31.76
CA LYS D 253 -68.87 16.16 32.98
C LYS D 253 -69.15 14.68 32.76
N LEU D 254 -69.84 14.34 31.67
CA LEU D 254 -70.14 12.94 31.38
C LEU D 254 -68.90 12.14 31.02
N LEU D 255 -67.89 12.77 30.44
CA LEU D 255 -66.63 12.08 30.22
C LEU D 255 -65.91 11.78 31.53
N LYS D 256 -65.87 12.77 32.43
CA LYS D 256 -65.23 12.58 33.73
C LYS D 256 -65.98 11.60 34.61
N SER D 257 -67.29 11.46 34.42
CA SER D 257 -68.07 10.59 35.30
C SER D 257 -67.70 9.12 35.16
N TRP D 258 -67.00 8.73 34.09
CA TRP D 258 -66.61 7.34 33.89
C TRP D 258 -65.22 7.04 34.45
N HIS D 259 -64.56 8.01 35.08
CA HIS D 259 -63.28 7.78 35.75
C HIS D 259 -63.59 7.36 37.17
N LEU D 260 -63.86 6.06 37.36
CA LEU D 260 -64.38 5.52 38.61
C LEU D 260 -63.25 4.99 39.48
N PRO D 261 -63.40 5.06 40.81
CA PRO D 261 -62.38 4.52 41.70
C PRO D 261 -62.40 3.01 41.73
N SER D 262 -61.44 2.44 42.46
CA SER D 262 -61.31 0.99 42.54
C SER D 262 -62.47 0.36 43.31
N VAL D 263 -63.00 1.04 44.33
CA VAL D 263 -64.12 0.55 45.12
C VAL D 263 -65.07 1.70 45.37
N PHE D 264 -66.37 1.46 45.16
CA PHE D 264 -67.38 2.47 45.47
C PHE D 264 -68.68 1.78 45.87
N HIS D 265 -69.62 2.60 46.37
CA HIS D 265 -70.88 2.12 46.93
C HIS D 265 -72.03 2.82 46.24
N LEU D 266 -73.03 2.06 45.82
CA LEU D 266 -74.28 2.61 45.27
C LEU D 266 -75.38 2.32 46.29
N LYS D 267 -75.82 3.34 47.02
CA LYS D 267 -76.80 3.16 48.10
C LYS D 267 -78.00 4.08 47.87
N GLY D 268 -79.06 3.52 47.28
CA GLY D 268 -80.33 4.21 47.15
C GLY D 268 -81.41 3.53 47.97
N LYS D 269 -82.27 2.76 47.32
CA LYS D 269 -83.21 1.89 48.00
C LYS D 269 -82.58 0.53 48.24
N LEU D 270 -82.12 -0.15 47.20
CA LEU D 270 -81.23 -1.28 47.32
C LEU D 270 -79.78 -0.80 47.27
N SER D 271 -78.89 -1.58 47.88
CA SER D 271 -77.51 -1.17 48.05
C SER D 271 -76.57 -2.18 47.41
N PHE D 272 -75.49 -1.66 46.83
CA PHE D 272 -74.52 -2.47 46.11
C PHE D 272 -73.12 -1.93 46.36
N THR D 273 -72.15 -2.85 46.30
CA THR D 273 -70.73 -2.52 46.39
C THR D 273 -70.07 -2.91 45.08
N CYS D 274 -69.38 -1.96 44.46
CA CYS D 274 -68.89 -2.12 43.10
C CYS D 274 -67.39 -1.89 43.03
N ARG D 275 -66.75 -2.57 42.09
CA ARG D 275 -65.31 -2.47 41.84
C ARG D 275 -65.06 -2.22 40.37
N CYS D 276 -64.02 -1.46 40.07
CA CYS D 276 -63.65 -1.11 38.71
C CYS D 276 -62.20 -1.49 38.44
N ASP D 277 -61.97 -2.20 37.35
CA ASP D 277 -60.63 -2.65 36.97
C ASP D 277 -60.42 -2.46 35.47
N THR D 278 -59.17 -2.22 35.08
CA THR D 278 -58.79 -2.07 33.69
C THR D 278 -58.07 -3.33 33.23
N VAL D 279 -58.58 -3.96 32.17
CA VAL D 279 -58.04 -5.23 31.71
C VAL D 279 -57.24 -5.09 30.41
N VAL D 280 -57.65 -4.22 29.50
CA VAL D 280 -56.96 -4.03 28.23
C VAL D 280 -56.73 -2.54 28.00
N SER D 281 -55.52 -2.19 27.60
CA SER D 281 -55.13 -0.80 27.38
C SER D 281 -54.18 -0.73 26.20
N CYS D 282 -54.49 0.12 25.22
CA CYS D 282 -53.67 0.27 24.03
C CYS D 282 -53.74 1.71 23.55
N GLU D 283 -52.70 2.49 23.89
CA GLU D 283 -52.42 3.81 23.33
C GLU D 283 -53.63 4.73 23.24
N GLY D 284 -54.58 4.58 24.17
CA GLY D 284 -55.74 5.44 24.16
C GLY D 284 -57.06 4.73 24.36
N TYR D 285 -57.15 3.48 23.95
CA TYR D 285 -58.33 2.66 24.17
C TYR D 285 -58.18 1.81 25.42
N VAL D 286 -59.24 1.76 26.21
CA VAL D 286 -59.28 0.99 27.44
C VAL D 286 -60.57 0.18 27.47
N VAL D 287 -60.48 -1.00 28.09
CA VAL D 287 -61.61 -1.84 28.41
C VAL D 287 -61.69 -1.96 29.93
N LYS D 288 -62.83 -1.61 30.50
CA LYS D 288 -63.05 -1.58 31.94
C LYS D 288 -64.11 -2.61 32.30
N ARG D 289 -63.82 -3.42 33.31
CA ARG D 289 -64.74 -4.42 33.82
C ARG D 289 -65.24 -4.01 35.19
N ILE D 290 -66.57 -4.00 35.36
CA ILE D 290 -67.19 -3.59 36.61
C ILE D 290 -68.01 -4.74 37.15
N THR D 291 -67.82 -5.06 38.43
CA THR D 291 -68.55 -6.10 39.12
C THR D 291 -69.37 -5.49 40.26
N MET D 292 -70.59 -5.99 40.44
CA MET D 292 -71.52 -5.46 41.43
C MET D 292 -72.06 -6.58 42.31
N SER D 293 -72.30 -6.26 43.58
CA SER D 293 -72.80 -7.22 44.55
C SER D 293 -73.63 -6.49 45.60
N PRO D 294 -74.74 -7.08 46.04
CA PRO D 294 -75.61 -6.39 47.01
C PRO D 294 -74.96 -6.28 48.38
N GLY D 295 -75.33 -5.24 49.12
CA GLY D 295 -74.88 -5.06 50.49
C GLY D 295 -73.69 -4.14 50.66
N LEU D 296 -73.64 -3.44 51.79
CA LEU D 296 -72.51 -2.57 52.10
C LEU D 296 -71.38 -3.39 52.71
N TYR D 297 -70.36 -3.69 51.93
CA TYR D 297 -69.15 -4.34 52.40
C TYR D 297 -68.13 -3.26 52.78
N GLY D 298 -66.84 -3.56 52.93
CA GLY D 298 -65.89 -2.69 53.59
C GLY D 298 -65.69 -1.30 53.01
N LYS D 299 -64.72 -0.58 53.56
CA LYS D 299 -64.61 0.86 53.40
C LYS D 299 -63.99 1.23 52.06
N THR D 300 -64.08 2.50 51.73
CA THR D 300 -63.59 3.06 50.47
C THR D 300 -62.57 4.15 50.76
N THR D 301 -61.61 4.30 49.85
CA THR D 301 -60.60 5.36 49.96
C THR D 301 -60.90 6.54 49.06
N GLY D 302 -61.32 6.30 47.82
CA GLY D 302 -61.64 7.37 46.90
C GLY D 302 -60.54 7.74 45.94
N TYR D 303 -59.65 6.83 45.58
CA TYR D 303 -58.52 7.11 44.71
C TYR D 303 -58.64 6.29 43.42
N ALA D 304 -58.37 6.94 42.29
CA ALA D 304 -58.32 6.29 41.00
C ALA D 304 -56.88 6.29 40.49
N VAL D 305 -56.45 5.15 39.95
CA VAL D 305 -55.06 4.91 39.57
C VAL D 305 -54.99 4.55 38.10
N THR D 306 -54.01 5.12 37.41
CA THR D 306 -53.76 4.86 36.00
C THR D 306 -52.32 4.45 35.80
N HIS D 307 -52.10 3.32 35.14
CA HIS D 307 -50.76 2.82 34.85
C HIS D 307 -50.34 3.22 33.44
N HIS D 308 -49.11 3.72 33.30
CA HIS D 308 -48.62 4.26 32.04
C HIS D 308 -47.64 3.28 31.41
N ALA D 309 -48.06 2.66 30.31
CA ALA D 309 -47.15 1.84 29.51
C ALA D 309 -46.38 2.65 28.48
N ASP D 310 -46.85 3.86 28.16
CA ASP D 310 -46.16 4.78 27.29
C ASP D 310 -46.07 6.13 27.97
N GLY D 311 -45.31 7.05 27.37
CA GLY D 311 -45.14 8.35 27.97
C GLY D 311 -46.36 9.23 27.77
N PHE D 312 -46.69 10.01 28.80
CA PHE D 312 -47.79 10.96 28.76
C PHE D 312 -47.25 12.36 29.02
N LEU D 313 -47.57 13.30 28.15
CA LEU D 313 -47.07 14.67 28.28
C LEU D 313 -48.22 15.66 28.32
N MET D 314 -48.05 16.70 29.14
CA MET D 314 -48.96 17.84 29.16
C MET D 314 -48.13 19.10 29.35
N CYS D 315 -48.20 20.02 28.40
CA CYS D 315 -47.30 21.17 28.40
C CYS D 315 -48.03 22.44 28.03
N LYS D 316 -47.46 23.56 28.48
CA LYS D 316 -47.93 24.89 28.10
C LYS D 316 -47.40 25.27 26.72
N THR D 317 -48.21 26.00 25.96
CA THR D 317 -47.84 26.45 24.64
C THR D 317 -48.48 27.80 24.37
N THR D 318 -47.84 28.56 23.48
CA THR D 318 -48.31 29.89 23.08
C THR D 318 -48.75 29.84 21.62
N ASP D 319 -49.97 30.33 21.37
CA ASP D 319 -50.54 30.30 20.02
C ASP D 319 -51.26 31.62 19.78
N THR D 320 -51.80 31.76 18.58
CA THR D 320 -52.60 32.91 18.19
C THR D 320 -54.01 32.44 17.85
N VAL D 321 -54.99 32.92 18.61
CA VAL D 321 -56.39 32.59 18.41
C VAL D 321 -57.09 33.84 17.91
N ASP D 322 -57.58 33.79 16.68
CA ASP D 322 -58.35 34.87 16.06
C ASP D 322 -57.59 36.19 16.09
N GLY D 323 -56.26 36.10 15.99
CA GLY D 323 -55.39 37.25 15.96
C GLY D 323 -54.75 37.61 17.29
N GLU D 324 -55.28 37.09 18.39
CA GLU D 324 -54.79 37.45 19.73
C GLU D 324 -53.87 36.36 20.26
N ARG D 325 -52.71 36.78 20.78
CA ARG D 325 -51.72 35.85 21.30
C ARG D 325 -52.08 35.41 22.71
N VAL D 326 -52.20 34.09 22.92
CA VAL D 326 -52.59 33.53 24.21
C VAL D 326 -51.75 32.28 24.47
N SER D 327 -51.93 31.71 25.67
CA SER D 327 -51.23 30.50 26.09
C SER D 327 -52.21 29.53 26.74
N PHE D 328 -52.02 28.25 26.49
CA PHE D 328 -52.86 27.21 27.10
C PHE D 328 -52.13 25.87 27.02
N SER D 329 -52.77 24.83 27.57
CA SER D 329 -52.14 23.54 27.77
C SER D 329 -52.60 22.52 26.74
N VAL D 330 -51.68 21.66 26.31
CA VAL D 330 -51.94 20.60 25.34
C VAL D 330 -51.29 19.31 25.84
N CYS D 331 -51.98 18.19 25.65
CA CYS D 331 -51.51 16.89 26.11
C CYS D 331 -51.39 15.91 24.94
N THR D 332 -50.54 14.91 25.11
CA THR D 332 -50.27 13.94 24.05
C THR D 332 -49.60 12.69 24.62
N TYR D 333 -49.48 11.68 23.76
CA TYR D 333 -48.87 10.40 24.07
C TYR D 333 -47.58 10.24 23.29
N VAL D 334 -46.59 9.59 23.89
CA VAL D 334 -45.27 9.40 23.29
C VAL D 334 -44.90 7.92 23.41
N PRO D 335 -44.37 7.30 22.36
CA PRO D 335 -43.97 5.89 22.44
C PRO D 335 -42.85 5.67 23.44
N ALA D 336 -42.77 4.45 23.97
CA ALA D 336 -41.84 4.14 25.05
C ALA D 336 -40.39 4.14 24.57
N THR D 337 -40.16 3.68 23.33
CA THR D 337 -38.79 3.57 22.83
C THR D 337 -38.11 4.93 22.74
N ILE D 338 -38.82 5.94 22.25
CA ILE D 338 -38.26 7.28 22.17
C ILE D 338 -37.97 7.82 23.56
N CYS D 339 -38.89 7.60 24.51
CA CYS D 339 -38.68 8.04 25.88
C CYS D 339 -37.43 7.39 26.48
N ASP D 340 -37.24 6.10 26.23
CA ASP D 340 -36.06 5.42 26.73
C ASP D 340 -34.78 5.94 26.07
N GLN D 341 -34.83 6.25 24.78
CA GLN D 341 -33.64 6.73 24.07
C GLN D 341 -33.36 8.21 24.31
N MET D 342 -34.27 8.94 24.95
CA MET D 342 -34.02 10.34 25.30
C MET D 342 -33.47 10.52 26.70
N THR D 343 -33.21 9.43 27.42
CA THR D 343 -32.80 9.53 28.83
C THR D 343 -31.47 10.25 28.99
N GLY D 344 -30.50 9.93 28.12
CA GLY D 344 -29.17 10.49 28.28
C GLY D 344 -29.11 11.99 28.04
N ILE D 345 -29.83 12.45 27.01
CA ILE D 345 -29.75 13.87 26.62
C ILE D 345 -30.37 14.76 27.69
N LEU D 346 -31.44 14.29 28.34
CA LEU D 346 -32.17 15.11 29.28
C LEU D 346 -31.42 15.35 30.59
N ALA D 347 -30.21 14.81 30.74
CA ALA D 347 -29.43 15.07 31.95
C ALA D 347 -29.02 16.54 32.05
N THR D 348 -28.70 17.16 30.91
CA THR D 348 -28.28 18.55 30.89
C THR D 348 -29.43 19.44 30.38
N GLU D 349 -29.15 20.73 30.24
CA GLU D 349 -30.12 21.70 29.74
C GLU D 349 -29.93 21.82 28.23
N VAL D 350 -31.01 21.64 27.49
CA VAL D 350 -30.98 21.62 26.03
C VAL D 350 -31.98 22.62 25.50
N THR D 351 -31.70 23.13 24.29
CA THR D 351 -32.56 24.06 23.58
C THR D 351 -33.62 23.31 22.78
N PRO D 352 -34.77 23.94 22.53
CA PRO D 352 -35.84 23.24 21.78
C PRO D 352 -35.43 22.79 20.39
N GLU D 353 -34.59 23.54 19.68
CA GLU D 353 -34.24 23.16 18.32
C GLU D 353 -33.28 21.97 18.30
N ASP D 354 -32.35 21.91 19.26
CA ASP D 354 -31.49 20.74 19.37
C ASP D 354 -32.30 19.49 19.67
N ALA D 355 -33.26 19.61 20.58
CA ALA D 355 -34.16 18.48 20.87
C ALA D 355 -34.97 18.09 19.64
N GLN D 356 -35.42 19.09 18.87
CA GLN D 356 -36.16 18.80 17.64
C GLN D 356 -35.30 18.01 16.66
N LYS D 357 -34.05 18.43 16.47
CA LYS D 357 -33.16 17.72 15.55
C LYS D 357 -32.89 16.31 16.04
N LEU D 358 -32.65 16.15 17.35
CA LEU D 358 -32.42 14.81 17.89
C LEU D 358 -33.64 13.92 17.70
N LEU D 359 -34.83 14.45 17.95
CA LEU D 359 -36.06 13.67 17.79
C LEU D 359 -36.28 13.28 16.33
N VAL D 360 -35.98 14.19 15.40
CA VAL D 360 -36.09 13.85 13.98
C VAL D 360 -35.09 12.77 13.62
N GLY D 361 -33.88 12.84 14.18
CA GLY D 361 -32.89 11.81 13.91
C GLY D 361 -33.32 10.45 14.42
N LEU D 362 -33.84 10.37 15.64
CA LEU D 362 -34.31 9.10 16.18
C LEU D 362 -35.55 8.59 15.45
N ASN D 363 -36.47 9.48 15.06
CA ASN D 363 -37.70 9.06 14.40
C ASN D 363 -37.42 8.60 12.97
N ASN D 377 -41.59 6.02 9.91
CA ASN D 377 -41.72 6.88 11.08
C ASN D 377 -42.38 6.14 12.24
N THR D 378 -41.89 6.39 13.46
CA THR D 378 -42.48 5.79 14.64
C THR D 378 -43.58 6.66 15.23
N MET D 379 -43.39 7.97 15.27
CA MET D 379 -44.39 8.91 15.73
C MET D 379 -44.69 9.92 14.62
N LYS D 380 -45.91 10.44 14.60
CA LYS D 380 -46.31 11.39 13.58
C LYS D 380 -45.55 12.70 13.73
N ASN D 381 -45.23 13.32 12.59
CA ASN D 381 -44.31 14.45 12.56
C ASN D 381 -44.94 15.76 13.04
N TYR D 382 -46.27 15.87 13.05
CA TYR D 382 -46.90 17.13 13.44
C TYR D 382 -46.94 17.33 14.94
N MET D 383 -46.57 16.32 15.73
CA MET D 383 -46.52 16.45 17.18
C MET D 383 -45.13 16.72 17.73
N ILE D 384 -44.09 16.58 16.92
CA ILE D 384 -42.70 16.71 17.34
C ILE D 384 -42.36 18.09 17.90
N PRO D 385 -42.77 19.20 17.27
CA PRO D 385 -42.33 20.52 17.78
C PRO D 385 -42.79 20.83 19.20
N VAL D 386 -43.94 20.31 19.63
CA VAL D 386 -44.41 20.61 20.98
C VAL D 386 -43.78 19.65 21.99
N VAL D 387 -43.51 18.41 21.58
CA VAL D 387 -42.81 17.46 22.44
C VAL D 387 -41.41 17.96 22.73
N ALA D 388 -40.72 18.50 21.73
CA ALA D 388 -39.37 19.02 21.95
C ALA D 388 -39.38 20.17 22.96
N GLN D 389 -40.34 21.09 22.84
CA GLN D 389 -40.48 22.19 23.77
C GLN D 389 -40.79 21.71 25.19
N ALA D 390 -41.66 20.71 25.32
CA ALA D 390 -41.97 20.16 26.63
C ALA D 390 -40.75 19.53 27.28
N PHE D 391 -39.97 18.75 26.51
CA PHE D 391 -38.75 18.16 27.04
C PHE D 391 -37.75 19.22 27.47
N SER D 392 -37.60 20.26 26.66
CA SER D 392 -36.65 21.33 26.98
C SER D 392 -37.05 22.05 28.26
N LYS D 393 -38.36 22.31 28.44
CA LYS D 393 -38.80 22.96 29.67
C LYS D 393 -38.73 22.05 30.89
N TRP D 394 -38.89 20.74 30.71
CA TRP D 394 -38.78 19.81 31.84
C TRP D 394 -37.34 19.69 32.32
N ALA D 395 -36.38 19.63 31.39
CA ALA D 395 -34.99 19.47 31.78
C ALA D 395 -34.47 20.66 32.57
N LYS D 396 -35.00 21.86 32.30
CA LYS D 396 -34.59 23.05 33.04
C LYS D 396 -35.16 23.09 34.46
N GLU D 397 -36.43 22.72 34.61
CA GLU D 397 -37.02 22.65 35.95
C GLU D 397 -36.36 21.58 36.82
N CYS D 398 -35.93 20.45 36.23
CA CYS D 398 -35.18 19.47 37.01
C CYS D 398 -33.90 20.09 37.57
N ARG D 399 -33.14 20.80 36.74
CA ARG D 399 -31.91 21.44 37.19
C ARG D 399 -32.18 22.48 38.26
N LYS D 400 -33.24 23.29 38.07
CA LYS D 400 -33.58 24.29 39.08
C LYS D 400 -33.95 23.65 40.42
N ASP D 401 -34.65 22.51 40.38
CA ASP D 401 -34.93 21.78 41.62
C ASP D 401 -33.64 21.27 42.25
N MET D 402 -32.69 20.81 41.43
CA MET D 402 -31.45 20.25 41.97
C MET D 402 -30.59 21.27 42.70
N GLU D 403 -30.69 22.55 42.35
CA GLU D 403 -29.79 23.57 42.88
C GLU D 403 -30.39 24.41 44.00
N ASP D 404 -31.54 24.00 44.56
CA ASP D 404 -32.19 24.73 45.65
C ASP D 404 -32.47 23.76 46.80
N GLU D 405 -31.44 23.00 47.17
CA GLU D 405 -31.57 21.97 48.19
C GLU D 405 -32.06 22.54 49.51
N LYS D 406 -32.94 21.78 50.17
CA LYS D 406 -33.55 22.15 51.43
C LYS D 406 -33.10 21.19 52.53
N LEU D 407 -33.67 21.35 53.73
CA LEU D 407 -33.35 20.51 54.87
C LEU D 407 -34.42 19.42 55.05
N LEU D 408 -34.05 18.34 55.73
CA LEU D 408 -34.94 17.20 55.88
C LEU D 408 -36.06 17.50 56.87
N GLY D 409 -37.31 17.35 56.41
CA GLY D 409 -38.45 17.33 57.30
C GLY D 409 -38.92 18.66 57.83
N VAL D 410 -38.47 19.77 57.25
CA VAL D 410 -38.86 21.10 57.73
C VAL D 410 -39.35 21.93 56.56
N ARG D 411 -40.43 22.66 56.78
CA ARG D 411 -40.98 23.60 55.81
C ARG D 411 -40.82 25.01 56.34
N GLU D 412 -40.33 25.92 55.48
CA GLU D 412 -40.09 27.31 55.88
C GLU D 412 -41.28 28.16 55.45
N ARG D 413 -41.94 28.74 56.45
CA ARG D 413 -43.03 29.68 56.21
C ARG D 413 -42.94 30.86 57.16
N ALA D 422 -47.03 32.44 55.08
CA ALA D 422 -47.19 32.34 53.64
C ALA D 422 -45.95 31.74 53.00
N PHE D 423 -46.14 30.77 52.10
CA PHE D 423 -45.04 30.11 51.41
C PHE D 423 -45.13 30.36 49.92
N LYS D 424 -43.96 30.49 49.29
CA LYS D 424 -43.90 30.77 47.86
C LYS D 424 -44.16 29.52 47.04
N LYS D 425 -44.85 29.69 45.92
CA LYS D 425 -45.05 28.61 44.95
C LYS D 425 -44.16 28.82 43.73
N GLN D 426 -43.79 27.72 43.08
CA GLN D 426 -42.89 27.76 41.95
C GLN D 426 -43.65 27.51 40.65
N LYS D 427 -42.95 27.69 39.54
CA LYS D 427 -43.53 27.50 38.22
C LYS D 427 -43.56 26.03 37.84
N THR D 428 -44.63 25.63 37.15
CA THR D 428 -44.75 24.30 36.57
C THR D 428 -45.34 24.44 35.18
N HIS D 429 -44.53 24.16 34.16
CA HIS D 429 -44.97 24.28 32.78
C HIS D 429 -45.03 22.94 32.04
N THR D 430 -44.61 21.85 32.67
CA THR D 430 -44.63 20.55 32.03
C THR D 430 -44.97 19.47 33.04
N VAL D 431 -45.84 18.54 32.64
CA VAL D 431 -46.12 17.32 33.39
C VAL D 431 -45.74 16.16 32.49
N TYR D 432 -44.85 15.31 32.98
CA TYR D 432 -44.29 14.21 32.20
C TYR D 432 -44.43 12.92 33.01
N LYS D 433 -45.20 11.98 32.50
CA LYS D 433 -45.39 10.67 33.12
C LYS D 433 -44.66 9.65 32.26
N ARG D 434 -43.53 9.16 32.77
CA ARG D 434 -42.72 8.17 32.08
C ARG D 434 -43.35 6.79 32.17
N PRO D 435 -43.00 5.88 31.27
CA PRO D 435 -43.56 4.52 31.32
C PRO D 435 -43.13 3.80 32.61
N ASP D 436 -43.98 2.87 33.05
CA ASP D 436 -43.84 2.13 34.29
C ASP D 436 -44.07 3.03 35.50
N THR D 437 -44.93 4.04 35.35
CA THR D 437 -45.34 4.90 36.46
C THR D 437 -46.86 4.89 36.56
N GLN D 438 -47.37 5.57 37.58
CA GLN D 438 -48.80 5.58 37.86
C GLN D 438 -49.24 6.97 38.30
N SER D 439 -50.40 7.37 37.80
CA SER D 439 -51.09 8.59 38.24
C SER D 439 -52.20 8.22 39.21
N ILE D 440 -52.44 9.09 40.19
CA ILE D 440 -53.45 8.86 41.22
C ILE D 440 -54.23 10.14 41.44
N GLN D 441 -55.55 10.04 41.42
CA GLN D 441 -56.43 11.20 41.60
C GLN D 441 -57.50 10.89 42.64
N LYS D 442 -58.03 11.95 43.25
CA LYS D 442 -59.12 11.84 44.23
C LYS D 442 -60.45 12.10 43.55
N VAL D 443 -61.39 11.16 43.74
CA VAL D 443 -62.71 11.26 43.11
C VAL D 443 -63.79 10.91 44.14
N GLN D 444 -65.05 10.93 43.70
CA GLN D 444 -66.17 10.61 44.57
C GLN D 444 -66.35 9.10 44.67
N ALA D 445 -66.71 8.63 45.86
CA ALA D 445 -66.91 7.21 46.11
C ALA D 445 -68.24 6.87 46.76
N GLU D 446 -68.99 7.85 47.27
CA GLU D 446 -70.26 7.62 47.93
C GLU D 446 -71.37 8.19 47.05
N PHE D 447 -72.13 7.30 46.40
CA PHE D 447 -73.19 7.69 45.48
C PHE D 447 -74.52 7.28 46.10
N ASP D 448 -75.44 8.24 46.19
CA ASP D 448 -76.75 7.99 46.77
C ASP D 448 -77.87 8.40 45.81
N ASP E 2 -61.76 -8.79 -15.31
CA ASP E 2 -61.40 -8.49 -13.93
C ASP E 2 -60.52 -7.23 -13.80
N PRO E 3 -59.47 -7.11 -14.62
CA PRO E 3 -58.65 -5.90 -14.55
C PRO E 3 -59.42 -4.69 -15.07
N VAL E 4 -59.21 -3.54 -14.45
CA VAL E 4 -59.81 -2.29 -14.90
C VAL E 4 -58.76 -1.54 -15.70
N TYR E 5 -59.08 -1.24 -16.96
CA TYR E 5 -58.13 -0.60 -17.87
C TYR E 5 -58.39 0.89 -17.91
N VAL E 6 -57.35 1.68 -17.64
CA VAL E 6 -57.45 3.13 -17.62
C VAL E 6 -56.42 3.71 -18.59
N ASP E 7 -56.73 4.89 -19.12
CA ASP E 7 -55.93 5.52 -20.16
C ASP E 7 -54.83 6.37 -19.51
N ILE E 8 -53.80 5.70 -19.02
CA ILE E 8 -52.62 6.37 -18.49
C ILE E 8 -51.37 5.68 -19.03
N ASP E 9 -50.26 6.40 -18.99
CA ASP E 9 -48.99 5.82 -19.43
C ASP E 9 -48.51 4.78 -18.42
N ALA E 10 -47.67 3.85 -18.90
CA ALA E 10 -47.23 2.74 -18.07
C ALA E 10 -46.47 3.23 -16.84
N ASP E 11 -45.49 4.11 -17.05
CA ASP E 11 -44.67 4.62 -15.94
C ASP E 11 -45.20 5.96 -15.45
N SER E 12 -46.35 5.92 -14.79
CA SER E 12 -46.98 7.09 -14.20
C SER E 12 -47.08 6.92 -12.69
N ALA E 13 -46.70 7.97 -11.95
CA ALA E 13 -46.69 7.91 -10.49
C ALA E 13 -48.08 8.01 -9.89
N PHE E 14 -49.07 8.51 -10.64
CA PHE E 14 -50.45 8.57 -10.16
C PHE E 14 -51.08 7.20 -9.99
N LEU E 15 -50.50 6.17 -10.61
CA LEU E 15 -51.05 4.82 -10.53
C LEU E 15 -51.03 4.30 -9.10
N LYS E 16 -49.92 4.47 -8.39
CA LYS E 16 -49.84 3.98 -7.02
C LYS E 16 -50.80 4.73 -6.10
N ALA E 17 -50.99 6.03 -6.35
CA ALA E 17 -52.02 6.77 -5.64
C ALA E 17 -53.40 6.21 -5.95
N LEU E 18 -53.61 5.76 -7.18
CA LEU E 18 -54.89 5.15 -7.54
C LEU E 18 -55.14 3.87 -6.74
N GLN E 19 -54.12 3.02 -6.60
CA GLN E 19 -54.31 1.86 -5.73
C GLN E 19 -54.51 2.26 -4.28
N ARG E 20 -53.78 3.26 -3.80
CA ARG E 20 -53.98 3.67 -2.40
C ARG E 20 -55.40 4.18 -2.17
N ALA E 21 -56.00 4.76 -3.22
CA ALA E 21 -57.35 5.29 -3.12
C ALA E 21 -58.44 4.25 -3.35
N TYR E 22 -58.16 3.22 -4.14
CA TYR E 22 -59.14 2.19 -4.49
C TYR E 22 -58.52 0.81 -4.24
N PRO E 23 -58.36 0.41 -2.98
CA PRO E 23 -57.75 -0.89 -2.70
C PRO E 23 -58.76 -2.04 -2.74
N MET E 24 -59.61 -2.04 -3.76
CA MET E 24 -60.51 -3.15 -4.05
C MET E 24 -60.62 -3.40 -5.55
N PHE E 25 -59.76 -2.78 -6.34
CA PHE E 25 -59.68 -3.05 -7.77
C PHE E 25 -58.20 -3.18 -8.13
N GLU E 26 -57.92 -4.01 -9.14
CA GLU E 26 -56.59 -4.09 -9.70
C GLU E 26 -56.55 -3.33 -11.02
N VAL E 27 -55.54 -2.48 -11.17
CA VAL E 27 -55.48 -1.46 -12.20
C VAL E 27 -54.29 -1.73 -13.10
N GLU E 28 -54.51 -1.67 -14.42
CA GLU E 28 -53.46 -1.82 -15.42
C GLU E 28 -53.56 -0.70 -16.43
N PRO E 29 -52.45 -0.06 -16.79
CA PRO E 29 -52.50 1.06 -17.73
C PRO E 29 -52.55 0.61 -19.19
N ARG E 30 -53.42 1.28 -19.96
CA ARG E 30 -53.60 0.98 -21.38
C ARG E 30 -53.79 2.31 -22.13
N GLN E 31 -52.69 2.84 -22.65
CA GLN E 31 -52.71 4.14 -23.31
C GLN E 31 -53.25 4.01 -24.74
N VAL E 32 -54.15 4.92 -25.11
CA VAL E 32 -54.70 4.96 -26.46
C VAL E 32 -54.52 6.36 -27.06
N THR E 33 -54.99 7.39 -26.37
CA THR E 33 -54.93 8.74 -26.89
C THR E 33 -54.05 9.63 -26.02
N PRO E 34 -53.45 10.67 -26.61
CA PRO E 34 -52.58 11.59 -25.84
C PRO E 34 -53.36 12.74 -25.20
N ASN E 35 -54.29 12.38 -24.31
CA ASN E 35 -55.07 13.39 -23.60
C ASN E 35 -54.20 14.10 -22.57
N ASP E 36 -54.26 15.43 -22.55
CA ASP E 36 -53.43 16.23 -21.64
C ASP E 36 -54.06 16.41 -20.26
N HIS E 37 -55.27 15.93 -20.04
CA HIS E 37 -55.91 15.97 -18.74
C HIS E 37 -56.55 14.60 -18.45
N ALA E 38 -55.80 13.53 -18.73
CA ALA E 38 -56.31 12.18 -18.68
C ALA E 38 -56.35 11.59 -17.28
N ASN E 39 -55.82 12.28 -16.28
CA ASN E 39 -55.80 11.73 -14.92
C ASN E 39 -57.17 11.79 -14.26
N ALA E 40 -57.97 12.81 -14.60
CA ALA E 40 -59.31 12.93 -14.05
C ALA E 40 -60.23 11.80 -14.48
N ARG E 41 -60.13 11.37 -15.74
CA ARG E 41 -60.95 10.30 -16.27
C ARG E 41 -60.74 8.99 -15.54
N ALA E 42 -59.50 8.66 -15.18
CA ALA E 42 -59.23 7.44 -14.44
C ALA E 42 -59.87 7.44 -13.06
N PHE E 43 -59.96 8.60 -12.40
CA PHE E 43 -60.62 8.66 -11.10
C PHE E 43 -62.13 8.57 -11.24
N SER E 44 -62.70 9.38 -12.15
CA SER E 44 -64.14 9.32 -12.39
C SER E 44 -64.59 7.99 -12.99
N HIS E 45 -63.66 7.21 -13.51
CA HIS E 45 -63.94 5.88 -14.07
C HIS E 45 -64.17 4.85 -12.96
N LEU E 46 -63.25 4.79 -12.00
CA LEU E 46 -63.42 3.88 -10.87
C LEU E 46 -64.45 4.38 -9.87
N ALA E 47 -64.77 5.68 -9.85
CA ALA E 47 -65.81 6.16 -8.94
C ALA E 47 -67.15 5.50 -9.25
N ILE E 48 -67.51 5.42 -10.53
CA ILE E 48 -68.78 4.82 -10.91
C ILE E 48 -68.78 3.33 -10.61
N LYS E 49 -67.65 2.66 -10.82
CA LYS E 49 -67.54 1.25 -10.47
C LYS E 49 -67.78 1.03 -8.98
N LEU E 50 -67.17 1.87 -8.13
CA LEU E 50 -67.39 1.75 -6.70
C LEU E 50 -68.85 1.98 -6.34
N ILE E 51 -69.45 3.02 -6.93
CA ILE E 51 -70.84 3.35 -6.62
C ILE E 51 -71.76 2.19 -6.99
N GLU E 52 -71.55 1.60 -8.16
CA GLU E 52 -72.40 0.51 -8.61
C GLU E 52 -72.14 -0.77 -7.81
N GLN E 53 -70.90 -1.02 -7.44
CA GLN E 53 -70.55 -2.21 -6.65
C GLN E 53 -71.00 -2.09 -5.19
N GLU E 54 -71.31 -0.88 -4.71
CA GLU E 54 -71.86 -0.74 -3.37
C GLU E 54 -73.34 -0.35 -3.34
N ILE E 55 -74.06 -0.44 -4.45
CA ILE E 55 -75.48 -0.11 -4.50
C ILE E 55 -76.28 -1.38 -4.74
N ASP E 56 -77.50 -1.42 -4.21
CA ASP E 56 -78.33 -2.62 -4.33
C ASP E 56 -78.73 -2.85 -5.79
N PRO E 57 -78.75 -4.10 -6.24
CA PRO E 57 -79.19 -4.39 -7.62
C PRO E 57 -80.68 -4.13 -7.79
N ASP E 58 -81.07 -3.97 -9.06
CA ASP E 58 -82.45 -3.72 -9.45
C ASP E 58 -83.00 -2.45 -8.80
N SER E 59 -82.30 -1.35 -9.08
CA SER E 59 -82.69 -0.02 -8.61
C SER E 59 -82.64 0.95 -9.76
N THR E 60 -83.48 1.99 -9.69
CA THR E 60 -83.51 3.04 -10.70
C THR E 60 -82.67 4.22 -10.23
N ILE E 61 -81.81 4.72 -11.11
CA ILE E 61 -80.85 5.76 -10.78
C ILE E 61 -81.11 6.96 -11.67
N LEU E 62 -81.36 8.12 -11.06
CA LEU E 62 -81.40 9.36 -11.80
C LEU E 62 -79.99 9.85 -12.11
N ASP E 63 -79.88 10.67 -13.16
CA ASP E 63 -78.60 11.21 -13.60
C ASP E 63 -78.80 12.67 -13.95
N ILE E 64 -78.26 13.56 -13.13
CA ILE E 64 -78.43 14.99 -13.33
C ILE E 64 -77.34 15.51 -14.25
N GLY E 65 -77.73 16.16 -15.34
CA GLY E 65 -76.79 16.67 -16.32
C GLY E 65 -75.89 15.59 -16.86
N SER E 66 -76.47 14.62 -17.55
CA SER E 66 -75.73 13.43 -17.95
C SER E 66 -75.30 13.50 -19.41
N ALA E 67 -74.37 12.60 -19.76
CA ALA E 67 -74.02 12.30 -21.14
C ALA E 67 -74.44 10.87 -21.41
N PRO E 68 -75.54 10.65 -22.13
CA PRO E 68 -76.12 9.29 -22.21
C PRO E 68 -75.20 8.27 -22.86
N ALA E 69 -74.20 8.70 -23.63
CA ALA E 69 -73.29 7.73 -24.24
C ALA E 69 -72.48 6.96 -23.20
N ARG E 70 -72.24 7.54 -22.02
CA ARG E 70 -71.49 6.83 -20.99
C ARG E 70 -72.31 5.72 -20.36
N ARG E 71 -73.62 5.91 -20.22
CA ARG E 71 -74.51 4.95 -19.57
C ARG E 71 -75.30 4.13 -20.57
N MET E 72 -74.72 3.79 -21.71
CA MET E 72 -75.41 3.00 -22.73
C MET E 72 -75.10 1.52 -22.62
N MET E 73 -73.83 1.14 -22.53
CA MET E 73 -73.42 -0.26 -22.49
C MET E 73 -73.41 -0.84 -21.08
N SER E 74 -74.11 -0.23 -20.14
CA SER E 74 -74.15 -0.72 -18.78
C SER E 74 -75.30 -1.71 -18.59
N ASP E 75 -75.51 -2.16 -17.35
CA ASP E 75 -76.59 -3.10 -17.09
C ASP E 75 -77.54 -2.61 -16.01
N ARG E 76 -77.59 -1.31 -15.71
CA ARG E 76 -78.44 -0.78 -14.67
C ARG E 76 -79.46 0.18 -15.28
N LYS E 77 -80.61 0.30 -14.64
CA LYS E 77 -81.71 1.12 -15.15
C LYS E 77 -81.47 2.58 -14.77
N TYR E 78 -80.83 3.32 -15.66
CA TYR E 78 -80.63 4.74 -15.47
C TYR E 78 -81.80 5.54 -16.03
N HIS E 79 -81.88 6.80 -15.62
CA HIS E 79 -82.80 7.77 -16.21
C HIS E 79 -82.04 9.08 -16.35
N CYS E 80 -81.78 9.48 -17.59
CA CYS E 80 -80.88 10.58 -17.88
C CYS E 80 -81.67 11.88 -17.99
N VAL E 81 -81.30 12.85 -17.17
CA VAL E 81 -81.88 14.20 -17.24
C VAL E 81 -80.93 15.07 -18.05
N CYS E 82 -81.35 15.43 -19.26
CA CYS E 82 -80.47 16.08 -20.24
C CYS E 82 -81.12 17.37 -20.73
N PRO E 83 -81.02 18.45 -19.96
CA PRO E 83 -81.48 19.75 -20.45
C PRO E 83 -80.50 20.31 -21.48
N MET E 84 -80.96 21.33 -22.19
CA MET E 84 -80.18 21.97 -23.25
C MET E 84 -79.86 23.40 -22.80
N ARG E 85 -78.76 23.54 -22.07
CA ARG E 85 -78.33 24.84 -21.57
C ARG E 85 -76.87 25.19 -21.92
N SER E 86 -76.07 24.22 -22.35
CA SER E 86 -74.69 24.45 -22.70
C SER E 86 -74.47 24.21 -24.19
N ALA E 87 -73.45 24.89 -24.74
CA ALA E 87 -73.18 24.83 -26.16
C ALA E 87 -72.65 23.48 -26.61
N GLU E 88 -72.25 22.62 -25.68
CA GLU E 88 -71.66 21.32 -26.00
C GLU E 88 -72.65 20.17 -25.93
N ASP E 89 -73.95 20.46 -25.73
CA ASP E 89 -75.00 19.46 -25.60
C ASP E 89 -75.51 18.90 -26.94
N PRO E 90 -75.73 19.73 -27.98
CA PRO E 90 -76.26 19.17 -29.23
C PRO E 90 -75.41 18.07 -29.83
N GLU E 91 -74.09 18.21 -29.81
CA GLU E 91 -73.22 17.15 -30.30
C GLU E 91 -73.23 15.94 -29.39
N ARG E 92 -73.44 16.12 -28.08
CA ARG E 92 -73.64 14.98 -27.20
C ARG E 92 -74.89 14.19 -27.58
N LEU E 93 -76.01 14.88 -27.83
CA LEU E 93 -77.22 14.20 -28.25
C LEU E 93 -77.05 13.52 -29.61
N ALA E 94 -76.42 14.18 -30.56
CA ALA E 94 -76.16 13.58 -31.86
C ALA E 94 -75.25 12.35 -31.76
N ASN E 95 -74.22 12.40 -30.92
CA ASN E 95 -73.33 11.27 -30.71
C ASN E 95 -74.04 10.09 -30.04
N TYR E 96 -74.91 10.38 -29.06
CA TYR E 96 -75.78 9.35 -28.50
C TYR E 96 -76.64 8.72 -29.59
N ALA E 97 -77.21 9.54 -30.47
CA ALA E 97 -78.00 9.02 -31.57
C ALA E 97 -77.17 8.13 -32.48
N ARG E 98 -75.91 8.51 -32.72
CA ARG E 98 -75.07 7.72 -33.60
C ARG E 98 -74.75 6.36 -33.01
N LYS E 99 -74.37 6.30 -31.72
CA LYS E 99 -74.21 4.97 -31.14
C LYS E 99 -75.52 4.20 -30.97
N LEU E 100 -76.65 4.88 -30.89
CA LEU E 100 -77.91 4.14 -30.85
C LEU E 100 -78.23 3.53 -32.22
N ALA E 101 -77.91 4.25 -33.29
CA ALA E 101 -78.15 3.73 -34.63
C ALA E 101 -77.13 2.69 -35.05
N SER E 102 -75.91 2.74 -34.50
CA SER E 102 -74.84 1.85 -34.91
C SER E 102 -74.90 0.49 -34.20
N ALA E 103 -75.87 0.28 -33.31
CA ALA E 103 -76.03 -0.99 -32.61
C ALA E 103 -77.49 -1.44 -32.62
N ALA E 104 -78.16 -1.31 -33.77
CA ALA E 104 -79.57 -1.65 -33.88
C ALA E 104 -79.84 -3.12 -33.57
N GLY E 105 -79.02 -4.01 -34.13
CA GLY E 105 -79.22 -5.42 -33.92
C GLY E 105 -77.94 -6.18 -33.63
N LYS E 106 -76.80 -5.51 -33.71
CA LYS E 106 -75.52 -6.14 -33.42
C LYS E 106 -75.44 -6.53 -31.95
N VAL E 107 -75.91 -5.66 -31.07
CA VAL E 107 -75.95 -5.92 -29.63
C VAL E 107 -77.40 -6.03 -29.21
N LEU E 108 -77.71 -7.08 -28.46
CA LEU E 108 -79.09 -7.32 -28.02
C LEU E 108 -79.14 -7.61 -26.52
N ASP E 109 -77.97 -7.71 -25.88
CA ASP E 109 -77.91 -7.93 -24.45
C ASP E 109 -78.39 -6.70 -23.69
N ARG E 110 -78.38 -5.55 -24.36
CA ARG E 110 -78.80 -4.30 -23.76
C ARG E 110 -80.29 -4.04 -23.99
N ASN E 111 -80.75 -2.84 -23.68
CA ASN E 111 -82.11 -2.39 -23.92
C ASN E 111 -82.14 -1.39 -25.07
N ILE E 112 -81.36 -1.68 -26.12
CA ILE E 112 -81.15 -0.71 -27.20
C ILE E 112 -82.46 -0.38 -27.90
N SER E 113 -83.30 -1.39 -28.15
CA SER E 113 -84.57 -1.15 -28.83
C SER E 113 -85.46 -0.22 -28.01
N GLY E 114 -85.55 -0.46 -26.70
CA GLY E 114 -86.34 0.41 -25.85
C GLY E 114 -85.80 1.83 -25.81
N LYS E 115 -84.47 1.97 -25.75
CA LYS E 115 -83.86 3.29 -25.72
C LYS E 115 -84.14 4.03 -27.03
N ILE E 116 -84.04 3.35 -28.16
CA ILE E 116 -84.32 3.97 -29.45
C ILE E 116 -85.77 4.41 -29.53
N GLY E 117 -86.68 3.54 -29.11
CA GLY E 117 -88.10 3.90 -29.10
C GLY E 117 -88.39 5.09 -28.21
N ASP E 118 -87.76 5.13 -27.03
CA ASP E 118 -87.96 6.24 -26.11
C ASP E 118 -87.43 7.54 -26.70
N LEU E 119 -86.25 7.48 -27.31
CA LEU E 119 -85.68 8.68 -27.93
C LEU E 119 -86.57 9.19 -29.06
N GLN E 120 -87.09 8.28 -29.88
CA GLN E 120 -88.01 8.69 -30.95
C GLN E 120 -89.28 9.30 -30.37
N ALA E 121 -89.81 8.72 -29.28
CA ALA E 121 -91.01 9.28 -28.66
C ALA E 121 -90.74 10.69 -28.14
N VAL E 122 -89.59 10.91 -27.51
CA VAL E 122 -89.27 12.25 -27.03
C VAL E 122 -89.11 13.22 -28.19
N MET E 123 -88.47 12.77 -29.28
CA MET E 123 -88.35 13.62 -30.46
C MET E 123 -89.72 13.98 -31.02
N ALA E 124 -90.68 13.07 -30.90
CA ALA E 124 -92.04 13.34 -31.36
C ALA E 124 -92.71 14.43 -30.53
N VAL E 125 -92.93 14.15 -29.25
CA VAL E 125 -93.53 15.11 -28.33
C VAL E 125 -92.47 15.49 -27.29
N PRO E 126 -92.01 16.74 -27.26
CA PRO E 126 -90.92 17.14 -26.32
C PRO E 126 -91.41 17.57 -24.94
N ASP E 127 -92.32 16.79 -24.37
CA ASP E 127 -92.75 17.00 -22.99
C ASP E 127 -92.95 15.67 -22.27
N THR E 128 -92.78 14.56 -22.99
CA THR E 128 -93.03 13.25 -22.41
C THR E 128 -91.95 12.89 -21.40
N GLU E 129 -92.30 12.01 -20.48
CA GLU E 129 -91.38 11.51 -19.46
C GLU E 129 -91.22 10.01 -19.68
N THR E 130 -90.21 9.62 -20.43
CA THR E 130 -89.90 8.24 -20.73
C THR E 130 -89.03 7.64 -19.63
N PRO E 131 -88.98 6.30 -19.54
CA PRO E 131 -88.19 5.67 -18.49
C PRO E 131 -86.72 6.07 -18.47
N THR E 132 -86.14 6.36 -19.65
CA THR E 132 -84.69 6.53 -19.75
C THR E 132 -84.25 7.90 -20.28
N PHE E 133 -85.17 8.83 -20.52
CA PHE E 133 -84.73 10.09 -21.11
C PHE E 133 -85.81 11.15 -20.91
N CYS E 134 -85.36 12.41 -20.84
CA CYS E 134 -86.25 13.56 -20.73
C CYS E 134 -85.45 14.82 -21.08
N LEU E 135 -86.17 15.92 -21.26
CA LEU E 135 -85.58 17.22 -21.60
C LEU E 135 -85.97 18.27 -20.55
N HIS E 136 -85.88 17.89 -19.28
CA HIS E 136 -86.21 18.77 -18.17
C HIS E 136 -84.96 19.08 -17.36
N THR E 137 -85.11 20.03 -16.43
CA THR E 137 -84.03 20.32 -15.49
C THR E 137 -84.10 19.37 -14.29
N ASP E 138 -83.32 19.65 -13.26
CA ASP E 138 -83.35 18.84 -12.04
C ASP E 138 -84.56 19.09 -11.17
N VAL E 139 -85.11 20.32 -11.19
CA VAL E 139 -86.28 20.64 -10.38
C VAL E 139 -87.59 20.52 -11.13
N SER E 140 -87.57 20.02 -12.37
CA SER E 140 -88.78 19.85 -13.16
C SER E 140 -89.08 18.41 -13.55
N CYS E 141 -88.08 17.54 -13.57
CA CYS E 141 -88.33 16.12 -13.85
C CYS E 141 -89.21 15.52 -12.75
N ARG E 142 -90.23 14.77 -13.17
CA ARG E 142 -91.16 14.15 -12.23
C ARG E 142 -90.98 12.65 -12.14
N GLN E 143 -89.91 12.10 -12.71
CA GLN E 143 -89.65 10.66 -12.64
C GLN E 143 -89.21 10.29 -11.23
N ARG E 144 -90.04 9.54 -10.53
CA ARG E 144 -89.72 9.10 -9.17
C ARG E 144 -88.65 8.02 -9.19
N ALA E 145 -87.73 8.10 -8.24
CA ALA E 145 -86.65 7.14 -8.13
C ALA E 145 -86.20 7.07 -6.67
N ASP E 146 -85.07 6.40 -6.42
CA ASP E 146 -84.53 6.29 -5.08
C ASP E 146 -83.05 6.60 -4.97
N VAL E 147 -82.34 6.80 -6.08
CA VAL E 147 -80.92 7.10 -6.07
C VAL E 147 -80.64 8.19 -7.10
N ALA E 148 -79.77 9.13 -6.71
CA ALA E 148 -79.36 10.20 -7.61
C ALA E 148 -77.84 10.29 -7.59
N ILE E 149 -77.27 10.66 -8.74
CA ILE E 149 -75.83 10.77 -8.90
C ILE E 149 -75.49 12.10 -9.57
N TYR E 150 -74.47 12.77 -9.05
CA TYR E 150 -73.96 14.01 -9.61
C TYR E 150 -72.53 13.79 -10.05
N GLN E 151 -72.21 14.15 -11.29
CA GLN E 151 -70.86 14.04 -11.82
C GLN E 151 -70.44 15.36 -12.44
N ASP E 152 -69.45 16.01 -11.82
CA ASP E 152 -68.89 17.28 -12.29
C ASP E 152 -69.99 18.32 -12.49
N VAL E 153 -70.91 18.39 -11.52
CA VAL E 153 -72.01 19.35 -11.55
C VAL E 153 -71.69 20.45 -10.56
N TYR E 154 -71.63 21.70 -11.04
CA TYR E 154 -71.23 22.83 -10.22
C TYR E 154 -72.19 24.00 -10.27
N ALA E 155 -73.18 24.00 -11.15
CA ALA E 155 -74.03 25.16 -11.39
C ALA E 155 -75.37 25.09 -10.68
N VAL E 156 -75.58 24.11 -9.80
CA VAL E 156 -76.83 23.98 -9.07
C VAL E 156 -76.61 24.34 -7.61
N HIS E 157 -77.67 24.82 -6.98
CA HIS E 157 -77.63 25.15 -5.55
C HIS E 157 -78.03 23.90 -4.76
N ALA E 158 -77.10 23.42 -3.93
CA ALA E 158 -77.25 22.10 -3.31
C ALA E 158 -78.50 21.93 -2.46
N PRO E 159 -78.87 22.85 -1.57
CA PRO E 159 -80.07 22.61 -0.75
C PRO E 159 -81.36 22.46 -1.57
N THR E 160 -81.58 23.35 -2.54
CA THR E 160 -82.78 23.27 -3.36
C THR E 160 -82.80 21.99 -4.20
N SER E 161 -81.65 21.64 -4.78
CA SER E 161 -81.58 20.43 -5.59
C SER E 161 -81.85 19.19 -4.75
N LEU E 162 -81.29 19.12 -3.55
CA LEU E 162 -81.54 17.98 -2.68
C LEU E 162 -82.98 17.93 -2.19
N TYR E 163 -83.57 19.09 -1.90
CA TYR E 163 -84.97 19.12 -1.47
C TYR E 163 -85.91 18.65 -2.57
N HIS E 164 -85.66 19.08 -3.81
CA HIS E 164 -86.51 18.65 -4.92
C HIS E 164 -86.28 17.20 -5.31
N GLN E 165 -85.21 16.57 -4.82
CA GLN E 165 -85.01 15.14 -5.00
C GLN E 165 -85.58 14.32 -3.86
N ALA E 166 -85.65 14.89 -2.65
CA ALA E 166 -86.10 14.15 -1.48
C ALA E 166 -87.61 13.86 -1.53
N ILE E 167 -88.38 14.75 -2.17
CA ILE E 167 -89.84 14.62 -2.17
C ILE E 167 -90.26 13.65 -3.26
N LYS E 168 -89.29 12.99 -3.90
CA LYS E 168 -89.60 12.04 -4.95
C LYS E 168 -89.19 10.61 -4.62
N GLY E 169 -88.93 10.30 -3.35
CA GLY E 169 -88.57 8.94 -2.97
C GLY E 169 -87.09 8.64 -2.98
N VAL E 170 -86.24 9.64 -3.13
CA VAL E 170 -84.79 9.44 -3.16
C VAL E 170 -84.26 9.48 -1.72
N ARG E 171 -83.52 8.45 -1.34
CA ARG E 171 -82.97 8.35 0.01
C ARG E 171 -81.45 8.31 0.04
N LEU E 172 -80.78 8.44 -1.10
CA LEU E 172 -79.33 8.31 -1.16
C LEU E 172 -78.82 9.03 -2.40
N ALA E 173 -77.78 9.85 -2.24
CA ALA E 173 -77.22 10.61 -3.35
C ALA E 173 -75.71 10.62 -3.26
N TYR E 174 -75.06 10.75 -4.41
CA TYR E 174 -73.61 10.79 -4.52
C TYR E 174 -73.18 12.04 -5.30
N TRP E 175 -71.99 12.54 -4.95
CA TRP E 175 -71.43 13.72 -5.61
C TRP E 175 -69.94 13.54 -5.77
N VAL E 176 -69.45 13.60 -7.00
CA VAL E 176 -68.03 13.43 -7.30
C VAL E 176 -67.51 14.72 -7.92
N GLY E 177 -66.40 15.24 -7.40
CA GLY E 177 -65.87 16.47 -7.97
C GLY E 177 -64.60 16.93 -7.28
N PHE E 178 -64.30 18.21 -7.51
CA PHE E 178 -63.15 18.88 -6.90
C PHE E 178 -63.41 19.20 -5.44
N ASP E 179 -62.32 19.28 -4.67
CA ASP E 179 -62.42 19.68 -3.27
C ASP E 179 -62.87 21.14 -3.17
N THR E 180 -63.78 21.39 -2.23
CA THR E 180 -64.35 22.71 -2.02
C THR E 180 -63.57 23.52 -0.99
N THR E 181 -62.57 22.90 -0.35
CA THR E 181 -61.84 23.56 0.72
C THR E 181 -61.15 24.86 0.31
N PRO E 182 -60.49 24.97 -0.86
CA PRO E 182 -59.82 26.24 -1.19
C PRO E 182 -60.74 27.44 -1.25
N PHE E 183 -62.02 27.26 -1.56
CA PHE E 183 -62.96 28.38 -1.63
C PHE E 183 -63.58 28.73 -0.29
N MET E 184 -63.45 27.85 0.71
CA MET E 184 -63.86 28.22 2.06
C MET E 184 -62.84 29.12 2.73
N TYR E 185 -61.58 29.06 2.31
CA TYR E 185 -60.54 29.96 2.78
C TYR E 185 -60.49 31.26 2.00
N ASN E 186 -61.26 31.36 0.91
CA ASN E 186 -61.40 32.60 0.13
C ASN E 186 -60.06 33.03 -0.49
N ALA E 187 -59.45 32.10 -1.21
CA ALA E 187 -58.22 32.40 -1.93
C ALA E 187 -58.52 33.10 -3.25
N MET E 188 -57.49 33.67 -3.85
CA MET E 188 -57.64 34.42 -5.09
C MET E 188 -57.30 33.58 -6.33
N ALA E 189 -56.37 32.64 -6.22
CA ALA E 189 -55.99 31.77 -7.31
C ALA E 189 -55.44 30.47 -6.74
N GLY E 190 -55.39 29.44 -7.58
CA GLY E 190 -54.91 28.16 -7.07
C GLY E 190 -54.70 27.15 -8.17
N ALA E 191 -54.18 25.99 -7.76
CA ALA E 191 -53.85 24.91 -8.67
C ALA E 191 -54.24 23.57 -8.07
N TYR E 192 -54.44 22.58 -8.96
CA TYR E 192 -54.61 21.18 -8.60
C TYR E 192 -53.55 20.43 -9.40
N PRO E 193 -52.29 20.47 -8.97
CA PRO E 193 -51.18 20.08 -9.86
C PRO E 193 -51.19 18.62 -10.29
N SER E 194 -51.92 17.74 -9.60
CA SER E 194 -51.97 16.34 -10.00
C SER E 194 -52.94 16.08 -11.14
N TYR E 195 -53.74 17.07 -11.53
CA TYR E 195 -54.71 16.90 -12.61
C TYR E 195 -54.54 17.96 -13.70
N SER E 196 -53.43 18.69 -13.68
CA SER E 196 -53.14 19.72 -14.69
C SER E 196 -54.27 20.75 -14.77
N THR E 197 -54.65 21.29 -13.62
CA THR E 197 -55.77 22.21 -13.52
C THR E 197 -55.32 23.47 -12.78
N ASN E 198 -55.67 24.63 -13.32
CA ASN E 198 -55.41 25.90 -12.65
C ASN E 198 -56.66 26.76 -12.67
N TRP E 199 -56.88 27.51 -11.58
CA TRP E 199 -58.04 28.38 -11.51
C TRP E 199 -57.63 29.73 -10.98
N ALA E 200 -58.33 30.76 -11.44
CA ALA E 200 -57.98 32.12 -11.05
C ALA E 200 -59.22 33.01 -11.03
N ASP E 201 -59.14 34.06 -10.23
CA ASP E 201 -60.15 35.10 -10.21
C ASP E 201 -59.98 36.02 -11.42
N GLU E 202 -61.08 36.63 -11.84
CA GLU E 202 -61.07 37.42 -13.07
C GLU E 202 -60.18 38.65 -12.99
N GLN E 203 -59.97 39.21 -11.79
CA GLN E 203 -59.22 40.46 -11.63
C GLN E 203 -57.71 40.26 -11.67
N VAL E 204 -57.22 39.02 -11.72
CA VAL E 204 -55.79 38.77 -11.76
C VAL E 204 -55.39 38.00 -13.01
N LEU E 205 -56.20 38.05 -14.07
CA LEU E 205 -55.89 37.31 -15.29
C LEU E 205 -54.68 37.90 -16.02
N LYS E 206 -54.33 39.15 -15.74
CA LYS E 206 -53.16 39.78 -16.35
C LYS E 206 -51.97 39.82 -15.41
N ALA E 207 -51.79 38.81 -14.59
CA ALA E 207 -50.63 38.71 -13.71
C ALA E 207 -49.44 38.18 -14.51
N LYS E 208 -48.36 37.84 -13.82
CA LYS E 208 -47.13 37.43 -14.48
C LYS E 208 -46.68 36.02 -14.14
N ASN E 209 -46.72 35.61 -12.87
CA ASN E 209 -46.08 34.38 -12.44
C ASN E 209 -47.04 33.41 -11.76
N ILE E 210 -48.33 33.43 -12.11
CA ILE E 210 -49.27 32.42 -11.63
C ILE E 210 -49.54 31.47 -12.78
N GLY E 211 -50.25 30.37 -12.49
CA GLY E 211 -50.43 29.32 -13.48
C GLY E 211 -51.38 29.62 -14.61
N LEU E 212 -52.17 30.69 -14.50
CA LEU E 212 -53.15 31.06 -15.51
C LEU E 212 -53.15 32.58 -15.68
N CYS E 213 -52.35 33.09 -16.60
CA CYS E 213 -52.23 34.52 -16.81
C CYS E 213 -51.52 34.79 -18.14
N SER E 214 -51.53 36.05 -18.55
CA SER E 214 -50.78 36.53 -19.70
C SER E 214 -50.50 38.01 -19.52
N THR E 215 -49.27 38.43 -19.80
CA THR E 215 -48.85 39.82 -19.65
C THR E 215 -48.09 40.26 -20.90
N ASP E 216 -47.61 41.51 -20.87
CA ASP E 216 -46.91 42.11 -21.99
C ASP E 216 -45.56 42.66 -21.54
N LEU E 217 -44.76 43.07 -22.53
CA LEU E 217 -43.50 43.76 -22.27
C LEU E 217 -43.73 45.26 -22.22
N THR E 218 -43.02 45.94 -21.32
CA THR E 218 -43.21 47.37 -21.14
C THR E 218 -41.94 47.98 -20.56
N GLU E 219 -41.86 49.31 -20.64
CA GLU E 219 -40.72 50.06 -20.12
C GLU E 219 -40.99 50.67 -18.75
N GLY E 220 -42.22 51.14 -18.51
CA GLY E 220 -42.55 51.74 -17.23
C GLY E 220 -42.96 53.19 -17.31
N ARG E 221 -44.24 53.47 -17.07
CA ARG E 221 -44.78 54.81 -17.13
C ARG E 221 -44.94 55.38 -15.72
N ARG E 222 -44.86 56.70 -15.60
CA ARG E 222 -45.02 57.38 -14.32
C ARG E 222 -46.45 57.79 -14.02
N GLY E 223 -47.40 57.49 -14.91
CA GLY E 223 -48.79 57.85 -14.69
C GLY E 223 -49.67 56.67 -14.38
N ARG E 229 -60.56 55.48 -8.91
CA ARG E 229 -59.67 54.89 -7.93
C ARG E 229 -60.09 53.48 -7.54
N GLY E 230 -59.12 52.69 -7.09
CA GLY E 230 -59.35 51.32 -6.67
C GLY E 230 -59.18 51.14 -5.18
N LYS E 231 -58.00 50.66 -4.78
CA LYS E 231 -57.59 50.46 -3.39
C LYS E 231 -58.28 49.25 -2.76
N LYS E 232 -59.19 48.62 -3.48
CA LYS E 232 -59.88 47.42 -3.02
C LYS E 232 -59.61 46.28 -4.01
N LEU E 233 -58.77 45.33 -3.61
CA LEU E 233 -58.51 44.12 -4.37
C LEU E 233 -58.99 42.95 -3.52
N GLU E 234 -60.21 42.48 -3.79
CA GLU E 234 -60.85 41.44 -3.01
C GLU E 234 -61.48 40.43 -3.95
N PRO E 235 -61.62 39.17 -3.51
CA PRO E 235 -62.23 38.16 -4.39
C PRO E 235 -63.66 38.51 -4.78
N CYS E 236 -64.02 38.13 -5.99
N CYS E 236 -64.03 38.12 -6.00
CA CYS E 236 -65.34 38.37 -6.57
CA CYS E 236 -65.35 38.36 -6.54
C CYS E 236 -65.99 37.04 -6.94
C CYS E 236 -66.00 37.04 -6.93
N ASP E 237 -67.22 37.12 -7.46
CA ASP E 237 -68.00 35.91 -7.72
C ASP E 237 -67.41 35.07 -8.85
N ARG E 238 -66.99 35.70 -9.95
CA ARG E 238 -66.66 34.96 -11.15
C ARG E 238 -65.25 34.37 -11.06
N VAL E 239 -65.12 33.07 -11.36
CA VAL E 239 -63.85 32.37 -11.32
C VAL E 239 -63.70 31.57 -12.61
N LEU E 240 -62.45 31.45 -13.08
CA LEU E 240 -62.16 30.71 -14.31
C LEU E 240 -61.33 29.48 -13.97
N PHE E 241 -61.73 28.34 -14.52
CA PHE E 241 -61.05 27.06 -14.36
C PHE E 241 -60.49 26.62 -15.69
N SER E 242 -59.28 26.05 -15.68
CA SER E 242 -58.65 25.49 -16.86
C SER E 242 -58.16 24.10 -16.52
N VAL E 243 -58.82 23.09 -17.09
CA VAL E 243 -58.46 21.69 -16.93
C VAL E 243 -57.77 21.28 -18.23
N GLY E 244 -56.46 21.06 -18.17
CA GLY E 244 -55.68 20.88 -19.39
C GLY E 244 -55.78 22.12 -20.26
N SER E 245 -56.52 22.02 -21.36
CA SER E 245 -56.78 23.15 -22.23
C SER E 245 -58.26 23.51 -22.31
N THR E 246 -59.11 22.93 -21.48
CA THR E 246 -60.53 23.22 -21.50
C THR E 246 -60.88 24.25 -20.43
N LEU E 247 -61.73 25.20 -20.78
CA LEU E 247 -62.05 26.34 -19.94
C LEU E 247 -63.49 26.25 -19.43
N TYR E 248 -63.68 26.53 -18.15
CA TYR E 248 -65.00 26.51 -17.52
C TYR E 248 -65.16 27.71 -16.61
N PRO E 249 -66.19 28.53 -16.78
CA PRO E 249 -66.46 29.58 -15.79
C PRO E 249 -67.40 29.10 -14.70
N GLU E 250 -67.12 29.50 -13.46
CA GLU E 250 -67.97 29.16 -12.33
C GLU E 250 -68.17 30.37 -11.42
N SER E 251 -69.04 30.17 -10.42
CA SER E 251 -69.38 31.17 -9.43
C SER E 251 -68.98 30.66 -8.04
N ARG E 252 -68.56 31.58 -7.17
CA ARG E 252 -68.09 31.19 -5.85
C ARG E 252 -69.23 30.70 -4.96
N LYS E 253 -70.42 31.30 -5.09
CA LYS E 253 -71.53 30.95 -4.22
C LYS E 253 -71.97 29.50 -4.42
N LEU E 254 -72.16 29.09 -5.68
CA LEU E 254 -72.58 27.74 -5.96
C LEU E 254 -71.49 26.71 -5.66
N LEU E 255 -70.22 27.10 -5.70
CA LEU E 255 -69.16 26.21 -5.25
C LEU E 255 -69.18 26.04 -3.73
N LYS E 256 -69.35 27.14 -3.00
CA LYS E 256 -69.41 27.07 -1.55
C LYS E 256 -70.65 26.36 -1.04
N SER E 257 -71.74 26.37 -1.82
CA SER E 257 -72.99 25.76 -1.36
C SER E 257 -72.89 24.25 -1.19
N TRP E 258 -71.86 23.61 -1.75
CA TRP E 258 -71.70 22.17 -1.63
C TRP E 258 -70.82 21.76 -0.46
N HIS E 259 -70.31 22.71 0.32
CA HIS E 259 -69.55 22.42 1.53
C HIS E 259 -70.55 22.28 2.67
N LEU E 260 -71.09 21.05 2.83
CA LEU E 260 -72.21 20.81 3.73
C LEU E 260 -71.75 20.30 5.08
N PRO E 261 -72.48 20.62 6.14
CA PRO E 261 -72.12 20.11 7.47
C PRO E 261 -72.46 18.64 7.61
N SER E 262 -72.04 18.06 8.75
CA SER E 262 -72.26 16.64 8.99
C SER E 262 -73.73 16.31 9.19
N VAL E 263 -74.50 17.21 9.80
CA VAL E 263 -75.93 17.01 10.03
C VAL E 263 -76.65 18.32 9.72
N PHE E 264 -77.71 18.25 8.92
CA PHE E 264 -78.54 19.43 8.65
C PHE E 264 -79.99 19.01 8.43
N HIS E 265 -80.86 20.00 8.34
CA HIS E 265 -82.31 19.81 8.27
C HIS E 265 -82.86 20.56 7.07
N LEU E 266 -83.69 19.88 6.28
CA LEU E 266 -84.44 20.50 5.19
C LEU E 266 -85.90 20.52 5.59
N LYS E 267 -86.41 21.69 5.98
CA LYS E 267 -87.78 21.82 6.48
C LYS E 267 -88.54 22.88 5.67
N GLY E 268 -89.30 22.42 4.69
CA GLY E 268 -90.20 23.28 3.94
C GLY E 268 -91.65 22.92 4.21
N LYS E 269 -92.26 22.19 3.28
CA LYS E 269 -93.58 21.59 3.49
C LYS E 269 -93.40 20.23 4.17
N LEU E 270 -92.60 19.34 3.60
CA LEU E 270 -92.15 18.14 4.27
C LEU E 270 -90.80 18.40 4.93
N SER E 271 -90.46 17.56 5.91
CA SER E 271 -89.25 17.74 6.69
C SER E 271 -88.35 16.52 6.56
N PHE E 272 -87.05 16.79 6.45
CA PHE E 272 -86.05 15.74 6.28
C PHE E 272 -84.82 16.08 7.10
N THR E 273 -84.13 15.04 7.56
CA THR E 273 -82.87 15.15 8.29
C THR E 273 -81.79 14.49 7.44
N CYS E 274 -80.71 15.22 7.19
CA CYS E 274 -79.71 14.81 6.20
C CYS E 274 -78.33 14.80 6.81
N ARG E 275 -77.48 13.91 6.31
CA ARG E 275 -76.09 13.77 6.74
C ARG E 275 -75.19 13.76 5.51
N CYS E 276 -73.96 14.25 5.68
CA CYS E 276 -72.97 14.28 4.62
C CYS E 276 -71.67 13.65 5.12
N ASP E 277 -71.11 12.74 4.32
CA ASP E 277 -69.88 12.05 4.65
C ASP E 277 -69.00 11.93 3.42
N THR E 278 -67.69 11.98 3.63
CA THR E 278 -66.71 11.83 2.56
C THR E 278 -66.13 10.43 2.60
N VAL E 279 -66.23 9.71 1.48
CA VAL E 279 -65.80 8.33 1.42
C VAL E 279 -64.51 8.13 0.63
N VAL E 280 -64.28 8.90 -0.44
CA VAL E 280 -63.09 8.77 -1.26
C VAL E 280 -62.48 10.15 -1.45
N SER E 281 -61.17 10.25 -1.27
CA SER E 281 -60.45 11.52 -1.39
C SER E 281 -59.08 11.24 -1.99
N CYS E 282 -58.75 11.94 -3.08
CA CYS E 282 -57.47 11.77 -3.77
C CYS E 282 -57.03 13.12 -4.32
N GLU E 283 -56.12 13.77 -3.61
CA GLU E 283 -55.35 14.93 -4.08
C GLU E 283 -56.19 15.99 -4.78
N GLY E 284 -57.45 16.14 -4.38
CA GLY E 284 -58.29 17.16 -4.99
C GLY E 284 -59.67 16.69 -5.38
N TYR E 285 -59.82 15.40 -5.70
CA TYR E 285 -61.11 14.81 -6.00
C TYR E 285 -61.71 14.17 -4.76
N VAL E 286 -63.00 14.40 -4.56
CA VAL E 286 -63.75 13.86 -3.42
C VAL E 286 -65.04 13.26 -3.93
N VAL E 287 -65.48 12.21 -3.24
CA VAL E 287 -66.78 11.59 -3.42
C VAL E 287 -67.54 11.74 -2.11
N LYS E 288 -68.73 12.33 -2.17
CA LYS E 288 -69.55 12.63 -1.01
C LYS E 288 -70.85 11.83 -1.11
N ARG E 289 -71.22 11.19 0.00
CA ARG E 289 -72.45 10.42 0.08
C ARG E 289 -73.41 11.11 1.02
N ILE E 290 -74.65 11.34 0.57
CA ILE E 290 -75.66 12.03 1.35
C ILE E 290 -76.85 11.09 1.53
N THR E 291 -77.31 10.95 2.77
CA THR E 291 -78.46 10.14 3.11
C THR E 291 -79.57 11.03 3.65
N MET E 292 -80.81 10.70 3.31
CA MET E 292 -81.97 11.50 3.65
C MET E 292 -83.04 10.64 4.30
N SER E 293 -83.74 11.23 5.29
CA SER E 293 -84.77 10.51 6.03
C SER E 293 -85.88 11.47 6.45
N PRO E 294 -87.14 11.06 6.33
CA PRO E 294 -88.24 11.96 6.73
C PRO E 294 -88.27 12.19 8.23
N GLY E 295 -88.71 13.38 8.63
CA GLY E 295 -88.86 13.72 10.03
C GLY E 295 -87.71 14.52 10.59
N LEU E 296 -88.02 15.45 11.49
CA LEU E 296 -87.00 16.28 12.13
C LEU E 296 -86.44 15.55 13.35
N TYR E 297 -85.25 14.99 13.20
CA TYR E 297 -84.57 14.27 14.28
C TYR E 297 -83.67 15.25 15.03
N GLY E 298 -82.71 14.81 15.84
CA GLY E 298 -82.04 15.65 16.81
C GLY E 298 -81.26 16.85 16.32
N LYS E 299 -80.45 17.43 17.20
CA LYS E 299 -79.92 18.78 17.04
C LYS E 299 -78.73 18.79 16.08
N THR E 300 -78.39 20.00 15.64
CA THR E 300 -77.30 20.24 14.71
C THR E 300 -76.30 21.20 15.33
N THR E 301 -75.02 21.06 14.96
CA THR E 301 -73.98 21.95 15.44
C THR E 301 -73.58 23.01 14.41
N GLY E 302 -73.51 22.65 13.14
CA GLY E 302 -73.15 23.57 12.09
C GLY E 302 -71.67 23.66 11.76
N TYR E 303 -70.93 22.56 11.89
CA TYR E 303 -69.51 22.54 11.62
C TYR E 303 -69.20 21.56 10.50
N ALA E 304 -68.32 21.96 9.59
CA ALA E 304 -67.83 21.10 8.52
C ALA E 304 -66.34 20.81 8.74
N VAL E 305 -65.97 19.55 8.59
CA VAL E 305 -64.63 19.07 8.92
C VAL E 305 -63.99 18.46 7.67
N THR E 306 -62.72 18.79 7.46
CA THR E 306 -61.93 18.26 6.34
C THR E 306 -60.67 17.62 6.89
N HIS E 307 -60.41 16.38 6.49
CA HIS E 307 -59.21 15.66 6.90
C HIS E 307 -58.14 15.75 5.82
N HIS E 308 -56.91 16.04 6.24
CA HIS E 308 -55.81 16.29 5.32
C HIS E 308 -54.88 15.08 5.30
N ALA E 309 -54.88 14.35 4.18
CA ALA E 309 -53.91 13.28 3.97
C ALA E 309 -52.61 13.80 3.35
N ASP E 310 -52.64 14.99 2.76
CA ASP E 310 -51.45 15.64 2.23
C ASP E 310 -51.41 17.07 2.77
N GLY E 311 -50.29 17.75 2.52
CA GLY E 311 -50.14 19.10 3.02
C GLY E 311 -50.95 20.10 2.21
N PHE E 312 -51.52 21.08 2.91
CA PHE E 312 -52.27 22.16 2.28
C PHE E 312 -51.65 23.49 2.66
N LEU E 313 -51.35 24.34 1.66
CA LEU E 313 -50.70 25.61 1.91
C LEU E 313 -51.52 26.76 1.33
N MET E 314 -51.52 27.88 2.06
CA MET E 314 -52.08 29.13 1.57
C MET E 314 -51.15 30.26 2.01
N CYS E 315 -50.67 31.05 1.06
CA CYS E 315 -49.64 32.03 1.38
C CYS E 315 -49.87 33.33 0.61
N LYS E 316 -49.33 34.41 1.17
CA LYS E 316 -49.32 35.70 0.51
C LYS E 316 -48.18 35.77 -0.50
N THR E 317 -48.42 36.47 -1.61
CA THR E 317 -47.41 36.63 -2.66
C THR E 317 -47.57 38.00 -3.29
N THR E 318 -46.46 38.51 -3.82
CA THR E 318 -46.42 39.80 -4.49
C THR E 318 -46.16 39.59 -5.98
N ASP E 319 -47.01 40.18 -6.81
CA ASP E 319 -46.93 40.03 -8.26
C ASP E 319 -47.19 41.37 -8.91
N THR E 320 -47.11 41.39 -10.24
CA THR E 320 -47.41 42.57 -11.04
C THR E 320 -48.60 42.25 -11.94
N VAL E 321 -49.68 42.99 -11.78
CA VAL E 321 -50.89 42.84 -12.58
C VAL E 321 -51.01 44.08 -13.45
N ASP E 322 -50.90 43.89 -14.77
CA ASP E 322 -51.08 44.96 -15.75
C ASP E 322 -50.16 46.14 -15.47
N GLY E 323 -48.98 45.86 -14.93
CA GLY E 323 -47.97 46.85 -14.65
C GLY E 323 -47.93 47.33 -13.20
N GLU E 324 -48.98 47.06 -12.43
CA GLU E 324 -49.06 47.56 -11.06
C GLU E 324 -48.71 46.45 -10.07
N ARG E 325 -47.87 46.78 -9.10
CA ARG E 325 -47.42 45.81 -8.11
C ARG E 325 -48.44 45.67 -6.99
N VAL E 326 -48.90 44.44 -6.77
CA VAL E 326 -49.93 44.14 -5.77
C VAL E 326 -49.58 42.84 -5.05
N SER E 327 -50.38 42.52 -4.03
CA SER E 327 -50.20 41.30 -3.24
C SER E 327 -51.54 40.60 -3.06
N PHE E 328 -51.52 39.27 -3.09
CA PHE E 328 -52.73 38.48 -2.88
C PHE E 328 -52.34 37.06 -2.48
N SER E 329 -53.35 36.24 -2.20
CA SER E 329 -53.15 34.92 -1.60
C SER E 329 -53.31 33.81 -2.64
N VAL E 330 -52.48 32.78 -2.51
CA VAL E 330 -52.48 31.62 -3.41
C VAL E 330 -52.40 30.35 -2.56
N CYS E 331 -53.13 29.31 -2.97
CA CYS E 331 -53.18 28.05 -2.25
C CYS E 331 -52.76 26.89 -3.14
N THR E 332 -52.28 25.82 -2.51
CA THR E 332 -51.78 24.66 -3.24
C THR E 332 -51.71 23.44 -2.34
N TYR E 333 -51.45 22.30 -2.96
CA TYR E 333 -51.31 21.01 -2.29
C TYR E 333 -49.86 20.53 -2.39
N VAL E 334 -49.38 19.88 -1.35
CA VAL E 334 -47.99 19.41 -1.26
C VAL E 334 -48.02 17.92 -0.87
N PRO E 335 -47.22 17.08 -1.50
CA PRO E 335 -47.19 15.65 -1.14
C PRO E 335 -46.68 15.44 0.28
N ALA E 336 -47.10 14.32 0.87
CA ALA E 336 -46.81 14.06 2.28
C ALA E 336 -45.33 13.77 2.53
N THR E 337 -44.67 13.10 1.58
CA THR E 337 -43.28 12.72 1.78
C THR E 337 -42.37 13.94 1.93
N ILE E 338 -42.58 14.95 1.09
CA ILE E 338 -41.78 16.17 1.18
C ILE E 338 -42.04 16.88 2.50
N CYS E 339 -43.31 16.94 2.91
CA CYS E 339 -43.65 17.56 4.19
C CYS E 339 -42.96 16.85 5.35
N ASP E 340 -42.96 15.51 5.33
CA ASP E 340 -42.28 14.76 6.37
C ASP E 340 -40.77 14.99 6.35
N GLN E 341 -40.17 15.06 5.16
CA GLN E 341 -38.73 15.26 5.06
C GLN E 341 -38.29 16.70 5.32
N MET E 342 -39.24 17.65 5.39
CA MET E 342 -38.91 19.03 5.69
C MET E 342 -38.99 19.36 7.18
N THR E 343 -39.30 18.39 8.03
CA THR E 343 -39.54 18.65 9.44
C THR E 343 -38.30 19.19 10.14
N GLY E 344 -37.13 18.61 9.84
CA GLY E 344 -35.91 19.01 10.53
C GLY E 344 -35.47 20.42 10.19
N ILE E 345 -35.58 20.80 8.92
CA ILE E 345 -35.07 22.10 8.48
C ILE E 345 -35.88 23.23 9.10
N LEU E 346 -37.19 23.03 9.28
CA LEU E 346 -38.07 24.10 9.73
C LEU E 346 -37.90 24.43 11.21
N ALA E 347 -36.99 23.77 11.92
CA ALA E 347 -36.75 24.10 13.32
C ALA E 347 -36.13 25.48 13.46
N THR E 348 -35.27 25.87 12.52
CA THR E 348 -34.60 27.16 12.57
C THR E 348 -35.21 28.11 11.53
N GLU E 349 -34.66 29.32 11.47
CA GLU E 349 -35.09 30.34 10.51
C GLU E 349 -34.27 30.16 9.25
N VAL E 350 -34.95 29.99 8.12
CA VAL E 350 -34.30 29.72 6.84
C VAL E 350 -34.75 30.76 5.82
N THR E 351 -33.86 31.07 4.88
CA THR E 351 -34.12 31.97 3.78
C THR E 351 -34.78 31.23 2.62
N PRO E 352 -35.52 31.94 1.77
CA PRO E 352 -36.16 31.26 0.63
C PRO E 352 -35.20 30.58 -0.32
N GLU E 353 -33.97 31.10 -0.47
CA GLU E 353 -33.01 30.49 -1.38
C GLU E 353 -32.60 29.11 -0.91
N ASP E 354 -32.25 28.98 0.37
CA ASP E 354 -31.86 27.69 0.92
C ASP E 354 -33.01 26.69 0.87
N ALA E 355 -34.23 27.16 1.18
CA ALA E 355 -35.39 26.29 1.09
C ALA E 355 -35.62 25.82 -0.34
N GLN E 356 -35.45 26.72 -1.32
CA GLN E 356 -35.60 26.35 -2.72
C GLN E 356 -34.58 25.29 -3.13
N LYS E 357 -33.32 25.49 -2.73
CA LYS E 357 -32.29 24.53 -3.07
C LYS E 357 -32.54 23.17 -2.43
N LEU E 358 -32.95 23.17 -1.16
CA LEU E 358 -33.28 21.91 -0.49
C LEU E 358 -34.45 21.21 -1.16
N LEU E 359 -35.48 21.97 -1.53
CA LEU E 359 -36.64 21.38 -2.21
C LEU E 359 -36.26 20.79 -3.56
N VAL E 360 -35.39 21.48 -4.31
CA VAL E 360 -34.90 20.93 -5.57
C VAL E 360 -34.10 19.66 -5.33
N GLY E 361 -33.30 19.64 -4.26
CA GLY E 361 -32.53 18.44 -3.95
C GLY E 361 -33.41 17.24 -3.62
N LEU E 362 -34.45 17.46 -2.79
CA LEU E 362 -35.34 16.36 -2.45
C LEU E 362 -36.22 15.93 -3.61
N ASN E 363 -36.65 16.87 -4.45
CA ASN E 363 -37.51 16.54 -5.58
C ASN E 363 -36.74 15.80 -6.67
N ASN E 377 -39.58 13.39 -11.09
CA ASN E 377 -40.01 14.43 -10.16
C ASN E 377 -41.25 13.98 -9.39
N THR E 378 -41.31 14.38 -8.12
CA THR E 378 -42.48 14.07 -7.29
C THR E 378 -43.54 15.17 -7.36
N MET E 379 -43.12 16.44 -7.35
CA MET E 379 -44.02 17.56 -7.50
C MET E 379 -43.57 18.41 -8.69
N LYS E 380 -44.52 19.09 -9.31
CA LYS E 380 -44.21 19.89 -10.50
C LYS E 380 -43.34 21.09 -10.10
N ASN E 381 -42.41 21.43 -10.98
CA ASN E 381 -41.37 22.40 -10.67
C ASN E 381 -41.87 23.85 -10.64
N TYR E 382 -42.99 24.15 -11.30
CA TYR E 382 -43.43 25.54 -11.38
C TYR E 382 -44.10 26.02 -10.09
N MET E 383 -44.36 25.13 -9.14
CA MET E 383 -44.96 25.54 -7.87
C MET E 383 -43.95 25.64 -6.72
N ILE E 384 -42.70 25.23 -6.94
CA ILE E 384 -41.67 25.23 -5.91
C ILE E 384 -41.37 26.62 -5.34
N PRO E 385 -41.23 27.67 -6.16
CA PRO E 385 -40.85 28.98 -5.59
C PRO E 385 -41.84 29.55 -4.59
N VAL E 386 -43.14 29.29 -4.71
CA VAL E 386 -44.07 29.82 -3.73
C VAL E 386 -44.10 28.94 -2.48
N VAL E 387 -43.90 27.63 -2.65
CA VAL E 387 -43.83 26.74 -1.50
C VAL E 387 -42.63 27.09 -0.62
N ALA E 388 -41.49 27.39 -1.23
CA ALA E 388 -40.31 27.76 -0.46
C ALA E 388 -40.55 29.03 0.35
N GLN E 389 -41.16 30.05 -0.28
CA GLN E 389 -41.47 31.29 0.41
C GLN E 389 -42.46 31.08 1.55
N ALA E 390 -43.48 30.24 1.34
CA ALA E 390 -44.45 29.95 2.38
C ALA E 390 -43.79 29.26 3.57
N PHE E 391 -42.93 28.27 3.31
CA PHE E 391 -42.23 27.60 4.39
C PHE E 391 -41.32 28.56 5.16
N SER E 392 -40.60 29.42 4.43
CA SER E 392 -39.70 30.36 5.08
C SER E 392 -40.46 31.35 5.96
N LYS E 393 -41.63 31.81 5.50
CA LYS E 393 -42.42 32.72 6.33
C LYS E 393 -43.07 32.02 7.51
N TRP E 394 -43.47 30.75 7.36
CA TRP E 394 -44.05 30.02 8.48
C TRP E 394 -43.02 29.78 9.58
N ALA E 395 -41.79 29.44 9.20
CA ALA E 395 -40.76 29.15 10.20
C ALA E 395 -40.43 30.37 11.04
N LYS E 396 -40.49 31.57 10.47
CA LYS E 396 -40.21 32.78 11.22
C LYS E 396 -41.32 33.13 12.20
N GLU E 397 -42.58 32.98 11.79
CA GLU E 397 -43.70 33.23 12.69
C GLU E 397 -43.73 32.24 13.84
N CYS E 398 -43.36 30.98 13.60
CA CYS E 398 -43.27 30.04 14.73
C CYS E 398 -42.25 30.51 15.76
N ARG E 399 -41.07 30.94 15.32
CA ARG E 399 -40.04 31.41 16.24
C ARG E 399 -40.49 32.68 16.97
N LYS E 400 -41.18 33.59 16.26
CA LYS E 400 -41.68 34.79 16.91
C LYS E 400 -42.72 34.47 17.97
N ASP E 401 -43.58 33.48 17.72
CA ASP E 401 -44.52 33.03 18.74
C ASP E 401 -43.78 32.44 19.94
N MET E 402 -42.70 31.70 19.69
CA MET E 402 -41.96 31.06 20.77
C MET E 402 -41.32 32.06 21.73
N GLU E 403 -41.00 33.27 21.28
CA GLU E 403 -40.25 34.22 22.09
C GLU E 403 -41.11 35.30 22.72
N ASP E 404 -42.44 35.15 22.72
CA ASP E 404 -43.35 36.13 23.31
C ASP E 404 -44.30 35.42 24.27
N GLU E 405 -43.72 34.59 25.14
CA GLU E 405 -44.49 33.77 26.06
C GLU E 405 -45.39 34.62 26.96
N LYS E 406 -46.60 34.13 27.19
CA LYS E 406 -47.61 34.80 28.00
C LYS E 406 -47.90 33.97 29.25
N LEU E 407 -48.88 34.41 30.03
CA LEU E 407 -49.29 33.73 31.26
C LEU E 407 -50.53 32.86 31.00
N LEU E 408 -50.72 31.86 31.85
CA LEU E 408 -51.80 30.91 31.66
C LEU E 408 -53.16 31.53 31.99
N GLY E 409 -54.06 31.48 31.02
CA GLY E 409 -55.47 31.77 31.26
C GLY E 409 -55.83 33.23 31.40
N VAL E 410 -54.96 34.16 31.01
CA VAL E 410 -55.24 35.58 31.14
C VAL E 410 -54.97 36.27 29.82
N ARG E 411 -55.88 37.16 29.42
CA ARG E 411 -55.71 38.00 28.26
C ARG E 411 -55.50 39.44 28.69
N GLU E 412 -54.52 40.11 28.06
CA GLU E 412 -54.16 41.47 28.45
C GLU E 412 -54.81 42.47 27.50
N ARG E 413 -55.94 43.00 27.96
CA ARG E 413 -56.64 44.06 27.23
C ARG E 413 -56.73 45.32 28.09
N ALA E 422 -58.96 47.33 24.15
CA ALA E 422 -58.49 47.01 22.80
C ALA E 422 -57.24 46.15 22.86
N PHE E 423 -57.22 45.09 22.05
CA PHE E 423 -56.10 44.16 22.01
C PHE E 423 -55.45 44.18 20.63
N LYS E 424 -54.12 44.03 20.61
CA LYS E 424 -53.37 44.07 19.36
C LYS E 424 -53.50 42.76 18.59
N LYS E 425 -53.59 42.86 17.27
CA LYS E 425 -53.54 41.71 16.39
C LYS E 425 -52.15 41.57 15.78
N GLN E 426 -51.81 40.33 15.41
CA GLN E 426 -50.51 40.04 14.84
C GLN E 426 -50.63 39.69 13.36
N LYS E 427 -49.48 39.56 12.71
CA LYS E 427 -49.43 39.26 11.28
C LYS E 427 -49.58 37.76 11.05
N THR E 428 -50.33 37.41 10.00
CA THR E 428 -50.44 36.04 9.53
C THR E 428 -50.31 36.05 8.02
N HIS E 429 -49.23 35.47 7.51
CA HIS E 429 -48.97 35.42 6.08
C HIS E 429 -48.97 34.00 5.52
N THR E 430 -49.05 32.98 6.36
CA THR E 430 -49.04 31.60 5.89
C THR E 430 -49.99 30.76 6.72
N VAL E 431 -50.77 29.92 6.04
CA VAL E 431 -51.58 28.89 6.66
C VAL E 431 -51.10 27.55 6.12
N TYR E 432 -50.70 26.67 7.02
CA TYR E 432 -50.09 25.39 6.66
C TYR E 432 -50.80 24.29 7.43
N LYS E 433 -51.49 23.41 6.71
CA LYS E 433 -52.17 22.25 7.29
C LYS E 433 -51.36 21.01 6.94
N ARG E 434 -50.69 20.45 7.94
CA ARG E 434 -49.88 19.27 7.78
C ARG E 434 -50.74 18.02 7.68
N PRO E 435 -50.21 16.93 7.12
CA PRO E 435 -50.99 15.70 7.03
C PRO E 435 -51.34 15.15 8.41
N ASP E 436 -52.47 14.45 8.47
CA ASP E 436 -53.06 13.91 9.70
C ASP E 436 -53.63 15.02 10.58
N THR E 437 -54.08 16.11 9.97
CA THR E 437 -54.75 17.19 10.67
C THR E 437 -56.13 17.41 10.06
N GLN E 438 -56.91 18.30 10.67
CA GLN E 438 -58.28 18.55 10.25
C GLN E 438 -58.59 20.04 10.32
N SER E 439 -59.31 20.52 9.32
CA SER E 439 -59.85 21.88 9.29
C SER E 439 -61.33 21.84 9.65
N ILE E 440 -61.79 22.88 10.34
CA ILE E 440 -63.17 22.96 10.80
C ILE E 440 -63.71 24.36 10.52
N GLN E 441 -64.87 24.45 9.88
CA GLN E 441 -65.48 25.73 9.53
C GLN E 441 -66.94 25.76 9.96
N LYS E 442 -67.44 26.96 10.23
CA LYS E 442 -68.83 27.18 10.59
C LYS E 442 -69.65 27.49 9.35
N VAL E 443 -70.74 26.74 9.15
CA VAL E 443 -71.60 26.92 7.98
C VAL E 443 -73.06 26.90 8.41
N GLN E 444 -73.96 27.03 7.44
CA GLN E 444 -75.39 27.02 7.69
C GLN E 444 -75.90 25.58 7.82
N ALA E 445 -76.86 25.39 8.73
CA ALA E 445 -77.44 24.08 8.96
C ALA E 445 -78.96 24.05 8.95
N GLU E 446 -79.63 25.20 9.00
CA GLU E 446 -81.08 25.28 9.01
C GLU E 446 -81.55 25.84 7.65
N PHE E 447 -82.14 24.97 6.83
CA PHE E 447 -82.58 25.32 5.49
C PHE E 447 -84.10 25.25 5.45
N ASP E 448 -84.74 26.31 4.99
CA ASP E 448 -86.20 26.36 4.90
C ASP E 448 -86.66 26.77 3.50
N ASP F 2 -48.77 -2.48 -40.88
CA ASP F 2 -49.11 -1.83 -39.61
C ASP F 2 -48.19 -0.65 -39.26
N PRO F 3 -46.87 -0.82 -39.33
CA PRO F 3 -45.98 0.33 -39.05
C PRO F 3 -46.11 1.40 -40.12
N VAL F 4 -45.96 2.65 -39.71
CA VAL F 4 -46.04 3.79 -40.63
C VAL F 4 -44.62 4.24 -40.94
N TYR F 5 -44.30 4.33 -42.24
CA TYR F 5 -42.95 4.68 -42.68
C TYR F 5 -42.89 6.17 -42.95
N VAL F 6 -41.92 6.85 -42.33
CA VAL F 6 -41.74 8.29 -42.46
C VAL F 6 -40.32 8.55 -42.93
N ASP F 7 -40.13 9.67 -43.65
CA ASP F 7 -38.85 10.02 -44.26
C ASP F 7 -38.01 10.79 -43.26
N ILE F 8 -37.45 10.06 -42.28
CA ILE F 8 -36.55 10.64 -41.30
C ILE F 8 -35.37 9.71 -41.13
N ASP F 9 -34.25 10.25 -40.63
CA ASP F 9 -33.07 9.45 -40.38
C ASP F 9 -33.30 8.52 -39.19
N ALA F 10 -32.54 7.43 -39.14
CA ALA F 10 -32.74 6.42 -38.11
C ALA F 10 -32.51 6.99 -36.71
N ASP F 11 -31.40 7.70 -36.53
CA ASP F 11 -31.07 8.28 -35.22
C ASP F 11 -31.48 9.75 -35.15
N SER F 12 -32.79 9.96 -35.09
CA SER F 12 -33.37 11.29 -34.95
C SER F 12 -34.15 11.38 -33.65
N ALA F 13 -33.94 12.47 -32.92
CA ALA F 13 -34.57 12.66 -31.61
C ALA F 13 -36.05 13.05 -31.72
N PHE F 14 -36.50 13.53 -32.87
CA PHE F 14 -37.90 13.87 -33.08
C PHE F 14 -38.80 12.64 -33.12
N LEU F 15 -38.23 11.45 -33.30
CA LEU F 15 -39.01 10.22 -33.38
C LEU F 15 -39.74 9.93 -32.07
N LYS F 16 -39.05 10.08 -30.94
CA LYS F 16 -39.69 9.84 -29.65
C LYS F 16 -40.78 10.86 -29.36
N ALA F 17 -40.57 12.12 -29.78
CA ALA F 17 -41.63 13.11 -29.68
C ALA F 17 -42.82 12.71 -30.56
N LEU F 18 -42.55 12.12 -31.72
CA LEU F 18 -43.63 11.63 -32.58
C LEU F 18 -44.45 10.55 -31.87
N GLN F 19 -43.77 9.62 -31.20
CA GLN F 19 -44.53 8.62 -30.42
C GLN F 19 -45.32 9.28 -29.30
N ARG F 20 -44.71 10.24 -28.59
CA ARG F 20 -45.43 10.87 -27.48
C ARG F 20 -46.65 11.62 -27.98
N ALA F 21 -46.60 12.10 -29.23
CA ALA F 21 -47.73 12.82 -29.82
C ALA F 21 -48.76 11.91 -30.46
N TYR F 22 -48.35 10.74 -30.96
CA TYR F 22 -49.23 9.81 -31.65
C TYR F 22 -49.06 8.42 -31.05
N PRO F 23 -49.57 8.18 -29.84
CA PRO F 23 -49.40 6.86 -29.23
C PRO F 23 -50.44 5.85 -29.67
N MET F 24 -50.72 5.81 -30.97
CA MET F 24 -51.62 4.82 -31.55
C MET F 24 -51.14 4.36 -32.92
N PHE F 25 -49.88 4.61 -33.26
CA PHE F 25 -49.28 4.13 -34.50
C PHE F 25 -47.90 3.59 -34.20
N GLU F 26 -47.44 2.70 -35.07
CA GLU F 26 -46.04 2.27 -35.04
C GLU F 26 -45.25 3.06 -36.08
N VAL F 27 -44.13 3.63 -35.64
CA VAL F 27 -43.35 4.56 -36.45
C VAL F 27 -41.99 3.93 -36.72
N GLU F 28 -41.60 3.91 -37.99
CA GLU F 28 -40.32 3.37 -38.41
C GLU F 28 -39.68 4.31 -39.43
N PRO F 29 -38.42 4.67 -39.24
CA PRO F 29 -37.76 5.61 -40.17
C PRO F 29 -37.28 4.94 -41.44
N ARG F 30 -37.56 5.61 -42.57
CA ARG F 30 -37.17 5.10 -43.89
C ARG F 30 -36.75 6.31 -44.74
N GLN F 31 -35.46 6.58 -44.76
CA GLN F 31 -34.94 7.75 -45.45
C GLN F 31 -34.84 7.51 -46.95
N VAL F 32 -35.29 8.48 -47.73
CA VAL F 32 -35.21 8.41 -49.19
C VAL F 32 -34.44 9.62 -49.73
N THR F 33 -34.97 10.81 -49.48
CA THR F 33 -34.37 12.03 -50.01
C THR F 33 -33.81 12.89 -48.88
N PRO F 34 -32.79 13.71 -49.18
CA PRO F 34 -32.19 14.58 -48.16
C PRO F 34 -32.92 15.92 -48.03
N ASN F 35 -34.20 15.86 -47.67
CA ASN F 35 -34.98 17.07 -47.49
C ASN F 35 -34.55 17.80 -46.22
N ASP F 36 -34.30 19.10 -46.34
CA ASP F 36 -33.82 19.89 -45.22
C ASP F 36 -34.93 20.40 -44.32
N HIS F 37 -36.20 20.14 -44.66
CA HIS F 37 -37.33 20.51 -43.81
C HIS F 37 -38.29 19.32 -43.74
N ALA F 38 -37.75 18.12 -43.54
CA ALA F 38 -38.50 16.89 -43.64
C ALA F 38 -39.26 16.53 -42.37
N ASN F 39 -39.09 17.28 -41.28
CA ASN F 39 -39.78 16.95 -40.03
C ASN F 39 -41.26 17.30 -40.10
N ALA F 40 -41.63 18.34 -40.84
CA ALA F 40 -43.03 18.74 -40.99
C ALA F 40 -43.86 17.68 -41.71
N ARG F 41 -43.28 17.04 -42.72
CA ARG F 41 -43.99 16.03 -43.49
C ARG F 41 -44.38 14.83 -42.65
N ALA F 42 -43.52 14.39 -41.73
CA ALA F 42 -43.85 13.27 -40.87
C ALA F 42 -45.02 13.58 -39.94
N PHE F 43 -45.17 14.83 -39.51
CA PHE F 43 -46.30 15.20 -38.66
C PHE F 43 -47.58 15.31 -39.48
N SER F 44 -47.52 16.02 -40.61
CA SER F 44 -48.68 16.13 -41.49
C SER F 44 -49.09 14.79 -42.09
N HIS F 45 -48.19 13.82 -42.11
CA HIS F 45 -48.45 12.48 -42.63
C HIS F 45 -49.30 11.68 -41.64
N LEU F 46 -48.97 11.78 -40.35
CA LEU F 46 -49.75 11.09 -39.32
C LEU F 46 -51.06 11.81 -39.00
N ALA F 47 -51.10 13.13 -39.18
CA ALA F 47 -52.33 13.87 -38.89
C ALA F 47 -53.49 13.40 -39.76
N ILE F 48 -53.23 13.21 -41.05
CA ILE F 48 -54.28 12.79 -41.97
C ILE F 48 -54.77 11.38 -41.63
N LYS F 49 -53.85 10.48 -41.28
CA LYS F 49 -54.23 9.14 -40.89
C LYS F 49 -55.09 9.16 -39.62
N LEU F 50 -54.73 10.00 -38.64
CA LEU F 50 -55.53 10.10 -37.43
C LEU F 50 -56.93 10.62 -37.76
N ILE F 51 -57.01 11.64 -38.61
CA ILE F 51 -58.30 12.21 -38.98
C ILE F 51 -59.17 11.17 -39.67
N GLU F 52 -58.58 10.40 -40.60
CA GLU F 52 -59.36 9.39 -41.31
C GLU F 52 -59.77 8.25 -40.39
N GLN F 53 -58.90 7.85 -39.46
CA GLN F 53 -59.24 6.78 -38.53
C GLN F 53 -60.26 7.22 -37.49
N GLU F 54 -60.44 8.52 -37.26
CA GLU F 54 -61.45 8.98 -36.33
C GLU F 54 -62.68 9.58 -37.01
N ILE F 55 -62.85 9.41 -38.32
CA ILE F 55 -64.01 9.92 -39.04
C ILE F 55 -64.85 8.74 -39.52
N ASP F 56 -66.15 8.95 -39.63
CA ASP F 56 -67.04 7.88 -40.03
C ASP F 56 -66.81 7.49 -41.49
N PRO F 57 -66.89 6.20 -41.82
CA PRO F 57 -66.72 5.79 -43.21
C PRO F 57 -67.89 6.23 -44.08
N ASP F 58 -67.64 6.25 -45.39
CA ASP F 58 -68.64 6.64 -46.40
C ASP F 58 -69.16 8.05 -46.15
N SER F 59 -68.22 8.99 -46.15
CA SER F 59 -68.53 10.41 -46.02
C SER F 59 -67.76 11.18 -47.07
N THR F 60 -68.41 12.22 -47.61
CA THR F 60 -67.79 13.09 -48.59
C THR F 60 -67.00 14.18 -47.88
N ILE F 61 -65.78 14.44 -48.34
CA ILE F 61 -64.84 15.30 -47.64
C ILE F 61 -64.38 16.39 -48.61
N LEU F 62 -64.61 17.65 -48.22
CA LEU F 62 -64.06 18.77 -48.96
C LEU F 62 -62.58 18.94 -48.64
N ASP F 63 -61.87 19.62 -49.54
CA ASP F 63 -60.45 19.88 -49.39
C ASP F 63 -60.16 21.28 -49.92
N ILE F 64 -59.84 22.20 -49.03
CA ILE F 64 -59.60 23.59 -49.40
C ILE F 64 -58.13 23.77 -49.73
N GLY F 65 -57.84 24.31 -50.91
CA GLY F 65 -56.48 24.52 -51.36
C GLY F 65 -55.67 23.24 -51.38
N SER F 66 -56.16 22.25 -52.11
CA SER F 66 -55.60 20.90 -52.06
C SER F 66 -54.55 20.69 -53.14
N ALA F 67 -53.78 19.63 -52.95
CA ALA F 67 -52.89 19.07 -53.98
C ALA F 67 -53.43 17.69 -54.32
N PRO F 68 -54.11 17.53 -55.47
CA PRO F 68 -54.83 16.27 -55.72
C PRO F 68 -53.94 15.04 -55.79
N ALA F 69 -52.63 15.21 -55.99
CA ALA F 69 -51.73 14.08 -56.02
C ALA F 69 -51.67 13.35 -54.69
N ARG F 70 -51.87 14.05 -53.57
CA ARG F 70 -51.83 13.40 -52.27
C ARG F 70 -53.06 12.53 -52.02
N ARG F 71 -54.21 12.93 -52.54
CA ARG F 71 -55.48 12.23 -52.30
C ARG F 71 -55.89 11.39 -53.51
N MET F 72 -54.94 10.78 -54.22
CA MET F 72 -55.26 9.96 -55.37
C MET F 72 -55.29 8.47 -55.04
N MET F 73 -54.30 7.97 -54.31
CA MET F 73 -54.21 6.55 -53.97
C MET F 73 -54.91 6.20 -52.67
N SER F 74 -55.85 7.03 -52.22
CA SER F 74 -56.59 6.76 -51.00
C SER F 74 -57.86 5.98 -51.28
N ASP F 75 -58.71 5.80 -50.26
CA ASP F 75 -59.96 5.09 -50.46
C ASP F 75 -61.17 5.87 -49.98
N ARG F 76 -61.10 7.19 -49.86
CA ARG F 76 -62.19 8.01 -49.38
C ARG F 76 -62.63 8.98 -50.47
N LYS F 77 -63.90 9.37 -50.43
CA LYS F 77 -64.48 10.23 -51.46
C LYS F 77 -64.14 11.68 -51.13
N TYR F 78 -63.03 12.18 -51.66
CA TYR F 78 -62.67 13.58 -51.51
C TYR F 78 -63.29 14.43 -52.62
N HIS F 79 -63.28 15.74 -52.39
CA HIS F 79 -63.63 16.73 -53.41
C HIS F 79 -62.64 17.86 -53.29
N CYS F 80 -61.76 18.00 -54.28
CA CYS F 80 -60.63 18.91 -54.19
C CYS F 80 -61.01 20.27 -54.77
N VAL F 81 -60.86 21.31 -53.95
CA VAL F 81 -61.07 22.68 -54.40
C VAL F 81 -59.71 23.25 -54.76
N CYS F 82 -59.47 23.46 -56.06
CA CYS F 82 -58.16 23.82 -56.57
C CYS F 82 -58.25 25.08 -57.42
N PRO F 83 -58.30 26.25 -56.80
CA PRO F 83 -58.22 27.50 -57.55
C PRO F 83 -56.79 27.74 -58.03
N MET F 84 -56.67 28.66 -58.99
CA MET F 84 -55.39 29.01 -59.59
C MET F 84 -55.02 30.42 -59.14
N ARG F 85 -54.37 30.51 -57.98
CA ARG F 85 -53.92 31.79 -57.44
C ARG F 85 -52.45 31.81 -57.07
N SER F 86 -51.77 30.67 -57.04
CA SER F 86 -50.36 30.59 -56.68
C SER F 86 -49.53 30.18 -57.88
N ALA F 87 -48.28 30.64 -57.89
CA ALA F 87 -47.37 30.35 -59.00
C ALA F 87 -46.99 28.88 -59.08
N GLU F 88 -47.24 28.10 -58.02
CA GLU F 88 -46.87 26.70 -57.97
C GLU F 88 -48.03 25.76 -58.28
N ASP F 89 -49.17 26.28 -58.69
CA ASP F 89 -50.36 25.49 -58.97
C ASP F 89 -50.34 24.79 -60.32
N PRO F 90 -49.89 25.43 -61.41
CA PRO F 90 -49.85 24.72 -62.70
C PRO F 90 -49.01 23.45 -62.67
N GLU F 91 -47.88 23.46 -61.96
CA GLU F 91 -47.08 22.26 -61.80
C GLU F 91 -47.81 21.18 -61.03
N ARG F 92 -48.58 21.55 -60.00
CA ARG F 92 -49.42 20.59 -59.29
C ARG F 92 -50.46 19.96 -60.20
N LEU F 93 -51.13 20.77 -61.03
CA LEU F 93 -52.10 20.23 -61.96
C LEU F 93 -51.46 19.31 -62.99
N ALA F 94 -50.30 19.69 -63.52
CA ALA F 94 -49.58 18.85 -64.46
C ALA F 94 -49.14 17.53 -63.84
N ASN F 95 -48.64 17.56 -62.61
CA ASN F 95 -48.26 16.35 -61.89
C ASN F 95 -49.45 15.43 -61.63
N TYR F 96 -50.61 16.01 -61.25
CA TYR F 96 -51.83 15.23 -61.12
C TYR F 96 -52.20 14.57 -62.45
N ALA F 97 -52.11 15.33 -63.55
CA ALA F 97 -52.41 14.77 -64.86
C ALA F 97 -51.46 13.63 -65.20
N ARG F 98 -50.17 13.79 -64.89
CA ARG F 98 -49.21 12.77 -65.24
C ARG F 98 -49.44 11.47 -64.45
N LYS F 99 -49.67 11.57 -63.13
CA LYS F 99 -49.93 10.33 -62.42
C LYS F 99 -51.33 9.78 -62.66
N LEU F 100 -52.25 10.58 -63.20
CA LEU F 100 -53.52 10.03 -63.65
C LEU F 100 -53.35 9.25 -64.95
N ALA F 101 -52.51 9.76 -65.86
CA ALA F 101 -52.25 9.07 -67.11
C ALA F 101 -51.36 7.85 -66.94
N SER F 102 -50.50 7.83 -65.91
CA SER F 102 -49.56 6.74 -65.70
C SER F 102 -50.20 5.53 -65.04
N ALA F 103 -51.47 5.60 -64.66
CA ALA F 103 -52.16 4.48 -64.03
C ALA F 103 -53.53 4.27 -64.66
N ALA F 104 -53.60 4.30 -66.00
CA ALA F 104 -54.87 4.17 -66.72
C ALA F 104 -55.54 2.83 -66.45
N GLY F 105 -54.76 1.75 -66.50
CA GLY F 105 -55.32 0.43 -66.28
C GLY F 105 -54.48 -0.46 -65.39
N LYS F 106 -53.31 0.03 -64.99
CA LYS F 106 -52.45 -0.73 -64.09
C LYS F 106 -53.11 -0.89 -62.72
N VAL F 107 -53.72 0.19 -62.23
CA VAL F 107 -54.45 0.17 -60.96
C VAL F 107 -55.93 0.36 -61.25
N LEU F 108 -56.75 -0.50 -60.64
CA LEU F 108 -58.19 -0.45 -60.87
C LEU F 108 -58.95 -0.46 -59.55
N ASP F 109 -58.24 -0.63 -58.43
CA ASP F 109 -58.87 -0.63 -57.12
C ASP F 109 -59.40 0.75 -56.80
N ARG F 110 -58.84 1.78 -57.44
CA ARG F 110 -59.25 3.16 -57.21
C ARG F 110 -60.37 3.57 -58.14
N ASN F 111 -60.67 4.87 -58.17
CA ASN F 111 -61.67 5.45 -59.06
C ASN F 111 -60.97 6.24 -60.17
N ILE F 112 -59.89 5.67 -60.71
CA ILE F 112 -59.02 6.39 -61.64
C ILE F 112 -59.79 6.80 -62.89
N SER F 113 -60.60 5.88 -63.43
CA SER F 113 -61.36 6.19 -64.63
C SER F 113 -62.31 7.35 -64.41
N GLY F 114 -63.02 7.34 -63.28
CA GLY F 114 -63.93 8.43 -62.97
C GLY F 114 -63.19 9.75 -62.79
N LYS F 115 -62.03 9.70 -62.12
CA LYS F 115 -61.24 10.91 -61.92
C LYS F 115 -60.76 11.48 -63.25
N ILE F 116 -60.30 10.61 -64.15
CA ILE F 116 -59.85 11.06 -65.47
C ILE F 116 -60.99 11.68 -66.25
N GLY F 117 -62.15 11.02 -66.23
CA GLY F 117 -63.32 11.58 -66.92
C GLY F 117 -63.73 12.92 -66.35
N ASP F 118 -63.70 13.06 -65.02
CA ASP F 118 -64.06 14.32 -64.39
C ASP F 118 -63.07 15.43 -64.76
N LEU F 119 -61.77 15.10 -64.76
CA LEU F 119 -60.77 16.09 -65.13
C LEU F 119 -60.95 16.54 -66.57
N GLN F 120 -61.22 15.59 -67.47
CA GLN F 120 -61.49 15.96 -68.86
C GLN F 120 -62.74 16.82 -68.98
N ALA F 121 -63.79 16.52 -68.21
CA ALA F 121 -65.00 17.33 -68.25
C ALA F 121 -64.73 18.75 -67.78
N VAL F 122 -63.95 18.91 -66.70
CA VAL F 122 -63.61 20.25 -66.24
C VAL F 122 -62.76 20.97 -67.28
N MET F 123 -61.84 20.25 -67.92
CA MET F 123 -61.01 20.86 -68.96
C MET F 123 -61.86 21.33 -70.13
N ALA F 124 -62.95 20.62 -70.42
CA ALA F 124 -63.86 21.01 -71.50
C ALA F 124 -64.61 22.29 -71.16
N VAL F 125 -65.44 22.24 -70.12
CA VAL F 125 -66.18 23.41 -69.66
C VAL F 125 -65.63 23.81 -68.29
N PRO F 126 -64.99 24.98 -68.16
CA PRO F 126 -64.38 25.36 -66.87
C PRO F 126 -65.32 26.09 -65.91
N ASP F 127 -66.53 25.55 -65.76
CA ASP F 127 -67.47 26.04 -64.76
C ASP F 127 -68.22 24.89 -64.11
N THR F 128 -67.97 23.67 -64.58
CA THR F 128 -68.71 22.52 -64.07
C THR F 128 -68.30 22.19 -62.65
N GLU F 129 -69.19 21.51 -61.93
CA GLU F 129 -68.94 21.05 -60.57
C GLU F 129 -69.01 19.53 -60.57
N THR F 130 -67.87 18.89 -60.69
CA THR F 130 -67.75 17.44 -60.71
C THR F 130 -67.59 16.90 -59.30
N PRO F 131 -67.85 15.60 -59.10
CA PRO F 131 -67.74 15.02 -57.76
C PRO F 131 -66.38 15.23 -57.09
N THR F 132 -65.29 15.22 -57.86
CA THR F 132 -63.95 15.18 -57.28
C THR F 132 -63.07 16.36 -57.66
N PHE F 133 -63.58 17.36 -58.38
CA PHE F 133 -62.70 18.43 -58.83
C PHE F 133 -63.52 19.65 -59.23
N CYS F 134 -62.92 20.83 -59.06
CA CYS F 134 -63.53 22.08 -59.48
C CYS F 134 -62.44 23.15 -59.55
N LEU F 135 -62.79 24.30 -60.10
CA LEU F 135 -61.87 25.43 -60.26
C LEU F 135 -62.43 26.67 -59.60
N HIS F 136 -62.93 26.52 -58.38
CA HIS F 136 -63.53 27.62 -57.63
C HIS F 136 -62.74 27.88 -56.36
N THR F 137 -63.07 28.98 -55.69
CA THR F 137 -62.49 29.28 -54.38
C THR F 137 -63.26 28.56 -53.28
N ASP F 138 -62.98 28.90 -52.02
CA ASP F 138 -63.70 28.33 -50.89
C ASP F 138 -65.11 28.87 -50.72
N VAL F 139 -65.35 30.14 -51.08
CA VAL F 139 -66.67 30.75 -50.93
C VAL F 139 -67.52 30.65 -52.19
N SER F 140 -67.02 30.00 -53.25
CA SER F 140 -67.76 29.87 -54.49
C SER F 140 -68.14 28.44 -54.85
N CYS F 141 -67.43 27.44 -54.32
CA CYS F 141 -67.81 26.06 -54.57
C CYS F 141 -69.18 25.77 -53.96
N ARG F 142 -70.04 25.11 -54.76
CA ARG F 142 -71.40 24.80 -54.32
C ARG F 142 -71.59 23.30 -54.05
N GLN F 143 -70.50 22.53 -53.97
CA GLN F 143 -70.61 21.10 -53.68
C GLN F 143 -70.92 20.89 -52.20
N ARG F 144 -72.11 20.39 -51.91
CA ARG F 144 -72.52 20.16 -50.53
C ARG F 144 -71.78 18.95 -49.96
N ALA F 145 -71.42 19.05 -48.68
CA ALA F 145 -70.70 17.98 -48.00
C ALA F 145 -70.98 18.08 -46.51
N ASP F 146 -70.25 17.30 -45.71
CA ASP F 146 -70.40 17.32 -44.27
C ASP F 146 -69.09 17.46 -43.50
N VAL F 147 -67.94 17.35 -44.17
CA VAL F 147 -66.63 17.46 -43.52
C VAL F 147 -65.73 18.32 -44.39
N ALA F 148 -64.94 19.17 -43.73
CA ALA F 148 -63.98 20.02 -44.41
C ALA F 148 -62.63 19.88 -43.72
N ILE F 149 -61.55 19.99 -44.49
CA ILE F 149 -60.19 19.86 -43.98
C ILE F 149 -59.34 21.01 -44.50
N TYR F 150 -58.53 21.58 -43.62
CA TYR F 150 -57.60 22.64 -43.97
C TYR F 150 -56.19 22.14 -43.66
N GLN F 151 -55.29 22.23 -44.64
CA GLN F 151 -53.90 21.85 -44.46
C GLN F 151 -52.99 22.97 -44.92
N ASP F 152 -52.25 23.55 -43.97
CA ASP F 152 -51.31 24.64 -44.24
C ASP F 152 -51.96 25.78 -45.01
N VAL F 153 -53.18 26.14 -44.59
CA VAL F 153 -53.94 27.22 -45.20
C VAL F 153 -53.88 28.42 -44.26
N TYR F 154 -53.32 29.53 -44.76
CA TYR F 154 -53.08 30.71 -43.95
C TYR F 154 -53.66 31.99 -44.52
N ALA F 155 -54.15 31.98 -45.75
CA ALA F 155 -54.55 33.20 -46.45
C ALA F 155 -56.06 33.42 -46.47
N VAL F 156 -56.82 32.66 -45.69
CA VAL F 156 -58.27 32.83 -45.63
C VAL F 156 -58.65 33.40 -44.28
N HIS F 157 -59.75 34.15 -44.25
CA HIS F 157 -60.30 34.69 -43.02
C HIS F 157 -61.23 33.65 -42.42
N ALA F 158 -60.92 33.19 -41.21
CA ALA F 158 -61.59 32.03 -40.63
C ALA F 158 -63.09 32.19 -40.46
N PRO F 159 -63.63 33.29 -39.91
CA PRO F 159 -65.08 33.36 -39.72
C PRO F 159 -65.88 33.25 -41.03
N THR F 160 -65.48 34.00 -42.06
CA THR F 160 -66.21 33.95 -43.33
C THR F 160 -66.09 32.58 -43.98
N SER F 161 -64.90 31.99 -43.95
CA SER F 161 -64.71 30.66 -44.55
C SER F 161 -65.57 29.63 -43.83
N LEU F 162 -65.60 29.67 -42.49
CA LEU F 162 -66.42 28.72 -41.75
C LEU F 162 -67.91 28.95 -41.97
N TYR F 163 -68.33 30.21 -42.06
CA TYR F 163 -69.75 30.48 -42.31
C TYR F 163 -70.19 29.99 -43.68
N HIS F 164 -69.35 30.17 -44.70
CA HIS F 164 -69.69 29.69 -46.03
C HIS F 164 -69.60 28.17 -46.15
N GLN F 165 -69.00 27.49 -45.18
CA GLN F 165 -69.03 26.03 -45.13
C GLN F 165 -70.19 25.49 -44.31
N ALA F 166 -70.65 26.25 -43.30
CA ALA F 166 -71.70 25.77 -42.42
C ALA F 166 -73.06 25.70 -43.12
N ILE F 167 -73.28 26.57 -44.10
CA ILE F 167 -74.58 26.65 -44.76
C ILE F 167 -74.68 25.59 -45.85
N LYS F 168 -73.67 24.72 -45.93
CA LYS F 168 -73.67 23.67 -46.94
C LYS F 168 -73.76 22.28 -46.34
N GLY F 169 -74.16 22.13 -45.08
CA GLY F 169 -74.29 20.82 -44.47
C GLY F 169 -73.06 20.31 -43.77
N VAL F 170 -72.03 21.14 -43.60
CA VAL F 170 -70.80 20.74 -42.94
C VAL F 170 -70.96 20.94 -41.44
N ARG F 171 -70.68 19.90 -40.67
CA ARG F 171 -70.83 19.93 -39.22
C ARG F 171 -69.52 19.68 -38.48
N LEU F 172 -68.40 19.54 -39.19
CA LEU F 172 -67.14 19.20 -38.56
C LEU F 172 -66.00 19.63 -39.48
N ALA F 173 -64.99 20.29 -38.90
CA ALA F 173 -63.87 20.79 -39.68
C ALA F 173 -62.57 20.60 -38.91
N TYR F 174 -61.47 20.44 -39.64
CA TYR F 174 -60.15 20.26 -39.06
C TYR F 174 -59.18 21.28 -39.63
N TRP F 175 -58.20 21.66 -38.82
CA TRP F 175 -57.18 22.63 -39.22
C TRP F 175 -55.83 22.20 -38.65
N VAL F 176 -54.86 21.98 -39.52
CA VAL F 176 -53.51 21.56 -39.12
C VAL F 176 -52.53 22.64 -39.54
N GLY F 177 -51.69 23.09 -38.61
CA GLY F 177 -50.75 24.13 -38.96
C GLY F 177 -49.84 24.52 -37.81
N PHE F 178 -49.23 25.69 -37.97
CA PHE F 178 -48.36 26.28 -36.95
C PHE F 178 -49.18 26.88 -35.81
N ASP F 179 -48.56 26.92 -34.64
CA ASP F 179 -49.17 27.56 -33.48
C ASP F 179 -49.30 29.06 -33.70
N THR F 180 -50.47 29.59 -33.33
CA THR F 180 -50.79 31.01 -33.51
C THR F 180 -50.39 31.84 -32.29
N THR F 181 -49.91 31.18 -31.23
CA THR F 181 -49.60 31.89 -29.99
C THR F 181 -48.57 33.01 -30.14
N PRO F 182 -47.45 32.84 -30.87
CA PRO F 182 -46.46 33.93 -30.94
C PRO F 182 -47.00 35.23 -31.53
N PHE F 183 -48.04 35.16 -32.38
CA PHE F 183 -48.61 36.37 -32.96
C PHE F 183 -49.68 37.00 -32.09
N MET F 184 -50.19 36.29 -31.09
CA MET F 184 -51.07 36.89 -30.11
C MET F 184 -50.29 37.77 -29.12
N TYR F 185 -49.03 37.45 -28.88
CA TYR F 185 -48.15 38.27 -28.06
C TYR F 185 -47.52 39.42 -28.84
N ASN F 186 -47.70 39.45 -30.16
CA ASN F 186 -47.23 40.55 -31.01
C ASN F 186 -45.71 40.68 -30.95
N ALA F 187 -45.02 39.58 -31.26
CA ALA F 187 -43.56 39.59 -31.31
C ALA F 187 -43.07 40.12 -32.65
N MET F 188 -41.78 40.45 -32.70
CA MET F 188 -41.17 41.01 -33.90
C MET F 188 -40.55 39.94 -34.81
N ALA F 189 -39.98 38.88 -34.22
CA ALA F 189 -39.38 37.81 -34.99
C ALA F 189 -39.38 36.55 -34.13
N GLY F 190 -39.18 35.40 -34.77
CA GLY F 190 -39.21 34.17 -34.00
C GLY F 190 -38.75 32.97 -34.79
N ALA F 191 -38.72 31.84 -34.11
CA ALA F 191 -38.24 30.58 -34.66
C ALA F 191 -39.10 29.42 -34.20
N TYR F 192 -39.08 28.34 -35.00
CA TYR F 192 -39.66 27.05 -34.65
C TYR F 192 -38.53 26.03 -34.81
N PRO F 193 -37.60 25.97 -33.85
CA PRO F 193 -36.31 25.30 -34.09
C PRO F 193 -36.41 23.81 -34.36
N SER F 194 -37.52 23.14 -34.01
CA SER F 194 -37.64 21.72 -34.27
C SER F 194 -38.05 21.42 -35.71
N TYR F 195 -38.44 22.42 -36.49
CA TYR F 195 -38.84 22.22 -37.88
C TYR F 195 -38.00 23.05 -38.85
N SER F 196 -36.90 23.63 -38.36
CA SER F 196 -36.00 24.43 -39.20
C SER F 196 -36.73 25.58 -39.89
N THR F 197 -37.47 26.34 -39.08
CA THR F 197 -38.31 27.42 -39.60
C THR F 197 -37.99 28.70 -38.84
N ASN F 198 -37.81 29.80 -39.57
CA ASN F 198 -37.61 31.11 -38.98
C ASN F 198 -38.52 32.13 -39.64
N TRP F 199 -39.07 33.05 -38.85
CA TRP F 199 -39.95 34.07 -39.39
C TRP F 199 -39.54 35.43 -38.83
N ALA F 200 -39.77 36.47 -39.64
CA ALA F 200 -39.35 37.81 -39.25
C ALA F 200 -40.22 38.86 -39.91
N ASP F 201 -40.29 40.02 -39.27
CA ASP F 201 -40.93 41.19 -39.83
C ASP F 201 -40.05 41.82 -40.91
N GLU F 202 -40.68 42.55 -41.83
CA GLU F 202 -39.95 43.15 -42.94
C GLU F 202 -38.97 44.23 -42.50
N GLN F 203 -39.24 44.91 -41.39
CA GLN F 203 -38.41 46.04 -40.97
C GLN F 203 -37.12 45.62 -40.28
N VAL F 204 -36.92 44.33 -40.02
CA VAL F 204 -35.72 43.84 -39.37
C VAL F 204 -34.97 42.82 -40.23
N LEU F 205 -35.21 42.83 -41.54
CA LEU F 205 -34.54 41.86 -42.41
C LEU F 205 -33.06 42.15 -42.56
N LYS F 206 -32.62 43.37 -42.26
CA LYS F 206 -31.20 43.71 -42.30
C LYS F 206 -30.57 43.74 -40.93
N ALA F 207 -31.00 42.86 -40.03
CA ALA F 207 -30.39 42.74 -38.71
C ALA F 207 -29.11 41.92 -38.82
N LYS F 208 -28.53 41.55 -37.68
CA LYS F 208 -27.25 40.87 -37.65
C LYS F 208 -27.29 39.48 -37.05
N ASN F 209 -27.95 39.29 -35.90
CA ASN F 209 -27.83 38.06 -35.13
C ASN F 209 -29.18 37.38 -34.89
N ILE F 210 -30.14 37.52 -35.81
CA ILE F 210 -31.37 36.74 -35.73
C ILE F 210 -31.30 35.66 -36.80
N GLY F 211 -32.26 34.75 -36.79
CA GLY F 211 -32.20 33.57 -37.64
C GLY F 211 -32.46 33.83 -39.11
N LEU F 212 -33.00 34.99 -39.46
CA LEU F 212 -33.33 35.32 -40.86
C LEU F 212 -32.96 36.79 -41.11
N CYS F 213 -31.74 37.02 -41.59
CA CYS F 213 -31.26 38.37 -41.84
C CYS F 213 -30.01 38.32 -42.70
N SER F 214 -29.60 39.49 -43.18
CA SER F 214 -28.34 39.67 -43.90
C SER F 214 -27.87 41.09 -43.71
N THR F 215 -26.58 41.27 -43.43
CA THR F 215 -26.00 42.59 -43.20
C THR F 215 -24.69 42.72 -43.97
N ASP F 216 -24.03 43.86 -43.83
CA ASP F 216 -22.81 44.18 -44.55
C ASP F 216 -21.71 44.60 -43.57
N LEU F 217 -20.50 44.72 -44.09
CA LEU F 217 -19.37 45.25 -43.34
C LEU F 217 -19.30 46.76 -43.53
N THR F 218 -18.91 47.47 -42.46
CA THR F 218 -18.88 48.92 -42.51
C THR F 218 -17.91 49.44 -41.45
N GLU F 219 -17.55 50.70 -41.58
CA GLU F 219 -16.63 51.37 -40.67
C GLU F 219 -17.35 52.23 -39.63
N GLY F 220 -18.43 52.90 -40.02
CA GLY F 220 -19.16 53.73 -39.09
C GLY F 220 -19.18 55.20 -39.46
N ARG F 221 -20.34 55.68 -39.89
CA ARG F 221 -20.50 57.07 -40.31
C ARG F 221 -21.17 57.87 -39.20
N ARG F 222 -20.89 59.19 -39.17
CA ARG F 222 -21.47 60.08 -38.17
C ARG F 222 -22.77 60.73 -38.64
N GLY F 223 -23.22 60.47 -39.86
CA GLY F 223 -24.43 61.06 -40.38
C GLY F 223 -25.67 60.25 -40.07
N ARG F 229 -37.90 61.34 -40.41
CA ARG F 229 -37.62 60.78 -39.09
C ARG F 229 -38.41 59.50 -38.84
N GLY F 230 -37.91 58.69 -37.91
CA GLY F 230 -38.55 57.44 -37.54
C GLY F 230 -39.12 57.48 -36.13
N LYS F 231 -38.35 56.95 -35.18
CA LYS F 231 -38.67 56.92 -33.75
C LYS F 231 -39.81 55.95 -33.43
N LYS F 232 -40.37 55.32 -34.45
CA LYS F 232 -41.45 54.33 -34.29
C LYS F 232 -41.00 53.02 -34.93
N LEU F 233 -40.67 52.04 -34.11
CA LEU F 233 -40.33 50.69 -34.57
C LEU F 233 -41.34 49.73 -33.96
N GLU F 234 -42.38 49.43 -34.72
CA GLU F 234 -43.50 48.62 -34.25
C GLU F 234 -43.83 47.56 -35.29
N PRO F 235 -44.39 46.43 -34.87
CA PRO F 235 -44.73 45.37 -35.83
C PRO F 235 -45.74 45.85 -36.87
N CYS F 236 -45.60 45.32 -38.09
N CYS F 236 -45.61 45.32 -38.09
CA CYS F 236 -46.46 45.65 -39.21
CA CYS F 236 -46.50 45.65 -39.19
C CYS F 236 -47.13 44.37 -39.72
C CYS F 236 -47.16 44.38 -39.71
N ASP F 237 -47.97 44.53 -40.75
CA ASP F 237 -48.78 43.41 -41.23
C ASP F 237 -47.95 42.34 -41.91
N ARG F 238 -46.97 42.73 -42.73
CA ARG F 238 -46.28 41.76 -43.59
C ARG F 238 -45.18 41.03 -42.83
N VAL F 239 -45.19 39.70 -42.92
CA VAL F 239 -44.22 38.84 -42.25
C VAL F 239 -43.69 37.84 -43.27
N LEU F 240 -42.42 37.45 -43.09
CA LEU F 240 -41.79 36.47 -43.96
C LEU F 240 -41.46 35.21 -43.18
N PHE F 241 -41.83 34.05 -43.75
CA PHE F 241 -41.56 32.74 -43.19
C PHE F 241 -40.56 32.02 -44.07
N SER F 242 -39.65 31.27 -43.44
CA SER F 242 -38.67 30.45 -44.15
C SER F 242 -38.68 29.06 -43.51
N VAL F 243 -39.20 28.09 -44.24
CA VAL F 243 -39.21 26.69 -43.82
C VAL F 243 -38.12 25.99 -44.62
N GLY F 244 -37.04 25.61 -43.95
CA GLY F 244 -35.87 25.13 -44.66
C GLY F 244 -35.33 26.21 -45.57
N SER F 245 -35.52 26.03 -46.88
CA SER F 245 -35.15 27.05 -47.86
C SER F 245 -36.33 27.59 -48.65
N THR F 246 -37.57 27.28 -48.23
CA THR F 246 -38.75 27.76 -48.92
C THR F 246 -39.32 28.99 -48.22
N LEU F 247 -39.69 29.99 -49.01
CA LEU F 247 -40.11 31.29 -48.51
C LEU F 247 -41.60 31.49 -48.71
N TYR F 248 -42.27 32.02 -47.69
CA TYR F 248 -43.71 32.28 -47.73
C TYR F 248 -44.00 33.66 -47.15
N PRO F 249 -44.65 34.57 -47.89
CA PRO F 249 -45.13 35.81 -47.27
C PRO F 249 -46.49 35.61 -46.63
N GLU F 250 -46.70 36.25 -45.47
CA GLU F 250 -47.94 36.10 -44.72
C GLU F 250 -48.35 37.44 -44.13
N SER F 251 -49.61 37.51 -43.70
CA SER F 251 -50.20 38.68 -43.08
C SER F 251 -50.58 38.37 -41.64
N ARG F 252 -50.42 39.36 -40.76
CA ARG F 252 -50.66 39.14 -39.34
C ARG F 252 -52.15 38.97 -39.04
N LYS F 253 -53.01 39.71 -39.74
CA LYS F 253 -54.44 39.66 -39.45
C LYS F 253 -55.03 38.28 -39.73
N LEU F 254 -54.72 37.71 -40.88
CA LEU F 254 -55.23 36.39 -41.22
C LEU F 254 -54.64 35.29 -40.35
N LEU F 255 -53.41 35.48 -39.87
CA LEU F 255 -52.85 34.53 -38.92
C LEU F 255 -53.57 34.60 -37.57
N LYS F 256 -53.82 35.81 -37.08
CA LYS F 256 -54.52 35.98 -35.81
C LYS F 256 -55.98 35.56 -35.88
N SER F 257 -56.59 35.60 -37.07
CA SER F 257 -58.01 35.26 -37.19
C SER F 257 -58.30 33.81 -36.86
N TRP F 258 -57.28 32.94 -36.82
CA TRP F 258 -57.49 31.53 -36.52
C TRP F 258 -57.30 31.20 -35.04
N HIS F 259 -57.03 32.20 -34.19
CA HIS F 259 -56.96 31.99 -32.75
C HIS F 259 -58.36 32.19 -32.19
N LEU F 260 -59.18 31.12 -32.28
CA LEU F 260 -60.60 31.20 -31.97
C LEU F 260 -60.88 30.84 -30.52
N PRO F 261 -61.92 31.43 -29.93
CA PRO F 261 -62.28 31.09 -28.54
C PRO F 261 -62.94 29.72 -28.47
N SER F 262 -63.22 29.31 -27.22
CA SER F 262 -63.81 27.99 -26.99
C SER F 262 -65.25 27.92 -27.51
N VAL F 263 -66.01 29.00 -27.38
CA VAL F 263 -67.39 29.06 -27.85
C VAL F 263 -67.61 30.38 -28.57
N PHE F 264 -68.22 30.32 -29.76
CA PHE F 264 -68.57 31.54 -30.48
C PHE F 264 -69.83 31.30 -31.30
N HIS F 265 -70.37 32.39 -31.82
CA HIS F 265 -71.64 32.40 -32.54
C HIS F 265 -71.44 33.01 -33.92
N LEU F 266 -71.94 32.32 -34.95
CA LEU F 266 -71.98 32.87 -36.31
C LEU F 266 -73.43 33.17 -36.65
N LYS F 267 -73.79 34.46 -36.66
CA LYS F 267 -75.17 34.89 -36.86
C LYS F 267 -75.25 35.87 -38.02
N GLY F 268 -75.60 35.34 -39.19
CA GLY F 268 -75.89 36.17 -40.35
C GLY F 268 -77.35 36.07 -40.75
N LYS F 269 -77.64 35.29 -41.77
CA LYS F 269 -79.01 34.93 -42.13
C LYS F 269 -79.42 33.69 -41.35
N LEU F 270 -78.66 32.61 -41.45
CA LEU F 270 -78.80 31.47 -40.55
C LEU F 270 -77.83 31.62 -39.39
N SER F 271 -78.16 30.97 -38.27
CA SER F 271 -77.40 31.11 -37.05
C SER F 271 -76.80 29.77 -36.64
N PHE F 272 -75.56 29.82 -36.15
CA PHE F 272 -74.83 28.63 -35.74
C PHE F 272 -74.06 28.92 -34.46
N THR F 273 -73.85 27.88 -33.66
CA THR F 273 -73.04 27.94 -32.45
C THR F 273 -71.88 26.99 -32.62
N CYS F 274 -70.66 27.49 -32.43
CA CYS F 274 -69.45 26.76 -32.78
C CYS F 274 -68.51 26.66 -31.59
N ARG F 275 -67.75 25.56 -31.56
CA ARG F 275 -66.77 25.29 -30.51
C ARG F 275 -65.43 24.95 -31.16
N CYS F 276 -64.34 25.30 -30.48
CA CYS F 276 -63.00 25.05 -30.97
C CYS F 276 -62.19 24.34 -29.90
N ASP F 277 -61.50 23.26 -30.27
CA ASP F 277 -60.71 22.46 -29.36
C ASP F 277 -59.42 22.03 -30.04
N THR F 278 -58.37 21.89 -29.23
CA THR F 278 -57.06 21.44 -29.70
C THR F 278 -56.85 20.00 -29.27
N VAL F 279 -56.53 19.13 -30.24
CA VAL F 279 -56.41 17.71 -29.97
C VAL F 279 -54.97 17.19 -30.08
N VAL F 280 -54.14 17.79 -30.91
CA VAL F 280 -52.75 17.38 -31.08
C VAL F 280 -51.86 18.61 -31.09
N SER F 281 -50.78 18.56 -30.30
CA SER F 281 -49.81 19.64 -30.23
C SER F 281 -48.42 19.04 -30.16
N CYS F 282 -47.51 19.53 -31.01
CA CYS F 282 -46.13 19.06 -31.03
C CYS F 282 -45.22 20.22 -31.42
N GLU F 283 -44.60 20.84 -30.42
CA GLU F 283 -43.49 21.79 -30.56
C GLU F 283 -43.71 22.83 -31.66
N GLY F 284 -44.95 23.21 -31.92
CA GLY F 284 -45.22 24.21 -32.92
C GLY F 284 -46.37 23.89 -33.85
N TYR F 285 -46.62 22.59 -34.10
CA TYR F 285 -47.76 22.17 -34.90
C TYR F 285 -48.95 21.84 -34.03
N VAL F 286 -50.12 22.26 -34.46
CA VAL F 286 -51.37 22.03 -33.76
C VAL F 286 -52.42 21.54 -34.75
N VAL F 287 -53.31 20.68 -34.25
CA VAL F 287 -54.50 20.23 -34.95
C VAL F 287 -55.71 20.70 -34.16
N LYS F 288 -56.61 21.42 -34.82
CA LYS F 288 -57.78 22.02 -34.21
C LYS F 288 -59.03 21.41 -34.83
N ARG F 289 -59.98 21.00 -33.98
CA ARG F 289 -61.25 20.45 -34.42
C ARG F 289 -62.36 21.44 -34.10
N ILE F 290 -63.19 21.75 -35.09
CA ILE F 290 -64.28 22.71 -34.95
C ILE F 290 -65.59 22.00 -35.26
N THR F 291 -66.57 22.14 -34.35
CA THR F 291 -67.89 21.57 -34.53
C THR F 291 -68.91 22.69 -34.61
N MET F 292 -69.92 22.51 -35.46
CA MET F 292 -70.92 23.53 -35.71
C MET F 292 -72.32 22.92 -35.61
N SER F 293 -73.27 23.73 -35.14
CA SER F 293 -74.64 23.29 -34.97
C SER F 293 -75.60 24.46 -35.16
N PRO F 294 -76.72 24.25 -35.84
CA PRO F 294 -77.68 25.35 -36.06
C PRO F 294 -78.32 25.80 -34.75
N GLY F 295 -78.65 27.08 -34.68
CA GLY F 295 -79.33 27.63 -33.53
C GLY F 295 -78.42 28.37 -32.56
N LEU F 296 -78.91 29.48 -32.00
CA LEU F 296 -78.12 30.25 -31.05
C LEU F 296 -78.34 29.70 -29.65
N TYR F 297 -77.38 28.93 -29.17
CA TYR F 297 -77.43 28.32 -27.84
C TYR F 297 -76.73 29.26 -26.85
N GLY F 298 -76.34 28.81 -25.65
CA GLY F 298 -75.99 29.68 -24.55
C GLY F 298 -74.83 30.66 -24.74
N LYS F 299 -74.44 31.31 -23.66
CA LYS F 299 -73.64 32.52 -23.70
C LYS F 299 -72.18 32.20 -23.96
N THR F 300 -71.43 33.26 -24.29
CA THR F 300 -70.02 33.18 -24.62
C THR F 300 -69.23 34.08 -23.68
N THR F 301 -67.99 33.68 -23.38
CA THR F 301 -67.09 34.48 -22.56
C THR F 301 -66.10 35.30 -23.37
N GLY F 302 -65.50 34.70 -24.39
CA GLY F 302 -64.53 35.40 -25.22
C GLY F 302 -63.09 35.20 -24.85
N TYR F 303 -62.72 34.05 -24.30
CA TYR F 303 -61.36 33.78 -23.86
C TYR F 303 -60.79 32.60 -24.63
N ALA F 304 -59.53 32.73 -25.05
CA ALA F 304 -58.80 31.65 -25.70
C ALA F 304 -57.67 31.19 -24.78
N VAL F 305 -57.51 29.87 -24.67
CA VAL F 305 -56.60 29.25 -23.71
C VAL F 305 -55.61 28.37 -24.46
N THR F 306 -54.35 28.46 -24.08
CA THR F 306 -53.27 27.65 -24.65
C THR F 306 -52.54 26.93 -23.53
N HIS F 307 -52.39 25.62 -23.66
CA HIS F 307 -51.69 24.81 -22.69
C HIS F 307 -50.25 24.58 -23.15
N HIS F 308 -49.29 24.74 -22.22
CA HIS F 308 -47.87 24.68 -22.55
C HIS F 308 -47.29 23.37 -22.04
N ALA F 309 -46.91 22.49 -22.96
CA ALA F 309 -46.16 21.29 -22.60
C ALA F 309 -44.66 21.51 -22.60
N ASP F 310 -44.19 22.56 -23.27
CA ASP F 310 -42.79 22.95 -23.27
C ASP F 310 -42.70 24.42 -22.88
N GLY F 311 -41.49 24.88 -22.60
CA GLY F 311 -41.31 26.26 -22.20
C GLY F 311 -41.47 27.22 -23.36
N PHE F 312 -42.07 28.38 -23.08
CA PHE F 312 -42.24 29.43 -24.06
C PHE F 312 -41.57 30.69 -23.53
N LEU F 313 -40.73 31.33 -24.35
CA LEU F 313 -40.00 32.52 -23.94
C LEU F 313 -40.24 33.66 -24.92
N MET F 314 -40.32 34.88 -24.38
CA MET F 314 -40.37 36.10 -25.18
C MET F 314 -39.55 37.16 -24.46
N CYS F 315 -38.49 37.65 -25.09
CA CYS F 315 -37.54 38.52 -24.41
C CYS F 315 -37.13 39.68 -25.29
N LYS F 316 -36.71 40.76 -24.63
CA LYS F 316 -36.15 41.92 -25.31
C LYS F 316 -34.68 41.66 -25.67
N THR F 317 -34.25 42.23 -26.79
CA THR F 317 -32.88 42.09 -27.25
C THR F 317 -32.47 43.34 -28.01
N THR F 318 -31.15 43.58 -28.02
CA THR F 318 -30.56 44.72 -28.72
C THR F 318 -29.73 44.22 -29.89
N ASP F 319 -29.97 44.80 -31.07
CA ASP F 319 -29.28 44.40 -32.28
C ASP F 319 -28.95 45.65 -33.10
N THR F 320 -28.30 45.43 -34.23
CA THR F 320 -27.97 46.49 -35.17
C THR F 320 -28.66 46.19 -36.49
N VAL F 321 -29.54 47.09 -36.91
CA VAL F 321 -30.29 46.98 -38.16
C VAL F 321 -29.78 48.06 -39.09
N ASP F 322 -29.15 47.65 -40.19
CA ASP F 322 -28.66 48.56 -41.22
C ASP F 322 -27.74 49.63 -40.65
N GLY F 323 -26.99 49.26 -39.61
CA GLY F 323 -26.04 50.13 -38.98
C GLY F 323 -26.54 50.83 -37.73
N GLU F 324 -27.85 50.86 -37.50
CA GLU F 324 -28.42 51.58 -36.38
C GLU F 324 -28.77 50.62 -35.25
N ARG F 325 -28.37 50.98 -34.03
CA ARG F 325 -28.61 50.13 -32.87
C ARG F 325 -30.04 50.31 -32.35
N VAL F 326 -30.78 49.22 -32.25
CA VAL F 326 -32.18 49.24 -31.83
C VAL F 326 -32.45 48.04 -30.92
N SER F 327 -33.66 48.00 -30.37
CA SER F 327 -34.10 46.94 -29.49
C SER F 327 -35.50 46.48 -29.87
N PHE F 328 -35.73 45.17 -29.80
CA PHE F 328 -37.04 44.60 -30.09
C PHE F 328 -37.15 43.22 -29.45
N SER F 329 -38.31 42.59 -29.63
CA SER F 329 -38.66 41.37 -28.91
C SER F 329 -38.57 40.14 -29.80
N VAL F 330 -38.10 39.04 -29.23
CA VAL F 330 -37.94 37.76 -29.93
C VAL F 330 -38.52 36.66 -29.04
N CYS F 331 -39.19 35.68 -29.67
CA CYS F 331 -39.83 34.59 -28.96
C CYS F 331 -39.31 33.24 -29.45
N THR F 332 -39.39 32.23 -28.59
CA THR F 332 -38.86 30.91 -28.92
C THR F 332 -39.45 29.86 -27.98
N TYR F 333 -39.16 28.60 -28.32
CA TYR F 333 -39.60 27.42 -27.55
C TYR F 333 -38.38 26.75 -26.93
N VAL F 334 -38.56 26.21 -25.73
CA VAL F 334 -37.48 25.56 -24.98
C VAL F 334 -37.97 24.18 -24.54
N PRO F 335 -37.15 23.15 -24.65
CA PRO F 335 -37.56 21.81 -24.21
C PRO F 335 -37.81 21.75 -22.71
N ALA F 336 -38.67 20.82 -22.29
CA ALA F 336 -39.10 20.76 -20.90
C ALA F 336 -37.99 20.29 -19.97
N THR F 337 -37.13 19.38 -20.45
CA THR F 337 -36.08 18.83 -19.59
C THR F 337 -35.11 19.91 -19.14
N ILE F 338 -34.70 20.79 -20.05
CA ILE F 338 -33.79 21.88 -19.69
C ILE F 338 -34.47 22.82 -18.69
N CYS F 339 -35.74 23.13 -18.91
CA CYS F 339 -36.47 23.99 -17.99
C CYS F 339 -36.54 23.37 -16.60
N ASP F 340 -36.78 22.07 -16.52
CA ASP F 340 -36.81 21.40 -15.22
C ASP F 340 -35.44 21.38 -14.56
N GLN F 341 -34.37 21.17 -15.32
CA GLN F 341 -33.03 21.14 -14.77
C GLN F 341 -32.47 22.52 -14.47
N MET F 342 -33.15 23.59 -14.89
CA MET F 342 -32.71 24.95 -14.64
C MET F 342 -33.36 25.56 -13.40
N THR F 343 -34.19 24.79 -12.68
CA THR F 343 -34.96 25.36 -11.57
C THR F 343 -34.06 25.81 -10.43
N GLY F 344 -33.03 25.02 -10.11
CA GLY F 344 -32.21 25.33 -8.95
C GLY F 344 -31.37 26.59 -9.14
N ILE F 345 -30.82 26.77 -10.33
CA ILE F 345 -29.91 27.90 -10.57
C ILE F 345 -30.66 29.22 -10.51
N LEU F 346 -31.91 29.25 -10.98
CA LEU F 346 -32.66 30.49 -11.08
C LEU F 346 -33.12 31.03 -9.74
N ALA F 347 -32.77 30.37 -8.63
CA ALA F 347 -33.15 30.89 -7.32
C ALA F 347 -32.41 32.18 -7.00
N THR F 348 -31.16 32.30 -7.44
CA THR F 348 -30.35 33.49 -7.18
C THR F 348 -30.23 34.33 -8.44
N GLU F 349 -29.49 35.44 -8.34
CA GLU F 349 -29.24 36.33 -9.47
C GLU F 349 -27.99 35.85 -10.18
N VAL F 350 -28.10 35.58 -11.48
CA VAL F 350 -27.03 35.03 -12.26
C VAL F 350 -26.76 35.93 -13.47
N THR F 351 -25.50 35.94 -13.91
CA THR F 351 -25.07 36.68 -15.09
C THR F 351 -25.30 35.87 -16.35
N PRO F 352 -25.42 36.52 -17.51
CA PRO F 352 -25.63 35.77 -18.75
C PRO F 352 -24.50 34.80 -19.09
N GLU F 353 -23.26 35.11 -18.71
CA GLU F 353 -22.14 34.22 -19.02
C GLU F 353 -22.27 32.88 -18.30
N ASP F 354 -22.57 32.92 -16.99
CA ASP F 354 -22.74 31.68 -16.24
C ASP F 354 -23.92 30.88 -16.75
N ALA F 355 -25.02 31.56 -17.08
CA ALA F 355 -26.18 30.86 -17.64
C ALA F 355 -25.83 30.20 -18.97
N GLN F 356 -25.07 30.90 -19.82
CA GLN F 356 -24.64 30.33 -21.10
C GLN F 356 -23.79 29.10 -20.88
N LYS F 357 -22.83 29.17 -19.95
CA LYS F 357 -21.95 28.03 -19.71
C LYS F 357 -22.74 26.85 -19.14
N LEU F 358 -23.67 27.11 -18.22
CA LEU F 358 -24.49 26.04 -17.67
C LEU F 358 -25.35 25.40 -18.75
N LEU F 359 -25.95 26.22 -19.62
CA LEU F 359 -26.76 25.70 -20.70
C LEU F 359 -25.94 24.86 -21.67
N VAL F 360 -24.73 25.29 -21.98
CA VAL F 360 -23.85 24.48 -22.84
C VAL F 360 -23.51 23.16 -22.15
N GLY F 361 -23.28 23.21 -20.84
CA GLY F 361 -22.99 21.99 -20.10
C GLY F 361 -24.15 21.00 -20.13
N LEU F 362 -25.37 21.48 -19.90
CA LEU F 362 -26.53 20.59 -19.92
C LEU F 362 -26.86 20.10 -21.32
N ASN F 363 -26.68 20.94 -22.34
CA ASN F 363 -27.00 20.56 -23.70
C ASN F 363 -25.98 19.56 -24.25
N ASN F 377 -26.96 16.89 -29.23
CA ASN F 377 -27.56 18.10 -28.68
C ASN F 377 -29.06 17.96 -28.56
N THR F 378 -29.64 18.56 -27.51
CA THR F 378 -31.08 18.55 -27.33
C THR F 378 -31.74 19.78 -27.94
N MET F 379 -31.12 20.95 -27.81
CA MET F 379 -31.59 22.18 -28.42
C MET F 379 -30.52 22.72 -29.35
N LYS F 380 -30.94 23.42 -30.39
CA LYS F 380 -30.01 23.99 -31.35
C LYS F 380 -29.19 25.11 -30.70
N ASN F 381 -27.91 25.19 -31.09
CA ASN F 381 -26.96 26.05 -30.40
C ASN F 381 -27.12 27.53 -30.73
N TYR F 382 -27.75 27.87 -31.86
CA TYR F 382 -27.81 29.28 -32.24
C TYR F 382 -28.85 30.07 -31.44
N MET F 383 -29.69 29.40 -30.65
CA MET F 383 -30.67 30.10 -29.82
C MET F 383 -30.26 30.20 -28.36
N ILE F 384 -29.15 29.57 -27.96
CA ILE F 384 -28.69 29.55 -26.57
C ILE F 384 -28.38 30.95 -26.03
N PRO F 385 -27.65 31.81 -26.75
CA PRO F 385 -27.28 33.11 -26.16
C PRO F 385 -28.46 33.98 -25.78
N VAL F 386 -29.58 33.91 -26.50
CA VAL F 386 -30.72 34.75 -26.15
C VAL F 386 -31.53 34.14 -25.02
N VAL F 387 -31.57 32.80 -24.95
CA VAL F 387 -32.22 32.12 -23.84
C VAL F 387 -31.50 32.43 -22.54
N ALA F 388 -30.17 32.43 -22.55
CA ALA F 388 -29.41 32.74 -21.34
C ALA F 388 -29.72 34.15 -20.85
N GLN F 389 -29.75 35.12 -21.76
CA GLN F 389 -30.08 36.50 -21.40
C GLN F 389 -31.50 36.63 -20.85
N ALA F 390 -32.46 35.92 -21.46
CA ALA F 390 -33.83 35.96 -20.96
C ALA F 390 -33.92 35.38 -19.54
N PHE F 391 -33.26 34.25 -19.30
CA PHE F 391 -33.27 33.67 -17.95
C PHE F 391 -32.63 34.61 -16.93
N SER F 392 -31.50 35.22 -17.31
CA SER F 392 -30.82 36.13 -16.40
C SER F 392 -31.69 37.33 -16.05
N LYS F 393 -32.40 37.88 -17.04
CA LYS F 393 -33.28 39.02 -16.76
C LYS F 393 -34.53 38.62 -15.99
N TRP F 394 -35.02 37.39 -16.15
CA TRP F 394 -36.18 36.95 -15.39
C TRP F 394 -35.82 36.75 -13.91
N ALA F 395 -34.65 36.16 -13.64
CA ALA F 395 -34.25 35.89 -12.26
C ALA F 395 -34.09 37.18 -11.46
N LYS F 396 -33.66 38.27 -12.09
CA LYS F 396 -33.50 39.54 -11.39
C LYS F 396 -34.84 40.20 -11.08
N GLU F 397 -35.79 40.16 -12.03
CA GLU F 397 -37.11 40.70 -11.77
C GLU F 397 -37.85 39.93 -10.68
N CYS F 398 -37.66 38.61 -10.60
CA CYS F 398 -38.24 37.87 -9.49
C CYS F 398 -37.73 38.38 -8.14
N ARG F 399 -36.42 38.58 -8.03
CA ARG F 399 -35.84 39.08 -6.78
C ARG F 399 -36.33 40.49 -6.47
N LYS F 400 -36.43 41.35 -7.49
CA LYS F 400 -36.95 42.69 -7.26
C LYS F 400 -38.40 42.67 -6.78
N ASP F 401 -39.20 41.73 -7.29
CA ASP F 401 -40.55 41.56 -6.76
C ASP F 401 -40.52 41.11 -5.31
N MET F 402 -39.58 40.23 -4.96
CA MET F 402 -39.51 39.71 -3.58
C MET F 402 -39.22 40.80 -2.55
N GLU F 403 -38.55 41.88 -2.91
CA GLU F 403 -38.07 42.86 -1.94
C GLU F 403 -38.91 44.13 -1.88
N ASP F 404 -40.09 44.15 -2.49
CA ASP F 404 -40.97 45.32 -2.48
C ASP F 404 -42.36 44.90 -2.03
N GLU F 405 -42.41 44.17 -0.91
CA GLU F 405 -43.64 43.61 -0.39
C GLU F 405 -44.67 44.69 -0.09
N LYS F 406 -45.93 44.38 -0.39
CA LYS F 406 -47.06 45.28 -0.22
C LYS F 406 -48.01 44.72 0.84
N LEU F 407 -49.16 45.39 1.02
CA LEU F 407 -50.16 44.98 1.98
C LEU F 407 -51.32 44.27 1.27
N LEU F 408 -52.01 43.40 2.01
CA LEU F 408 -53.07 42.61 1.44
C LEU F 408 -54.29 43.46 1.10
N GLY F 409 -54.77 43.32 -0.13
CA GLY F 409 -56.07 43.85 -0.51
C GLY F 409 -56.12 45.33 -0.80
N VAL F 410 -54.99 46.04 -0.77
CA VAL F 410 -54.97 47.48 -0.98
C VAL F 410 -53.89 47.82 -1.99
N ARG F 411 -54.24 48.69 -2.95
CA ARG F 411 -53.30 49.25 -3.89
C ARG F 411 -53.17 50.74 -3.63
N GLU F 412 -51.98 51.29 -3.82
CA GLU F 412 -51.69 52.68 -3.48
C GLU F 412 -51.70 53.52 -4.77
N ARG F 413 -52.53 54.56 -4.75
CA ARG F 413 -52.56 55.57 -5.80
C ARG F 413 -52.71 56.96 -5.21
N ALA F 422 -52.69 58.53 -9.84
CA ALA F 422 -51.78 57.90 -10.78
C ALA F 422 -50.87 56.89 -10.08
N PHE F 423 -50.67 55.74 -10.73
CA PHE F 423 -49.85 54.68 -10.18
C PHE F 423 -48.67 54.38 -11.11
N LYS F 424 -47.53 54.05 -10.51
CA LYS F 424 -46.32 53.77 -11.27
C LYS F 424 -46.36 52.37 -11.86
N LYS F 425 -45.83 52.24 -13.08
CA LYS F 425 -45.64 50.94 -13.70
C LYS F 425 -44.18 50.53 -13.63
N GLN F 426 -43.94 49.22 -13.69
CA GLN F 426 -42.60 48.67 -13.58
C GLN F 426 -42.13 48.11 -14.92
N LYS F 427 -40.85 47.74 -14.96
CA LYS F 427 -40.25 47.18 -16.17
C LYS F 427 -40.59 45.71 -16.32
N THR F 428 -40.85 45.29 -17.56
CA THR F 428 -41.02 43.89 -17.90
C THR F 428 -40.25 43.62 -19.18
N HIS F 429 -39.17 42.86 -19.07
CA HIS F 429 -38.33 42.54 -20.22
C HIS F 429 -38.35 41.07 -20.60
N THR F 430 -39.04 40.22 -19.85
CA THR F 430 -39.09 38.80 -20.14
C THR F 430 -40.46 38.24 -19.79
N VAL F 431 -40.99 37.41 -20.68
CA VAL F 431 -42.19 36.62 -20.43
C VAL F 431 -41.78 35.16 -20.55
N TYR F 432 -42.02 34.38 -19.50
CA TYR F 432 -41.60 32.98 -19.43
C TYR F 432 -42.79 32.15 -19.00
N LYS F 433 -43.23 31.25 -19.88
CA LYS F 433 -44.32 30.32 -19.61
C LYS F 433 -43.72 28.94 -19.44
N ARG F 434 -43.67 28.47 -18.20
CA ARG F 434 -43.13 27.16 -17.87
C ARG F 434 -44.09 26.05 -18.27
N PRO F 435 -43.59 24.83 -18.42
CA PRO F 435 -44.48 23.71 -18.77
C PRO F 435 -45.51 23.45 -17.68
N ASP F 436 -46.67 22.93 -18.09
CA ASP F 436 -47.84 22.69 -17.24
C ASP F 436 -48.50 23.99 -16.82
N THR F 437 -48.42 25.01 -17.66
CA THR F 437 -49.11 26.28 -17.43
C THR F 437 -50.01 26.59 -18.62
N GLN F 438 -50.76 27.68 -18.50
CA GLN F 438 -51.73 28.06 -19.51
C GLN F 438 -51.72 29.57 -19.71
N SER F 439 -51.83 29.96 -20.98
CA SER F 439 -52.00 31.36 -21.38
C SER F 439 -53.45 31.60 -21.75
N ILE F 440 -53.95 32.80 -21.43
CA ILE F 440 -55.35 33.15 -21.67
C ILE F 440 -55.40 34.56 -22.27
N GLN F 441 -56.13 34.71 -23.37
CA GLN F 441 -56.25 35.99 -24.05
C GLN F 441 -57.71 36.29 -24.37
N LYS F 442 -58.02 37.59 -24.49
CA LYS F 442 -59.36 38.04 -24.84
C LYS F 442 -59.46 38.25 -26.34
N VAL F 443 -60.47 37.64 -26.95
CA VAL F 443 -60.67 37.74 -28.40
C VAL F 443 -62.14 38.00 -28.70
N GLN F 444 -62.48 38.10 -29.98
CA GLN F 444 -63.85 38.34 -30.42
C GLN F 444 -64.64 37.03 -30.43
N ALA F 445 -65.92 37.12 -30.05
CA ALA F 445 -66.78 35.96 -30.00
C ALA F 445 -68.12 36.15 -30.72
N GLU F 446 -68.46 37.37 -31.12
CA GLU F 446 -69.73 37.65 -31.79
C GLU F 446 -69.42 38.04 -33.24
N PHE F 447 -69.74 37.14 -34.17
CA PHE F 447 -69.47 37.35 -35.59
C PHE F 447 -70.79 37.47 -36.33
N ASP F 448 -70.95 38.55 -37.09
CA ASP F 448 -72.17 38.78 -37.85
C ASP F 448 -71.88 39.04 -39.32
N ASP G 2 -24.86 -2.17 -59.22
CA ASP G 2 -25.58 -1.44 -58.19
C ASP G 2 -24.71 -0.39 -57.46
N PRO G 3 -23.50 -0.77 -57.02
CA PRO G 3 -22.64 0.21 -56.35
C PRO G 3 -22.17 1.27 -57.35
N VAL G 4 -21.98 2.49 -56.85
CA VAL G 4 -21.45 3.58 -57.66
C VAL G 4 -20.00 3.79 -57.26
N TYR G 5 -19.10 3.69 -58.23
CA TYR G 5 -17.67 3.77 -57.97
C TYR G 5 -17.17 5.15 -58.35
N VAL G 6 -16.53 5.82 -57.39
CA VAL G 6 -16.00 7.17 -57.59
C VAL G 6 -14.50 7.15 -57.31
N ASP G 7 -13.78 8.10 -57.93
CA ASP G 7 -12.32 8.15 -57.88
C ASP G 7 -11.88 8.95 -56.64
N ILE G 8 -12.00 8.31 -55.47
CA ILE G 8 -11.52 8.90 -54.23
C ILE G 8 -10.74 7.82 -53.48
N ASP G 9 -9.88 8.27 -52.57
CA ASP G 9 -9.12 7.34 -51.74
C ASP G 9 -10.04 6.67 -50.72
N ALA G 10 -9.62 5.50 -50.24
CA ALA G 10 -10.46 4.70 -49.35
C ALA G 10 -10.76 5.45 -48.05
N ASP G 11 -9.72 5.99 -47.41
CA ASP G 11 -9.89 6.71 -46.15
C ASP G 11 -9.99 8.22 -46.38
N SER G 12 -11.12 8.63 -46.95
CA SER G 12 -11.42 10.03 -47.20
C SER G 12 -12.66 10.44 -46.42
N ALA G 13 -12.58 11.57 -45.73
CA ALA G 13 -13.68 12.06 -44.92
C ALA G 13 -14.82 12.63 -45.74
N PHE G 14 -14.59 12.97 -47.01
CA PHE G 14 -15.64 13.46 -47.89
C PHE G 14 -16.66 12.40 -48.26
N LEU G 15 -16.32 11.12 -48.05
CA LEU G 15 -17.25 10.04 -48.38
C LEU G 15 -18.51 10.11 -47.54
N LYS G 16 -18.38 10.40 -46.25
CA LYS G 16 -19.57 10.50 -45.40
C LYS G 16 -20.40 11.73 -45.77
N ALA G 17 -19.75 12.81 -46.20
CA ALA G 17 -20.49 13.97 -46.70
C ALA G 17 -21.29 13.61 -47.95
N LEU G 18 -20.67 12.83 -48.86
CA LEU G 18 -21.41 12.34 -50.02
C LEU G 18 -22.58 11.46 -49.60
N GLN G 19 -22.37 10.61 -48.60
CA GLN G 19 -23.44 9.76 -48.08
C GLN G 19 -24.60 10.59 -47.59
N ARG G 20 -24.32 11.61 -46.78
CA ARG G 20 -25.38 12.46 -46.25
C ARG G 20 -26.06 13.25 -47.36
N ALA G 21 -25.31 13.62 -48.39
CA ALA G 21 -25.86 14.40 -49.50
C ALA G 21 -26.71 13.56 -50.45
N TYR G 22 -26.39 12.27 -50.62
CA TYR G 22 -27.09 11.41 -51.57
C TYR G 22 -27.51 10.12 -50.85
N PRO G 23 -28.54 10.20 -50.00
CA PRO G 23 -28.97 9.00 -49.26
C PRO G 23 -29.93 8.14 -50.05
N MET G 24 -29.61 7.91 -51.33
CA MET G 24 -30.32 6.97 -52.17
C MET G 24 -29.36 6.23 -53.10
N PHE G 25 -28.06 6.38 -52.88
CA PHE G 25 -27.06 5.59 -53.58
C PHE G 25 -26.08 5.03 -52.56
N GLU G 26 -25.52 3.87 -52.88
CA GLU G 26 -24.42 3.31 -52.10
C GLU G 26 -23.12 3.49 -52.88
N VAL G 27 -22.11 4.02 -52.20
CA VAL G 27 -20.90 4.54 -52.82
C VAL G 27 -19.71 3.74 -52.32
N GLU G 28 -18.84 3.33 -53.26
CA GLU G 28 -17.62 2.61 -52.94
C GLU G 28 -16.43 3.29 -53.60
N PRO G 29 -15.35 3.55 -52.86
CA PRO G 29 -14.20 4.25 -53.44
C PRO G 29 -13.32 3.33 -54.28
N ARG G 30 -12.91 3.84 -55.46
CA ARG G 30 -12.07 3.08 -56.38
C ARG G 30 -11.11 4.07 -57.03
N GLN G 31 -9.88 4.13 -56.51
CA GLN G 31 -8.90 5.10 -56.96
C GLN G 31 -8.19 4.62 -58.22
N VAL G 32 -8.04 5.53 -59.19
CA VAL G 32 -7.33 5.21 -60.43
C VAL G 32 -6.18 6.18 -60.63
N THR G 33 -6.48 7.47 -60.75
CA THR G 33 -5.48 8.48 -61.03
C THR G 33 -5.31 9.42 -59.84
N PRO G 34 -4.12 10.01 -59.68
CA PRO G 34 -3.87 10.96 -58.58
C PRO G 34 -4.30 12.39 -58.92
N ASN G 35 -5.59 12.56 -59.18
CA ASN G 35 -6.12 13.88 -59.49
C ASN G 35 -6.17 14.74 -58.23
N ASP G 36 -5.66 15.97 -58.33
CA ASP G 36 -5.60 16.85 -57.17
C ASP G 36 -6.88 17.66 -56.95
N HIS G 37 -7.89 17.51 -57.80
CA HIS G 37 -9.19 18.15 -57.61
C HIS G 37 -10.29 17.11 -57.89
N ALA G 38 -10.11 15.91 -57.36
CA ALA G 38 -10.96 14.78 -57.68
C ALA G 38 -12.28 14.77 -56.89
N ASN G 39 -12.45 15.66 -55.92
CA ASN G 39 -13.69 15.65 -55.13
C ASN G 39 -14.88 16.19 -55.91
N ALA G 40 -14.65 17.15 -56.81
CA ALA G 40 -15.71 17.71 -57.62
C ALA G 40 -16.33 16.68 -58.56
N ARG G 41 -15.51 15.81 -59.14
CA ARG G 41 -15.99 14.80 -60.06
C ARG G 41 -16.93 13.81 -59.41
N ALA G 42 -16.67 13.41 -58.16
CA ALA G 42 -17.56 12.51 -57.46
C ALA G 42 -18.93 13.12 -57.20
N PHE G 43 -19.01 14.44 -57.04
CA PHE G 43 -20.30 15.10 -56.83
C PHE G 43 -21.04 15.25 -58.15
N SER G 44 -20.35 15.76 -59.18
CA SER G 44 -20.96 15.89 -60.50
C SER G 44 -21.31 14.54 -61.11
N HIS G 45 -20.71 13.46 -60.63
CA HIS G 45 -20.99 12.10 -61.10
C HIS G 45 -22.34 11.62 -60.56
N LEU G 46 -22.60 11.85 -59.27
CA LEU G 46 -23.87 11.47 -58.67
C LEU G 46 -25.00 12.41 -59.05
N ALA G 47 -24.69 13.67 -59.35
CA ALA G 47 -25.75 14.63 -59.71
C ALA G 47 -26.47 14.19 -60.98
N ILE G 48 -25.71 13.77 -61.99
CA ILE G 48 -26.32 13.37 -63.26
C ILE G 48 -27.16 12.11 -63.08
N LYS G 49 -26.68 11.16 -62.27
CA LYS G 49 -27.44 9.96 -61.98
C LYS G 49 -28.75 10.28 -61.28
N LEU G 50 -28.71 11.19 -60.30
CA LEU G 50 -29.94 11.58 -59.61
C LEU G 50 -30.92 12.25 -60.57
N ILE G 51 -30.39 13.13 -61.44
CA ILE G 51 -31.26 13.82 -62.41
C ILE G 51 -31.92 12.82 -63.34
N GLU G 52 -31.14 11.85 -63.83
CA GLU G 52 -31.71 10.85 -64.74
C GLU G 52 -32.70 9.94 -64.03
N GLN G 53 -32.43 9.58 -62.78
CA GLN G 53 -33.34 8.74 -62.02
C GLN G 53 -34.62 9.48 -61.61
N GLU G 54 -34.61 10.81 -61.60
CA GLU G 54 -35.83 11.57 -61.33
C GLU G 54 -36.46 12.20 -62.57
N ILE G 55 -36.04 11.84 -63.78
CA ILE G 55 -36.61 12.38 -65.01
C ILE G 55 -37.39 11.28 -65.71
N ASP G 56 -38.44 11.68 -66.43
CA ASP G 56 -39.28 10.71 -67.11
C ASP G 56 -38.51 10.04 -68.25
N PRO G 57 -38.71 8.74 -68.47
CA PRO G 57 -38.04 8.07 -69.59
C PRO G 57 -38.58 8.54 -70.93
N ASP G 58 -37.77 8.31 -71.98
CA ASP G 58 -38.12 8.66 -73.35
C ASP G 58 -38.39 10.15 -73.49
N SER G 59 -37.38 10.94 -73.12
CA SER G 59 -37.43 12.39 -73.25
C SER G 59 -36.14 12.87 -73.90
N THR G 60 -36.27 13.89 -74.74
CA THR G 60 -35.11 14.49 -75.40
C THR G 60 -34.52 15.56 -74.48
N ILE G 61 -33.20 15.53 -74.32
CA ILE G 61 -32.50 16.35 -73.34
C ILE G 61 -31.47 17.20 -74.08
N LEU G 62 -31.60 18.52 -73.96
CA LEU G 62 -30.58 19.41 -74.47
C LEU G 62 -29.39 19.46 -73.50
N ASP G 63 -28.24 19.87 -74.03
CA ASP G 63 -27.01 19.95 -73.25
C ASP G 63 -26.24 21.19 -73.70
N ILE G 64 -26.18 22.19 -72.84
CA ILE G 64 -25.54 23.46 -73.17
C ILE G 64 -24.07 23.38 -72.79
N GLY G 65 -23.18 23.64 -73.76
CA GLY G 65 -21.76 23.58 -73.54
C GLY G 65 -21.31 22.23 -73.03
N SER G 66 -21.51 21.19 -73.83
CA SER G 66 -21.29 19.83 -73.39
C SER G 66 -19.95 19.27 -73.88
N ALA G 67 -19.56 18.16 -73.27
CA ALA G 67 -18.45 17.33 -73.75
C ALA G 67 -19.07 16.00 -74.18
N PRO G 68 -19.19 15.73 -75.49
CA PRO G 68 -19.98 14.58 -75.93
C PRO G 68 -19.44 13.23 -75.49
N ALA G 69 -18.17 13.15 -75.08
CA ALA G 69 -17.63 11.88 -74.61
C ALA G 69 -18.29 11.40 -73.32
N ARG G 70 -18.82 12.32 -72.51
CA ARG G 70 -19.47 11.92 -71.27
C ARG G 70 -20.84 11.28 -71.52
N ARG G 71 -21.55 11.75 -72.54
CA ARG G 71 -22.91 11.30 -72.83
C ARG G 71 -22.96 10.33 -74.01
N MET G 72 -21.95 9.47 -74.16
CA MET G 72 -21.90 8.51 -75.25
C MET G 72 -22.28 7.10 -74.84
N MET G 73 -21.89 6.68 -73.63
CA MET G 73 -22.18 5.33 -73.15
C MET G 73 -23.50 5.24 -72.39
N SER G 74 -24.33 6.27 -72.47
CA SER G 74 -25.60 6.30 -71.73
C SER G 74 -26.72 5.69 -72.56
N ASP G 75 -27.95 5.81 -72.07
CA ASP G 75 -29.09 5.23 -72.78
C ASP G 75 -30.23 6.20 -73.01
N ARG G 76 -30.00 7.52 -72.91
CA ARG G 76 -31.03 8.52 -73.13
C ARG G 76 -30.66 9.38 -74.33
N LYS G 77 -31.68 9.98 -74.95
CA LYS G 77 -31.51 10.74 -76.18
C LYS G 77 -31.09 12.17 -75.82
N TYR G 78 -29.78 12.43 -75.85
CA TYR G 78 -29.27 13.76 -75.64
C TYR G 78 -29.12 14.50 -76.97
N HIS G 79 -28.94 15.82 -76.87
CA HIS G 79 -28.59 16.65 -78.02
C HIS G 79 -27.55 17.66 -77.53
N CYS G 80 -26.32 17.51 -77.99
CA CYS G 80 -25.19 18.25 -77.46
C CYS G 80 -25.00 19.54 -78.25
N VAL G 81 -25.04 20.67 -77.55
CA VAL G 81 -24.74 21.97 -78.14
C VAL G 81 -23.28 22.27 -77.87
N CYS G 82 -22.46 22.19 -78.91
CA CYS G 82 -21.00 22.23 -78.77
C CYS G 82 -20.41 23.30 -79.68
N PRO G 83 -20.47 24.56 -79.28
CA PRO G 83 -19.77 25.62 -80.02
C PRO G 83 -18.27 25.58 -79.73
N MET G 84 -17.52 26.26 -80.59
CA MET G 84 -16.07 26.38 -80.45
C MET G 84 -15.74 27.81 -80.05
N ARG G 85 -15.75 28.07 -78.75
CA ARG G 85 -15.44 29.38 -78.20
C ARG G 85 -14.28 29.39 -77.24
N SER G 86 -13.83 28.23 -76.76
CA SER G 86 -12.72 28.12 -75.84
C SER G 86 -11.59 27.29 -76.46
N ALA G 87 -10.38 27.49 -75.93
CA ALA G 87 -9.22 26.82 -76.48
C ALA G 87 -9.21 25.32 -76.20
N GLU G 88 -10.09 24.83 -75.33
CA GLU G 88 -10.09 23.43 -74.93
C GLU G 88 -11.12 22.59 -75.65
N ASP G 89 -11.79 23.13 -76.66
CA ASP G 89 -12.82 22.42 -77.43
C ASP G 89 -12.27 21.48 -78.50
N PRO G 90 -11.25 21.87 -79.28
CA PRO G 90 -10.81 20.99 -80.38
C PRO G 90 -10.39 19.59 -79.94
N GLU G 91 -9.67 19.46 -78.83
CA GLU G 91 -9.30 18.14 -78.35
C GLU G 91 -10.49 17.38 -77.78
N ARG G 92 -11.50 18.07 -77.26
CA ARG G 92 -12.75 17.40 -76.91
C ARG G 92 -13.41 16.79 -78.14
N LEU G 93 -13.50 17.54 -79.23
CA LEU G 93 -14.06 17.00 -80.46
C LEU G 93 -13.23 15.84 -81.01
N ALA G 94 -11.89 15.98 -80.97
CA ALA G 94 -11.02 14.89 -81.40
C ALA G 94 -11.17 13.63 -80.56
N ASN G 95 -11.30 13.77 -79.23
CA ASN G 95 -11.57 12.65 -78.36
C ASN G 95 -12.92 12.00 -78.63
N TYR G 96 -13.95 12.82 -78.88
CA TYR G 96 -15.24 12.26 -79.27
C TYR G 96 -15.11 11.43 -80.55
N ALA G 97 -14.39 11.96 -81.54
CA ALA G 97 -14.18 11.22 -82.78
C ALA G 97 -13.41 9.92 -82.54
N ARG G 98 -12.38 9.98 -81.70
CA ARG G 98 -11.58 8.79 -81.43
C ARG G 98 -12.38 7.70 -80.75
N LYS G 99 -13.13 8.06 -79.70
CA LYS G 99 -13.96 7.07 -79.01
C LYS G 99 -15.17 6.64 -79.81
N LEU G 100 -15.60 7.43 -80.80
CA LEU G 100 -16.62 6.95 -81.72
C LEU G 100 -16.05 5.93 -82.71
N ALA G 101 -14.83 6.18 -83.19
CA ALA G 101 -14.20 5.27 -84.13
C ALA G 101 -13.71 3.98 -83.47
N SER G 102 -13.41 4.03 -82.17
CA SER G 102 -12.88 2.87 -81.46
C SER G 102 -13.97 1.88 -81.07
N ALA G 103 -15.24 2.19 -81.32
CA ALA G 103 -16.35 1.30 -81.04
C ALA G 103 -17.31 1.21 -82.22
N ALA G 104 -16.77 1.06 -83.42
CA ALA G 104 -17.58 1.02 -84.64
C ALA G 104 -18.54 -0.16 -84.63
N GLY G 105 -18.07 -1.34 -84.24
CA GLY G 105 -18.91 -2.52 -84.22
C GLY G 105 -18.75 -3.35 -82.98
N LYS G 106 -17.81 -2.98 -82.12
CA LYS G 106 -17.60 -3.71 -80.87
C LYS G 106 -18.80 -3.54 -79.95
N VAL G 107 -19.35 -2.33 -79.88
CA VAL G 107 -20.55 -2.05 -79.10
C VAL G 107 -21.68 -1.72 -80.06
N LEU G 108 -22.84 -2.35 -79.84
CA LEU G 108 -23.98 -2.15 -80.71
C LEU G 108 -25.24 -1.86 -79.91
N ASP G 109 -25.15 -1.91 -78.57
CA ASP G 109 -26.28 -1.62 -77.71
C ASP G 109 -26.62 -0.13 -77.78
N ARG G 110 -25.66 0.68 -78.20
CA ARG G 110 -25.84 2.13 -78.28
C ARG G 110 -26.36 2.54 -79.66
N ASN G 111 -26.35 3.84 -79.92
CA ASN G 111 -26.71 4.42 -81.21
C ASN G 111 -25.46 4.92 -81.91
N ILE G 112 -24.39 4.13 -81.85
CA ILE G 112 -23.08 4.58 -82.32
C ILE G 112 -23.10 4.88 -83.81
N SER G 113 -23.76 4.02 -84.59
CA SER G 113 -23.81 4.23 -86.04
C SER G 113 -24.51 5.54 -86.38
N GLY G 114 -25.64 5.81 -85.71
CA GLY G 114 -26.34 7.06 -85.94
C GLY G 114 -25.51 8.27 -85.55
N LYS G 115 -24.81 8.17 -84.42
CA LYS G 115 -23.96 9.27 -83.96
C LYS G 115 -22.83 9.53 -84.96
N ILE G 116 -22.21 8.47 -85.47
CA ILE G 116 -21.13 8.63 -86.44
C ILE G 116 -21.66 9.27 -87.72
N GLY G 117 -22.82 8.79 -88.19
CA GLY G 117 -23.42 9.39 -89.38
C GLY G 117 -23.75 10.86 -89.19
N ASP G 118 -24.29 11.20 -88.02
CA ASP G 118 -24.63 12.60 -87.73
C ASP G 118 -23.38 13.47 -87.69
N LEU G 119 -22.32 12.97 -87.05
CA LEU G 119 -21.08 13.72 -86.99
C LEU G 119 -20.49 13.95 -88.38
N GLN G 120 -20.53 12.91 -89.22
CA GLN G 120 -20.06 13.07 -90.59
C GLN G 120 -20.92 14.08 -91.36
N ALA G 121 -22.23 14.05 -91.16
CA ALA G 121 -23.11 15.02 -91.81
C ALA G 121 -22.78 16.44 -91.38
N VAL G 122 -22.52 16.66 -90.08
CA VAL G 122 -22.15 17.99 -89.62
C VAL G 122 -20.82 18.41 -90.21
N MET G 123 -19.86 17.47 -90.28
CA MET G 123 -18.57 17.79 -90.90
C MET G 123 -18.74 18.17 -92.36
N ALA G 124 -19.72 17.58 -93.05
CA ALA G 124 -19.99 17.89 -94.44
C ALA G 124 -20.53 19.32 -94.59
N VAL G 125 -21.71 19.58 -94.04
CA VAL G 125 -22.30 20.91 -94.07
C VAL G 125 -22.35 21.44 -92.65
N PRO G 126 -21.61 22.50 -92.32
CA PRO G 126 -21.56 22.99 -90.93
C PRO G 126 -22.66 23.99 -90.54
N ASP G 127 -23.90 23.65 -90.93
CA ASP G 127 -25.06 24.42 -90.51
C ASP G 127 -26.24 23.50 -90.20
N THR G 128 -26.05 22.20 -90.41
CA THR G 128 -27.15 21.27 -90.23
C THR G 128 -27.49 21.11 -88.76
N GLU G 129 -28.72 20.69 -88.49
CA GLU G 129 -29.20 20.44 -87.13
C GLU G 129 -29.54 18.96 -87.02
N THR G 130 -28.59 18.16 -86.60
CA THR G 130 -28.76 16.73 -86.40
C THR G 130 -29.38 16.45 -85.04
N PRO G 131 -30.00 15.27 -84.88
CA PRO G 131 -30.66 14.96 -83.60
C PRO G 131 -29.73 14.96 -82.40
N THR G 132 -28.43 14.74 -82.60
CA THR G 132 -27.52 14.55 -81.47
C THR G 132 -26.32 15.51 -81.47
N PHE G 133 -26.25 16.45 -82.41
CA PHE G 133 -25.06 17.30 -82.45
C PHE G 133 -25.35 18.53 -83.29
N CYS G 134 -24.64 19.62 -82.96
CA CYS G 134 -24.74 20.87 -83.71
C CYS G 134 -23.55 21.75 -83.33
N LEU G 135 -23.37 22.84 -84.08
CA LEU G 135 -22.28 23.79 -83.87
C LEU G 135 -22.83 25.19 -83.66
N HIS G 136 -23.86 25.31 -82.83
CA HIS G 136 -24.48 26.58 -82.53
C HIS G 136 -24.31 26.91 -81.05
N THR G 137 -24.67 28.14 -80.70
CA THR G 137 -24.67 28.56 -79.30
C THR G 137 -25.98 28.15 -78.63
N ASP G 138 -26.22 28.64 -77.42
CA ASP G 138 -27.45 28.36 -76.70
C ASP G 138 -28.65 29.15 -77.22
N VAL G 139 -28.43 30.35 -77.75
CA VAL G 139 -29.53 31.18 -78.24
C VAL G 139 -29.78 31.04 -79.73
N SER G 140 -29.06 30.14 -80.40
CA SER G 140 -29.22 29.96 -81.84
C SER G 140 -29.62 28.55 -82.25
N CYS G 141 -29.42 27.55 -81.39
CA CYS G 141 -29.90 26.20 -81.69
C CYS G 141 -31.42 26.19 -81.78
N ARG G 142 -31.94 25.53 -82.81
CA ARG G 142 -33.39 25.46 -83.03
C ARG G 142 -33.96 24.09 -82.77
N GLN G 143 -33.21 23.19 -82.14
CA GLN G 143 -33.72 21.86 -81.82
C GLN G 143 -34.68 21.95 -80.65
N ARG G 144 -35.96 21.68 -80.91
CA ARG G 144 -36.98 21.73 -79.86
C ARG G 144 -36.85 20.54 -78.93
N ALA G 145 -37.04 20.80 -77.64
CA ALA G 145 -36.92 19.76 -76.62
C ALA G 145 -37.81 20.15 -75.44
N ASP G 146 -37.67 19.41 -74.34
CA ASP G 146 -38.45 19.69 -73.13
C ASP G 146 -37.61 19.75 -71.86
N VAL G 147 -36.32 19.38 -71.91
CA VAL G 147 -35.45 19.39 -70.73
C VAL G 147 -34.11 19.97 -71.15
N ALA G 148 -33.55 20.80 -70.27
CA ALA G 148 -32.23 21.39 -70.49
C ALA G 148 -31.40 21.19 -69.23
N ILE G 149 -30.09 21.00 -69.43
CA ILE G 149 -29.16 20.77 -68.33
C ILE G 149 -27.94 21.66 -68.50
N TYR G 150 -27.50 22.25 -67.39
CA TYR G 150 -26.29 23.07 -67.35
C TYR G 150 -25.30 22.42 -66.40
N GLN G 151 -24.06 22.27 -66.83
CA GLN G 151 -22.99 21.72 -66.00
C GLN G 151 -21.76 22.62 -66.08
N ASP G 152 -21.43 23.24 -64.96
CA ASP G 152 -20.27 24.13 -64.84
C ASP G 152 -20.29 25.22 -65.92
N VAL G 153 -21.46 25.81 -66.12
CA VAL G 153 -21.65 26.88 -67.10
C VAL G 153 -21.78 28.18 -66.34
N TYR G 154 -20.87 29.12 -66.62
CA TYR G 154 -20.82 30.38 -65.89
C TYR G 154 -20.82 31.62 -66.77
N ALA G 155 -20.64 31.47 -68.08
CA ALA G 155 -20.44 32.61 -68.98
C ALA G 155 -21.71 33.05 -69.70
N VAL G 156 -22.87 32.50 -69.34
CA VAL G 156 -24.13 32.88 -69.97
C VAL G 156 -24.94 33.71 -68.99
N HIS G 157 -25.80 34.58 -69.54
CA HIS G 157 -26.70 35.40 -68.74
C HIS G 157 -28.00 34.63 -68.56
N ALA G 158 -28.33 34.32 -67.30
CA ALA G 158 -29.41 33.37 -67.00
C ALA G 158 -30.78 33.77 -67.56
N PRO G 159 -31.26 35.01 -67.42
CA PRO G 159 -32.60 35.32 -67.95
C PRO G 159 -32.72 35.12 -69.45
N THR G 160 -31.76 35.61 -70.22
CA THR G 160 -31.83 35.47 -71.68
C THR G 160 -31.74 34.00 -72.08
N SER G 161 -30.83 33.25 -71.45
CA SER G 161 -30.68 31.84 -71.78
C SER G 161 -31.95 31.06 -71.47
N LEU G 162 -32.58 31.34 -70.32
CA LEU G 162 -33.82 30.65 -69.97
C LEU G 162 -34.97 31.05 -70.87
N TYR G 163 -35.04 32.33 -71.26
CA TYR G 163 -36.11 32.77 -72.14
C TYR G 163 -35.98 32.14 -73.53
N HIS G 164 -34.75 32.02 -74.05
CA HIS G 164 -34.56 31.39 -75.34
C HIS G 164 -34.75 29.88 -75.30
N GLN G 165 -34.80 29.28 -74.10
CA GLN G 165 -35.14 27.87 -73.96
C GLN G 165 -36.61 27.64 -73.74
N ALA G 166 -37.31 28.60 -73.12
CA ALA G 166 -38.72 28.42 -72.79
C ALA G 166 -39.61 28.44 -74.04
N ILE G 167 -39.19 29.17 -75.08
CA ILE G 167 -40.01 29.32 -76.27
C ILE G 167 -39.83 28.13 -77.19
N LYS G 168 -39.09 27.13 -76.72
CA LYS G 168 -38.85 25.93 -77.52
C LYS G 168 -39.48 24.68 -76.93
N GLY G 169 -40.41 24.79 -75.99
CA GLY G 169 -41.06 23.64 -75.42
C GLY G 169 -40.39 23.08 -74.18
N VAL G 170 -39.40 23.77 -73.62
CA VAL G 170 -38.70 23.31 -72.43
C VAL G 170 -39.46 23.77 -71.21
N ARG G 171 -39.77 22.83 -70.31
CA ARG G 171 -40.53 23.11 -69.11
C ARG G 171 -39.77 22.81 -67.83
N LEU G 172 -38.51 22.38 -67.92
CA LEU G 172 -37.75 21.97 -66.75
C LEU G 172 -36.26 22.09 -67.06
N ALA G 173 -35.50 22.68 -66.13
CA ALA G 173 -34.08 22.90 -66.34
C ALA G 173 -33.34 22.63 -65.03
N TYR G 174 -32.08 22.20 -65.16
CA TYR G 174 -31.21 21.94 -64.02
C TYR G 174 -29.91 22.70 -64.16
N TRP G 175 -29.33 23.07 -63.02
CA TRP G 175 -28.07 23.81 -62.99
C TRP G 175 -27.23 23.31 -61.83
N VAL G 176 -26.03 22.82 -62.12
CA VAL G 176 -25.12 22.28 -61.12
C VAL G 176 -23.85 23.13 -61.11
N GLY G 177 -23.45 23.59 -59.93
CA GLY G 177 -22.25 24.41 -59.87
C GLY G 177 -21.89 24.85 -58.48
N PHE G 178 -21.05 25.88 -58.42
CA PHE G 178 -20.62 26.50 -57.17
C PHE G 178 -21.72 27.37 -56.58
N ASP G 179 -21.68 27.52 -55.25
CA ASP G 179 -22.60 28.41 -54.58
C ASP G 179 -22.31 29.87 -54.95
N THR G 180 -23.38 30.63 -55.18
CA THR G 180 -23.31 32.02 -55.59
C THR G 180 -23.34 32.96 -54.40
N THR G 181 -23.51 32.43 -53.20
CA THR G 181 -23.64 33.28 -52.01
C THR G 181 -22.44 34.20 -51.74
N PRO G 182 -21.18 33.76 -51.86
CA PRO G 182 -20.06 34.68 -51.58
C PRO G 182 -20.03 35.92 -52.46
N PHE G 183 -20.57 35.86 -53.67
CA PHE G 183 -20.56 37.03 -54.55
C PHE G 183 -21.75 37.95 -54.34
N MET G 184 -22.79 37.49 -53.64
CA MET G 184 -23.86 38.40 -53.24
C MET G 184 -23.44 39.27 -52.07
N TYR G 185 -22.53 38.79 -51.23
CA TYR G 185 -21.95 39.57 -50.16
C TYR G 185 -20.82 40.49 -50.64
N ASN G 186 -20.36 40.31 -51.88
CA ASN G 186 -19.37 41.19 -52.52
C ASN G 186 -18.03 41.16 -51.79
N ALA G 187 -17.50 39.95 -51.62
CA ALA G 187 -16.19 39.77 -51.00
C ALA G 187 -15.08 39.94 -52.03
N MET G 188 -13.85 40.07 -51.54
CA MET G 188 -12.69 40.28 -52.41
C MET G 188 -11.97 38.99 -52.77
N ALA G 189 -11.92 38.02 -51.87
CA ALA G 189 -11.25 36.75 -52.13
C ALA G 189 -11.92 35.67 -51.28
N GLY G 190 -11.71 34.42 -51.67
CA GLY G 190 -12.34 33.35 -50.91
C GLY G 190 -11.84 31.98 -51.32
N ALA G 191 -12.34 30.98 -50.61
CA ALA G 191 -11.93 29.60 -50.78
C ALA G 191 -13.13 28.66 -50.68
N TYR G 192 -12.99 27.49 -51.29
CA TYR G 192 -13.91 26.35 -51.14
C TYR G 192 -13.05 25.19 -50.67
N PRO G 193 -12.68 25.16 -49.39
CA PRO G 193 -11.59 24.27 -48.95
C PRO G 193 -11.85 22.79 -49.12
N SER G 194 -13.10 22.36 -49.27
CA SER G 194 -13.39 20.95 -49.45
C SER G 194 -13.16 20.47 -50.88
N TYR G 195 -12.92 21.38 -51.83
CA TYR G 195 -12.69 21.01 -53.22
C TYR G 195 -11.36 21.55 -53.75
N SER G 196 -10.50 22.06 -52.86
CA SER G 196 -9.18 22.58 -53.23
C SER G 196 -9.30 23.68 -54.28
N THR G 197 -10.14 24.67 -53.99
CA THR G 197 -10.44 25.76 -54.91
C THR G 197 -10.25 27.09 -54.20
N ASN G 198 -9.54 28.01 -54.86
CA ASN G 198 -9.37 29.37 -54.34
C ASN G 198 -9.69 30.37 -55.43
N TRP G 199 -10.33 31.48 -55.04
CA TRP G 199 -10.67 32.51 -56.00
C TRP G 199 -10.28 33.88 -55.44
N ALA G 200 -9.89 34.77 -56.35
CA ALA G 200 -9.42 36.08 -55.92
C ALA G 200 -9.68 37.12 -57.00
N ASP G 201 -9.83 38.36 -56.55
CA ASP G 201 -9.91 39.51 -57.44
C ASP G 201 -8.54 39.85 -58.01
N GLU G 202 -8.53 40.50 -59.17
CA GLU G 202 -7.26 40.79 -59.84
C GLU G 202 -6.39 41.78 -59.09
N GLN G 203 -6.96 42.67 -58.29
CA GLN G 203 -6.19 43.71 -57.63
C GLN G 203 -5.45 43.25 -56.39
N VAL G 204 -5.66 42.00 -55.97
CA VAL G 204 -4.98 41.45 -54.80
C VAL G 204 -4.15 40.22 -55.14
N LEU G 205 -3.80 40.04 -56.42
CA LEU G 205 -3.03 38.86 -56.80
C LEU G 205 -1.61 38.90 -56.25
N LYS G 206 -1.11 40.08 -55.88
CA LYS G 206 0.21 40.21 -55.29
C LYS G 206 0.17 40.37 -53.78
N ALA G 207 -0.78 39.71 -53.12
CA ALA G 207 -0.86 39.72 -51.66
C ALA G 207 0.15 38.73 -51.10
N LYS G 208 0.08 38.47 -49.80
CA LYS G 208 1.07 37.62 -49.13
C LYS G 208 0.47 36.37 -48.49
N ASN G 209 -0.65 36.48 -47.78
CA ASN G 209 -1.14 35.39 -46.94
C ASN G 209 -2.56 34.95 -47.31
N ILE G 210 -2.95 35.07 -48.57
CA ILE G 210 -4.22 34.51 -49.01
C ILE G 210 -3.92 33.26 -49.84
N GLY G 211 -4.96 32.51 -50.20
CA GLY G 211 -4.76 31.22 -50.83
C GLY G 211 -4.27 31.25 -52.27
N LEU G 212 -4.35 32.40 -52.92
CA LEU G 212 -3.95 32.55 -54.32
C LEU G 212 -3.21 33.88 -54.49
N CYS G 213 -1.89 33.84 -54.39
CA CYS G 213 -1.08 35.06 -54.49
C CYS G 213 0.38 34.68 -54.67
N SER G 214 1.20 35.70 -54.94
CA SER G 214 2.65 35.57 -55.00
C SER G 214 3.27 36.94 -54.77
N THR G 215 4.32 36.99 -53.95
CA THR G 215 5.00 38.23 -53.63
C THR G 215 6.50 38.04 -53.71
N ASP G 216 7.25 39.08 -53.36
CA ASP G 216 8.71 39.10 -53.44
C ASP G 216 9.30 39.52 -52.11
N LEU G 217 10.63 39.39 -52.01
CA LEU G 217 11.37 39.88 -50.87
C LEU G 217 11.82 41.32 -51.11
N THR G 218 11.83 42.12 -50.05
CA THR G 218 12.16 43.53 -50.17
C THR G 218 12.65 44.06 -48.83
N GLU G 219 13.25 45.25 -48.88
CA GLU G 219 13.79 45.90 -47.69
C GLU G 219 12.88 47.01 -47.17
N GLY G 220 12.20 47.73 -48.06
CA GLY G 220 11.32 48.80 -47.64
C GLY G 220 11.76 50.18 -48.09
N ARG G 221 11.04 50.74 -49.06
CA ARG G 221 11.36 52.04 -49.62
C ARG G 221 10.46 53.11 -48.98
N ARG G 222 10.97 54.35 -48.94
CA ARG G 222 10.22 55.47 -48.39
C ARG G 222 9.42 56.24 -49.43
N GLY G 223 9.49 55.85 -50.71
CA GLY G 223 8.77 56.54 -51.75
C GLY G 223 7.44 55.90 -52.09
N ARG G 229 -2.87 58.67 -58.14
CA ARG G 229 -3.34 58.30 -56.81
C ARG G 229 -4.42 57.22 -56.86
N GLY G 230 -4.55 56.50 -55.74
CA GLY G 230 -5.53 55.44 -55.62
C GLY G 230 -6.64 55.78 -54.64
N LYS G 231 -6.50 55.30 -53.41
CA LYS G 231 -7.40 55.56 -52.29
C LYS G 231 -8.73 54.83 -52.42
N LYS G 232 -8.93 54.13 -53.54
CA LYS G 232 -10.14 53.35 -53.78
C LYS G 232 -9.73 51.90 -54.05
N LEU G 233 -10.00 51.02 -53.10
CA LEU G 233 -9.77 49.58 -53.25
C LEU G 233 -11.12 48.89 -53.12
N GLU G 234 -11.74 48.59 -54.25
CA GLU G 234 -13.09 48.04 -54.29
C GLU G 234 -13.13 46.90 -55.28
N PRO G 235 -14.05 45.95 -55.09
CA PRO G 235 -14.14 44.81 -56.01
C PRO G 235 -14.44 45.25 -57.44
N CYS G 236 -13.90 44.52 -58.40
N CYS G 236 -13.90 44.52 -58.40
CA CYS G 236 -14.07 44.79 -59.83
CA CYS G 236 -14.10 44.80 -59.82
C CYS G 236 -14.68 43.57 -60.50
C CYS G 236 -14.69 43.57 -60.50
N ASP G 237 -14.90 43.68 -61.82
CA ASP G 237 -15.62 42.64 -62.54
C ASP G 237 -14.82 41.34 -62.63
N ARG G 238 -13.53 41.43 -62.94
CA ARG G 238 -12.77 40.23 -63.30
C ARG G 238 -12.29 39.48 -62.06
N VAL G 239 -12.54 38.17 -62.03
CA VAL G 239 -12.16 37.32 -60.91
C VAL G 239 -11.45 36.08 -61.48
N LEU G 240 -10.49 35.55 -60.71
CA LEU G 240 -9.76 34.37 -61.11
C LEU G 240 -10.07 33.21 -60.16
N PHE G 241 -10.37 32.06 -60.75
CA PHE G 241 -10.66 30.83 -60.03
C PHE G 241 -9.54 29.83 -60.27
N SER G 242 -9.16 29.09 -59.24
CA SER G 242 -8.16 28.03 -59.34
C SER G 242 -8.71 26.80 -58.67
N VAL G 243 -9.05 25.79 -59.48
CA VAL G 243 -9.52 24.50 -59.01
C VAL G 243 -8.36 23.53 -59.15
N GLY G 244 -7.78 23.12 -58.02
CA GLY G 244 -6.54 22.38 -58.06
C GLY G 244 -5.45 23.19 -58.70
N SER G 245 -5.07 22.82 -59.93
CA SER G 245 -4.10 23.57 -60.70
C SER G 245 -4.68 24.15 -61.99
N THR G 246 -6.00 24.11 -62.17
CA THR G 246 -6.63 24.62 -63.38
C THR G 246 -7.20 26.02 -63.11
N LEU G 247 -7.00 26.92 -64.08
CA LEU G 247 -7.34 28.33 -63.94
C LEU G 247 -8.52 28.69 -64.82
N TYR G 248 -9.45 29.46 -64.27
CA TYR G 248 -10.63 29.92 -65.00
C TYR G 248 -10.89 31.39 -64.70
N PRO G 249 -10.90 32.27 -65.70
CA PRO G 249 -11.32 33.65 -65.46
C PRO G 249 -12.83 33.81 -65.61
N GLU G 250 -13.43 34.59 -64.72
CA GLU G 250 -14.87 34.78 -64.71
C GLU G 250 -15.21 36.24 -64.42
N SER G 251 -16.48 36.57 -64.60
CA SER G 251 -17.02 37.90 -64.38
C SER G 251 -18.04 37.88 -63.24
N ARG G 252 -18.10 38.96 -62.47
CA ARG G 252 -19.00 39.00 -61.32
C ARG G 252 -20.46 39.10 -61.73
N LYS G 253 -20.75 39.83 -62.81
CA LYS G 253 -22.13 40.03 -63.22
C LYS G 253 -22.80 38.72 -63.63
N LEU G 254 -22.13 37.94 -64.47
CA LEU G 254 -22.70 36.66 -64.90
C LEU G 254 -22.78 35.64 -63.77
N LEU G 255 -21.88 35.71 -62.79
CA LEU G 255 -22.02 34.86 -61.61
C LEU G 255 -23.22 35.27 -60.77
N LYS G 256 -23.42 36.57 -60.55
CA LYS G 256 -24.56 37.04 -59.77
C LYS G 256 -25.88 36.83 -60.48
N SER G 257 -25.88 36.77 -61.81
CA SER G 257 -27.14 36.62 -62.55
C SER G 257 -27.82 35.29 -62.30
N TRP G 258 -27.12 34.30 -61.76
CA TRP G 258 -27.72 33.00 -61.49
C TRP G 258 -28.27 32.88 -60.07
N HIS G 259 -28.20 33.95 -59.27
CA HIS G 259 -28.81 33.97 -57.94
C HIS G 259 -30.24 34.45 -58.12
N LEU G 260 -31.14 33.51 -58.45
CA LEU G 260 -32.50 33.84 -58.85
C LEU G 260 -33.46 33.74 -57.67
N PRO G 261 -34.52 34.55 -57.66
CA PRO G 261 -35.50 34.48 -56.57
C PRO G 261 -36.37 33.24 -56.69
N SER G 262 -37.24 33.08 -55.69
CA SER G 262 -38.12 31.91 -55.66
C SER G 262 -39.17 31.96 -56.76
N VAL G 263 -39.65 33.14 -57.11
CA VAL G 263 -40.66 33.32 -58.16
C VAL G 263 -40.26 34.52 -59.00
N PHE G 264 -40.31 34.37 -60.33
CA PHE G 264 -40.05 35.49 -61.23
C PHE G 264 -40.84 35.31 -62.52
N HIS G 265 -40.86 36.38 -63.32
CA HIS G 265 -41.66 36.44 -64.53
C HIS G 265 -40.76 36.79 -65.71
N LEU G 266 -40.90 36.05 -66.81
CA LEU G 266 -40.22 36.36 -68.07
C LEU G 266 -41.28 36.81 -69.06
N LYS G 267 -41.34 38.11 -69.34
CA LYS G 267 -42.37 38.69 -70.19
C LYS G 267 -41.74 39.47 -71.35
N GLY G 268 -41.63 38.82 -72.50
CA GLY G 268 -41.20 39.48 -73.72
C GLY G 268 -42.32 39.53 -74.73
N LYS G 269 -42.27 38.65 -75.72
CA LYS G 269 -43.39 38.43 -76.64
C LYS G 269 -44.34 37.39 -76.05
N LEU G 270 -43.83 36.23 -75.66
CA LEU G 270 -44.58 35.29 -74.86
C LEU G 270 -44.22 35.48 -73.38
N SER G 271 -45.12 35.05 -72.51
CA SER G 271 -44.97 35.27 -71.07
C SER G 271 -44.91 33.95 -70.33
N PHE G 272 -44.02 33.90 -69.33
CA PHE G 272 -43.81 32.70 -68.54
C PHE G 272 -43.62 33.08 -67.08
N THR G 273 -44.02 32.17 -66.19
CA THR G 273 -43.83 32.31 -64.75
C THR G 273 -42.92 31.18 -64.30
N CYS G 274 -41.84 31.53 -63.61
CA CYS G 274 -40.78 30.58 -63.31
C CYS G 274 -40.50 30.55 -61.81
N ARG G 275 -40.06 29.39 -61.34
CA ARG G 275 -39.73 29.16 -59.94
C ARG G 275 -38.35 28.52 -59.85
N CYS G 276 -37.61 28.86 -58.79
CA CYS G 276 -36.27 28.34 -58.57
C CYS G 276 -36.18 27.70 -57.19
N ASP G 277 -35.66 26.48 -57.14
CA ASP G 277 -35.53 25.73 -55.89
C ASP G 277 -34.19 25.02 -55.85
N THR G 278 -33.65 24.88 -54.64
CA THR G 278 -32.39 24.18 -54.42
C THR G 278 -32.70 22.80 -53.84
N VAL G 279 -32.20 21.75 -54.50
CA VAL G 279 -32.50 20.40 -54.11
C VAL G 279 -31.31 19.68 -53.47
N VAL G 280 -30.08 19.95 -53.92
CA VAL G 280 -28.89 19.31 -53.37
C VAL G 280 -27.85 20.38 -53.08
N SER G 281 -27.26 20.31 -51.89
CA SER G 281 -26.27 21.28 -51.44
C SER G 281 -25.20 20.56 -50.63
N CYS G 282 -23.94 20.75 -51.00
CA CYS G 282 -22.82 20.12 -50.32
C CYS G 282 -21.62 21.05 -50.34
N GLU G 283 -21.40 21.75 -49.22
CA GLU G 283 -20.17 22.49 -48.91
C GLU G 283 -19.66 23.35 -50.06
N GLY G 284 -20.56 23.86 -50.91
CA GLY G 284 -20.13 24.71 -51.99
C GLY G 284 -20.78 24.39 -53.33
N TYR G 285 -21.15 23.14 -53.55
CA TYR G 285 -21.86 22.74 -54.75
C TYR G 285 -23.36 22.71 -54.51
N VAL G 286 -24.11 23.24 -55.47
CA VAL G 286 -25.55 23.29 -55.42
C VAL G 286 -26.12 22.80 -56.76
N VAL G 287 -27.29 22.17 -56.66
CA VAL G 287 -28.09 21.78 -57.81
C VAL G 287 -29.41 22.54 -57.71
N LYS G 288 -29.74 23.28 -58.76
CA LYS G 288 -30.93 24.13 -58.80
C LYS G 288 -31.87 23.61 -59.88
N ARG G 289 -33.15 23.47 -59.53
CA ARG G 289 -34.18 23.04 -60.46
C ARG G 289 -35.11 24.20 -60.76
N ILE G 290 -35.31 24.48 -62.04
CA ILE G 290 -36.14 25.59 -62.50
C ILE G 290 -37.29 25.03 -63.32
N THR G 291 -38.51 25.45 -62.98
CA THR G 291 -39.71 25.05 -63.69
C THR G 291 -40.34 26.27 -64.33
N MET G 292 -40.81 26.12 -65.56
CA MET G 292 -41.38 27.22 -66.33
C MET G 292 -42.77 26.82 -66.84
N SER G 293 -43.65 27.82 -66.91
CA SER G 293 -45.03 27.60 -67.35
C SER G 293 -45.55 28.84 -68.06
N PRO G 294 -46.30 28.67 -69.15
CA PRO G 294 -46.82 29.83 -69.89
C PRO G 294 -47.85 30.59 -69.07
N GLY G 295 -47.94 31.90 -69.31
CA GLY G 295 -48.93 32.73 -68.66
C GLY G 295 -48.42 33.48 -67.45
N LEU G 296 -48.90 34.71 -67.26
CA LEU G 296 -48.49 35.52 -66.12
C LEU G 296 -49.39 35.24 -64.93
N TYR G 297 -48.90 34.43 -64.00
CA TYR G 297 -49.64 34.05 -62.80
C TYR G 297 -49.30 35.04 -61.68
N GLY G 298 -49.57 34.75 -60.41
CA GLY G 298 -49.58 35.73 -59.34
C GLY G 298 -48.29 36.48 -59.06
N LYS G 299 -48.30 37.24 -57.97
CA LYS G 299 -47.32 38.30 -57.75
C LYS G 299 -46.01 37.75 -57.24
N THR G 300 -45.00 38.62 -57.24
CA THR G 300 -43.64 38.29 -56.84
C THR G 300 -43.19 39.22 -55.72
N THR G 301 -42.30 38.73 -54.87
CA THR G 301 -41.73 39.52 -53.79
C THR G 301 -40.33 40.04 -54.10
N GLY G 302 -39.48 39.20 -54.69
CA GLY G 302 -38.13 39.60 -55.04
C GLY G 302 -37.06 39.25 -54.03
N TYR G 303 -37.24 38.18 -53.26
CA TYR G 303 -36.29 37.80 -52.22
C TYR G 303 -35.70 36.44 -52.56
N ALA G 304 -34.38 36.31 -52.37
CA ALA G 304 -33.68 35.05 -52.51
C ALA G 304 -33.18 34.59 -51.14
N VAL G 305 -33.35 33.30 -50.86
CA VAL G 305 -33.09 32.73 -49.54
C VAL G 305 -32.07 31.60 -49.68
N THR G 306 -31.13 31.57 -48.74
CA THR G 306 -30.10 30.54 -48.69
C THR G 306 -30.09 29.92 -47.30
N HIS G 307 -30.16 28.59 -47.24
CA HIS G 307 -30.12 27.86 -45.98
C HIS G 307 -28.72 27.36 -45.71
N HIS G 308 -28.25 27.54 -44.47
CA HIS G 308 -26.87 27.23 -44.10
C HIS G 308 -26.84 25.95 -43.28
N ALA G 309 -26.31 24.88 -43.85
CA ALA G 309 -26.07 23.65 -43.10
C ALA G 309 -24.72 23.65 -42.40
N ASP G 310 -23.80 24.53 -42.83
CA ASP G 310 -22.51 24.72 -42.18
C ASP G 310 -22.31 26.20 -41.92
N GLY G 311 -21.26 26.52 -41.16
CA GLY G 311 -21.01 27.91 -40.85
C GLY G 311 -20.42 28.67 -42.02
N PHE G 312 -20.84 29.92 -42.17
CA PHE G 312 -20.34 30.82 -43.20
C PHE G 312 -19.74 32.05 -42.54
N LEU G 313 -18.51 32.38 -42.90
CA LEU G 313 -17.81 33.52 -42.29
C LEU G 313 -17.36 34.50 -43.36
N MET G 314 -17.44 35.79 -43.02
CA MET G 314 -16.87 36.85 -43.84
C MET G 314 -16.26 37.89 -42.92
N CYS G 315 -14.96 38.14 -43.03
CA CYS G 315 -14.27 38.96 -42.06
C CYS G 315 -13.28 39.90 -42.74
N LYS G 316 -12.99 41.00 -42.05
CA LYS G 316 -11.95 41.94 -42.46
C LYS G 316 -10.58 41.42 -42.08
N THR G 317 -9.59 41.71 -42.92
CA THR G 317 -8.22 41.29 -42.68
C THR G 317 -7.28 42.34 -43.25
N THR G 318 -6.07 42.39 -42.67
CA THR G 318 -5.03 43.32 -43.09
C THR G 318 -3.88 42.53 -43.70
N ASP G 319 -3.46 42.92 -44.91
CA ASP G 319 -2.41 42.24 -45.63
C ASP G 319 -1.51 43.28 -46.28
N THR G 320 -0.46 42.79 -46.95
CA THR G 320 0.45 43.63 -47.72
C THR G 320 0.38 43.22 -49.18
N VAL G 321 -0.03 44.16 -50.03
CA VAL G 321 -0.14 43.95 -51.47
C VAL G 321 0.94 44.79 -52.14
N ASP G 322 1.90 44.12 -52.76
CA ASP G 322 2.97 44.77 -53.52
C ASP G 322 3.73 45.77 -52.68
N GLY G 323 3.85 45.48 -51.38
CA GLY G 323 4.57 46.30 -50.44
C GLY G 323 3.71 47.26 -49.64
N GLU G 324 2.47 47.51 -50.05
CA GLU G 324 1.61 48.48 -49.39
C GLU G 324 0.62 47.77 -48.49
N ARG G 325 0.49 48.26 -47.25
CA ARG G 325 -0.40 47.65 -46.27
C ARG G 325 -1.84 48.12 -46.49
N VAL G 326 -2.76 47.17 -46.67
CA VAL G 326 -4.16 47.46 -46.95
C VAL G 326 -5.03 46.48 -46.18
N SER G 327 -6.34 46.69 -46.25
CA SER G 327 -7.34 45.85 -45.59
C SER G 327 -8.47 45.55 -46.55
N PHE G 328 -8.98 44.31 -46.48
CA PHE G 328 -10.10 43.90 -47.31
C PHE G 328 -10.77 42.67 -46.69
N SER G 329 -11.84 42.19 -47.34
CA SER G 329 -12.70 41.16 -46.77
C SER G 329 -12.44 39.81 -47.42
N VAL G 330 -12.53 38.75 -46.61
CA VAL G 330 -12.34 37.37 -47.05
C VAL G 330 -13.44 36.51 -46.45
N CYS G 331 -13.94 35.56 -47.22
CA CYS G 331 -15.03 34.69 -46.79
C CYS G 331 -14.62 33.22 -46.88
N THR G 332 -15.28 32.39 -46.08
CA THR G 332 -14.93 30.97 -46.01
C THR G 332 -16.06 30.18 -45.36
N TYR G 333 -15.92 28.85 -45.42
CA TYR G 333 -16.86 27.89 -44.87
C TYR G 333 -16.23 27.17 -43.69
N VAL G 334 -17.03 26.84 -42.68
CA VAL G 334 -16.57 26.19 -41.46
C VAL G 334 -17.48 25.00 -41.18
N PRO G 335 -16.93 23.84 -40.81
CA PRO G 335 -17.77 22.67 -40.51
C PRO G 335 -18.64 22.91 -39.29
N ALA G 336 -19.77 22.19 -39.24
CA ALA G 336 -20.78 22.42 -38.21
C ALA G 336 -20.30 21.96 -36.84
N THR G 337 -19.52 20.88 -36.78
CA THR G 337 -19.09 20.34 -35.49
C THR G 337 -18.21 21.33 -34.73
N ILE G 338 -17.28 21.98 -35.43
CA ILE G 338 -16.42 22.97 -34.79
C ILE G 338 -17.25 24.15 -34.30
N CYS G 339 -18.21 24.61 -35.12
CA CYS G 339 -19.07 25.70 -34.71
C CYS G 339 -19.86 25.35 -33.46
N ASP G 340 -20.37 24.12 -33.38
CA ASP G 340 -21.10 23.69 -32.19
C ASP G 340 -20.19 23.61 -30.97
N GLN G 341 -18.95 23.14 -31.16
CA GLN G 341 -18.03 23.00 -30.03
C GLN G 341 -17.38 24.31 -29.62
N MET G 342 -17.55 25.39 -30.39
CA MET G 342 -17.02 26.69 -30.02
C MET G 342 -18.05 27.57 -29.29
N THR G 343 -19.24 27.03 -29.02
CA THR G 343 -20.32 27.85 -28.45
C THR G 343 -19.97 28.36 -27.05
N GLY G 344 -19.38 27.50 -26.23
CA GLY G 344 -19.12 27.89 -24.84
C GLY G 344 -18.06 28.97 -24.72
N ILE G 345 -16.99 28.87 -25.51
CA ILE G 345 -15.88 29.81 -25.39
C ILE G 345 -16.29 31.21 -25.81
N LEU G 346 -17.15 31.31 -26.83
CA LEU G 346 -17.52 32.61 -27.38
C LEU G 346 -18.41 33.44 -26.47
N ALA G 347 -18.76 32.94 -25.28
CA ALA G 347 -19.57 33.72 -24.36
C ALA G 347 -18.80 34.93 -23.83
N THR G 348 -17.51 34.78 -23.63
CA THR G 348 -16.67 35.87 -23.13
C THR G 348 -15.82 36.45 -24.26
N GLU G 349 -14.97 37.41 -23.90
CA GLU G 349 -14.06 38.05 -24.84
C GLU G 349 -12.74 37.29 -24.83
N VAL G 350 -12.31 36.85 -26.01
CA VAL G 350 -11.12 36.01 -26.14
C VAL G 350 -10.18 36.66 -27.15
N THR G 351 -8.88 36.40 -26.96
CA THR G 351 -7.83 36.88 -27.84
C THR G 351 -7.64 35.94 -29.02
N PRO G 352 -7.13 36.44 -30.16
CA PRO G 352 -6.97 35.57 -31.32
C PRO G 352 -6.03 34.39 -31.10
N GLU G 353 -5.00 34.54 -30.27
CA GLU G 353 -4.06 33.44 -30.06
C GLU G 353 -4.69 32.30 -29.24
N ASP G 354 -5.46 32.65 -28.21
CA ASP G 354 -6.17 31.63 -27.45
C ASP G 354 -7.17 30.88 -28.33
N ALA G 355 -7.90 31.61 -29.18
CA ALA G 355 -8.81 30.96 -30.11
C ALA G 355 -8.06 30.07 -31.09
N GLN G 356 -6.89 30.50 -31.56
CA GLN G 356 -6.07 29.69 -32.45
C GLN G 356 -5.67 28.38 -31.77
N LYS G 357 -5.21 28.47 -30.52
CA LYS G 357 -4.79 27.27 -29.81
C LYS G 357 -5.97 26.33 -29.57
N LEU G 358 -7.13 26.89 -29.20
CA LEU G 358 -8.32 26.06 -29.00
C LEU G 358 -8.74 25.37 -30.29
N LEU G 359 -8.71 26.11 -31.41
CA LEU G 359 -9.08 25.54 -32.69
C LEU G 359 -8.12 24.43 -33.11
N VAL G 360 -6.81 24.63 -32.86
CA VAL G 360 -5.85 23.58 -33.17
C VAL G 360 -6.09 22.35 -32.28
N GLY G 361 -6.45 22.58 -31.02
CA GLY G 361 -6.75 21.46 -30.15
C GLY G 361 -7.96 20.66 -30.60
N LEU G 362 -9.04 21.35 -30.98
CA LEU G 362 -10.22 20.65 -31.46
C LEU G 362 -10.00 19.98 -32.82
N ASN G 363 -9.23 20.60 -33.70
CA ASN G 363 -8.99 20.05 -35.03
C ASN G 363 -8.05 18.84 -34.95
N ASN G 377 -7.23 15.55 -39.62
CA ASN G 377 -7.72 16.92 -39.55
C ASN G 377 -9.13 17.04 -40.12
N THR G 378 -9.95 17.85 -39.47
CA THR G 378 -11.31 18.10 -39.95
C THR G 378 -11.37 19.26 -40.92
N MET G 379 -10.65 20.35 -40.63
CA MET G 379 -10.56 21.50 -41.52
C MET G 379 -9.09 21.73 -41.87
N LYS G 380 -8.86 22.31 -43.04
CA LYS G 380 -7.50 22.58 -43.50
C LYS G 380 -6.84 23.65 -42.63
N ASN G 381 -5.53 23.49 -42.41
CA ASN G 381 -4.83 24.29 -41.43
C ASN G 381 -4.51 25.70 -41.91
N TYR G 382 -4.55 25.96 -43.21
CA TYR G 382 -4.19 27.30 -43.70
C TYR G 382 -5.33 28.31 -43.56
N MET G 383 -6.51 27.87 -43.16
CA MET G 383 -7.64 28.77 -42.94
C MET G 383 -7.85 29.13 -41.47
N ILE G 384 -7.20 28.43 -40.55
CA ILE G 384 -7.39 28.60 -39.10
C ILE G 384 -7.06 30.01 -38.62
N PRO G 385 -5.93 30.63 -39.01
CA PRO G 385 -5.59 31.94 -38.43
C PRO G 385 -6.61 33.03 -38.70
N VAL G 386 -7.33 32.99 -39.83
CA VAL G 386 -8.29 34.04 -40.11
C VAL G 386 -9.63 33.73 -39.43
N VAL G 387 -9.97 32.45 -39.30
CA VAL G 387 -11.17 32.05 -38.57
C VAL G 387 -11.05 32.46 -37.11
N ALA G 388 -9.88 32.26 -36.51
CA ALA G 388 -9.69 32.65 -35.11
C ALA G 388 -9.88 34.15 -34.92
N GLN G 389 -9.32 34.96 -35.83
CA GLN G 389 -9.48 36.41 -35.78
C GLN G 389 -10.93 36.83 -35.95
N ALA G 390 -11.65 36.19 -36.87
CA ALA G 390 -13.06 36.50 -37.06
C ALA G 390 -13.88 36.19 -35.81
N PHE G 391 -13.64 35.03 -35.19
CA PHE G 391 -14.34 34.68 -33.96
C PHE G 391 -14.03 35.68 -32.85
N SER G 392 -12.76 36.06 -32.72
CA SER G 392 -12.37 37.01 -31.67
C SER G 392 -13.05 38.35 -31.87
N LYS G 393 -13.14 38.83 -33.12
CA LYS G 393 -13.80 40.10 -33.37
C LYS G 393 -15.31 40.02 -33.21
N TRP G 394 -15.92 38.86 -33.49
CA TRP G 394 -17.36 38.70 -33.31
C TRP G 394 -17.74 38.71 -31.83
N ALA G 395 -16.96 38.01 -31.00
CA ALA G 395 -17.28 37.93 -29.58
C ALA G 395 -17.23 39.29 -28.90
N LYS G 396 -16.36 40.19 -29.37
CA LYS G 396 -16.28 41.53 -28.79
C LYS G 396 -17.46 42.41 -29.19
N GLU G 397 -17.87 42.34 -30.46
CA GLU G 397 -19.04 43.09 -30.89
C GLU G 397 -20.32 42.63 -30.21
N CYS G 398 -20.45 41.32 -29.94
CA CYS G 398 -21.60 40.86 -29.17
C CYS G 398 -21.64 41.51 -27.79
N ARG G 399 -20.50 41.55 -27.09
CA ARG G 399 -20.45 42.19 -25.77
C ARG G 399 -20.75 43.67 -25.85
N LYS G 400 -20.22 44.36 -26.87
CA LYS G 400 -20.51 45.79 -27.00
C LYS G 400 -21.98 46.04 -27.27
N ASP G 401 -22.64 45.16 -28.05
CA ASP G 401 -24.08 45.28 -28.21
C ASP G 401 -24.81 45.06 -26.90
N MET G 402 -24.34 44.11 -26.09
CA MET G 402 -25.03 43.79 -24.84
C MET G 402 -25.00 44.93 -23.82
N GLU G 403 -23.99 45.80 -23.87
CA GLU G 403 -23.81 46.81 -22.84
C GLU G 403 -24.30 48.20 -23.25
N ASP G 404 -25.05 48.31 -24.34
CA ASP G 404 -25.58 49.59 -24.81
C ASP G 404 -27.09 49.47 -25.03
N GLU G 405 -27.77 48.94 -24.02
CA GLU G 405 -29.19 48.65 -24.10
C GLU G 405 -29.99 49.93 -24.39
N LYS G 406 -31.01 49.77 -25.24
CA LYS G 406 -31.88 50.85 -25.67
C LYS G 406 -33.30 50.62 -25.16
N LEU G 407 -34.23 51.49 -25.58
CA LEU G 407 -35.62 51.40 -25.20
C LEU G 407 -36.43 50.75 -26.32
N LEU G 408 -37.59 50.19 -25.95
CA LEU G 408 -38.41 49.44 -26.90
C LEU G 408 -39.10 50.36 -27.89
N GLY G 409 -38.85 50.14 -29.18
CA GLY G 409 -39.63 50.75 -30.23
C GLY G 409 -39.34 52.20 -30.54
N VAL G 410 -38.20 52.73 -30.11
CA VAL G 410 -37.87 54.14 -30.35
C VAL G 410 -36.44 54.22 -30.87
N ARG G 411 -36.25 55.03 -31.91
CA ARG G 411 -34.94 55.36 -32.44
C ARG G 411 -34.61 56.80 -32.08
N GLU G 412 -33.37 57.03 -31.64
CA GLU G 412 -32.94 58.37 -31.21
C GLU G 412 -32.18 59.03 -32.36
N ARG G 413 -32.85 60.01 -32.98
CA ARG G 413 -32.22 60.82 -34.02
C ARG G 413 -32.38 62.31 -33.70
N ALA G 422 -29.88 63.04 -37.90
CA ALA G 422 -28.77 62.14 -38.24
C ALA G 422 -28.52 61.15 -37.12
N PHE G 423 -28.30 59.88 -37.49
CA PHE G 423 -28.05 58.82 -36.53
C PHE G 423 -26.68 58.20 -36.77
N LYS G 424 -26.03 57.81 -35.68
CA LYS G 424 -24.69 57.24 -35.77
C LYS G 424 -24.74 55.78 -36.20
N LYS G 425 -23.76 55.37 -36.99
CA LYS G 425 -23.58 53.97 -37.35
C LYS G 425 -22.40 53.37 -36.59
N GLN G 426 -22.46 52.06 -36.39
CA GLN G 426 -21.44 51.35 -35.63
C GLN G 426 -20.55 50.52 -36.54
N LYS G 427 -19.49 49.97 -35.97
CA LYS G 427 -18.54 49.16 -36.72
C LYS G 427 -19.07 47.74 -36.90
N THR G 428 -18.79 47.16 -38.07
CA THR G 428 -19.08 45.76 -38.35
C THR G 428 -17.89 45.18 -39.09
N HIS G 429 -17.16 44.28 -38.44
CA HIS G 429 -15.98 43.66 -39.03
C HIS G 429 -16.14 42.17 -39.27
N THR G 430 -17.24 41.56 -38.84
CA THR G 430 -17.45 40.14 -39.03
C THR G 430 -18.91 39.86 -39.32
N VAL G 431 -19.15 38.98 -40.30
CA VAL G 431 -20.47 38.43 -40.57
C VAL G 431 -20.37 36.92 -40.38
N TYR G 432 -21.20 36.38 -39.49
CA TYR G 432 -21.14 34.97 -39.11
C TYR G 432 -22.55 34.39 -39.24
N LYS G 433 -22.70 33.41 -40.13
CA LYS G 433 -23.96 32.70 -40.33
C LYS G 433 -23.78 31.29 -39.77
N ARG G 434 -24.42 31.03 -38.64
CA ARG G 434 -24.35 29.74 -37.98
C ARG G 434 -25.24 28.73 -38.69
N PRO G 435 -24.98 27.43 -38.51
CA PRO G 435 -25.84 26.42 -39.14
C PRO G 435 -27.26 26.48 -38.62
N ASP G 436 -28.21 26.07 -39.48
CA ASP G 436 -29.64 26.13 -39.24
C ASP G 436 -30.15 27.57 -39.27
N THR G 437 -29.51 28.43 -40.07
CA THR G 437 -29.96 29.80 -40.29
C THR G 437 -30.13 30.03 -41.78
N GLN G 438 -30.62 31.22 -42.12
CA GLN G 438 -30.93 31.56 -43.50
C GLN G 438 -30.54 33.00 -43.79
N SER G 439 -29.97 33.19 -44.97
CA SER G 439 -29.69 34.52 -45.52
C SER G 439 -30.76 34.90 -46.53
N ILE G 440 -31.09 36.19 -46.59
CA ILE G 440 -32.13 36.69 -47.48
C ILE G 440 -31.63 37.97 -48.14
N GLN G 441 -31.75 38.04 -49.47
CA GLN G 441 -31.31 39.20 -50.23
C GLN G 441 -32.39 39.64 -51.20
N LYS G 442 -32.34 40.92 -51.58
CA LYS G 442 -33.26 41.51 -52.54
C LYS G 442 -32.64 41.49 -53.93
N VAL G 443 -33.37 40.95 -54.90
CA VAL G 443 -32.88 40.84 -56.27
C VAL G 443 -33.98 41.26 -57.25
N GLN G 444 -33.69 41.19 -58.54
CA GLN G 444 -34.65 41.54 -59.58
C GLN G 444 -35.60 40.38 -59.84
N ALA G 445 -36.86 40.71 -60.09
CA ALA G 445 -37.88 39.70 -60.37
C ALA G 445 -38.68 39.95 -61.63
N GLU G 446 -38.59 41.13 -62.24
CA GLU G 446 -39.34 41.46 -63.45
C GLU G 446 -38.37 41.58 -64.61
N PHE G 447 -38.37 40.59 -65.49
CA PHE G 447 -37.46 40.52 -66.62
C PHE G 447 -38.28 40.70 -67.90
N ASP G 448 -37.87 41.66 -68.73
CA ASP G 448 -38.57 41.93 -69.99
C ASP G 448 -37.61 41.87 -71.17
N ASP H 2 3.34 -8.06 -62.93
CA ASP H 2 2.53 -6.92 -62.50
C ASP H 2 3.33 -5.89 -61.68
N PRO H 3 4.05 -6.31 -60.64
CA PRO H 3 4.82 -5.32 -59.87
C PRO H 3 5.96 -4.72 -60.70
N VAL H 4 6.24 -3.45 -60.45
CA VAL H 4 7.35 -2.76 -61.10
C VAL H 4 8.51 -2.72 -60.12
N TYR H 5 9.68 -3.21 -60.57
CA TYR H 5 10.85 -3.32 -59.71
C TYR H 5 11.72 -2.09 -59.89
N VAL H 6 12.04 -1.43 -58.78
CA VAL H 6 12.83 -0.20 -58.79
C VAL H 6 14.03 -0.38 -57.85
N ASP H 7 15.11 0.35 -58.15
CA ASP H 7 16.38 0.21 -57.43
C ASP H 7 16.39 1.14 -56.22
N ILE H 8 15.68 0.73 -55.16
CA ILE H 8 15.69 1.44 -53.90
C ILE H 8 15.83 0.42 -52.78
N ASP H 9 16.29 0.89 -51.62
CA ASP H 9 16.40 0.03 -50.45
C ASP H 9 15.01 -0.33 -49.92
N ALA H 10 14.92 -1.46 -49.22
CA ALA H 10 13.63 -1.96 -48.76
C ALA H 10 12.95 -0.98 -47.81
N ASP H 11 13.67 -0.52 -46.80
CA ASP H 11 13.11 0.42 -45.81
C ASP H 11 13.43 1.86 -46.18
N SER H 12 12.77 2.34 -47.23
CA SER H 12 12.91 3.71 -47.70
C SER H 12 11.56 4.41 -47.64
N ALA H 13 11.56 5.63 -47.10
CA ALA H 13 10.32 6.39 -46.95
C ALA H 13 9.80 6.97 -48.25
N PHE H 14 10.65 7.06 -49.28
CA PHE H 14 10.22 7.57 -50.58
C PHE H 14 9.30 6.61 -51.31
N LEU H 15 9.26 5.34 -50.89
CA LEU H 15 8.39 4.36 -51.54
C LEU H 15 6.92 4.72 -51.37
N LYS H 16 6.53 5.17 -50.18
CA LYS H 16 5.13 5.55 -49.97
C LYS H 16 4.77 6.80 -50.76
N ALA H 17 5.73 7.74 -50.89
CA ALA H 17 5.48 8.90 -51.74
C ALA H 17 5.31 8.49 -53.20
N LEU H 18 6.12 7.54 -53.66
CA LEU H 18 5.95 7.01 -55.02
C LEU H 18 4.57 6.37 -55.19
N GLN H 19 4.14 5.61 -54.18
CA GLN H 19 2.81 4.99 -54.23
C GLN H 19 1.71 6.04 -54.31
N ARG H 20 1.82 7.11 -53.51
CA ARG H 20 0.83 8.17 -53.57
C ARG H 20 0.84 8.86 -54.93
N ALA H 21 2.02 8.97 -55.54
CA ALA H 21 2.15 9.63 -56.82
C ALA H 21 1.71 8.78 -58.00
N TYR H 22 1.81 7.45 -57.90
CA TYR H 22 1.47 6.54 -58.98
C TYR H 22 0.54 5.45 -58.44
N PRO H 23 -0.72 5.79 -58.16
CA PRO H 23 -1.64 4.79 -57.60
C PRO H 23 -2.30 3.93 -58.67
N MET H 24 -1.50 3.44 -59.63
CA MET H 24 -1.99 2.49 -60.63
C MET H 24 -0.90 1.49 -61.01
N PHE H 25 0.17 1.40 -60.23
CA PHE H 25 1.19 0.38 -60.42
C PHE H 25 1.54 -0.22 -59.07
N GLU H 26 2.11 -1.42 -59.12
CA GLU H 26 2.65 -2.06 -57.93
C GLU H 26 4.16 -1.83 -57.87
N VAL H 27 4.64 -1.39 -56.71
CA VAL H 27 6.03 -0.99 -56.53
C VAL H 27 6.69 -1.94 -55.54
N GLU H 28 7.84 -2.50 -55.94
CA GLU H 28 8.60 -3.40 -55.08
C GLU H 28 10.08 -3.05 -55.19
N PRO H 29 10.77 -2.91 -54.05
CA PRO H 29 12.19 -2.53 -54.09
C PRO H 29 13.11 -3.71 -54.36
N ARG H 30 14.09 -3.49 -55.24
CA ARG H 30 15.09 -4.50 -55.58
C ARG H 30 16.43 -3.78 -55.77
N GLN H 31 17.22 -3.75 -54.69
CA GLN H 31 18.49 -3.04 -54.71
C GLN H 31 19.56 -3.85 -55.40
N VAL H 32 20.31 -3.19 -56.29
CA VAL H 32 21.43 -3.85 -56.98
C VAL H 32 22.71 -3.05 -56.79
N THR H 33 22.68 -1.76 -57.12
CA THR H 33 23.87 -0.93 -57.03
C THR H 33 23.71 0.16 -55.98
N PRO H 34 24.80 0.61 -55.37
CA PRO H 34 24.73 1.68 -54.35
C PRO H 34 24.80 3.08 -54.95
N ASN H 35 23.81 3.41 -55.79
CA ASN H 35 23.76 4.73 -56.41
C ASN H 35 23.35 5.77 -55.38
N ASP H 36 24.09 6.88 -55.34
CA ASP H 36 23.83 7.93 -54.36
C ASP H 36 22.76 8.92 -54.81
N HIS H 37 22.25 8.79 -56.03
CA HIS H 37 21.15 9.62 -56.51
C HIS H 37 20.11 8.73 -57.21
N ALA H 38 19.79 7.60 -56.57
CA ALA H 38 18.95 6.58 -57.18
C ALA H 38 17.46 6.88 -57.08
N ASN H 39 17.06 7.94 -56.38
CA ASN H 39 15.64 8.22 -56.24
C ASN H 39 15.03 8.81 -57.51
N ALA H 40 15.83 9.56 -58.28
CA ALA H 40 15.36 10.14 -59.53
C ALA H 40 15.02 9.08 -60.57
N ARG H 41 15.82 8.01 -60.64
CA ARG H 41 15.61 6.94 -61.60
C ARG H 41 14.28 6.24 -61.39
N ALA H 42 13.87 6.01 -60.14
CA ALA H 42 12.59 5.38 -59.88
C ALA H 42 11.41 6.24 -60.35
N PHE H 43 11.52 7.56 -60.27
CA PHE H 43 10.43 8.42 -60.76
C PHE H 43 10.42 8.45 -62.29
N SER H 44 11.59 8.68 -62.90
CA SER H 44 11.67 8.68 -64.35
C SER H 44 11.39 7.32 -64.97
N HIS H 45 11.41 6.26 -64.16
CA HIS H 45 11.13 4.90 -64.62
C HIS H 45 9.63 4.68 -64.78
N LEU H 46 8.85 5.05 -63.76
CA LEU H 46 7.40 4.95 -63.84
C LEU H 46 6.79 6.03 -64.72
N ALA H 47 7.49 7.16 -64.93
CA ALA H 47 6.95 8.19 -65.82
C ALA H 47 6.75 7.64 -67.23
N ILE H 48 7.75 6.92 -67.74
CA ILE H 48 7.65 6.35 -69.09
C ILE H 48 6.55 5.30 -69.16
N LYS H 49 6.41 4.49 -68.11
CA LYS H 49 5.33 3.51 -68.05
C LYS H 49 3.98 4.19 -68.13
N LEU H 50 3.78 5.27 -67.37
CA LEU H 50 2.52 5.99 -67.43
C LEU H 50 2.28 6.57 -68.83
N ILE H 51 3.31 7.16 -69.42
CA ILE H 51 3.17 7.78 -70.74
C ILE H 51 2.77 6.73 -71.77
N GLU H 52 3.41 5.57 -71.73
CA GLU H 52 3.11 4.52 -72.70
C GLU H 52 1.74 3.90 -72.45
N GLN H 53 1.37 3.72 -71.19
CA GLN H 53 0.08 3.15 -70.82
C GLN H 53 -1.08 4.10 -71.09
N GLU H 54 -0.82 5.40 -71.27
CA GLU H 54 -1.87 6.33 -71.64
C GLU H 54 -1.76 6.85 -73.08
N ILE H 55 -0.95 6.24 -73.93
CA ILE H 55 -0.81 6.66 -75.32
C ILE H 55 -1.38 5.58 -76.23
N ASP H 56 -1.89 6.00 -77.38
CA ASP H 56 -2.51 5.06 -78.31
C ASP H 56 -1.46 4.11 -78.89
N PRO H 57 -1.78 2.84 -79.06
CA PRO H 57 -0.83 1.90 -79.67
C PRO H 57 -0.62 2.19 -81.15
N ASP H 58 0.48 1.67 -81.68
CA ASP H 58 0.86 1.82 -83.08
C ASP H 58 1.01 3.30 -83.45
N SER H 59 1.87 3.98 -82.70
CA SER H 59 2.20 5.37 -82.96
C SER H 59 3.72 5.53 -82.97
N THR H 60 4.19 6.52 -83.72
CA THR H 60 5.61 6.82 -83.79
C THR H 60 5.94 7.96 -82.83
N ILE H 61 6.99 7.78 -82.04
CA ILE H 61 7.36 8.71 -80.98
C ILE H 61 8.76 9.23 -81.25
N LEU H 62 8.90 10.54 -81.35
CA LEU H 62 10.21 11.16 -81.40
C LEU H 62 10.81 11.23 -80.00
N ASP H 63 12.14 11.30 -79.96
CA ASP H 63 12.88 11.34 -78.70
C ASP H 63 13.99 12.37 -78.83
N ILE H 64 13.83 13.51 -78.17
CA ILE H 64 14.80 14.60 -78.26
C ILE H 64 15.91 14.37 -77.25
N GLY H 65 17.15 14.35 -77.73
CA GLY H 65 18.31 14.12 -76.89
C GLY H 65 18.21 12.82 -76.12
N SER H 66 18.17 11.71 -76.83
CA SER H 66 17.89 10.41 -76.24
C SER H 66 19.16 9.62 -75.96
N ALA H 67 18.99 8.58 -75.14
CA ALA H 67 19.99 7.51 -74.98
C ALA H 67 19.37 6.24 -75.53
N PRO H 68 19.77 5.79 -76.73
CA PRO H 68 19.04 4.70 -77.39
C PRO H 68 19.06 3.39 -76.63
N ALA H 69 19.99 3.21 -75.68
CA ALA H 69 20.02 1.99 -74.89
C ALA H 69 18.77 1.81 -74.04
N ARG H 70 18.13 2.91 -73.62
CA ARG H 70 16.93 2.80 -72.82
C ARG H 70 15.74 2.32 -73.63
N ARG H 71 15.67 2.71 -74.90
CA ARG H 71 14.53 2.39 -75.77
C ARG H 71 14.85 1.27 -76.75
N MET H 72 15.63 0.27 -76.32
CA MET H 72 15.97 -0.85 -77.18
C MET H 72 15.06 -2.05 -76.98
N MET H 73 14.82 -2.46 -75.73
CA MET H 73 14.03 -3.64 -75.42
C MET H 73 12.55 -3.34 -75.27
N SER H 74 12.07 -2.23 -75.84
CA SER H 74 10.67 -1.88 -75.75
C SER H 74 9.88 -2.49 -76.91
N ASP H 75 8.61 -2.11 -77.04
CA ASP H 75 7.79 -2.65 -78.12
C ASP H 75 7.09 -1.57 -78.94
N ARG H 76 7.52 -0.31 -78.87
CA ARG H 76 6.92 0.77 -79.62
C ARG H 76 7.95 1.38 -80.57
N LYS H 77 7.45 2.03 -81.61
CA LYS H 77 8.32 2.57 -82.67
C LYS H 77 8.82 3.95 -82.27
N TYR H 78 10.02 4.00 -81.74
CA TYR H 78 10.66 5.28 -81.42
C TYR H 78 11.52 5.75 -82.58
N HIS H 79 11.88 7.03 -82.55
CA HIS H 79 12.86 7.61 -83.46
C HIS H 79 13.76 8.51 -82.62
N CYS H 80 15.01 8.10 -82.45
CA CYS H 80 15.92 8.74 -81.51
C CYS H 80 16.71 9.83 -82.21
N VAL H 81 16.59 11.06 -81.70
CA VAL H 81 17.37 12.19 -82.18
C VAL H 81 18.60 12.30 -81.27
N CYS H 82 19.77 11.98 -81.81
CA CYS H 82 21.00 11.87 -81.01
C CYS H 82 22.09 12.72 -81.63
N PRO H 83 22.06 14.03 -81.40
CA PRO H 83 23.17 14.89 -81.83
C PRO H 83 24.38 14.69 -80.93
N MET H 84 25.53 15.16 -81.42
CA MET H 84 26.81 15.01 -80.72
C MET H 84 27.28 16.39 -80.26
N ARG H 85 26.82 16.80 -79.08
CA ARG H 85 27.23 18.06 -78.49
C ARG H 85 27.70 17.93 -77.05
N SER H 86 27.50 16.79 -76.41
CA SER H 86 27.92 16.56 -75.04
C SER H 86 29.11 15.60 -75.01
N ALA H 87 29.97 15.80 -74.01
CA ALA H 87 31.17 14.96 -73.87
C ALA H 87 30.84 13.53 -73.49
N GLU H 88 29.61 13.25 -73.05
CA GLU H 88 29.21 11.93 -72.60
C GLU H 88 28.44 11.14 -73.64
N ASP H 89 28.35 11.66 -74.87
CA ASP H 89 27.63 11.02 -75.98
C ASP H 89 28.38 9.89 -76.67
N PRO H 90 29.69 10.02 -76.94
CA PRO H 90 30.38 8.94 -77.66
C PRO H 90 30.30 7.59 -76.98
N GLU H 91 30.45 7.54 -75.65
CA GLU H 91 30.31 6.28 -74.93
C GLU H 91 28.87 5.79 -74.91
N ARG H 92 27.89 6.69 -74.94
CA ARG H 92 26.50 6.27 -75.11
C ARG H 92 26.30 5.55 -76.44
N LEU H 93 26.79 6.13 -77.54
CA LEU H 93 26.68 5.48 -78.84
C LEU H 93 27.43 4.16 -78.89
N ALA H 94 28.65 4.12 -78.33
CA ALA H 94 29.43 2.90 -78.30
C ALA H 94 28.75 1.81 -77.49
N ASN H 95 28.17 2.13 -76.34
CA ASN H 95 27.48 1.14 -75.53
C ASN H 95 26.19 0.67 -76.18
N TYR H 96 25.48 1.57 -76.88
CA TYR H 96 24.34 1.16 -77.69
C TYR H 96 24.76 0.14 -78.76
N ALA H 97 25.86 0.44 -79.46
CA ALA H 97 26.39 -0.50 -80.45
C ALA H 97 26.76 -1.83 -79.79
N ARG H 98 27.27 -1.76 -78.56
CA ARG H 98 27.63 -2.98 -77.85
C ARG H 98 26.40 -3.85 -77.55
N LYS H 99 25.31 -3.23 -77.06
CA LYS H 99 24.11 -4.05 -76.88
C LYS H 99 23.55 -4.56 -78.20
N LEU H 100 23.64 -3.77 -79.27
CA LEU H 100 23.12 -4.22 -80.55
C LEU H 100 23.92 -5.41 -81.07
N ALA H 101 25.24 -5.41 -80.88
CA ALA H 101 26.06 -6.53 -81.28
C ALA H 101 25.91 -7.73 -80.36
N SER H 102 25.56 -7.51 -79.09
CA SER H 102 25.44 -8.60 -78.12
C SER H 102 24.10 -9.32 -78.20
N ALA H 103 23.19 -8.88 -79.07
CA ALA H 103 21.89 -9.52 -79.22
C ALA H 103 21.55 -9.72 -80.69
N ALA H 104 22.51 -10.19 -81.49
CA ALA H 104 22.33 -10.35 -82.92
C ALA H 104 21.21 -11.35 -83.25
N GLY H 105 21.21 -12.48 -82.57
CA GLY H 105 20.23 -13.51 -82.84
C GLY H 105 19.62 -14.13 -81.60
N LYS H 106 20.15 -13.76 -80.43
CA LYS H 106 19.62 -14.29 -79.17
C LYS H 106 18.19 -13.80 -78.94
N VAL H 107 17.93 -12.54 -79.25
CA VAL H 107 16.59 -11.96 -79.15
C VAL H 107 16.10 -11.64 -80.56
N LEU H 108 14.87 -12.06 -80.85
CA LEU H 108 14.30 -11.84 -82.17
C LEU H 108 12.91 -11.24 -82.07
N ASP H 109 12.39 -11.11 -80.85
CA ASP H 109 11.08 -10.51 -80.64
C ASP H 109 11.12 -9.02 -80.96
N ARG H 110 12.33 -8.44 -80.94
CA ARG H 110 12.51 -7.03 -81.19
C ARG H 110 12.75 -6.76 -82.68
N ASN H 111 13.15 -5.53 -83.01
CA ASN H 111 13.52 -5.14 -84.37
C ASN H 111 15.02 -4.95 -84.45
N ILE H 112 15.77 -5.86 -83.84
CA ILE H 112 17.21 -5.69 -83.69
C ILE H 112 17.90 -5.64 -85.04
N SER H 113 17.49 -6.50 -85.97
CA SER H 113 18.11 -6.53 -87.29
C SER H 113 17.92 -5.19 -88.01
N GLY H 114 16.69 -4.66 -87.96
CA GLY H 114 16.44 -3.37 -88.59
C GLY H 114 17.24 -2.25 -87.95
N LYS H 115 17.33 -2.27 -86.62
CA LYS H 115 18.10 -1.24 -85.91
C LYS H 115 19.58 -1.31 -86.29
N ILE H 116 20.13 -2.53 -86.37
CA ILE H 116 21.53 -2.68 -86.75
C ILE H 116 21.76 -2.20 -88.17
N GLY H 117 20.87 -2.56 -89.09
CA GLY H 117 20.99 -2.08 -90.46
C GLY H 117 20.90 -0.58 -90.56
N ASP H 118 19.99 0.03 -89.80
CA ASP H 118 19.84 1.48 -89.82
C ASP H 118 21.09 2.16 -89.26
N LEU H 119 21.64 1.63 -88.17
CA LEU H 119 22.85 2.20 -87.60
C LEU H 119 24.01 2.10 -88.57
N GLN H 120 24.16 0.97 -89.24
CA GLN H 120 25.20 0.83 -90.26
C GLN H 120 25.00 1.81 -91.41
N ALA H 121 23.76 2.01 -91.83
CA ALA H 121 23.48 2.97 -92.90
C ALA H 121 23.85 4.39 -92.48
N VAL H 122 23.55 4.76 -91.24
CA VAL H 122 23.94 6.09 -90.75
C VAL H 122 25.45 6.21 -90.69
N MET H 123 26.13 5.15 -90.23
CA MET H 123 27.59 5.18 -90.20
C MET H 123 28.17 5.33 -91.59
N ALA H 124 27.49 4.78 -92.60
CA ALA H 124 27.95 4.91 -93.99
C ALA H 124 27.83 6.34 -94.47
N VAL H 125 26.60 6.85 -94.56
CA VAL H 125 26.34 8.23 -94.98
C VAL H 125 25.79 8.99 -93.78
N PRO H 126 26.49 9.99 -93.25
CA PRO H 126 26.02 10.70 -92.05
C PRO H 126 25.09 11.89 -92.32
N ASP H 127 24.12 11.68 -93.20
CA ASP H 127 23.07 12.65 -93.44
C ASP H 127 21.72 11.97 -93.68
N THR H 128 21.70 10.64 -93.60
CA THR H 128 20.48 9.90 -93.87
C THR H 128 19.50 10.05 -92.72
N GLU H 129 18.21 9.86 -93.03
CA GLU H 129 17.15 9.91 -92.04
C GLU H 129 16.49 8.52 -92.00
N THR H 130 16.99 7.67 -91.12
CA THR H 130 16.46 6.33 -90.92
C THR H 130 15.27 6.36 -89.99
N PRO H 131 14.41 5.33 -90.03
CA PRO H 131 13.22 5.33 -89.19
C PRO H 131 13.50 5.38 -87.69
N THR H 132 14.68 4.95 -87.25
CA THR H 132 14.95 4.82 -85.83
C THR H 132 16.18 5.58 -85.34
N PHE H 133 16.84 6.37 -86.19
CA PHE H 133 18.07 7.01 -85.75
C PHE H 133 18.45 8.13 -86.71
N CYS H 134 19.12 9.14 -86.17
CA CYS H 134 19.63 10.25 -86.96
C CYS H 134 20.68 11.00 -86.13
N LEU H 135 21.41 11.90 -86.79
CA LEU H 135 22.45 12.70 -86.17
C LEU H 135 22.16 14.19 -86.34
N HIS H 136 20.91 14.58 -86.13
CA HIS H 136 20.49 15.96 -86.26
C HIS H 136 20.06 16.51 -84.90
N THR H 137 19.79 17.82 -84.87
CA THR H 137 19.24 18.45 -83.68
C THR H 137 17.73 18.33 -83.67
N ASP H 138 17.07 19.05 -82.75
CA ASP H 138 15.62 19.07 -82.69
C ASP H 138 14.97 19.92 -83.78
N VAL H 139 15.67 20.96 -84.25
CA VAL H 139 15.11 21.83 -85.29
C VAL H 139 15.58 21.48 -86.68
N SER H 140 16.33 20.38 -86.84
CA SER H 140 16.81 19.97 -88.16
C SER H 140 16.31 18.60 -88.60
N CYS H 141 15.89 17.75 -87.66
CA CYS H 141 15.30 16.46 -88.05
C CYS H 141 14.00 16.69 -88.83
N ARG H 142 13.85 15.95 -89.93
CA ARG H 142 12.68 16.07 -90.78
C ARG H 142 11.76 14.85 -90.70
N GLN H 143 11.99 13.96 -89.74
CA GLN H 143 11.14 12.78 -89.59
C GLN H 143 9.79 13.20 -89.00
N ARG H 144 8.74 13.08 -89.81
CA ARG H 144 7.39 13.43 -89.35
C ARG H 144 6.88 12.39 -88.36
N ALA H 145 6.18 12.87 -87.33
CA ALA H 145 5.61 12.01 -86.31
C ALA H 145 4.41 12.71 -85.71
N ASP H 146 3.88 12.15 -84.61
CA ASP H 146 2.73 12.72 -83.92
C ASP H 146 2.92 12.88 -82.42
N VAL H 147 3.98 12.33 -81.83
CA VAL H 147 4.23 12.41 -80.40
C VAL H 147 5.71 12.72 -80.18
N ALA H 148 5.97 13.59 -79.19
CA ALA H 148 7.33 13.93 -78.82
C ALA H 148 7.46 13.82 -77.31
N ILE H 149 8.65 13.42 -76.86
CA ILE H 149 8.93 13.25 -75.44
C ILE H 149 10.25 13.93 -75.09
N TYR H 150 10.26 14.64 -73.98
CA TYR H 150 11.45 15.29 -73.45
C TYR H 150 11.76 14.67 -72.10
N GLN H 151 13.02 14.26 -71.90
CA GLN H 151 13.46 13.70 -70.63
C GLN H 151 14.75 14.40 -70.19
N ASP H 152 14.66 15.14 -69.10
CA ASP H 152 15.79 15.87 -68.53
C ASP H 152 16.49 16.75 -69.56
N VAL H 153 15.68 17.46 -70.35
CA VAL H 153 16.17 18.38 -71.37
C VAL H 153 16.00 19.79 -70.85
N TYR H 154 17.10 20.54 -70.78
CA TYR H 154 17.10 21.88 -70.21
C TYR H 154 17.74 22.94 -71.09
N ALA H 155 18.41 22.56 -72.18
CA ALA H 155 19.20 23.48 -72.97
C ALA H 155 18.49 23.98 -74.22
N VAL H 156 17.20 23.68 -74.38
CA VAL H 156 16.45 24.14 -75.55
C VAL H 156 15.47 25.22 -75.12
N HIS H 157 15.15 26.10 -76.07
CA HIS H 157 14.17 27.15 -75.84
C HIS H 157 12.79 26.60 -76.22
N ALA H 158 11.89 26.57 -75.25
CA ALA H 158 10.62 25.84 -75.40
C ALA H 158 9.75 26.32 -76.56
N PRO H 159 9.51 27.62 -76.74
CA PRO H 159 8.63 28.03 -77.86
C PRO H 159 9.15 27.61 -79.24
N THR H 160 10.44 27.83 -79.51
CA THR H 160 10.99 27.45 -80.81
C THR H 160 10.97 25.94 -81.01
N SER H 161 11.32 25.19 -79.97
CA SER H 161 11.31 23.73 -80.08
C SER H 161 9.90 23.20 -80.33
N LEU H 162 8.90 23.76 -79.64
CA LEU H 162 7.53 23.33 -79.85
C LEU H 162 7.01 23.73 -81.23
N TYR H 163 7.39 24.92 -81.70
CA TYR H 163 6.97 25.35 -83.04
C TYR H 163 7.56 24.47 -84.12
N HIS H 164 8.85 24.11 -84.01
CA HIS H 164 9.46 23.25 -85.00
C HIS H 164 8.98 21.80 -84.93
N GLN H 165 8.29 21.43 -83.85
CA GLN H 165 7.65 20.12 -83.77
C GLN H 165 6.20 20.15 -84.25
N ALA H 166 5.53 21.30 -84.13
CA ALA H 166 4.12 21.39 -84.50
C ALA H 166 3.91 21.32 -86.01
N ILE H 167 4.88 21.78 -86.79
CA ILE H 167 4.73 21.87 -88.24
C ILE H 167 5.06 20.51 -88.87
N LYS H 168 5.27 19.50 -88.01
CA LYS H 168 5.58 18.18 -88.52
C LYS H 168 4.52 17.14 -88.17
N GLY H 169 3.31 17.54 -87.80
CA GLY H 169 2.25 16.60 -87.49
C GLY H 169 2.19 16.15 -86.05
N VAL H 170 2.92 16.79 -85.14
CA VAL H 170 2.92 16.43 -83.74
C VAL H 170 1.80 17.19 -83.04
N ARG H 171 0.94 16.47 -82.32
CA ARG H 171 -0.19 17.05 -81.63
C ARG H 171 -0.15 16.85 -80.12
N LEU H 172 0.91 16.24 -79.58
CA LEU H 172 0.97 15.93 -78.16
C LEU H 172 2.43 15.76 -77.76
N ALA H 173 2.81 16.40 -76.64
CA ALA H 173 4.18 16.36 -76.17
C ALA H 173 4.21 16.22 -74.65
N TYR H 174 5.26 15.61 -74.14
CA TYR H 174 5.46 15.41 -72.71
C TYR H 174 6.83 15.95 -72.29
N TRP H 175 6.90 16.40 -71.04
CA TRP H 175 8.14 16.95 -70.48
C TRP H 175 8.26 16.53 -69.03
N VAL H 176 9.33 15.83 -68.69
CA VAL H 176 9.57 15.35 -67.33
C VAL H 176 10.84 16.01 -66.80
N GLY H 177 10.77 16.57 -65.60
CA GLY H 177 11.96 17.21 -65.06
C GLY H 177 11.73 17.82 -63.69
N PHE H 178 12.65 18.71 -63.33
CA PHE H 178 12.60 19.46 -62.08
C PHE H 178 11.56 20.57 -62.15
N ASP H 179 11.03 20.93 -60.98
CA ASP H 179 10.10 22.04 -60.87
C ASP H 179 10.81 23.35 -61.20
N THR H 180 10.13 24.19 -61.98
CA THR H 180 10.66 25.47 -62.43
C THR H 180 10.31 26.61 -61.48
N THR H 181 9.50 26.32 -60.45
CA THR H 181 9.03 27.37 -59.55
C THR H 181 10.15 28.14 -58.84
N PRO H 182 11.20 27.51 -58.30
CA PRO H 182 12.23 28.30 -57.59
C PRO H 182 12.90 29.36 -58.44
N PHE H 183 12.98 29.19 -59.76
CA PHE H 183 13.61 30.18 -60.61
C PHE H 183 12.66 31.30 -61.05
N MET H 184 11.36 31.12 -60.86
CA MET H 184 10.42 32.22 -61.09
C MET H 184 10.44 33.20 -59.92
N TYR H 185 10.83 32.75 -58.74
CA TYR H 185 11.02 33.62 -57.58
C TYR H 185 12.40 34.26 -57.54
N ASN H 186 13.30 33.84 -58.42
CA ASN H 186 14.64 34.44 -58.57
C ASN H 186 15.47 34.28 -57.30
N ALA H 187 15.58 33.04 -56.83
CA ALA H 187 16.41 32.74 -55.67
C ALA H 187 17.87 32.62 -56.09
N MET H 188 18.76 32.65 -55.09
CA MET H 188 20.20 32.58 -55.35
C MET H 188 20.76 31.16 -55.21
N ALA H 189 20.20 30.34 -54.33
CA ALA H 189 20.64 28.96 -54.15
C ALA H 189 19.47 28.15 -53.64
N GLY H 190 19.59 26.83 -53.75
CA GLY H 190 18.48 26.00 -53.32
C GLY H 190 18.82 24.52 -53.30
N ALA H 191 17.86 23.74 -52.83
CA ALA H 191 18.01 22.30 -52.65
C ALA H 191 16.74 21.58 -53.07
N TYR H 192 16.90 20.31 -53.44
CA TYR H 192 15.80 19.36 -53.66
C TYR H 192 16.10 18.17 -52.76
N PRO H 193 15.84 18.30 -51.45
CA PRO H 193 16.42 17.35 -50.49
C PRO H 193 15.96 15.91 -50.64
N SER H 194 14.86 15.65 -51.33
CA SER H 194 14.40 14.28 -51.53
C SER H 194 15.13 13.55 -52.64
N TYR H 195 15.95 14.26 -53.43
CA TYR H 195 16.69 13.64 -54.52
C TYR H 195 18.19 13.89 -54.42
N SER H 196 18.65 14.38 -53.26
CA SER H 196 20.07 14.63 -53.02
C SER H 196 20.66 15.56 -54.08
N THR H 197 20.00 16.71 -54.28
CA THR H 197 20.38 17.66 -55.31
C THR H 197 20.49 19.04 -54.71
N ASN H 198 21.57 19.75 -55.04
CA ASN H 198 21.77 21.14 -54.62
C ASN H 198 22.19 21.99 -55.81
N TRP H 199 21.71 23.23 -55.84
CA TRP H 199 22.08 24.13 -56.93
C TRP H 199 22.43 25.50 -56.37
N ALA H 200 23.35 26.16 -57.06
CA ALA H 200 23.82 27.47 -56.59
C ALA H 200 24.30 28.31 -57.76
N ASP H 201 24.27 29.62 -57.56
CA ASP H 201 24.86 30.57 -58.49
C ASP H 201 26.36 30.67 -58.25
N GLU H 202 27.11 31.07 -59.29
CA GLU H 202 28.56 31.12 -59.18
C GLU H 202 29.08 32.12 -58.16
N GLN H 203 28.36 33.20 -57.91
CA GLN H 203 28.87 34.26 -57.04
C GLN H 203 28.83 33.89 -55.57
N VAL H 204 28.25 32.74 -55.21
CA VAL H 204 28.20 32.26 -53.84
C VAL H 204 28.82 30.87 -53.70
N LEU H 205 29.67 30.46 -54.66
CA LEU H 205 30.28 29.14 -54.57
C LEU H 205 31.32 29.06 -53.45
N LYS H 206 31.82 30.21 -52.99
CA LYS H 206 32.75 30.22 -51.86
C LYS H 206 32.08 30.63 -50.56
N ALA H 207 30.83 30.24 -50.37
CA ALA H 207 30.11 30.49 -49.12
C ALA H 207 30.54 29.46 -48.08
N LYS H 208 29.84 29.41 -46.95
CA LYS H 208 30.23 28.56 -45.84
C LYS H 208 29.20 27.52 -45.47
N ASN H 209 27.91 27.87 -45.39
CA ASN H 209 26.91 27.00 -44.79
C ASN H 209 25.77 26.61 -45.74
N ILE H 210 25.89 26.95 -47.02
CA ILE H 210 24.92 26.46 -48.00
C ILE H 210 25.32 25.05 -48.40
N GLY H 211 24.44 24.34 -49.10
CA GLY H 211 24.67 22.94 -49.40
C GLY H 211 25.69 22.65 -50.48
N LEU H 212 26.15 23.67 -51.20
CA LEU H 212 27.12 23.51 -52.29
C LEU H 212 28.12 24.66 -52.23
N CYS H 213 29.23 24.46 -51.53
CA CYS H 213 30.23 25.51 -51.36
C CYS H 213 31.51 24.91 -50.79
N SER H 214 32.56 25.72 -50.77
CA SER H 214 33.82 25.38 -50.12
C SER H 214 34.53 26.66 -49.73
N THR H 215 35.06 26.70 -48.50
CA THR H 215 35.75 27.88 -47.98
C THR H 215 37.07 27.46 -47.34
N ASP H 216 37.78 28.44 -46.77
CA ASP H 216 39.08 28.23 -46.17
C ASP H 216 39.10 28.77 -44.75
N LEU H 217 40.19 28.46 -44.04
CA LEU H 217 40.44 29.02 -42.72
C LEU H 217 41.24 30.31 -42.84
N THR H 218 40.92 31.28 -41.98
CA THR H 218 41.56 32.58 -42.04
C THR H 218 41.50 33.25 -40.67
N GLU H 219 42.34 34.28 -40.51
CA GLU H 219 42.41 35.04 -39.28
C GLU H 219 41.62 36.34 -39.34
N GLY H 220 41.61 37.01 -40.49
CA GLY H 220 40.88 38.26 -40.62
C GLY H 220 41.77 39.44 -40.97
N ARG H 221 41.63 39.93 -42.20
CA ARG H 221 42.41 41.06 -42.68
C ARG H 221 41.58 42.34 -42.58
N ARG H 222 42.25 43.50 -42.53
CA ARG H 222 41.57 44.78 -42.47
C ARG H 222 41.37 45.42 -43.83
N GLY H 223 41.85 44.81 -44.91
CA GLY H 223 41.72 45.38 -46.23
C GLY H 223 40.78 44.60 -47.13
N ARG H 229 35.06 48.10 -57.22
CA ARG H 229 33.99 48.06 -56.24
C ARG H 229 32.86 47.12 -56.67
N GLY H 230 32.06 46.68 -55.70
CA GLY H 230 30.93 45.82 -55.96
C GLY H 230 29.60 46.51 -55.70
N LYS H 231 29.03 46.25 -54.53
CA LYS H 231 27.78 46.86 -54.07
C LYS H 231 26.57 46.36 -54.85
N LYS H 232 26.76 45.35 -55.69
CA LYS H 232 25.66 44.70 -56.40
C LYS H 232 25.88 43.19 -56.34
N LEU H 233 25.06 42.51 -55.54
CA LEU H 233 25.04 41.06 -55.46
C LEU H 233 23.65 40.61 -55.92
N GLU H 234 23.54 40.25 -57.20
CA GLU H 234 22.26 39.90 -57.80
C GLU H 234 22.43 38.63 -58.61
N PRO H 235 21.35 37.85 -58.78
CA PRO H 235 21.45 36.61 -59.55
C PRO H 235 21.88 36.86 -60.99
N CYS H 236 22.65 35.92 -61.53
N CYS H 236 22.63 35.92 -61.53
CA CYS H 236 23.14 35.99 -62.90
CA CYS H 236 23.13 35.98 -62.90
C CYS H 236 22.68 34.75 -63.67
C CYS H 236 22.66 34.76 -63.66
N ASP H 237 23.07 34.67 -64.93
CA ASP H 237 22.51 33.65 -65.82
C ASP H 237 22.98 32.25 -65.44
N ARG H 238 24.25 32.08 -65.14
CA ARG H 238 24.81 30.74 -65.03
C ARG H 238 24.54 30.14 -63.65
N VAL H 239 24.07 28.88 -63.62
CA VAL H 239 23.76 28.17 -62.39
C VAL H 239 24.39 26.79 -62.45
N LEU H 240 24.81 26.27 -61.29
CA LEU H 240 25.42 24.96 -61.19
C LEU H 240 24.51 24.03 -60.39
N PHE H 241 24.28 22.84 -60.93
CA PHE H 241 23.47 21.80 -60.33
C PHE H 241 24.36 20.62 -59.96
N SER H 242 24.09 20.02 -58.80
CA SER H 242 24.80 18.83 -58.34
C SER H 242 23.75 17.81 -57.91
N VAL H 243 23.62 16.75 -58.70
CA VAL H 243 22.72 15.63 -58.40
C VAL H 243 23.60 14.49 -57.91
N GLY H 244 23.51 14.19 -56.62
CA GLY H 244 24.46 13.27 -56.01
C GLY H 244 25.86 13.82 -56.13
N SER H 245 26.68 13.21 -56.99
CA SER H 245 28.01 13.70 -57.27
C SER H 245 28.20 14.13 -58.72
N THR H 246 27.13 14.23 -59.51
CA THR H 246 27.22 14.62 -60.90
C THR H 246 26.90 16.11 -61.05
N LEU H 247 27.68 16.80 -61.88
CA LEU H 247 27.61 18.25 -62.02
C LEU H 247 27.05 18.62 -63.39
N TYR H 248 26.14 19.59 -63.42
CA TYR H 248 25.53 20.06 -64.65
C TYR H 248 25.45 21.59 -64.62
N PRO H 249 25.99 22.29 -65.62
CA PRO H 249 25.75 23.74 -65.70
C PRO H 249 24.51 24.05 -66.54
N GLU H 250 23.74 25.03 -66.09
CA GLU H 250 22.56 25.47 -66.83
C GLU H 250 22.47 27.00 -66.84
N SER H 251 21.49 27.49 -67.59
CA SER H 251 21.21 28.91 -67.73
C SER H 251 19.81 29.22 -67.20
N ARG H 252 19.65 30.41 -66.62
CA ARG H 252 18.37 30.76 -66.01
C ARG H 252 17.30 31.01 -67.07
N LYS H 253 17.67 31.57 -68.22
CA LYS H 253 16.69 31.91 -69.23
C LYS H 253 16.02 30.66 -69.80
N LEU H 254 16.82 29.65 -70.16
CA LEU H 254 16.26 28.42 -70.70
C LEU H 254 15.48 27.62 -69.67
N LEU H 255 15.82 27.76 -68.38
CA LEU H 255 15.01 27.14 -67.34
C LEU H 255 13.66 27.84 -67.19
N LYS H 256 13.67 29.17 -67.19
CA LYS H 256 12.43 29.94 -67.08
C LYS H 256 11.54 29.78 -68.31
N SER H 257 12.13 29.49 -69.48
CA SER H 257 11.33 29.41 -70.70
C SER H 257 10.34 28.24 -70.68
N TRP H 258 10.51 27.28 -69.77
CA TRP H 258 9.59 26.14 -69.70
C TRP H 258 8.46 26.34 -68.72
N HIS H 259 8.39 27.50 -68.06
CA HIS H 259 7.25 27.82 -67.18
C HIS H 259 6.19 28.47 -68.05
N LEU H 260 5.34 27.61 -68.66
CA LEU H 260 4.39 28.05 -69.69
C LEU H 260 3.02 28.31 -69.09
N PRO H 261 2.28 29.26 -69.66
CA PRO H 261 0.92 29.54 -69.18
C PRO H 261 -0.05 28.44 -69.59
N SER H 262 -1.28 28.56 -69.09
CA SER H 262 -2.31 27.55 -69.38
C SER H 262 -2.73 27.57 -70.84
N VAL H 263 -2.77 28.74 -71.47
CA VAL H 263 -3.15 28.87 -72.87
C VAL H 263 -2.21 29.87 -73.53
N PHE H 264 -1.65 29.50 -74.69
CA PHE H 264 -0.82 30.42 -75.45
C PHE H 264 -0.96 30.13 -76.95
N HIS H 265 -0.36 31.01 -77.75
CA HIS H 265 -0.51 30.99 -79.20
C HIS H 265 0.87 31.00 -79.85
N LEU H 266 1.09 30.11 -80.81
CA LEU H 266 2.29 30.12 -81.63
C LEU H 266 1.89 30.55 -83.05
N LYS H 267 2.23 31.79 -83.41
CA LYS H 267 1.82 32.37 -84.69
C LYS H 267 3.04 32.85 -85.46
N GLY H 268 3.52 32.00 -86.37
CA GLY H 268 4.57 32.38 -87.30
C GLY H 268 4.06 32.42 -88.73
N LYS H 269 4.34 31.37 -89.50
CA LYS H 269 3.74 31.17 -90.81
C LYS H 269 2.43 30.40 -90.65
N LEU H 270 2.46 29.25 -89.99
CA LEU H 270 1.26 28.57 -89.54
C LEU H 270 0.95 28.96 -88.09
N SER H 271 -0.32 28.84 -87.73
CA SER H 271 -0.79 29.28 -86.42
C SER H 271 -1.30 28.09 -85.62
N PHE H 272 -0.99 28.08 -84.33
CA PHE H 272 -1.37 27.01 -83.43
C PHE H 272 -1.80 27.58 -82.09
N THR H 273 -2.72 26.89 -81.43
CA THR H 273 -3.19 27.23 -80.09
C THR H 273 -2.79 26.09 -79.17
N CYS H 274 -2.10 26.41 -78.07
CA CYS H 274 -1.47 25.41 -77.24
C CYS H 274 -1.91 25.57 -75.78
N ARG H 275 -1.94 24.45 -75.07
CA ARG H 275 -2.29 24.41 -73.66
C ARG H 275 -1.24 23.61 -72.90
N CYS H 276 -1.03 23.96 -71.63
CA CYS H 276 -0.08 23.28 -70.77
C CYS H 276 -0.75 22.87 -69.47
N ASP H 277 -0.57 21.61 -69.07
CA ASP H 277 -1.17 21.08 -67.86
C ASP H 277 -0.18 20.18 -67.15
N THR H 278 -0.24 20.18 -65.82
CA THR H 278 0.62 19.34 -64.99
C THR H 278 -0.17 18.14 -64.50
N VAL H 279 0.35 16.94 -64.78
CA VAL H 279 -0.36 15.71 -64.45
C VAL H 279 0.25 14.96 -63.28
N VAL H 280 1.57 14.98 -63.12
CA VAL H 280 2.24 14.27 -62.04
C VAL H 280 3.23 15.22 -61.37
N SER H 281 3.20 15.25 -60.03
CA SER H 281 4.06 16.12 -59.26
C SER H 281 4.49 15.40 -57.99
N CYS H 282 5.80 15.33 -57.75
CA CYS H 282 6.35 14.65 -56.57
C CYS H 282 7.58 15.40 -56.10
N GLU H 283 7.42 16.22 -55.07
CA GLU H 283 8.51 16.82 -54.29
C GLU H 283 9.63 17.40 -55.13
N GLY H 284 9.32 17.90 -56.32
CA GLY H 284 10.34 18.51 -57.15
C GLY H 284 10.31 18.07 -58.60
N TYR H 285 9.85 16.85 -58.87
CA TYR H 285 9.67 16.37 -60.23
C TYR H 285 8.25 16.59 -60.72
N VAL H 286 8.14 17.06 -61.95
CA VAL H 286 6.87 17.32 -62.60
C VAL H 286 6.87 16.71 -63.98
N VAL H 287 5.68 16.28 -64.41
CA VAL H 287 5.41 15.83 -65.77
C VAL H 287 4.36 16.77 -66.35
N LYS H 288 4.68 17.38 -67.50
CA LYS H 288 3.84 18.37 -68.15
C LYS H 288 3.40 17.82 -69.50
N ARG H 289 2.10 17.94 -69.78
CA ARG H 289 1.53 17.50 -71.04
C ARG H 289 1.09 18.73 -71.85
N ILE H 290 1.52 18.80 -73.10
CA ILE H 290 1.22 19.93 -73.98
C ILE H 290 0.47 19.41 -75.20
N THR H 291 -0.66 20.04 -75.52
CA THR H 291 -1.47 19.71 -76.68
C THR H 291 -1.48 20.87 -77.65
N MET H 292 -1.46 20.56 -78.94
CA MET H 292 -1.38 21.57 -79.98
C MET H 292 -2.46 21.35 -81.03
N SER H 293 -2.98 22.46 -81.58
CA SER H 293 -4.05 22.40 -82.56
C SER H 293 -3.93 23.56 -83.54
N PRO H 294 -4.14 23.32 -84.83
CA PRO H 294 -4.02 24.40 -85.82
C PRO H 294 -5.11 25.44 -85.65
N GLY H 295 -4.79 26.69 -85.97
CA GLY H 295 -5.76 27.76 -85.93
C GLY H 295 -5.73 28.58 -84.66
N LEU H 296 -5.94 29.90 -84.78
CA LEU H 296 -5.93 30.78 -83.63
C LEU H 296 -7.32 30.79 -83.00
N TYR H 297 -7.46 30.10 -81.87
CA TYR H 297 -8.70 30.03 -81.13
C TYR H 297 -8.73 31.15 -80.09
N GLY H 298 -9.59 31.12 -79.07
CA GLY H 298 -9.88 32.27 -78.23
C GLY H 298 -8.74 32.87 -77.44
N LYS H 299 -9.09 33.77 -76.51
CA LYS H 299 -8.15 34.71 -75.92
C LYS H 299 -7.31 34.06 -74.84
N THR H 300 -6.25 34.76 -74.45
CA THR H 300 -5.29 34.30 -73.45
C THR H 300 -5.19 35.31 -72.32
N THR H 301 -4.88 34.83 -71.13
CA THR H 301 -4.71 35.70 -69.97
C THR H 301 -3.25 35.95 -69.62
N GLY H 302 -2.40 34.94 -69.72
CA GLY H 302 -0.99 35.08 -69.43
C GLY H 302 -0.58 34.78 -68.00
N TYR H 303 -1.27 33.86 -67.33
CA TYR H 303 -0.98 33.51 -65.95
C TYR H 303 -0.59 32.05 -65.84
N ALA H 304 0.44 31.77 -65.04
CA ALA H 304 0.86 30.42 -64.74
C ALA H 304 0.61 30.11 -63.27
N VAL H 305 0.05 28.94 -63.00
CA VAL H 305 -0.42 28.56 -61.67
C VAL H 305 0.31 27.30 -61.22
N THR H 306 0.73 27.28 -59.97
CA THR H 306 1.41 26.14 -59.35
C THR H 306 0.67 25.76 -58.08
N HIS H 307 0.32 24.48 -57.96
CA HIS H 307 -0.36 23.97 -56.77
C HIS H 307 0.65 23.32 -55.83
N HIS H 308 0.53 23.64 -54.54
CA HIS H 308 1.50 23.20 -53.54
C HIS H 308 0.90 22.08 -52.70
N ALA H 309 1.40 20.85 -52.89
CA ALA H 309 1.03 19.74 -52.01
C ALA H 309 1.90 19.67 -50.77
N ASP H 310 3.06 20.32 -50.79
CA ASP H 310 3.93 20.42 -49.63
C ASP H 310 4.30 21.89 -49.43
N GLY H 311 4.95 22.17 -48.30
CA GLY H 311 5.32 23.55 -48.01
C GLY H 311 6.50 24.02 -48.84
N PHE H 312 6.44 25.28 -49.25
CA PHE H 312 7.52 25.91 -49.99
C PHE H 312 8.00 27.14 -49.24
N LEU H 313 9.30 27.26 -49.01
CA LEU H 313 9.85 28.36 -48.23
C LEU H 313 10.94 29.08 -49.03
N MET H 314 10.97 30.41 -48.88
CA MET H 314 12.05 31.23 -49.41
C MET H 314 12.37 32.29 -48.35
N CYS H 315 13.64 32.36 -47.94
CA CYS H 315 14.00 33.22 -46.82
C CYS H 315 15.34 33.89 -47.05
N LYS H 316 15.52 35.03 -46.39
CA LYS H 316 16.79 35.72 -46.35
C LYS H 316 17.73 35.08 -45.34
N THR H 317 19.02 35.07 -45.65
CA THR H 317 20.02 34.51 -44.77
C THR H 317 21.32 35.30 -44.91
N THR H 318 22.11 35.28 -43.84
CA THR H 318 23.39 35.97 -43.78
C THR H 318 24.51 34.94 -43.72
N ASP H 319 25.48 35.07 -44.62
CA ASP H 319 26.59 34.13 -44.71
C ASP H 319 27.88 34.90 -44.96
N THR H 320 28.98 34.17 -45.04
CA THR H 320 30.28 34.74 -45.35
C THR H 320 30.78 34.12 -46.65
N VAL H 321 31.00 34.96 -47.66
CA VAL H 321 31.50 34.53 -48.96
C VAL H 321 32.91 35.09 -49.09
N ASP H 322 33.90 34.18 -49.15
CA ASP H 322 35.30 34.54 -49.38
C ASP H 322 35.79 35.57 -48.35
N GLY H 323 35.25 35.48 -47.14
CA GLY H 323 35.63 36.33 -46.04
C GLY H 323 34.72 37.52 -45.80
N GLU H 324 33.87 37.86 -46.76
CA GLU H 324 33.02 39.04 -46.65
C GLU H 324 31.60 38.63 -46.26
N ARG H 325 31.03 39.34 -45.29
CA ARG H 325 29.70 39.03 -44.79
C ARG H 325 28.63 39.65 -45.68
N VAL H 326 27.72 38.82 -46.19
CA VAL H 326 26.67 39.25 -47.12
C VAL H 326 25.38 38.54 -46.77
N SER H 327 24.30 38.94 -47.46
CA SER H 327 22.97 38.36 -47.28
C SER H 327 22.36 38.05 -48.63
N PHE H 328 21.63 36.93 -48.71
CA PHE H 328 20.94 36.55 -49.93
C PHE H 328 19.84 35.55 -49.60
N SER H 329 19.08 35.16 -50.62
CA SER H 329 17.86 34.37 -50.45
C SER H 329 18.08 32.90 -50.81
N VAL H 330 17.44 32.02 -50.04
CA VAL H 330 17.53 30.57 -50.23
C VAL H 330 16.12 29.99 -50.13
N CYS H 331 15.83 28.99 -50.97
CA CYS H 331 14.52 28.36 -51.03
C CYS H 331 14.63 26.86 -50.80
N THR H 332 13.53 26.27 -50.32
CA THR H 332 13.51 24.85 -49.97
C THR H 332 12.08 24.34 -49.89
N TYR H 333 11.96 23.02 -49.79
CA TYR H 333 10.69 22.30 -49.66
C TYR H 333 10.60 21.69 -48.27
N VAL H 334 9.40 21.67 -47.71
CA VAL H 334 9.14 21.17 -46.37
C VAL H 334 7.99 20.16 -46.45
N PRO H 335 8.08 19.01 -45.78
CA PRO H 335 6.98 18.04 -45.81
C PRO H 335 5.72 18.59 -45.15
N ALA H 336 4.57 18.04 -45.57
CA ALA H 336 3.28 18.58 -45.14
C ALA H 336 3.00 18.29 -43.66
N THR H 337 3.45 17.14 -43.17
CA THR H 337 3.14 16.76 -41.79
C THR H 337 3.76 17.74 -40.79
N ILE H 338 5.01 18.13 -41.02
CA ILE H 338 5.68 19.09 -40.14
C ILE H 338 4.97 20.43 -40.20
N CYS H 339 4.59 20.87 -41.40
CA CYS H 339 3.87 22.13 -41.54
C CYS H 339 2.55 22.10 -40.77
N ASP H 340 1.82 20.99 -40.86
CA ASP H 340 0.58 20.86 -40.12
C ASP H 340 0.81 20.86 -38.61
N GLN H 341 1.86 20.18 -38.15
CA GLN H 341 2.14 20.12 -36.72
C GLN H 341 2.76 21.39 -36.16
N MET H 342 3.19 22.32 -37.02
CA MET H 342 3.74 23.59 -36.57
C MET H 342 2.70 24.70 -36.45
N THR H 343 1.43 24.40 -36.72
CA THR H 343 0.40 25.43 -36.78
C THR H 343 0.21 26.11 -35.43
N GLY H 344 0.19 25.32 -34.35
CA GLY H 344 -0.08 25.89 -33.03
C GLY H 344 1.01 26.81 -32.53
N ILE H 345 2.27 26.43 -32.77
CA ILE H 345 3.40 27.19 -32.23
C ILE H 345 3.48 28.57 -32.88
N LEU H 346 3.14 28.66 -34.16
CA LEU H 346 3.31 29.89 -34.92
C LEU H 346 2.31 30.98 -34.54
N ALA H 347 1.39 30.70 -33.62
CA ALA H 347 0.43 31.73 -33.19
C ALA H 347 1.14 32.87 -32.47
N THR H 348 2.17 32.56 -31.68
CA THR H 348 2.91 33.57 -30.94
C THR H 348 4.25 33.85 -31.61
N GLU H 349 5.02 34.75 -31.03
CA GLU H 349 6.35 35.10 -31.52
C GLU H 349 7.36 34.19 -30.84
N VAL H 350 8.13 33.47 -31.65
CA VAL H 350 9.07 32.48 -31.14
C VAL H 350 10.48 32.82 -31.64
N THR H 351 11.47 32.44 -30.84
CA THR H 351 12.88 32.60 -31.17
C THR H 351 13.37 31.43 -32.01
N PRO H 352 14.45 31.63 -32.78
CA PRO H 352 14.97 30.51 -33.59
C PRO H 352 15.42 29.32 -32.76
N GLU H 353 15.89 29.52 -31.53
CA GLU H 353 16.34 28.40 -30.71
C GLU H 353 15.19 27.45 -30.37
N ASP H 354 14.07 28.01 -29.89
CA ASP H 354 12.93 27.18 -29.55
C ASP H 354 12.36 26.49 -30.78
N ALA H 355 12.30 27.20 -31.91
CA ALA H 355 11.82 26.58 -33.14
C ALA H 355 12.73 25.43 -33.56
N GLN H 356 14.05 25.61 -33.44
CA GLN H 356 14.98 24.54 -33.79
C GLN H 356 14.78 23.33 -32.89
N LYS H 357 14.62 23.55 -31.58
CA LYS H 357 14.44 22.45 -30.66
C LYS H 357 13.13 21.71 -30.94
N LEU H 358 12.06 22.45 -31.20
CA LEU H 358 10.78 21.83 -31.53
C LEU H 358 10.87 21.02 -32.81
N LEU H 359 11.54 21.57 -33.83
CA LEU H 359 11.70 20.85 -35.09
C LEU H 359 12.51 19.58 -34.91
N VAL H 360 13.56 19.63 -34.09
CA VAL H 360 14.32 18.42 -33.79
C VAL H 360 13.45 17.40 -33.06
N GLY H 361 12.62 17.88 -32.14
CA GLY H 361 11.72 16.97 -31.43
C GLY H 361 10.72 16.28 -32.34
N LEU H 362 10.11 17.03 -33.26
CA LEU H 362 9.14 16.43 -34.18
C LEU H 362 9.81 15.55 -35.22
N ASN H 363 11.01 15.90 -35.66
CA ASN H 363 11.70 15.11 -36.68
C ASN H 363 12.23 13.80 -36.10
N ASN H 377 14.34 9.73 -39.60
CA ASN H 377 14.14 11.15 -39.85
C ASN H 377 13.18 11.37 -41.01
N THR H 378 12.35 12.41 -40.90
CA THR H 378 11.42 12.76 -41.98
C THR H 378 12.03 13.76 -42.95
N MET H 379 12.77 14.75 -42.45
CA MET H 379 13.48 15.70 -43.29
C MET H 379 14.96 15.68 -42.92
N LYS H 380 15.81 16.01 -43.89
CA LYS H 380 17.25 15.99 -43.66
C LYS H 380 17.65 17.07 -42.68
N ASN H 381 18.63 16.76 -41.83
CA ASN H 381 18.99 17.61 -40.69
C ASN H 381 19.75 18.87 -41.09
N TYR H 382 20.39 18.89 -42.26
CA TYR H 382 21.20 20.05 -42.62
C TYR H 382 20.37 21.24 -43.09
N MET H 383 19.07 21.06 -43.30
CA MET H 383 18.21 22.17 -43.71
C MET H 383 17.39 22.77 -42.57
N ILE H 384 17.41 22.16 -41.38
CA ILE H 384 16.62 22.60 -40.24
C ILE H 384 16.95 24.03 -39.79
N PRO H 385 18.23 24.43 -39.68
CA PRO H 385 18.51 25.77 -39.14
C PRO H 385 17.94 26.92 -39.96
N VAL H 386 17.83 26.79 -41.28
CA VAL H 386 17.27 27.89 -42.06
C VAL H 386 15.74 27.85 -42.00
N VAL H 387 15.15 26.67 -41.92
CA VAL H 387 13.70 26.55 -41.78
C VAL H 387 13.25 27.18 -40.46
N ALA H 388 13.99 26.95 -39.37
CA ALA H 388 13.63 27.55 -38.10
C ALA H 388 13.67 29.07 -38.15
N GLN H 389 14.71 29.64 -38.76
CA GLN H 389 14.82 31.09 -38.92
C GLN H 389 13.70 31.66 -39.77
N ALA H 390 13.35 30.96 -40.87
CA ALA H 390 12.26 31.42 -41.71
C ALA H 390 10.93 31.44 -40.96
N PHE H 391 10.65 30.38 -40.20
CA PHE H 391 9.42 30.34 -39.42
C PHE H 391 9.39 31.45 -38.38
N SER H 392 10.52 31.65 -37.68
CA SER H 392 10.57 32.68 -36.65
C SER H 392 10.36 34.07 -37.24
N LYS H 393 10.93 34.34 -38.41
CA LYS H 393 10.72 35.65 -39.04
C LYS H 393 9.32 35.82 -39.59
N TRP H 394 8.69 34.74 -40.10
CA TRP H 394 7.32 34.83 -40.58
C TRP H 394 6.34 35.11 -39.45
N ALA H 395 6.53 34.47 -38.29
CA ALA H 395 5.61 34.66 -37.18
C ALA H 395 5.61 36.10 -36.67
N LYS H 396 6.77 36.77 -36.72
CA LYS H 396 6.85 38.15 -36.27
C LYS H 396 6.17 39.13 -37.23
N GLU H 397 6.36 38.93 -38.54
CA GLU H 397 5.68 39.76 -39.53
C GLU H 397 4.18 39.60 -39.48
N CYS H 398 3.69 38.38 -39.19
CA CYS H 398 2.24 38.22 -39.02
C CYS H 398 1.71 39.08 -37.88
N ARG H 399 2.39 39.07 -36.73
CA ARG H 399 1.95 39.89 -35.60
C ARG H 399 2.05 41.38 -35.92
N LYS H 400 3.12 41.80 -36.62
CA LYS H 400 3.22 43.21 -36.99
C LYS H 400 2.10 43.63 -37.93
N ASP H 401 1.70 42.75 -38.85
CA ASP H 401 0.53 43.05 -39.68
C ASP H 401 -0.74 43.15 -38.83
N MET H 402 -0.87 42.27 -37.83
CA MET H 402 -2.08 42.26 -37.02
C MET H 402 -2.27 43.53 -36.20
N GLU H 403 -1.19 44.23 -35.84
CA GLU H 403 -1.29 45.37 -34.94
C GLU H 403 -1.25 46.72 -35.65
N ASP H 404 -1.41 46.76 -36.97
CA ASP H 404 -1.40 47.99 -37.74
C ASP H 404 -2.66 48.05 -38.62
N GLU H 405 -3.81 47.79 -37.99
CA GLU H 405 -5.07 47.72 -38.69
C GLU H 405 -5.39 49.02 -39.43
N LYS H 406 -6.00 48.87 -40.61
CA LYS H 406 -6.33 49.97 -41.50
C LYS H 406 -7.85 50.07 -41.66
N LEU H 407 -8.28 50.95 -42.55
CA LEU H 407 -9.70 51.13 -42.86
C LEU H 407 -10.05 50.43 -44.16
N LEU H 408 -11.32 50.08 -44.31
CA LEU H 408 -11.78 49.33 -45.46
C LEU H 408 -11.78 50.18 -46.73
N GLY H 409 -11.07 49.71 -47.75
CA GLY H 409 -11.19 50.27 -49.09
C GLY H 409 -10.51 51.59 -49.34
N VAL H 410 -9.61 52.02 -48.47
CA VAL H 410 -8.92 53.30 -48.64
C VAL H 410 -7.43 53.11 -48.48
N ARG H 411 -6.66 53.71 -49.37
CA ARG H 411 -5.21 53.75 -49.30
C ARG H 411 -4.75 55.15 -48.93
N GLU H 412 -3.78 55.24 -48.04
CA GLU H 412 -3.28 56.54 -47.57
C GLU H 412 -1.97 56.87 -48.30
N ARG H 413 -2.03 57.93 -49.09
CA ARG H 413 -0.85 58.44 -49.78
C ARG H 413 -0.79 59.96 -49.70
N ALA H 422 3.31 59.59 -52.33
CA ALA H 422 4.25 58.51 -52.05
C ALA H 422 3.79 57.68 -50.86
N PHE H 423 3.86 56.36 -51.01
CA PHE H 423 3.44 55.43 -49.98
C PHE H 423 4.62 54.60 -49.50
N LYS H 424 4.63 54.30 -48.20
CA LYS H 424 5.73 53.56 -47.60
C LYS H 424 5.61 52.06 -47.91
N LYS H 425 6.77 51.43 -48.12
CA LYS H 425 6.84 49.98 -48.26
C LYS H 425 7.36 49.35 -46.97
N GLN H 426 6.96 48.11 -46.73
CA GLN H 426 7.35 47.38 -45.53
C GLN H 426 8.36 46.30 -45.86
N LYS H 427 8.89 45.69 -44.81
CA LYS H 427 9.90 44.64 -44.95
C LYS H 427 9.25 43.29 -45.23
N THR H 428 9.87 42.52 -46.11
CA THR H 428 9.48 41.14 -46.38
C THR H 428 10.73 40.29 -46.42
N HIS H 429 10.89 39.39 -45.44
CA HIS H 429 12.06 38.53 -45.37
C HIS H 429 11.73 37.05 -45.53
N THR H 430 10.45 36.69 -45.59
CA THR H 430 10.06 35.30 -45.72
C THR H 430 8.84 35.17 -46.62
N VAL H 431 8.89 34.21 -47.53
CA VAL H 431 7.75 33.80 -48.34
C VAL H 431 7.47 32.35 -48.01
N TYR H 432 6.25 32.06 -47.57
CA TYR H 432 5.86 30.74 -47.09
C TYR H 432 4.56 30.35 -47.79
N LYS H 433 4.62 29.29 -48.59
CA LYS H 433 3.45 28.75 -49.29
C LYS H 433 3.09 27.44 -48.62
N ARG H 434 1.99 27.45 -47.87
CA ARG H 434 1.50 26.29 -47.16
C ARG H 434 0.83 25.30 -48.13
N PRO H 435 0.71 24.04 -47.74
CA PRO H 435 0.04 23.06 -48.61
C PRO H 435 -1.42 23.42 -48.84
N ASP H 436 -1.94 23.01 -50.00
CA ASP H 436 -3.29 23.34 -50.48
C ASP H 436 -3.42 24.80 -50.85
N THR H 437 -2.33 25.42 -51.30
CA THR H 437 -2.33 26.78 -51.81
C THR H 437 -1.79 26.79 -53.23
N GLN H 438 -1.84 27.95 -53.86
CA GLN H 438 -1.42 28.10 -55.25
C GLN H 438 -0.67 29.40 -55.44
N SER H 439 0.38 29.33 -56.25
CA SER H 439 1.13 30.50 -56.69
C SER H 439 0.73 30.85 -58.13
N ILE H 440 0.73 32.14 -58.43
CA ILE H 440 0.32 32.63 -59.74
C ILE H 440 1.30 33.70 -60.20
N GLN H 441 1.80 33.56 -61.42
CA GLN H 441 2.78 34.49 -61.98
C GLN H 441 2.36 34.93 -63.37
N LYS H 442 2.79 36.14 -63.75
CA LYS H 442 2.53 36.69 -65.07
C LYS H 442 3.68 36.35 -66.01
N VAL H 443 3.36 35.76 -67.16
CA VAL H 443 4.37 35.36 -68.14
C VAL H 443 3.93 35.77 -69.54
N GLN H 444 4.73 35.44 -70.54
CA GLN H 444 4.43 35.75 -71.93
C GLN H 444 3.49 34.70 -72.52
N ALA H 445 2.58 35.16 -73.37
CA ALA H 445 1.61 34.28 -74.01
C ALA H 445 1.52 34.45 -75.52
N GLU H 446 2.10 35.50 -76.09
CA GLU H 446 2.05 35.75 -77.54
C GLU H 446 3.44 35.51 -78.11
N PHE H 447 3.59 34.42 -78.86
CA PHE H 447 4.88 34.03 -79.44
C PHE H 447 4.77 34.13 -80.95
N ASP H 448 5.73 34.82 -81.56
CA ASP H 448 5.73 34.99 -83.00
C ASP H 448 7.10 34.62 -83.60
N ASP I 2 29.42 -18.69 -53.30
CA ASP I 2 28.72 -17.42 -53.46
C ASP I 2 29.16 -16.35 -52.43
N PRO I 3 29.21 -16.68 -51.13
CA PRO I 3 29.68 -15.69 -50.17
C PRO I 3 31.17 -15.39 -50.36
N VAL I 4 31.56 -14.14 -50.13
CA VAL I 4 32.94 -13.73 -50.23
C VAL I 4 33.53 -13.70 -48.82
N TYR I 5 34.64 -14.40 -48.62
CA TYR I 5 35.27 -14.51 -47.31
C TYR I 5 36.33 -13.44 -47.15
N VAL I 6 36.24 -12.66 -46.09
CA VAL I 6 37.17 -11.57 -45.81
C VAL I 6 37.79 -11.79 -44.44
N ASP I 7 39.03 -11.31 -44.28
CA ASP I 7 39.81 -11.52 -43.06
C ASP I 7 39.48 -10.42 -42.05
N ILE I 8 38.30 -10.55 -41.44
CA ILE I 8 37.88 -9.63 -40.38
C ILE I 8 37.29 -10.47 -39.25
N ASP I 9 37.25 -9.87 -38.05
CA ASP I 9 36.65 -10.53 -36.90
C ASP I 9 35.14 -10.60 -37.06
N ALA I 10 34.53 -11.56 -36.37
CA ALA I 10 33.09 -11.81 -36.52
C ALA I 10 32.28 -10.59 -36.08
N ASP I 11 32.59 -10.03 -34.91
CA ASP I 11 31.86 -8.88 -34.38
C ASP I 11 32.60 -7.58 -34.69
N SER I 12 32.59 -7.21 -35.96
CA SER I 12 33.20 -5.97 -36.43
C SER I 12 32.13 -5.08 -37.05
N ALA I 13 32.14 -3.81 -36.66
CA ALA I 13 31.13 -2.86 -37.14
C ALA I 13 31.36 -2.42 -38.58
N PHE I 14 32.55 -2.61 -39.12
CA PHE I 14 32.84 -2.27 -40.51
C PHE I 14 32.14 -3.20 -41.49
N LEU I 15 31.64 -4.35 -41.02
CA LEU I 15 30.97 -5.31 -41.89
C LEU I 15 29.69 -4.73 -42.47
N LYS I 16 28.88 -4.07 -41.64
CA LYS I 16 27.64 -3.49 -42.13
C LYS I 16 27.92 -2.34 -43.11
N ALA I 17 28.97 -1.56 -42.86
CA ALA I 17 29.39 -0.56 -43.84
C ALA I 17 29.80 -1.22 -45.14
N LEU I 18 30.46 -2.38 -45.06
CA LEU I 18 30.81 -3.12 -46.28
C LEU I 18 29.57 -3.52 -47.06
N GLN I 19 28.54 -4.00 -46.38
CA GLN I 19 27.29 -4.29 -47.09
C GLN I 19 26.67 -3.04 -47.70
N ARG I 20 26.68 -1.94 -46.95
CA ARG I 20 26.09 -0.71 -47.49
C ARG I 20 26.86 -0.23 -48.72
N ALA I 21 28.15 -0.54 -48.78
CA ALA I 21 28.98 -0.12 -49.91
C ALA I 21 28.94 -1.10 -51.07
N TYR I 22 28.71 -2.38 -50.81
CA TYR I 22 28.70 -3.42 -51.85
C TYR I 22 27.43 -4.26 -51.71
N PRO I 23 26.28 -3.71 -52.11
CA PRO I 23 25.03 -4.47 -51.99
C PRO I 23 24.78 -5.42 -53.15
N MET I 24 25.82 -6.17 -53.54
CA MET I 24 25.70 -7.17 -54.59
C MET I 24 26.55 -8.40 -54.27
N PHE I 25 26.97 -8.57 -53.03
CA PHE I 25 27.78 -9.71 -52.61
C PHE I 25 27.33 -10.15 -51.23
N GLU I 26 27.61 -11.41 -50.91
CA GLU I 26 27.43 -11.93 -49.57
C GLU I 26 28.77 -11.93 -48.85
N VAL I 27 28.81 -11.34 -47.66
CA VAL I 27 30.04 -11.13 -46.93
C VAL I 27 30.01 -11.97 -45.65
N GLU I 28 31.05 -12.77 -45.44
CA GLU I 28 31.18 -13.60 -44.26
C GLU I 28 32.58 -13.47 -43.70
N PRO I 29 32.71 -13.21 -42.39
CA PRO I 29 34.05 -13.03 -41.80
C PRO I 29 34.75 -14.35 -41.52
N ARG I 30 36.03 -14.40 -41.88
CA ARG I 30 36.86 -15.60 -41.67
C ARG I 30 38.26 -15.10 -41.27
N GLN I 31 38.50 -15.05 -39.97
CA GLN I 31 39.74 -14.50 -39.45
C GLN I 31 40.86 -15.53 -39.49
N VAL I 32 42.03 -15.12 -39.97
CA VAL I 32 43.19 -16.00 -40.04
C VAL I 32 44.35 -15.39 -39.27
N THR I 33 44.81 -14.21 -39.71
CA THR I 33 45.96 -13.57 -39.11
C THR I 33 45.55 -12.31 -38.35
N PRO I 34 46.32 -11.94 -37.31
CA PRO I 34 46.01 -10.72 -36.54
C PRO I 34 46.62 -9.45 -37.16
N ASN I 35 46.21 -9.15 -38.39
CA ASN I 35 46.71 -7.95 -39.07
C ASN I 35 46.08 -6.71 -38.45
N ASP I 36 46.93 -5.74 -38.12
CA ASP I 36 46.48 -4.52 -37.46
C ASP I 36 45.94 -3.47 -38.43
N HIS I 37 45.99 -3.72 -39.74
CA HIS I 37 45.43 -2.82 -40.73
C HIS I 37 44.64 -3.63 -41.75
N ALA I 38 43.83 -4.56 -41.26
CA ALA I 38 43.17 -5.55 -42.10
C ALA I 38 41.90 -5.06 -42.77
N ASN I 39 41.43 -3.84 -42.44
CA ASN I 39 40.19 -3.35 -43.04
C ASN I 39 40.38 -2.93 -44.49
N ALA I 40 41.59 -2.49 -44.87
CA ALA I 40 41.87 -2.11 -46.24
C ALA I 40 41.79 -3.28 -47.20
N ARG I 41 42.24 -4.46 -46.77
CA ARG I 41 42.20 -5.66 -47.60
C ARG I 41 40.78 -6.05 -47.97
N ALA I 42 39.84 -5.97 -47.03
CA ALA I 42 38.46 -6.33 -47.34
C ALA I 42 37.82 -5.40 -48.36
N PHE I 43 38.25 -4.14 -48.44
CA PHE I 43 37.70 -3.22 -49.43
C PHE I 43 38.36 -3.42 -50.79
N SER I 44 39.69 -3.48 -50.82
CA SER I 44 40.40 -3.75 -52.06
C SER I 44 40.13 -5.15 -52.61
N HIS I 45 39.61 -6.04 -51.77
CA HIS I 45 39.27 -7.41 -52.13
C HIS I 45 37.94 -7.47 -52.88
N LEU I 46 36.95 -6.70 -52.43
CA LEU I 46 35.68 -6.60 -53.13
C LEU I 46 35.76 -5.69 -54.36
N ALA I 47 36.65 -4.70 -54.34
CA ALA I 47 36.74 -3.77 -55.46
C ALA I 47 37.12 -4.49 -56.75
N ILE I 48 38.10 -5.40 -56.67
CA ILE I 48 38.56 -6.11 -57.86
C ILE I 48 37.45 -7.00 -58.41
N LYS I 49 36.70 -7.66 -57.53
CA LYS I 49 35.58 -8.48 -57.97
C LYS I 49 34.51 -7.63 -58.64
N LEU I 50 34.21 -6.46 -58.10
CA LEU I 50 33.25 -5.57 -58.75
C LEU I 50 33.73 -5.16 -60.14
N ILE I 51 35.01 -4.80 -60.24
CA ILE I 51 35.56 -4.37 -61.53
C ILE I 51 35.48 -5.50 -62.54
N GLU I 52 35.84 -6.72 -62.12
CA GLU I 52 35.81 -7.85 -63.04
C GLU I 52 34.39 -8.24 -63.44
N GLN I 53 33.45 -8.17 -62.49
CA GLN I 53 32.06 -8.48 -62.81
C GLN I 53 31.41 -7.41 -63.67
N GLU I 54 31.94 -6.18 -63.70
CA GLU I 54 31.39 -5.15 -64.57
C GLU I 54 32.22 -4.89 -65.81
N ILE I 55 33.19 -5.75 -66.14
CA ILE I 55 34.00 -5.60 -67.34
C ILE I 55 33.67 -6.72 -68.30
N ASP I 56 33.80 -6.45 -69.60
CA ASP I 56 33.46 -7.45 -70.60
C ASP I 56 34.47 -8.61 -70.56
N PRO I 57 34.02 -9.85 -70.78
CA PRO I 57 34.94 -10.98 -70.80
C PRO I 57 35.84 -10.95 -72.03
N ASP I 58 36.94 -11.69 -71.95
CA ASP I 58 37.92 -11.82 -73.03
C ASP I 58 38.49 -10.45 -73.41
N SER I 59 39.07 -9.78 -72.42
CA SER I 59 39.74 -8.51 -72.62
C SER I 59 41.10 -8.55 -71.93
N THR I 60 42.10 -7.93 -72.56
CA THR I 60 43.43 -7.84 -71.99
C THR I 60 43.49 -6.64 -71.05
N ILE I 61 44.09 -6.84 -69.88
CA ILE I 61 44.08 -5.86 -68.80
C ILE I 61 45.50 -5.54 -68.40
N LEU I 62 45.87 -4.27 -68.48
CA LEU I 62 47.15 -3.83 -67.95
C LEU I 62 47.07 -3.68 -66.43
N ASP I 63 48.23 -3.71 -65.79
CA ASP I 63 48.34 -3.58 -64.34
C ASP I 63 49.59 -2.77 -64.02
N ILE I 64 49.38 -1.55 -63.53
CA ILE I 64 50.49 -0.64 -63.23
C ILE I 64 50.94 -0.86 -61.80
N GLY I 65 52.25 -1.12 -61.63
CA GLY I 65 52.81 -1.36 -60.32
C GLY I 65 52.15 -2.52 -59.61
N SER I 66 52.17 -3.70 -60.24
CA SER I 66 51.40 -4.84 -59.77
C SER I 66 52.23 -5.75 -58.87
N ALA I 67 51.52 -6.60 -58.14
CA ALA I 67 52.10 -7.74 -57.44
C ALA I 67 51.58 -9.00 -58.10
N PRO I 68 52.39 -9.68 -58.92
CA PRO I 68 51.85 -10.77 -59.76
C PRO I 68 51.25 -11.93 -58.97
N ALA I 69 51.60 -12.08 -57.69
CA ALA I 69 51.03 -13.14 -56.89
C ALA I 69 49.52 -13.00 -56.71
N ARG I 70 49.00 -11.77 -56.74
CA ARG I 70 47.56 -11.57 -56.57
C ARG I 70 46.78 -11.99 -57.81
N ARG I 71 47.37 -11.81 -59.00
CA ARG I 71 46.70 -12.12 -60.26
C ARG I 71 47.19 -13.41 -60.88
N MET I 72 47.50 -14.41 -60.06
CA MET I 72 47.99 -15.70 -60.55
C MET I 72 46.88 -16.74 -60.70
N MET I 73 46.01 -16.88 -59.69
CA MET I 73 44.94 -17.85 -59.71
C MET I 73 43.63 -17.28 -60.25
N SER I 74 43.70 -16.23 -61.07
CA SER I 74 42.50 -15.66 -61.67
C SER I 74 42.20 -16.35 -63.00
N ASP I 75 41.23 -15.81 -63.74
CA ASP I 75 40.89 -16.40 -65.03
C ASP I 75 40.84 -15.39 -66.17
N ARG I 76 41.42 -14.20 -66.01
CA ARG I 76 41.44 -13.19 -67.05
C ARG I 76 42.88 -12.87 -67.43
N LYS I 77 43.06 -12.39 -68.66
CA LYS I 77 44.39 -12.16 -69.23
C LYS I 77 44.93 -10.82 -68.73
N TYR I 78 45.73 -10.85 -67.67
CA TYR I 78 46.42 -9.66 -67.20
C TYR I 78 47.77 -9.50 -67.88
N HIS I 79 48.32 -8.30 -67.78
CA HIS I 79 49.69 -8.01 -68.17
C HIS I 79 50.29 -7.12 -67.11
N CYS I 80 51.24 -7.66 -66.34
CA CYS I 80 51.75 -7.00 -65.15
C CYS I 80 52.98 -6.18 -65.49
N VAL I 81 52.93 -4.88 -65.20
CA VAL I 81 54.07 -3.99 -65.34
C VAL I 81 54.74 -3.89 -63.98
N CYS I 82 55.94 -4.49 -63.86
CA CYS I 82 56.60 -4.65 -62.56
C CYS I 82 58.02 -4.10 -62.65
N PRO I 83 58.19 -2.79 -62.57
CA PRO I 83 59.52 -2.22 -62.47
C PRO I 83 60.10 -2.42 -61.08
N MET I 84 61.42 -2.32 -60.98
CA MET I 84 62.14 -2.48 -59.73
C MET I 84 62.58 -1.08 -59.26
N ARG I 85 61.68 -0.42 -58.51
CA ARG I 85 61.95 0.93 -58.02
C ARG I 85 61.84 1.06 -56.51
N SER I 86 61.27 0.07 -55.83
CA SER I 86 61.12 0.11 -54.38
C SER I 86 61.85 -1.08 -53.75
N ALA I 87 62.19 -0.91 -52.47
CA ALA I 87 62.97 -1.92 -51.76
C ALA I 87 62.21 -3.22 -51.53
N GLU I 88 60.89 -3.23 -51.73
CA GLU I 88 60.06 -4.39 -51.47
C GLU I 88 59.71 -5.18 -52.72
N ASP I 89 60.30 -4.84 -53.87
CA ASP I 89 60.03 -5.50 -55.14
C ASP I 89 60.73 -6.85 -55.30
N PRO I 90 62.03 -6.98 -54.94
CA PRO I 90 62.67 -8.30 -55.09
C PRO I 90 61.98 -9.41 -54.34
N GLU I 91 61.47 -9.14 -53.14
CA GLU I 91 60.70 -10.13 -52.40
C GLU I 91 59.40 -10.49 -53.10
N ARG I 92 58.72 -9.53 -53.72
CA ARG I 92 57.54 -9.83 -54.52
C ARG I 92 57.87 -10.73 -55.71
N LEU I 93 58.97 -10.44 -56.41
CA LEU I 93 59.39 -11.29 -57.52
C LEU I 93 59.75 -12.69 -57.05
N ALA I 94 60.47 -12.80 -55.92
CA ALA I 94 60.78 -14.11 -55.35
C ALA I 94 59.54 -14.88 -54.95
N ASN I 95 58.55 -14.22 -54.36
CA ASN I 95 57.28 -14.85 -54.01
C ASN I 95 56.52 -15.34 -55.23
N TYR I 96 56.47 -14.52 -56.29
CA TYR I 96 55.87 -14.97 -57.55
C TYR I 96 56.59 -16.19 -58.10
N ALA I 97 57.93 -16.17 -58.07
CA ALA I 97 58.70 -17.32 -58.56
C ALA I 97 58.41 -18.57 -57.74
N ARG I 98 58.33 -18.43 -56.42
CA ARG I 98 58.09 -19.59 -55.58
C ARG I 98 56.71 -20.19 -55.82
N LYS I 99 55.67 -19.35 -55.87
CA LYS I 99 54.35 -19.93 -56.11
C LYS I 99 54.13 -20.32 -57.57
N LEU I 100 54.98 -19.87 -58.49
CA LEU I 100 54.96 -20.43 -59.83
C LEU I 100 55.59 -21.81 -59.86
N ALA I 101 56.69 -22.00 -59.11
CA ALA I 101 57.35 -23.29 -59.06
C ALA I 101 56.58 -24.31 -58.24
N SER I 102 55.78 -23.86 -57.28
CA SER I 102 55.04 -24.76 -56.39
C SER I 102 53.76 -25.31 -57.01
N ALA I 103 53.43 -24.89 -58.24
CA ALA I 103 52.25 -25.37 -58.93
C ALA I 103 52.56 -25.73 -60.38
N ALA I 104 53.66 -26.46 -60.59
CA ALA I 104 54.11 -26.81 -61.93
C ALA I 104 53.09 -27.68 -62.66
N GLY I 105 52.54 -28.68 -61.97
CA GLY I 105 51.58 -29.57 -62.60
C GLY I 105 50.38 -29.90 -61.74
N LYS I 106 50.41 -29.42 -60.49
CA LYS I 106 49.28 -29.66 -59.59
C LYS I 106 48.02 -28.94 -60.08
N VAL I 107 48.19 -27.71 -60.57
CA VAL I 107 47.09 -26.93 -61.14
C VAL I 107 47.33 -26.77 -62.63
N LEU I 108 46.30 -27.04 -63.42
CA LEU I 108 46.43 -26.95 -64.87
C LEU I 108 45.29 -26.15 -65.48
N ASP I 109 44.32 -25.74 -64.66
CA ASP I 109 43.20 -24.94 -65.12
C ASP I 109 43.68 -23.54 -65.50
N ARG I 110 44.84 -23.14 -64.96
CA ARG I 110 45.41 -21.83 -65.23
C ARG I 110 46.35 -21.88 -66.43
N ASN I 111 47.11 -20.80 -66.64
CA ASN I 111 48.10 -20.70 -67.69
C ASN I 111 49.50 -20.72 -67.08
N ILE I 112 49.70 -21.64 -66.12
CA ILE I 112 50.93 -21.64 -65.32
C ILE I 112 52.15 -21.91 -66.19
N SER I 113 52.03 -22.85 -67.14
CA SER I 113 53.15 -23.18 -68.00
C SER I 113 53.57 -21.98 -68.84
N GLY I 114 52.59 -21.27 -69.41
CA GLY I 114 52.91 -20.08 -70.18
C GLY I 114 53.54 -18.99 -69.34
N LYS I 115 53.03 -18.81 -68.13
CA LYS I 115 53.60 -17.80 -67.23
C LYS I 115 55.04 -18.13 -66.87
N ILE I 116 55.32 -19.40 -66.59
CA ILE I 116 56.68 -19.82 -66.25
C ILE I 116 57.61 -19.61 -67.44
N GLY I 117 57.16 -19.99 -68.64
CA GLY I 117 57.96 -19.77 -69.81
C GLY I 117 58.23 -18.29 -70.07
N ASP I 118 57.22 -17.46 -69.88
CA ASP I 118 57.39 -16.02 -70.07
C ASP I 118 58.38 -15.44 -69.06
N LEU I 119 58.26 -15.87 -67.80
CA LEU I 119 59.19 -15.38 -66.78
C LEU I 119 60.61 -15.79 -67.09
N GLN I 120 60.81 -17.04 -67.54
CA GLN I 120 62.14 -17.48 -67.94
C GLN I 120 62.66 -16.68 -69.13
N ALA I 121 61.80 -16.37 -70.10
CA ALA I 121 62.21 -15.56 -71.23
C ALA I 121 62.64 -14.17 -70.79
N VAL I 122 61.91 -13.55 -69.87
CA VAL I 122 62.30 -12.24 -69.36
C VAL I 122 63.62 -12.32 -68.61
N MET I 123 63.81 -13.39 -67.82
CA MET I 123 65.08 -13.56 -67.12
C MET I 123 66.23 -13.73 -68.10
N ALA I 124 65.97 -14.34 -69.26
CA ALA I 124 67.00 -14.50 -70.27
C ALA I 124 67.39 -13.16 -70.89
N VAL I 125 66.46 -12.51 -71.57
CA VAL I 125 66.70 -11.20 -72.17
C VAL I 125 65.83 -10.19 -71.42
N PRO I 126 66.43 -9.23 -70.70
CA PRO I 126 65.62 -8.27 -69.90
C PRO I 126 65.17 -7.03 -70.68
N ASP I 127 64.66 -7.25 -71.89
CA ASP I 127 64.05 -6.17 -72.67
C ASP I 127 62.83 -6.68 -73.41
N THR I 128 62.55 -7.98 -73.30
CA THR I 128 61.44 -8.57 -74.05
C THR I 128 60.10 -8.10 -73.50
N GLU I 129 59.07 -8.16 -74.34
CA GLU I 129 57.71 -7.80 -73.97
C GLU I 129 56.85 -9.05 -74.13
N THR I 130 56.66 -9.78 -73.04
CA THR I 130 55.86 -10.99 -73.02
C THR I 130 54.40 -10.65 -72.77
N PRO I 131 53.49 -11.57 -73.09
CA PRO I 131 52.05 -11.31 -72.89
C PRO I 131 51.68 -10.97 -71.46
N THR I 132 52.40 -11.51 -70.47
CA THR I 132 51.98 -11.41 -69.08
C THR I 132 53.00 -10.76 -68.16
N PHE I 133 54.13 -10.27 -68.67
CA PHE I 133 55.14 -9.76 -67.76
C PHE I 133 56.12 -8.88 -68.53
N CYS I 134 56.68 -7.90 -67.84
CA CYS I 134 57.69 -7.00 -68.40
C CYS I 134 58.40 -6.30 -67.26
N LEU I 135 59.48 -5.60 -67.60
CA LEU I 135 60.31 -4.87 -66.63
C LEU I 135 60.45 -3.41 -67.05
N HIS I 136 59.34 -2.79 -67.42
CA HIS I 136 59.35 -1.43 -67.93
C HIS I 136 58.55 -0.51 -67.02
N THR I 137 58.65 0.79 -67.30
CA THR I 137 57.88 1.80 -66.58
C THR I 137 56.50 1.90 -67.21
N ASP I 138 55.58 2.67 -66.62
CA ASP I 138 54.25 2.84 -67.18
C ASP I 138 54.23 3.63 -68.47
N VAL I 139 55.19 4.54 -68.66
CA VAL I 139 55.27 5.32 -69.90
C VAL I 139 56.21 4.70 -70.93
N SER I 140 56.73 3.51 -70.68
CA SER I 140 57.64 2.86 -71.61
C SER I 140 57.17 1.48 -72.07
N CYS I 141 56.24 0.85 -71.36
CA CYS I 141 55.66 -0.41 -71.84
C CYS I 141 54.92 -0.18 -73.15
N ARG I 142 55.17 -1.05 -74.13
CA ARG I 142 54.55 -0.94 -75.45
C ARG I 142 53.48 -1.99 -75.70
N GLN I 143 53.03 -2.69 -74.66
CA GLN I 143 51.99 -3.69 -74.82
C GLN I 143 50.63 -3.01 -74.96
N ARG I 144 50.03 -3.12 -76.15
CA ARG I 144 48.74 -2.50 -76.41
C ARG I 144 47.64 -3.27 -75.70
N ALA I 145 46.65 -2.54 -75.18
CA ALA I 145 45.53 -3.12 -74.48
C ALA I 145 44.35 -2.17 -74.56
N ASP I 146 43.29 -2.47 -73.81
CA ASP I 146 42.11 -1.62 -73.78
C ASP I 146 41.63 -1.25 -72.38
N VAL I 147 42.18 -1.84 -71.32
CA VAL I 147 41.78 -1.56 -69.95
C VAL I 147 43.03 -1.45 -69.09
N ALA I 148 43.02 -0.48 -68.18
CA ALA I 148 44.12 -0.28 -67.25
C ALA I 148 43.54 -0.17 -65.84
N ILE I 149 44.31 -0.65 -64.85
CA ILE I 149 43.89 -0.64 -63.46
C ILE I 149 45.02 -0.09 -62.60
N TYR I 150 44.66 0.77 -61.66
CA TYR I 150 45.59 1.32 -60.68
C TYR I 150 45.14 0.91 -59.30
N GLN I 151 46.05 0.37 -58.51
CA GLN I 151 45.77 -0.03 -57.14
C GLN I 151 46.84 0.53 -56.20
N ASP I 152 46.44 1.44 -55.32
CA ASP I 152 47.33 2.06 -54.34
C ASP I 152 48.57 2.66 -55.01
N VAL I 153 48.35 3.33 -56.14
CA VAL I 153 49.41 3.97 -56.90
C VAL I 153 49.33 5.47 -56.64
N TYR I 154 50.38 6.04 -56.05
CA TYR I 154 50.39 7.44 -55.65
C TYR I 154 51.55 8.24 -56.21
N ALA I 155 52.54 7.61 -56.83
CA ALA I 155 53.76 8.28 -57.23
C ALA I 155 53.82 8.64 -58.71
N VAL I 156 52.70 8.53 -59.43
CA VAL I 156 52.66 8.88 -60.85
C VAL I 156 51.85 10.15 -61.02
N HIS I 157 52.19 10.91 -62.07
CA HIS I 157 51.44 12.12 -62.42
C HIS I 157 50.30 11.71 -63.35
N ALA I 158 49.07 11.95 -62.93
CA ALA I 158 47.89 11.40 -63.60
C ALA I 158 47.75 11.81 -65.06
N PRO I 159 47.89 13.09 -65.45
CA PRO I 159 47.69 13.43 -66.87
C PRO I 159 48.66 12.72 -67.81
N THR I 160 49.95 12.71 -67.49
CA THR I 160 50.93 12.06 -68.36
C THR I 160 50.70 10.55 -68.42
N SER I 161 50.41 9.93 -67.28
CA SER I 161 50.17 8.50 -67.24
C SER I 161 48.95 8.13 -68.07
N LEU I 162 47.87 8.91 -67.96
CA LEU I 162 46.66 8.65 -68.75
C LEU I 162 46.88 8.90 -70.23
N TYR I 163 47.65 9.94 -70.59
CA TYR I 163 47.93 10.21 -71.99
C TYR I 163 48.75 9.09 -72.62
N HIS I 164 49.74 8.58 -71.90
CA HIS I 164 50.55 7.48 -72.42
C HIS I 164 49.79 6.16 -72.46
N GLN I 165 48.65 6.06 -71.79
CA GLN I 165 47.79 4.89 -71.91
C GLN I 165 46.74 5.05 -73.01
N ALA I 166 46.31 6.27 -73.28
CA ALA I 166 45.25 6.50 -74.26
C ALA I 166 45.71 6.23 -75.69
N ILE I 167 46.99 6.43 -75.97
CA ILE I 167 47.51 6.29 -77.33
C ILE I 167 47.80 4.82 -77.63
N LYS I 168 47.43 3.94 -76.69
CA LYS I 168 47.67 2.52 -76.89
C LYS I 168 46.39 1.71 -77.00
N GLY I 169 45.25 2.34 -77.26
CA GLY I 169 44.00 1.61 -77.40
C GLY I 169 43.20 1.44 -76.14
N VAL I 170 43.60 2.08 -75.05
CA VAL I 170 42.90 1.97 -73.77
C VAL I 170 41.77 2.98 -73.73
N ARG I 171 40.55 2.51 -73.45
CA ARG I 171 39.38 3.36 -73.42
C ARG I 171 38.70 3.40 -72.06
N LEU I 172 39.27 2.76 -71.04
CA LEU I 172 38.63 2.67 -69.73
C LEU I 172 39.70 2.38 -68.69
N ALA I 173 39.65 3.12 -67.57
CA ALA I 173 40.64 2.96 -66.52
C ALA I 173 39.97 3.07 -65.16
N TYR I 174 40.56 2.41 -64.17
CA TYR I 174 40.06 2.41 -62.79
C TYR I 174 41.16 2.82 -61.83
N TRP I 175 40.75 3.45 -60.73
CA TRP I 175 41.69 3.91 -59.71
C TRP I 175 41.07 3.70 -58.34
N VAL I 176 41.72 2.92 -57.49
CA VAL I 176 41.23 2.63 -56.14
C VAL I 176 42.25 3.16 -55.14
N GLY I 177 41.78 3.95 -54.17
CA GLY I 177 42.71 4.49 -53.21
C GLY I 177 42.04 5.34 -52.15
N PHE I 178 42.87 6.15 -51.49
CA PHE I 178 42.41 7.08 -50.46
C PHE I 178 41.75 8.31 -51.09
N ASP I 179 40.84 8.92 -50.33
CA ASP I 179 40.21 10.15 -50.76
C ASP I 179 41.23 11.29 -50.81
N THR I 180 41.16 12.07 -51.89
CA THR I 180 42.08 13.18 -52.13
C THR I 180 41.56 14.49 -51.53
N THR I 181 40.36 14.48 -50.98
CA THR I 181 39.75 15.72 -50.49
C THR I 181 40.57 16.42 -49.40
N PRO I 182 41.14 15.76 -48.39
CA PRO I 182 41.87 16.49 -47.35
C PRO I 182 43.06 17.29 -47.87
N PHE I 183 43.65 16.91 -48.99
CA PHE I 183 44.78 17.65 -49.55
C PHE I 183 44.36 18.79 -50.46
N MET I 184 43.11 18.82 -50.89
CA MET I 184 42.59 19.99 -51.60
C MET I 184 42.32 21.15 -50.66
N TYR I 185 42.01 20.85 -49.39
CA TYR I 185 41.84 21.86 -48.37
C TYR I 185 43.16 22.30 -47.76
N ASN I 186 44.26 21.62 -48.10
CA ASN I 186 45.60 21.99 -47.65
C ASN I 186 45.73 21.95 -46.12
N ALA I 187 45.40 20.79 -45.55
CA ALA I 187 45.53 20.58 -44.13
C ALA I 187 46.97 20.21 -43.75
N MET I 188 47.26 20.30 -42.45
CA MET I 188 48.61 20.02 -41.96
C MET I 188 48.79 18.57 -41.53
N ALA I 189 47.75 17.94 -40.96
CA ALA I 189 47.81 16.55 -40.53
C ALA I 189 46.39 16.00 -40.51
N GLY I 190 46.28 14.68 -40.47
CA GLY I 190 44.95 14.10 -40.50
C GLY I 190 44.95 12.61 -40.22
N ALA I 191 43.75 12.05 -40.18
CA ALA I 191 43.53 10.65 -39.85
C ALA I 191 42.45 10.05 -40.74
N TYR I 192 42.50 8.72 -40.89
CA TYR I 192 41.45 7.92 -41.52
C TYR I 192 41.08 6.86 -40.48
N PRO I 193 40.31 7.23 -39.45
CA PRO I 193 40.20 6.39 -38.25
C PRO I 193 39.58 5.02 -38.48
N SER I 194 38.85 4.80 -39.58
CA SER I 194 38.25 3.51 -39.84
C SER I 194 39.24 2.49 -40.42
N TYR I 195 40.42 2.95 -40.85
CA TYR I 195 41.43 2.05 -41.42
C TYR I 195 42.74 2.09 -40.64
N SER I 196 42.74 2.70 -39.46
CA SER I 196 43.92 2.78 -38.60
C SER I 196 45.09 3.43 -39.33
N THR I 197 44.83 4.60 -39.90
CA THR I 197 45.82 5.32 -40.71
C THR I 197 45.92 6.75 -40.23
N ASN I 198 47.17 7.22 -40.06
CA ASN I 198 47.42 8.61 -39.70
C ASN I 198 48.48 9.19 -40.62
N TRP I 199 48.30 10.46 -41.00
CA TRP I 199 49.28 11.11 -41.87
C TRP I 199 49.61 12.48 -41.31
N ALA I 200 50.84 12.91 -41.56
CA ALA I 200 51.29 14.19 -41.02
C ALA I 200 52.37 14.80 -41.91
N ASP I 201 52.45 16.12 -41.84
CA ASP I 201 53.55 16.86 -42.46
C ASP I 201 54.84 16.64 -41.69
N GLU I 202 55.97 16.79 -42.39
CA GLU I 202 57.27 16.52 -41.79
C GLU I 202 57.63 17.54 -40.71
N GLN I 203 57.10 18.75 -40.76
CA GLN I 203 57.48 19.80 -39.82
C GLN I 203 56.76 19.71 -38.49
N VAL I 204 55.80 18.80 -38.34
CA VAL I 204 55.07 18.63 -37.08
C VAL I 204 55.23 17.24 -36.50
N LEU I 205 56.31 16.53 -36.86
CA LEU I 205 56.50 15.17 -36.36
C LEU I 205 56.87 15.15 -34.88
N LYS I 206 57.34 16.28 -34.34
CA LYS I 206 57.65 16.37 -32.91
C LYS I 206 56.55 17.08 -32.12
N ALA I 207 55.30 16.90 -32.51
CA ALA I 207 54.17 17.46 -31.77
C ALA I 207 53.88 16.57 -30.56
N LYS I 208 52.77 16.82 -29.89
CA LYS I 208 52.44 16.11 -28.65
C LYS I 208 51.16 15.29 -28.72
N ASN I 209 50.07 15.84 -29.26
CA ASN I 209 48.77 15.20 -29.12
C ASN I 209 48.12 14.87 -30.47
N ILE I 210 48.86 14.95 -31.57
CA ILE I 210 48.35 14.46 -32.86
C ILE I 210 48.58 12.96 -32.91
N GLY I 211 47.98 12.28 -33.88
CA GLY I 211 48.02 10.84 -33.93
C GLY I 211 49.34 10.23 -34.36
N LEU I 212 50.26 11.04 -34.88
CA LEU I 212 51.55 10.56 -35.36
C LEU I 212 52.63 11.55 -34.94
N CYS I 213 53.25 11.32 -33.78
CA CYS I 213 54.27 12.21 -33.25
C CYS I 213 55.00 11.53 -32.11
N SER I 214 56.09 12.18 -31.67
CA SER I 214 56.82 11.77 -30.47
C SER I 214 57.52 13.00 -29.91
N THR I 215 57.46 13.16 -28.59
CA THR I 215 58.07 14.30 -27.91
C THR I 215 58.86 13.82 -26.69
N ASP I 216 59.42 14.76 -25.95
CA ASP I 216 60.27 14.48 -24.80
C ASP I 216 59.75 15.24 -23.58
N LEU I 217 60.33 14.90 -22.43
CA LEU I 217 60.07 15.62 -21.18
C LEU I 217 61.09 16.74 -21.03
N THR I 218 60.62 17.87 -20.47
CA THR I 218 61.47 19.04 -20.35
C THR I 218 60.96 19.93 -19.23
N GLU I 219 61.81 20.87 -18.81
CA GLU I 219 61.48 21.80 -17.74
C GLU I 219 61.06 23.18 -18.26
N GLY I 220 61.69 23.65 -19.33
CA GLY I 220 61.36 24.95 -19.88
C GLY I 220 62.51 25.95 -19.85
N ARG I 221 63.05 26.26 -21.02
CA ARG I 221 64.18 27.17 -21.15
C ARG I 221 63.70 28.56 -21.57
N ARG I 222 64.47 29.59 -21.23
CA ARG I 222 64.15 30.96 -21.59
C ARG I 222 64.74 31.39 -22.93
N GLY I 223 65.54 30.54 -23.58
CA GLY I 223 66.17 30.89 -24.84
C GLY I 223 65.38 30.43 -26.05
N ARG I 229 65.76 32.81 -38.16
CA ARG I 229 64.39 33.00 -37.68
C ARG I 229 63.39 32.16 -38.48
N GLY I 230 62.21 31.97 -37.90
CA GLY I 230 61.14 31.22 -38.54
C GLY I 230 59.96 32.09 -38.90
N LYS I 231 58.94 32.07 -38.06
CA LYS I 231 57.73 32.89 -38.18
C LYS I 231 56.82 32.45 -39.33
N LYS I 232 57.21 31.41 -40.04
CA LYS I 232 56.48 30.89 -41.21
C LYS I 232 56.28 29.39 -41.01
N LEU I 233 55.05 28.98 -40.68
CA LEU I 233 54.70 27.58 -40.52
C LEU I 233 53.59 27.28 -41.54
N GLU I 234 53.97 26.67 -42.66
CA GLU I 234 53.04 26.40 -43.75
C GLU I 234 53.30 25.00 -44.27
N PRO I 235 52.28 24.36 -44.86
CA PRO I 235 52.46 23.01 -45.39
C PRO I 235 53.53 22.95 -46.48
N CYS I 236 54.23 21.82 -46.52
N CYS I 236 54.23 21.82 -46.53
CA CYS I 236 55.29 21.57 -47.49
CA CYS I 236 55.27 21.58 -47.52
C CYS I 236 54.96 20.32 -48.31
C CYS I 236 54.95 20.33 -48.33
N ASP I 237 55.86 19.98 -49.24
CA ASP I 237 55.59 18.90 -50.18
C ASP I 237 55.57 17.53 -49.51
N ARG I 238 56.53 17.27 -48.63
CA ARG I 238 56.72 15.90 -48.13
C ARG I 238 55.73 15.58 -47.01
N VAL I 239 55.05 14.44 -47.13
CA VAL I 239 54.06 13.99 -46.17
C VAL I 239 54.36 12.53 -45.82
N LEU I 240 54.08 12.16 -44.57
CA LEU I 240 54.30 10.80 -44.10
C LEU I 240 52.96 10.15 -43.76
N PHE I 241 52.76 8.93 -44.26
CA PHE I 241 51.57 8.12 -44.02
C PHE I 241 51.95 6.92 -43.17
N SER I 242 51.07 6.54 -42.25
CA SER I 242 51.25 5.35 -41.43
C SER I 242 49.95 4.57 -41.44
N VAL I 243 49.97 3.41 -42.11
CA VAL I 243 48.84 2.50 -42.17
C VAL I 243 49.16 1.35 -41.24
N GLY I 244 48.46 1.26 -40.11
CA GLY I 244 48.85 0.34 -39.07
C GLY I 244 50.24 0.66 -38.57
N SER I 245 51.21 -0.19 -38.92
CA SER I 245 52.61 0.07 -38.60
C SER I 245 53.49 0.21 -39.84
N THR I 246 52.90 0.34 -41.03
CA THR I 246 53.68 0.49 -42.25
C THR I 246 53.75 1.97 -42.65
N LEU I 247 54.93 2.41 -43.06
CA LEU I 247 55.22 3.81 -43.32
C LEU I 247 55.40 4.04 -44.82
N TYR I 248 54.81 5.12 -45.33
CA TYR I 248 54.90 5.48 -46.74
C TYR I 248 55.16 6.97 -46.87
N PRO I 249 56.25 7.40 -47.51
CA PRO I 249 56.42 8.83 -47.80
C PRO I 249 55.79 9.19 -49.14
N GLU I 250 55.15 10.36 -49.18
CA GLU I 250 54.46 10.80 -50.38
C GLU I 250 54.65 12.30 -50.58
N SER I 251 54.25 12.77 -51.76
CA SER I 251 54.34 14.17 -52.17
C SER I 251 52.96 14.74 -52.38
N ARG I 252 52.79 16.03 -52.07
CA ARG I 252 51.49 16.66 -52.15
C ARG I 252 51.05 16.88 -53.60
N LYS I 253 51.99 17.20 -54.49
CA LYS I 253 51.64 17.49 -55.87
C LYS I 253 51.06 16.27 -56.57
N LEU I 254 51.71 15.12 -56.44
CA LEU I 254 51.22 13.90 -57.07
C LEU I 254 49.92 13.41 -56.45
N LEU I 255 49.69 13.68 -55.16
CA LEU I 255 48.41 13.35 -54.55
C LEU I 255 47.30 14.24 -55.11
N LYS I 256 47.56 15.55 -55.22
CA LYS I 256 46.56 16.47 -55.76
C LYS I 256 46.29 16.25 -57.24
N SER I 257 47.26 15.71 -57.97
CA SER I 257 47.08 15.54 -59.41
C SER I 257 45.97 14.55 -59.77
N TRP I 258 45.52 13.74 -58.82
CA TRP I 258 44.47 12.77 -59.08
C TRP I 258 43.07 13.29 -58.74
N HIS I 259 42.95 14.55 -58.31
CA HIS I 259 41.65 15.17 -58.09
C HIS I 259 41.22 15.82 -59.40
N LEU I 260 40.65 15.00 -60.29
CA LEU I 260 40.35 15.40 -61.66
C LEU I 260 38.94 15.94 -61.79
N PRO I 261 38.72 16.88 -62.71
CA PRO I 261 37.36 17.40 -62.93
C PRO I 261 36.49 16.41 -63.67
N SER I 262 35.22 16.79 -63.82
CA SER I 262 34.25 15.91 -64.47
C SER I 262 34.55 15.74 -65.96
N VAL I 263 35.02 16.79 -66.63
CA VAL I 263 35.34 16.75 -68.05
C VAL I 263 36.66 17.47 -68.26
N PHE I 264 37.59 16.83 -69.00
CA PHE I 264 38.84 17.47 -69.35
C PHE I 264 39.31 16.98 -70.71
N HIS I 265 40.32 17.67 -71.25
CA HIS I 265 40.84 17.42 -72.59
C HIS I 265 42.33 17.14 -72.51
N LEU I 266 42.77 16.07 -73.18
CA LEU I 266 44.19 15.76 -73.32
C LEU I 266 44.56 16.01 -74.78
N LYS I 267 45.27 17.10 -75.05
CA LYS I 267 45.59 17.52 -76.41
C LYS I 267 47.10 17.69 -76.57
N GLY I 268 47.75 16.65 -77.08
CA GLY I 268 49.15 16.72 -77.44
C GLY I 268 49.33 16.62 -78.94
N LYS I 269 49.73 15.42 -79.42
CA LYS I 269 49.73 15.11 -80.84
C LYS I 269 48.36 14.57 -81.24
N LEU I 270 47.88 13.52 -80.58
CA LEU I 270 46.50 13.09 -80.68
C LEU I 270 45.68 13.74 -79.57
N SER I 271 44.38 13.87 -79.82
CA SER I 271 43.50 14.57 -78.90
C SER I 271 42.44 13.62 -78.35
N PHE I 272 42.14 13.78 -77.07
CA PHE I 272 41.16 12.94 -76.38
C PHE I 272 40.33 13.80 -75.43
N THR I 273 39.09 13.35 -75.21
CA THR I 273 38.17 13.98 -74.26
C THR I 273 37.84 12.95 -73.20
N CYS I 274 38.04 13.32 -71.93
CA CYS I 274 37.99 12.37 -70.83
C CYS I 274 37.02 12.83 -69.76
N ARG I 275 36.41 11.86 -69.08
CA ARG I 275 35.47 12.10 -67.99
C ARG I 275 35.88 11.30 -66.78
N CYS I 276 35.59 11.83 -65.59
CA CYS I 276 35.92 11.20 -64.33
C CYS I 276 34.68 11.11 -63.45
N ASP I 277 34.44 9.93 -62.89
CA ASP I 277 33.26 9.68 -62.07
C ASP I 277 33.63 8.75 -60.91
N THR I 278 32.98 8.97 -59.76
CA THR I 278 33.20 8.17 -58.57
C THR I 278 32.04 7.20 -58.40
N VAL I 279 32.36 5.91 -58.26
CA VAL I 279 31.34 4.87 -58.20
C VAL I 279 31.23 4.23 -56.82
N VAL I 280 32.31 4.15 -56.05
CA VAL I 280 32.29 3.55 -54.72
C VAL I 280 33.04 4.44 -53.75
N SER I 281 32.43 4.71 -52.60
CA SER I 281 33.05 5.53 -51.55
C SER I 281 32.73 4.90 -50.20
N CYS I 282 33.76 4.71 -49.37
CA CYS I 282 33.59 4.14 -48.04
C CYS I 282 34.62 4.77 -47.10
N GLU I 283 34.17 5.77 -46.33
CA GLU I 283 34.90 6.33 -45.19
C GLU I 283 36.38 6.61 -45.46
N GLY I 284 36.73 6.93 -46.70
CA GLY I 284 38.11 7.22 -47.01
C GLY I 284 38.62 6.58 -48.28
N TYR I 285 38.10 5.41 -48.63
CA TYR I 285 38.45 4.74 -49.89
C TYR I 285 37.46 5.10 -50.99
N VAL I 286 37.99 5.37 -52.17
CA VAL I 286 37.20 5.72 -53.34
C VAL I 286 37.68 4.90 -54.53
N VAL I 287 36.73 4.59 -55.42
CA VAL I 287 36.99 3.98 -56.71
C VAL I 287 36.53 4.95 -57.79
N LYS I 288 37.44 5.28 -58.70
CA LYS I 288 37.19 6.25 -59.75
C LYS I 288 37.29 5.56 -61.11
N ARG I 289 36.30 5.81 -61.97
CA ARG I 289 36.27 5.27 -63.32
C ARG I 289 36.50 6.40 -64.32
N ILE I 290 37.44 6.21 -65.24
CA ILE I 290 37.80 7.20 -66.23
C ILE I 290 37.58 6.61 -67.62
N THR I 291 36.85 7.34 -68.46
CA THR I 291 36.59 6.95 -69.84
C THR I 291 37.24 7.95 -70.78
N MET I 292 37.78 7.46 -71.89
CA MET I 292 38.50 8.28 -72.85
C MET I 292 38.00 8.00 -74.26
N SER I 293 38.01 9.05 -75.09
CA SER I 293 37.53 8.95 -76.46
C SER I 293 38.30 9.92 -77.35
N PRO I 294 38.67 9.51 -78.56
CA PRO I 294 39.42 10.40 -79.45
C PRO I 294 38.56 11.58 -79.92
N GLY I 295 39.21 12.72 -80.15
CA GLY I 295 38.52 13.89 -80.65
C GLY I 295 38.19 14.92 -79.59
N LEU I 296 38.35 16.19 -79.93
CA LEU I 296 38.05 17.28 -78.99
C LEU I 296 36.56 17.63 -79.08
N TYR I 297 35.78 17.15 -78.12
CA TYR I 297 34.35 17.39 -78.05
C TYR I 297 34.12 18.64 -77.19
N GLY I 298 32.91 18.90 -76.70
CA GLY I 298 32.52 20.20 -76.17
C GLY I 298 33.28 20.75 -74.99
N LYS I 299 32.73 21.80 -74.38
CA LYS I 299 33.47 22.69 -73.50
C LYS I 299 33.62 22.10 -72.10
N THR I 300 34.54 22.68 -71.34
CA THR I 300 34.85 22.26 -69.98
C THR I 300 34.63 23.42 -69.02
N THR I 301 34.26 23.11 -67.79
CA THR I 301 34.07 24.12 -66.75
C THR I 301 35.26 24.21 -65.80
N GLY I 302 35.80 23.09 -65.37
CA GLY I 302 36.93 23.07 -64.47
C GLY I 302 36.59 22.94 -63.00
N TYR I 303 35.51 22.25 -62.66
CA TYR I 303 35.08 22.11 -61.28
C TYR I 303 35.08 20.63 -60.88
N ALA I 304 35.57 20.36 -59.67
CA ALA I 304 35.54 19.02 -59.10
C ALA I 304 34.59 19.01 -57.91
N VAL I 305 33.76 17.97 -57.83
CA VAL I 305 32.68 17.88 -56.86
C VAL I 305 32.86 16.62 -56.02
N THR I 306 32.67 16.75 -54.72
CA THR I 306 32.75 15.63 -53.78
C THR I 306 31.46 15.57 -52.97
N HIS I 307 30.84 14.40 -52.93
CA HIS I 307 29.62 14.18 -52.17
C HIS I 307 29.96 13.57 -50.81
N HIS I 308 29.34 14.09 -49.75
CA HIS I 308 29.66 13.69 -48.38
C HIS I 308 28.53 12.82 -47.83
N ALA I 309 28.83 11.55 -47.61
CA ALA I 309 27.90 10.67 -46.93
C ALA I 309 28.11 10.66 -45.41
N ASP I 310 29.28 11.09 -44.96
CA ASP I 310 29.58 11.24 -43.54
C ASP I 310 30.10 12.66 -43.32
N GLY I 311 30.19 13.05 -42.04
CA GLY I 311 30.65 14.38 -41.73
C GLY I 311 32.14 14.55 -41.95
N PHE I 312 32.52 15.73 -42.45
CA PHE I 312 33.92 16.08 -42.65
C PHE I 312 34.23 17.32 -41.84
N LEU I 313 35.32 17.29 -41.07
CA LEU I 313 35.69 18.41 -40.22
C LEU I 313 37.13 18.83 -40.49
N MET I 314 37.36 20.14 -40.42
CA MET I 314 38.71 20.72 -40.48
C MET I 314 38.76 21.88 -39.51
N CYS I 315 39.62 21.81 -38.50
CA CYS I 315 39.60 22.79 -37.42
C CYS I 315 41.01 23.21 -37.04
N LYS I 316 41.10 24.41 -36.48
CA LYS I 316 42.34 24.92 -35.91
C LYS I 316 42.58 24.32 -34.52
N THR I 317 43.85 24.12 -34.19
CA THR I 317 44.23 23.57 -32.90
C THR I 317 45.59 24.12 -32.48
N THR I 318 45.81 24.16 -31.18
CA THR I 318 47.04 24.65 -30.59
C THR I 318 47.79 23.49 -29.94
N ASP I 319 49.07 23.35 -30.28
CA ASP I 319 49.89 22.25 -29.77
C ASP I 319 51.28 22.79 -29.45
N THR I 320 52.12 21.89 -28.94
CA THR I 320 53.52 22.20 -28.65
C THR I 320 54.41 21.31 -29.52
N VAL I 321 55.19 21.94 -30.39
CA VAL I 321 56.12 21.24 -31.28
C VAL I 321 57.53 21.56 -30.81
N ASP I 322 58.24 20.53 -30.34
CA ASP I 322 59.64 20.65 -29.93
C ASP I 322 59.82 21.73 -28.87
N GLY I 323 58.80 21.91 -28.03
CA GLY I 323 58.82 22.86 -26.95
C GLY I 323 58.15 24.19 -27.25
N GLU I 324 57.92 24.50 -28.52
CA GLU I 324 57.37 25.80 -28.90
C GLU I 324 55.87 25.68 -29.18
N ARG I 325 55.09 26.59 -28.62
CA ARG I 325 53.64 26.56 -28.78
C ARG I 325 53.23 27.17 -30.12
N VAL I 326 52.49 26.42 -30.93
CA VAL I 326 52.08 26.84 -32.25
C VAL I 326 50.63 26.39 -32.50
N SER I 327 50.09 26.81 -33.64
CA SER I 327 48.72 26.48 -34.04
C SER I 327 48.71 26.06 -35.50
N PHE I 328 47.89 25.05 -35.81
CA PHE I 328 47.74 24.58 -37.18
C PHE I 328 46.42 23.82 -37.32
N SER I 329 46.14 23.34 -38.52
CA SER I 329 44.84 22.78 -38.86
C SER I 329 44.90 21.26 -38.97
N VAL I 330 43.84 20.61 -38.51
CA VAL I 330 43.70 19.15 -38.52
C VAL I 330 42.31 18.80 -39.07
N CYS I 331 42.24 17.74 -39.87
CA CYS I 331 41.00 17.31 -40.49
C CYS I 331 40.68 15.86 -40.13
N THR I 332 39.39 15.52 -40.18
CA THR I 332 38.96 14.19 -39.78
C THR I 332 37.55 13.91 -40.32
N TYR I 333 37.13 12.65 -40.17
CA TYR I 333 35.82 12.16 -40.59
C TYR I 333 35.00 11.80 -39.35
N VAL I 334 33.69 12.04 -39.43
CA VAL I 334 32.77 11.80 -38.32
C VAL I 334 31.60 10.96 -38.84
N PRO I 335 31.16 9.94 -38.10
CA PRO I 335 30.02 9.14 -38.56
C PRO I 335 28.74 9.95 -38.63
N ALA I 336 27.82 9.53 -39.50
CA ALA I 336 26.62 10.30 -39.77
C ALA I 336 25.65 10.29 -38.59
N THR I 337 25.58 9.17 -37.86
CA THR I 337 24.62 9.07 -36.76
C THR I 337 24.92 10.09 -35.67
N ILE I 338 26.19 10.26 -35.31
CA ILE I 338 26.56 11.24 -34.29
C ILE I 338 26.22 12.65 -34.78
N CYS I 339 26.51 12.94 -36.05
CA CYS I 339 26.19 14.25 -36.60
C CYS I 339 24.69 14.52 -36.54
N ASP I 340 23.88 13.52 -36.86
CA ASP I 340 22.42 13.69 -36.79
C ASP I 340 21.96 13.88 -35.36
N GLN I 341 22.53 13.15 -34.40
CA GLN I 341 22.13 13.27 -33.01
C GLN I 341 22.69 14.50 -32.33
N MET I 342 23.61 15.23 -32.97
CA MET I 342 24.19 16.43 -32.42
C MET I 342 23.47 17.70 -32.86
N THR I 343 22.41 17.58 -33.66
CA THR I 343 21.76 18.75 -34.25
C THR I 343 21.13 19.64 -33.19
N GLY I 344 20.48 19.04 -32.20
CA GLY I 344 19.75 19.84 -31.22
C GLY I 344 20.66 20.67 -30.34
N ILE I 345 21.78 20.10 -29.90
CA ILE I 345 22.66 20.77 -28.96
C ILE I 345 23.31 22.00 -29.60
N LEU I 346 23.65 21.90 -30.89
CA LEU I 346 24.39 22.96 -31.57
C LEU I 346 23.55 24.21 -31.83
N ALA I 347 22.30 24.26 -31.39
CA ALA I 347 21.49 25.46 -31.57
C ALA I 347 21.99 26.61 -30.71
N THR I 348 22.51 26.31 -29.53
CA THR I 348 23.02 27.33 -28.62
C THR I 348 24.54 27.30 -28.58
N GLU I 349 25.12 28.17 -27.76
CA GLU I 349 26.57 28.24 -27.58
C GLU I 349 26.95 27.29 -26.46
N VAL I 350 27.85 26.36 -26.75
CA VAL I 350 28.25 25.32 -25.83
C VAL I 350 29.77 25.37 -25.63
N THR I 351 30.21 24.99 -24.44
CA THR I 351 31.62 24.90 -24.10
C THR I 351 32.19 23.57 -24.53
N PRO I 352 33.51 23.48 -24.74
CA PRO I 352 34.11 22.19 -25.14
C PRO I 352 33.91 21.07 -24.13
N GLU I 353 33.84 21.39 -22.84
CA GLU I 353 33.66 20.34 -21.84
C GLU I 353 32.30 19.66 -21.97
N ASP I 354 31.23 20.45 -22.10
CA ASP I 354 29.90 19.87 -22.26
C ASP I 354 29.79 19.08 -23.55
N ALA I 355 30.39 19.58 -24.63
CA ALA I 355 30.38 18.84 -25.89
C ALA I 355 31.13 17.52 -25.74
N GLN I 356 32.27 17.53 -25.05
CA GLN I 356 33.02 16.30 -24.81
C GLN I 356 32.21 15.29 -24.03
N LYS I 357 31.54 15.76 -22.97
CA LYS I 357 30.74 14.84 -22.14
C LYS I 357 29.56 14.28 -22.94
N LEU I 358 28.89 15.12 -23.73
CA LEU I 358 27.79 14.65 -24.55
C LEU I 358 28.26 13.63 -25.58
N LEU I 359 29.41 13.90 -26.21
CA LEU I 359 29.96 12.97 -27.19
C LEU I 359 30.33 11.64 -26.55
N VAL I 360 30.91 11.67 -25.35
CA VAL I 360 31.20 10.42 -24.63
C VAL I 360 29.92 9.68 -24.31
N GLY I 361 28.88 10.41 -23.92
CA GLY I 361 27.60 9.76 -23.63
C GLY I 361 26.99 9.08 -24.84
N LEU I 362 27.00 9.77 -26.00
CA LEU I 362 26.45 9.17 -27.21
C LEU I 362 27.31 8.02 -27.74
N ASN I 363 28.63 8.13 -27.62
CA ASN I 363 29.52 7.10 -28.13
C ASN I 363 29.47 5.85 -27.25
N ASN I 377 31.98 1.00 -29.00
CA ASN I 377 32.20 2.37 -29.45
C ASN I 377 31.94 2.51 -30.95
N THR I 378 31.36 3.65 -31.34
CA THR I 378 31.13 3.93 -32.74
C THR I 378 32.30 4.69 -33.38
N MET I 379 32.88 5.64 -32.66
CA MET I 379 34.05 6.38 -33.12
C MET I 379 35.19 6.18 -32.12
N LYS I 380 36.42 6.23 -32.62
CA LYS I 380 37.58 6.05 -31.76
C LYS I 380 37.73 7.23 -30.80
N ASN I 381 38.16 6.93 -29.58
CA ASN I 381 38.13 7.90 -28.50
C ASN I 381 39.23 8.96 -28.59
N TYR I 382 40.32 8.69 -29.33
CA TYR I 382 41.42 9.64 -29.34
C TYR I 382 41.14 10.87 -30.22
N MET I 383 40.07 10.86 -31.00
CA MET I 383 39.72 12.01 -31.82
C MET I 383 38.60 12.85 -31.24
N ILE I 384 37.98 12.42 -30.14
CA ILE I 384 36.86 13.12 -29.52
C ILE I 384 37.21 14.53 -29.05
N PRO I 385 38.33 14.75 -28.36
CA PRO I 385 38.60 16.10 -27.83
C PRO I 385 38.71 17.18 -28.90
N VAL I 386 39.20 16.85 -30.10
CA VAL I 386 39.32 17.88 -31.13
C VAL I 386 37.99 18.11 -31.84
N VAL I 387 37.18 17.04 -31.97
CA VAL I 387 35.85 17.18 -32.52
C VAL I 387 34.98 18.07 -31.64
N ALA I 388 35.08 17.89 -30.31
CA ALA I 388 34.30 18.73 -29.40
C ALA I 388 34.67 20.21 -29.55
N GLN I 389 35.96 20.50 -29.62
CA GLN I 389 36.43 21.87 -29.81
C GLN I 389 35.96 22.46 -31.15
N ALA I 390 36.01 21.67 -32.22
CA ALA I 390 35.53 22.13 -33.52
C ALA I 390 34.04 22.46 -33.47
N PHE I 391 33.24 21.59 -32.87
CA PHE I 391 31.80 21.85 -32.77
C PHE I 391 31.53 23.11 -31.95
N SER I 392 32.25 23.27 -30.83
CA SER I 392 32.05 24.43 -29.99
C SER I 392 32.39 25.72 -30.72
N LYS I 393 33.47 25.71 -31.51
CA LYS I 393 33.83 26.91 -32.26
C LYS I 393 32.90 27.17 -33.44
N TRP I 394 32.32 26.14 -34.04
CA TRP I 394 31.36 26.33 -35.12
C TRP I 394 30.06 26.94 -34.61
N ALA I 395 29.57 26.46 -33.47
CA ALA I 395 28.31 26.95 -32.94
C ALA I 395 28.37 28.43 -32.58
N LYS I 396 29.54 28.93 -32.16
CA LYS I 396 29.69 30.34 -31.84
C LYS I 396 29.72 31.22 -33.08
N GLU I 397 30.42 30.79 -34.13
CA GLU I 397 30.45 31.54 -35.37
C GLU I 397 29.07 31.60 -36.03
N CYS I 398 28.27 30.54 -35.92
CA CYS I 398 26.90 30.63 -36.44
C CYS I 398 26.12 31.73 -35.74
N ARG I 399 26.19 31.79 -34.40
CA ARG I 399 25.48 32.83 -33.66
C ARG I 399 26.01 34.22 -33.99
N LYS I 400 27.33 34.35 -34.18
CA LYS I 400 27.88 35.65 -34.54
C LYS I 400 27.41 36.08 -35.93
N ASP I 401 27.24 35.13 -36.85
CA ASP I 401 26.65 35.47 -38.15
C ASP I 401 25.20 35.91 -38.00
N MET I 402 24.44 35.26 -37.10
CA MET I 402 23.03 35.59 -36.96
C MET I 402 22.78 37.00 -36.43
N GLU I 403 23.73 37.58 -35.70
CA GLU I 403 23.51 38.87 -35.03
C GLU I 403 24.14 40.05 -35.76
N ASP I 404 24.58 39.88 -36.99
CA ASP I 404 25.17 40.97 -37.78
C ASP I 404 24.48 41.05 -39.13
N GLU I 405 23.14 41.05 -39.09
CA GLU I 405 22.33 41.03 -40.29
C GLU I 405 22.62 42.22 -41.20
N LYS I 406 22.64 41.95 -42.50
CA LYS I 406 22.94 42.94 -43.53
C LYS I 406 21.71 43.18 -44.40
N LEU I 407 21.88 43.97 -45.45
CA LEU I 407 20.80 44.29 -46.39
C LEU I 407 20.94 43.45 -47.65
N LEU I 408 19.83 43.27 -48.35
CA LEU I 408 19.80 42.39 -49.52
C LEU I 408 20.53 43.03 -50.69
N GLY I 409 21.53 42.32 -51.22
CA GLY I 409 22.12 42.65 -52.49
C GLY I 409 23.12 43.79 -52.50
N VAL I 410 23.62 44.22 -51.34
CA VAL I 410 24.55 45.33 -51.27
C VAL I 410 25.74 44.95 -50.38
N ARG I 411 26.94 45.29 -50.85
CA ARG I 411 28.16 45.16 -50.07
C ARG I 411 28.66 46.54 -49.67
N GLU I 412 29.11 46.68 -48.43
CA GLU I 412 29.57 47.96 -47.91
C GLU I 412 31.10 48.02 -47.97
N ARG I 413 31.59 48.78 -48.95
CA ARG I 413 33.02 49.02 -49.08
C ARG I 413 33.29 50.53 -49.13
N ALA I 422 38.00 49.18 -49.37
CA ALA I 422 38.47 48.03 -48.60
C ALA I 422 37.36 47.48 -47.72
N PHE I 423 37.26 46.16 -47.67
CA PHE I 423 36.23 45.48 -46.90
C PHE I 423 36.86 44.59 -45.83
N LYS I 424 36.19 44.48 -44.69
CA LYS I 424 36.69 43.72 -43.56
C LYS I 424 36.48 42.23 -43.77
N LYS I 425 37.46 41.43 -43.36
CA LYS I 425 37.33 39.98 -43.32
C LYS I 425 37.08 39.50 -41.89
N GLN I 426 36.45 38.33 -41.77
CA GLN I 426 36.10 37.77 -40.48
C GLN I 426 36.92 36.50 -40.20
N LYS I 427 36.82 36.03 -38.97
CA LYS I 427 37.54 34.83 -38.55
C LYS I 427 36.81 33.57 -39.01
N THR I 428 37.58 32.58 -39.44
CA THR I 428 37.06 31.25 -39.74
C THR I 428 38.01 30.23 -39.15
N HIS I 429 37.56 29.51 -38.11
CA HIS I 429 38.37 28.52 -37.44
C HIS I 429 37.86 27.10 -37.60
N THR I 430 36.70 26.91 -38.25
CA THR I 430 36.15 25.57 -38.44
C THR I 430 35.47 25.48 -39.79
N VAL I 431 35.70 24.36 -40.48
CA VAL I 431 34.97 24.00 -41.69
C VAL I 431 34.29 22.67 -41.40
N TYR I 432 32.97 22.65 -41.56
CA TYR I 432 32.14 21.50 -41.23
C TYR I 432 31.24 21.19 -42.43
N LYS I 433 31.44 20.01 -43.02
CA LYS I 433 30.63 19.53 -44.14
C LYS I 433 29.74 18.41 -43.61
N ARG I 434 28.46 18.70 -43.45
CA ARG I 434 27.49 17.75 -42.96
C ARG I 434 27.13 16.72 -44.04
N PRO I 435 26.60 15.57 -43.65
CA PRO I 435 26.20 14.57 -44.64
C PRO I 435 25.10 15.09 -45.55
N ASP I 436 25.07 14.57 -46.79
CA ASP I 436 24.17 14.98 -47.86
C ASP I 436 24.51 16.38 -48.38
N THR I 437 25.79 16.74 -48.32
CA THR I 437 26.27 18.00 -48.89
C THR I 437 27.36 17.70 -49.91
N GLN I 438 27.84 18.76 -50.56
CA GLN I 438 28.84 18.63 -51.62
C GLN I 438 29.85 19.75 -51.53
N SER I 439 31.12 19.39 -51.76
CA SER I 439 32.21 20.34 -51.88
C SER I 439 32.57 20.52 -53.35
N ILE I 440 32.96 21.74 -53.72
CA ILE I 440 33.27 22.07 -55.11
C ILE I 440 34.55 22.89 -55.14
N GLN I 441 35.50 22.50 -55.98
CA GLN I 441 36.78 23.20 -56.09
C GLN I 441 37.11 23.45 -57.55
N LYS I 442 37.93 24.49 -57.79
CA LYS I 442 38.40 24.83 -59.12
C LYS I 442 39.75 24.18 -59.38
N VAL I 443 39.86 23.47 -60.51
CA VAL I 443 41.08 22.77 -60.86
C VAL I 443 41.40 23.00 -62.34
N GLN I 444 42.49 22.41 -62.81
CA GLN I 444 42.90 22.53 -64.20
C GLN I 444 42.14 21.54 -65.08
N ALA I 445 41.78 22.00 -66.28
CA ALA I 445 41.04 21.16 -67.23
C ALA I 445 41.67 21.09 -68.62
N GLU I 446 42.66 21.92 -68.92
CA GLU I 446 43.31 21.93 -70.23
C GLU I 446 44.73 21.41 -70.07
N PHE I 447 44.98 20.20 -70.57
CA PHE I 447 46.28 19.55 -70.45
C PHE I 447 46.88 19.41 -71.84
N ASP I 448 48.10 19.89 -72.01
CA ASP I 448 48.79 19.81 -73.30
C ASP I 448 50.17 19.17 -73.15
N ASP J 2 45.45 -31.12 -31.92
CA ASP J 2 45.14 -29.80 -32.44
C ASP J 2 45.28 -28.66 -31.41
N PRO J 3 44.71 -28.81 -30.21
CA PRO J 3 44.89 -27.75 -29.20
C PRO J 3 46.33 -27.69 -28.71
N VAL J 4 46.78 -26.49 -28.37
CA VAL J 4 48.13 -26.27 -27.86
C VAL J 4 48.04 -26.09 -26.35
N TYR J 5 48.81 -26.87 -25.61
CA TYR J 5 48.77 -26.85 -24.15
C TYR J 5 49.90 -25.98 -23.62
N VAL J 6 49.55 -25.00 -22.79
CA VAL J 6 50.52 -24.08 -22.19
C VAL J 6 50.38 -24.13 -20.69
N ASP J 7 51.45 -23.77 -19.98
CA ASP J 7 51.53 -23.88 -18.53
C ASP J 7 51.01 -22.59 -17.88
N ILE J 8 49.67 -22.44 -17.90
CA ILE J 8 49.01 -21.34 -17.21
C ILE J 8 47.84 -21.90 -16.43
N ASP J 9 47.40 -21.13 -15.43
CA ASP J 9 46.24 -21.51 -14.64
C ASP J 9 44.97 -21.39 -15.48
N ALA J 10 43.93 -22.13 -15.08
CA ALA J 10 42.71 -22.18 -15.87
C ALA J 10 42.04 -20.81 -15.95
N ASP J 11 41.86 -20.14 -14.82
CA ASP J 11 41.20 -18.83 -14.79
C ASP J 11 42.25 -17.72 -14.80
N SER J 12 42.88 -17.55 -15.97
CA SER J 12 43.85 -16.50 -16.20
C SER J 12 43.37 -15.58 -17.32
N ALA J 13 43.44 -14.27 -17.07
CA ALA J 13 42.99 -13.29 -18.04
C ALA J 13 43.92 -13.13 -19.23
N PHE J 14 45.17 -13.60 -19.11
CA PHE J 14 46.12 -13.55 -20.21
C PHE J 14 45.77 -14.52 -21.33
N LEU J 15 44.89 -15.48 -21.07
CA LEU J 15 44.51 -16.45 -22.09
C LEU J 15 43.78 -15.77 -23.25
N LYS J 16 42.89 -14.82 -22.95
CA LYS J 16 42.18 -14.13 -24.03
C LYS J 16 43.13 -13.20 -24.80
N ALA J 17 44.12 -12.63 -24.13
CA ALA J 17 45.15 -11.88 -24.84
C ALA J 17 45.93 -12.76 -25.79
N LEU J 18 46.28 -13.98 -25.36
CA LEU J 18 46.92 -14.94 -26.26
C LEU J 18 46.01 -15.29 -27.42
N GLN J 19 44.72 -15.46 -27.15
CA GLN J 19 43.75 -15.74 -28.21
C GLN J 19 43.74 -14.63 -29.26
N ARG J 20 43.66 -13.38 -28.82
CA ARG J 20 43.64 -12.26 -29.74
C ARG J 20 44.96 -12.15 -30.50
N ALA J 21 46.07 -12.49 -29.84
CA ALA J 21 47.39 -12.41 -30.47
C ALA J 21 47.65 -13.53 -31.46
N TYR J 22 47.09 -14.72 -31.24
CA TYR J 22 47.33 -15.88 -32.09
C TYR J 22 45.99 -16.49 -32.49
N PRO J 23 45.26 -15.84 -33.41
CA PRO J 23 43.95 -16.38 -33.81
C PRO J 23 44.06 -17.44 -34.90
N MET J 24 44.99 -18.38 -34.73
CA MET J 24 45.13 -19.51 -35.64
C MET J 24 45.56 -20.78 -34.91
N PHE J 25 45.47 -20.78 -33.58
CA PHE J 25 45.74 -21.97 -32.79
C PHE J 25 44.66 -22.12 -31.73
N GLU J 26 44.50 -23.35 -31.24
CA GLU J 26 43.65 -23.62 -30.09
C GLU J 26 44.51 -23.74 -28.84
N VAL J 27 44.13 -23.01 -27.80
CA VAL J 27 44.94 -22.90 -26.58
C VAL J 27 44.13 -23.46 -25.42
N GLU J 28 44.75 -24.35 -24.66
CA GLU J 28 44.13 -24.95 -23.49
C GLU J 28 45.11 -24.93 -22.33
N PRO J 29 44.68 -24.48 -21.15
CA PRO J 29 45.60 -24.39 -20.00
C PRO J 29 45.82 -25.72 -19.32
N ARG J 30 47.10 -26.02 -19.05
CA ARG J 30 47.49 -27.28 -18.39
C ARG J 30 48.64 -26.93 -17.44
N GLN J 31 48.30 -26.73 -16.17
CA GLN J 31 49.29 -26.28 -15.18
C GLN J 31 50.08 -27.46 -14.65
N VAL J 32 51.40 -27.28 -14.56
CA VAL J 32 52.29 -28.32 -14.02
C VAL J 32 53.08 -27.76 -12.84
N THR J 33 53.88 -26.74 -13.09
CA THR J 33 54.75 -26.18 -12.06
C THR J 33 54.30 -24.78 -11.67
N PRO J 34 54.60 -24.34 -10.44
CA PRO J 34 54.22 -22.98 -10.00
C PRO J 34 55.28 -21.94 -10.36
N ASN J 35 55.51 -21.77 -11.66
CA ASN J 35 56.48 -20.79 -12.13
C ASN J 35 55.91 -19.39 -11.97
N ASP J 36 56.72 -18.48 -11.41
CA ASP J 36 56.26 -17.12 -11.13
C ASP J 36 56.45 -16.17 -12.31
N HIS J 37 57.00 -16.64 -13.43
CA HIS J 37 57.13 -15.85 -14.65
C HIS J 37 56.70 -16.71 -15.85
N ALA J 38 55.58 -17.42 -15.69
CA ALA J 38 55.15 -18.41 -16.65
C ALA J 38 54.43 -17.85 -17.87
N ASN J 39 54.12 -16.55 -17.88
CA ASN J 39 53.40 -15.98 -19.02
C ASN J 39 54.31 -15.83 -20.24
N ALA J 40 55.60 -15.59 -20.02
CA ALA J 40 56.54 -15.45 -21.13
C ALA J 40 56.69 -16.73 -21.93
N ARG J 41 56.72 -17.87 -21.25
CA ARG J 41 56.88 -19.16 -21.91
C ARG J 41 55.73 -19.49 -22.84
N ALA J 42 54.49 -19.16 -22.46
CA ALA J 42 53.35 -19.42 -23.33
C ALA J 42 53.39 -18.58 -24.60
N PHE J 43 54.01 -17.40 -24.57
CA PHE J 43 54.13 -16.59 -25.77
C PHE J 43 55.28 -17.09 -26.65
N SER J 44 56.45 -17.32 -26.05
CA SER J 44 57.58 -17.86 -26.78
C SER J 44 57.34 -19.27 -27.31
N HIS J 45 56.35 -19.97 -26.76
CA HIS J 45 55.96 -21.29 -27.22
C HIS J 45 55.18 -21.21 -28.53
N LEU J 46 54.16 -20.36 -28.59
CA LEU J 46 53.38 -20.20 -29.82
C LEU J 46 54.16 -19.45 -30.89
N ALA J 47 55.12 -18.61 -30.51
CA ALA J 47 55.90 -17.88 -31.52
C ALA J 47 56.65 -18.86 -32.43
N ILE J 48 57.30 -19.86 -31.84
CA ILE J 48 58.08 -20.81 -32.63
C ILE J 48 57.16 -21.65 -33.51
N LYS J 49 55.99 -22.01 -33.00
CA LYS J 49 55.02 -22.76 -33.80
C LYS J 49 54.57 -21.95 -35.01
N LEU J 50 54.27 -20.66 -34.80
CA LEU J 50 53.88 -19.81 -35.92
C LEU J 50 55.01 -19.69 -36.94
N ILE J 51 56.24 -19.51 -36.45
CA ILE J 51 57.39 -19.37 -37.35
C ILE J 51 57.56 -20.63 -38.20
N GLU J 52 57.45 -21.79 -37.56
CA GLU J 52 57.60 -23.05 -38.29
C GLU J 52 56.45 -23.28 -39.26
N GLN J 53 55.24 -22.91 -38.86
CA GLN J 53 54.09 -23.07 -39.74
C GLN J 53 54.09 -22.09 -40.91
N GLU J 54 54.83 -20.98 -40.82
CA GLU J 54 54.96 -20.07 -41.95
C GLU J 54 56.29 -20.16 -42.68
N ILE J 55 57.11 -21.18 -42.42
CA ILE J 55 58.40 -21.34 -43.09
C ILE J 55 58.32 -22.55 -44.02
N ASP J 56 59.06 -22.49 -45.12
CA ASP J 56 59.02 -23.57 -46.10
C ASP J 56 59.64 -24.84 -45.51
N PRO J 57 59.08 -26.01 -45.81
CA PRO J 57 59.66 -27.26 -45.31
C PRO J 57 61.00 -27.55 -45.97
N ASP J 58 61.78 -28.40 -45.29
CA ASP J 58 63.09 -28.86 -45.78
C ASP J 58 64.04 -27.67 -45.98
N SER J 59 64.22 -26.91 -44.91
CA SER J 59 65.16 -25.79 -44.88
C SER J 59 66.01 -25.89 -43.63
N THR J 60 67.30 -25.57 -43.78
CA THR J 60 68.23 -25.57 -42.67
C THR J 60 68.10 -24.25 -41.90
N ILE J 61 68.04 -24.35 -40.58
CA ILE J 61 67.74 -23.21 -39.72
C ILE J 61 68.88 -23.03 -38.73
N LEU J 62 69.52 -21.87 -38.76
CA LEU J 62 70.50 -21.54 -37.73
C LEU J 62 69.79 -21.11 -36.45
N ASP J 63 70.52 -21.20 -35.34
CA ASP J 63 69.99 -20.85 -34.03
C ASP J 63 71.10 -20.19 -33.22
N ILE J 64 70.97 -18.89 -32.98
CA ILE J 64 71.99 -18.13 -32.26
C ILE J 64 71.70 -18.17 -30.78
N GLY J 65 72.69 -18.60 -29.99
CA GLY J 65 72.55 -18.72 -28.55
C GLY J 65 71.40 -19.62 -28.17
N SER J 66 71.48 -20.89 -28.57
CA SER J 66 70.36 -21.80 -28.46
C SER J 66 70.48 -22.70 -27.23
N ALA J 67 69.36 -23.34 -26.89
CA ALA J 67 69.32 -24.43 -25.92
C ALA J 67 68.93 -25.69 -26.68
N PRO J 68 69.87 -26.61 -26.94
CA PRO J 68 69.57 -27.74 -27.82
C PRO J 68 68.49 -28.67 -27.30
N ALA J 69 68.18 -28.64 -26.00
CA ALA J 69 67.12 -29.47 -25.48
C ALA J 69 65.75 -29.06 -26.02
N ARG J 70 65.56 -27.77 -26.34
CA ARG J 70 64.27 -27.34 -26.88
C ARG J 70 64.07 -27.81 -28.31
N ARG J 71 65.13 -27.90 -29.10
CA ARG J 71 65.05 -28.26 -30.51
C ARG J 71 65.48 -29.69 -30.77
N MET J 72 65.17 -30.61 -29.85
CA MET J 72 65.56 -32.00 -30.00
C MET J 72 64.42 -32.89 -30.48
N MET J 73 63.21 -32.72 -29.94
CA MET J 73 62.06 -33.54 -30.31
C MET J 73 61.27 -32.95 -31.47
N SER J 74 61.88 -32.08 -32.27
CA SER J 74 61.20 -31.47 -33.40
C SER J 74 61.41 -32.28 -34.67
N ASP J 75 61.00 -31.73 -35.82
CA ASP J 75 61.16 -32.46 -37.07
C ASP J 75 61.84 -31.64 -38.16
N ARG J 76 62.53 -30.55 -37.83
CA ARG J 76 63.24 -29.73 -38.80
C ARG J 76 64.72 -29.72 -38.50
N LYS J 77 65.51 -29.42 -39.53
CA LYS J 77 66.98 -29.50 -39.43
C LYS J 77 67.51 -28.19 -38.88
N TYR J 78 67.75 -28.15 -37.57
CA TYR J 78 68.36 -27.00 -36.94
C TYR J 78 69.88 -27.15 -36.90
N HIS J 79 70.56 -26.03 -36.65
CA HIS J 79 71.99 -26.03 -36.37
C HIS J 79 72.22 -25.06 -35.22
N CYS J 80 72.58 -25.60 -34.06
CA CYS J 80 72.63 -24.82 -32.83
C CYS J 80 74.01 -24.23 -32.64
N VAL J 81 74.07 -22.90 -32.51
CA VAL J 81 75.29 -22.19 -32.20
C VAL J 81 75.34 -21.98 -30.70
N CYS J 82 76.21 -22.72 -30.01
CA CYS J 82 76.20 -22.79 -28.56
C CYS J 82 77.59 -22.49 -28.01
N PRO J 83 77.95 -21.21 -27.93
CA PRO J 83 79.20 -20.84 -27.25
C PRO J 83 79.04 -20.90 -25.74
N MET J 84 80.17 -20.88 -25.05
CA MET J 84 80.20 -20.89 -23.58
C MET J 84 80.71 -19.53 -23.12
N ARG J 85 79.78 -18.58 -22.96
CA ARG J 85 80.10 -17.24 -22.51
C ARG J 85 79.38 -16.84 -21.22
N SER J 86 78.34 -17.57 -20.83
CA SER J 86 77.61 -17.28 -19.60
C SER J 86 77.77 -18.43 -18.61
N ALA J 87 77.55 -18.11 -17.34
CA ALA J 87 77.71 -19.10 -16.27
C ALA J 87 76.65 -20.18 -16.32
N GLU J 88 75.59 -20.02 -17.12
CA GLU J 88 74.48 -20.94 -17.14
C GLU J 88 74.49 -21.90 -18.33
N ASP J 89 75.57 -21.93 -19.11
CA ASP J 89 75.70 -22.81 -20.26
C ASP J 89 76.07 -24.27 -19.92
N PRO J 90 77.00 -24.53 -18.98
CA PRO J 90 77.41 -25.92 -18.74
C PRO J 90 76.28 -26.86 -18.37
N GLU J 91 75.32 -26.42 -17.55
CA GLU J 91 74.19 -27.28 -17.24
C GLU J 91 73.24 -27.45 -18.43
N ARG J 92 73.14 -26.45 -19.31
CA ARG J 92 72.42 -26.67 -20.57
C ARG J 92 73.05 -27.79 -21.38
N LEU J 93 74.39 -27.76 -21.53
CA LEU J 93 75.07 -28.82 -22.25
C LEU J 93 74.91 -30.18 -21.57
N ALA J 94 75.04 -30.22 -20.24
CA ALA J 94 74.86 -31.46 -19.50
C ALA J 94 73.45 -32.01 -19.64
N ASN J 95 72.42 -31.16 -19.56
CA ASN J 95 71.05 -31.58 -19.78
C ASN J 95 70.81 -32.08 -21.20
N TYR J 96 71.40 -31.43 -22.20
CA TYR J 96 71.32 -31.95 -23.56
C TYR J 96 71.93 -33.35 -23.65
N ALA J 97 73.09 -33.54 -23.00
CA ALA J 97 73.72 -34.86 -23.01
C ALA J 97 72.84 -35.91 -22.32
N ARG J 98 72.24 -35.55 -21.19
CA ARG J 98 71.42 -36.52 -20.47
C ARG J 98 70.16 -36.90 -21.24
N LYS J 99 69.46 -35.90 -21.80
CA LYS J 99 68.28 -36.22 -22.61
C LYS J 99 68.62 -36.86 -23.95
N LEU J 100 69.85 -36.73 -24.42
CA LEU J 100 70.27 -37.51 -25.57
C LEU J 100 70.53 -38.96 -25.19
N ALA J 101 71.16 -39.18 -24.04
CA ALA J 101 71.47 -40.54 -23.59
C ALA J 101 70.23 -41.29 -23.11
N SER J 102 69.20 -40.58 -22.67
CA SER J 102 67.99 -41.21 -22.16
C SER J 102 67.05 -41.68 -23.27
N ALA J 103 67.38 -41.39 -24.53
CA ALA J 103 66.57 -41.81 -25.66
C ALA J 103 67.43 -42.44 -26.76
N ALA J 104 68.36 -43.31 -26.37
CA ALA J 104 69.30 -43.93 -27.31
C ALA J 104 68.57 -44.76 -28.36
N GLY J 105 67.60 -45.56 -27.94
CA GLY J 105 66.87 -46.41 -28.85
C GLY J 105 65.37 -46.43 -28.61
N LYS J 106 64.93 -45.77 -27.55
CA LYS J 106 63.50 -45.70 -27.24
C LYS J 106 62.76 -44.89 -28.31
N VAL J 107 63.35 -43.79 -28.76
CA VAL J 107 62.80 -42.98 -29.84
C VAL J 107 63.70 -43.10 -31.05
N LEU J 108 63.09 -43.35 -32.20
CA LEU J 108 63.86 -43.54 -33.44
C LEU J 108 63.29 -42.69 -34.57
N ASP J 109 62.17 -42.02 -34.33
CA ASP J 109 61.56 -41.15 -35.33
C ASP J 109 62.44 -39.91 -35.55
N ARG J 110 63.30 -39.61 -34.58
CA ARG J 110 64.16 -38.44 -34.65
C ARG J 110 65.50 -38.79 -35.29
N ASN J 111 66.45 -37.87 -35.22
CA ASN J 111 67.82 -38.07 -35.69
C ASN J 111 68.76 -38.21 -34.51
N ILE J 112 68.33 -38.96 -33.50
CA ILE J 112 69.05 -39.02 -32.22
C ILE J 112 70.45 -39.58 -32.41
N SER J 113 70.57 -40.65 -33.21
CA SER J 113 71.87 -41.27 -33.43
C SER J 113 72.85 -40.29 -34.08
N GLY J 114 72.39 -39.56 -35.09
CA GLY J 114 73.23 -38.58 -35.73
C GLY J 114 73.64 -37.46 -34.78
N LYS J 115 72.70 -37.00 -33.95
CA LYS J 115 73.00 -35.95 -32.99
C LYS J 115 74.04 -36.42 -31.98
N ILE J 116 73.90 -37.66 -31.49
CA ILE J 116 74.86 -38.20 -30.54
C ILE J 116 76.24 -38.32 -31.17
N GLY J 117 76.29 -38.84 -32.41
CA GLY J 117 77.57 -38.93 -33.09
C GLY J 117 78.21 -37.58 -33.31
N ASP J 118 77.41 -36.57 -33.68
CA ASP J 118 77.94 -35.23 -33.90
C ASP J 118 78.46 -34.64 -32.60
N LEU J 119 77.73 -34.83 -31.50
CA LEU J 119 78.19 -34.32 -30.21
C LEU J 119 79.50 -34.98 -29.79
N GLN J 120 79.61 -36.30 -29.99
CA GLN J 120 80.85 -36.98 -29.68
C GLN J 120 82.00 -36.48 -30.56
N ALA J 121 81.73 -36.22 -31.84
CA ALA J 121 82.76 -35.67 -32.71
C ALA J 121 83.22 -34.29 -32.25
N VAL J 122 82.28 -33.44 -31.82
CA VAL J 122 82.66 -32.14 -31.29
C VAL J 122 83.50 -32.29 -30.02
N MET J 123 83.10 -33.21 -29.15
CA MET J 123 83.87 -33.43 -27.93
C MET J 123 85.28 -33.93 -28.24
N ALA J 124 85.43 -34.68 -29.34
CA ALA J 124 86.74 -35.18 -29.74
C ALA J 124 87.64 -34.03 -30.19
N VAL J 125 87.27 -33.35 -31.27
CA VAL J 125 88.01 -32.21 -31.78
C VAL J 125 87.14 -30.97 -31.60
N PRO J 126 87.53 -30.00 -30.76
CA PRO J 126 86.66 -28.83 -30.49
C PRO J 126 86.84 -27.67 -31.46
N ASP J 127 86.89 -28.00 -32.76
CA ASP J 127 86.89 -26.97 -33.81
C ASP J 127 86.07 -27.42 -35.00
N THR J 128 85.48 -28.61 -34.92
CA THR J 128 84.73 -29.15 -36.03
C THR J 128 83.41 -28.42 -36.23
N GLU J 129 82.88 -28.49 -37.44
CA GLU J 129 81.59 -27.88 -37.78
C GLU J 129 80.66 -29.01 -38.22
N THR J 130 79.88 -29.54 -37.28
CA THR J 130 78.93 -30.59 -37.53
C THR J 130 77.60 -30.00 -38.00
N PRO J 131 76.76 -30.80 -38.67
CA PRO J 131 75.49 -30.26 -39.19
C PRO J 131 74.56 -29.70 -38.13
N THR J 132 74.67 -30.18 -36.88
CA THR J 132 73.70 -29.81 -35.86
C THR J 132 74.31 -29.17 -34.61
N PHE J 133 75.61 -28.93 -34.58
CA PHE J 133 76.20 -28.40 -33.35
C PHE J 133 77.58 -27.81 -33.65
N CYS J 134 77.96 -26.82 -32.86
CA CYS J 134 79.27 -26.19 -32.97
C CYS J 134 79.54 -25.41 -31.68
N LEU J 135 80.78 -24.95 -31.53
CA LEU J 135 81.22 -24.20 -30.35
C LEU J 135 81.79 -22.86 -30.76
N HIS J 136 81.09 -22.16 -31.64
CA HIS J 136 81.53 -20.87 -32.14
C HIS J 136 80.52 -19.79 -31.76
N THR J 137 80.89 -18.53 -32.00
CA THR J 137 79.97 -17.42 -31.82
C THR J 137 79.12 -17.22 -33.06
N ASP J 138 78.38 -16.11 -33.12
CA ASP J 138 77.56 -15.80 -34.28
C ASP J 138 78.36 -15.30 -35.47
N VAL J 139 79.48 -14.62 -35.24
CA VAL J 139 80.29 -14.07 -36.33
C VAL J 139 81.44 -14.98 -36.74
N SER J 140 81.52 -16.18 -36.19
CA SER J 140 82.59 -17.11 -36.53
C SER J 140 82.12 -18.44 -37.07
N CYS J 141 80.86 -18.82 -36.84
CA CYS J 141 80.32 -20.04 -37.44
C CYS J 141 80.29 -19.91 -38.96
N ARG J 142 80.74 -20.96 -39.64
CA ARG J 142 80.81 -20.96 -41.10
C ARG J 142 79.78 -21.88 -41.73
N GLN J 143 78.80 -22.36 -40.98
CA GLN J 143 77.76 -23.21 -41.54
C GLN J 143 76.78 -22.37 -42.35
N ARG J 144 76.77 -22.57 -43.66
CA ARG J 144 75.88 -21.83 -44.54
C ARG J 144 74.44 -22.31 -44.38
N ALA J 145 73.51 -21.36 -44.41
CA ALA J 145 72.10 -21.66 -44.26
C ALA J 145 71.29 -20.58 -44.96
N ASP J 146 69.98 -20.60 -44.75
CA ASP J 146 69.09 -19.60 -45.35
C ASP J 146 68.12 -18.95 -44.37
N VAL J 147 68.03 -19.43 -43.13
CA VAL J 147 67.13 -18.89 -42.12
C VAL J 147 67.87 -18.80 -40.79
N ALA J 148 67.65 -17.70 -40.08
CA ALA J 148 68.24 -17.49 -38.77
C ALA J 148 67.14 -17.08 -37.79
N ILE J 149 67.27 -17.50 -36.54
CA ILE J 149 66.29 -17.20 -35.51
C ILE J 149 67.01 -16.71 -34.26
N TYR J 150 66.45 -15.66 -33.64
CA TYR J 150 66.95 -15.12 -32.39
C TYR J 150 65.86 -15.24 -31.35
N GLN J 151 66.21 -15.75 -30.16
CA GLN J 151 65.28 -15.87 -29.06
C GLN J 151 65.92 -15.32 -27.78
N ASP J 152 65.36 -14.23 -27.27
CA ASP J 152 65.84 -13.58 -26.05
C ASP J 152 67.34 -13.29 -26.13
N VAL J 153 67.77 -12.77 -27.27
CA VAL J 153 69.17 -12.41 -27.50
C VAL J 153 69.27 -10.89 -27.46
N TYR J 154 70.07 -10.39 -26.51
CA TYR J 154 70.18 -8.96 -26.27
C TYR J 154 71.61 -8.43 -26.30
N ALA J 155 72.62 -9.30 -26.31
CA ALA J 155 74.00 -8.88 -26.15
C ALA J 155 74.77 -8.77 -27.46
N VAL J 156 74.10 -8.87 -28.60
CA VAL J 156 74.74 -8.75 -29.90
C VAL J 156 74.37 -7.42 -30.53
N HIS J 157 75.26 -6.90 -31.37
CA HIS J 157 75.02 -5.68 -32.11
C HIS J 157 74.35 -6.06 -33.43
N ALA J 158 73.13 -5.57 -33.64
CA ALA J 158 72.28 -6.06 -34.73
C ALA J 158 72.89 -5.87 -36.12
N PRO J 159 73.44 -4.71 -36.50
CA PRO J 159 73.97 -4.58 -37.87
C PRO J 159 75.09 -5.57 -38.18
N THR J 160 76.06 -5.71 -37.28
CA THR J 160 77.17 -6.63 -37.52
C THR J 160 76.69 -8.08 -37.59
N SER J 161 75.79 -8.46 -36.67
CA SER J 161 75.28 -9.82 -36.66
C SER J 161 74.50 -10.12 -37.94
N LEU J 162 73.69 -9.18 -38.40
CA LEU J 162 72.93 -9.40 -39.64
C LEU J 162 73.84 -9.43 -40.86
N TYR J 163 74.88 -8.58 -40.88
CA TYR J 163 75.81 -8.59 -42.01
C TYR J 163 76.58 -9.90 -42.07
N HIS J 164 77.02 -10.44 -40.93
CA HIS J 164 77.73 -11.71 -40.94
C HIS J 164 76.83 -12.89 -41.22
N GLN J 165 75.50 -12.71 -41.18
CA GLN J 165 74.57 -13.75 -41.59
C GLN J 165 74.17 -13.63 -43.06
N ALA J 166 74.17 -12.41 -43.60
CA ALA J 166 73.71 -12.20 -44.98
C ALA J 166 74.71 -12.76 -46.00
N ILE J 167 75.99 -12.79 -45.66
CA ILE J 167 77.02 -13.22 -46.60
C ILE J 167 77.11 -14.74 -46.61
N LYS J 168 76.20 -15.40 -45.89
CA LYS J 168 76.21 -16.85 -45.83
C LYS J 168 74.97 -17.47 -46.47
N GLY J 169 74.21 -16.75 -47.29
CA GLY J 169 73.04 -17.30 -47.92
C GLY J 169 71.75 -17.15 -47.17
N VAL J 170 71.73 -16.40 -46.07
CA VAL J 170 70.53 -16.21 -45.27
C VAL J 170 69.74 -15.05 -45.84
N ARG J 171 68.45 -15.30 -46.12
CA ARG J 171 67.58 -14.30 -46.70
C ARG J 171 66.39 -13.93 -45.81
N LEU J 172 66.30 -14.50 -44.61
CA LEU J 172 65.16 -14.28 -43.74
C LEU J 172 65.56 -14.54 -42.29
N ALA J 173 65.18 -13.62 -41.40
CA ALA J 173 65.55 -13.74 -39.99
C ALA J 173 64.37 -13.32 -39.12
N TYR J 174 64.31 -13.90 -37.92
CA TYR J 174 63.28 -13.60 -36.95
C TYR J 174 63.90 -13.21 -35.62
N TRP J 175 63.20 -12.34 -34.89
CA TRP J 175 63.67 -11.87 -33.59
C TRP J 175 62.47 -11.75 -32.65
N VAL J 176 62.51 -12.46 -31.53
CA VAL J 176 61.43 -12.45 -30.54
C VAL J 176 61.98 -11.90 -29.24
N GLY J 177 61.29 -10.92 -28.66
CA GLY J 177 61.79 -10.37 -27.42
C GLY J 177 60.90 -9.27 -26.87
N PHE J 178 61.48 -8.49 -25.96
CA PHE J 178 60.82 -7.35 -25.34
C PHE J 178 60.76 -6.16 -26.30
N ASP J 179 59.76 -5.31 -26.09
CA ASP J 179 59.64 -4.08 -26.86
C ASP J 179 60.79 -3.13 -26.52
N THR J 180 61.34 -2.51 -27.56
CA THR J 180 62.47 -1.60 -27.43
C THR J 180 62.02 -0.15 -27.26
N THR J 181 60.72 0.10 -27.32
CA THR J 181 60.21 1.47 -27.26
C THR J 181 60.58 2.23 -25.98
N PRO J 182 60.51 1.65 -24.77
CA PRO J 182 60.85 2.42 -23.57
C PRO J 182 62.28 2.95 -23.55
N PHE J 183 63.22 2.30 -24.24
CA PHE J 183 64.60 2.77 -24.24
C PHE J 183 64.88 3.79 -25.34
N MET J 184 63.98 3.94 -26.31
CA MET J 184 64.10 5.03 -27.26
C MET J 184 63.65 6.35 -26.66
N TYR J 185 62.74 6.30 -25.69
CA TYR J 185 62.33 7.49 -24.94
C TYR J 185 63.30 7.82 -23.81
N ASN J 186 64.25 6.93 -23.51
CA ASN J 186 65.33 7.18 -22.56
C ASN J 186 64.79 7.40 -21.14
N ALA J 187 64.00 6.43 -20.67
CA ALA J 187 63.49 6.47 -19.31
C ALA J 187 64.51 5.88 -18.34
N MET J 188 64.26 6.08 -17.04
CA MET J 188 65.19 5.62 -16.02
C MET J 188 64.77 4.29 -15.39
N ALA J 189 63.47 4.01 -15.32
CA ALA J 189 63.00 2.74 -14.76
C ALA J 189 61.65 2.41 -15.40
N GLY J 190 61.27 1.14 -15.31
CA GLY J 190 60.00 0.76 -15.93
C GLY J 190 59.60 -0.65 -15.57
N ALA J 191 58.42 -1.03 -16.06
CA ALA J 191 57.81 -2.32 -15.77
C ALA J 191 57.13 -2.88 -17.00
N TYR J 192 56.98 -4.21 -17.02
CA TYR J 192 56.17 -4.94 -17.99
C TYR J 192 55.18 -5.75 -17.16
N PRO J 193 54.13 -5.11 -16.65
CA PRO J 193 53.33 -5.73 -15.57
C PRO J 193 52.60 -7.01 -15.95
N SER J 194 52.42 -7.29 -17.24
CA SER J 194 51.76 -8.52 -17.64
C SER J 194 52.68 -9.74 -17.61
N TYR J 195 53.99 -9.54 -17.43
CA TYR J 195 54.95 -10.64 -17.39
C TYR J 195 55.76 -10.65 -16.10
N SER J 196 55.36 -9.86 -15.11
CA SER J 196 56.04 -9.79 -13.81
C SER J 196 57.52 -9.46 -13.98
N THR J 197 57.78 -8.38 -14.71
CA THR J 197 59.14 -7.96 -15.04
C THR J 197 59.32 -6.49 -14.68
N ASN J 198 60.41 -6.18 -13.98
CA ASN J 198 60.76 -4.80 -13.66
C ASN J 198 62.21 -4.54 -14.04
N TRP J 199 62.47 -3.34 -14.56
CA TRP J 199 63.83 -2.97 -14.93
C TRP J 199 64.14 -1.60 -14.39
N ALA J 200 65.42 -1.39 -14.05
CA ALA J 200 65.82 -0.14 -13.43
C ALA J 200 67.28 0.17 -13.77
N ASP J 201 67.58 1.47 -13.81
CA ASP J 201 68.95 1.94 -13.94
C ASP J 201 69.71 1.71 -12.64
N GLU J 202 71.03 1.57 -12.76
CA GLU J 202 71.85 1.22 -11.60
C GLU J 202 71.91 2.31 -10.55
N GLN J 203 71.68 3.58 -10.93
CA GLN J 203 71.82 4.68 -9.99
C GLN J 203 70.58 4.91 -9.14
N VAL J 204 69.50 4.16 -9.35
CA VAL J 204 68.28 4.31 -8.57
C VAL J 204 67.89 3.02 -7.85
N LEU J 205 68.85 2.11 -7.65
CA LEU J 205 68.53 0.84 -7.00
C LEU J 205 68.19 1.02 -5.53
N LYS J 206 68.59 2.15 -4.93
CA LYS J 206 68.24 2.43 -3.53
C LYS J 206 67.08 3.40 -3.40
N ALA J 207 66.11 3.35 -4.32
CA ALA J 207 64.92 4.16 -4.23
C ALA J 207 63.95 3.53 -3.22
N LYS J 208 62.72 4.04 -3.17
CA LYS J 208 61.75 3.59 -2.17
C LYS J 208 60.50 2.97 -2.76
N ASN J 209 59.90 3.57 -3.79
CA ASN J 209 58.57 3.18 -4.23
C ASN J 209 58.52 2.70 -5.69
N ILE J 210 59.68 2.52 -6.34
CA ILE J 210 59.69 1.91 -7.66
C ILE J 210 59.63 0.40 -7.49
N GLY J 211 59.39 -0.33 -8.58
CA GLY J 211 59.15 -1.75 -8.49
C GLY J 211 60.37 -2.62 -8.23
N LEU J 212 61.57 -2.04 -8.28
CA LEU J 212 62.81 -2.77 -8.06
C LEU J 212 63.78 -1.88 -7.27
N CYS J 213 63.77 -2.03 -5.94
CA CYS J 213 64.60 -1.20 -5.07
C CYS J 213 64.61 -1.79 -3.67
N SER J 214 65.47 -1.21 -2.83
CA SER J 214 65.53 -1.53 -1.41
C SER J 214 66.15 -0.36 -0.67
N THR J 215 65.55 0.02 0.46
CA THR J 215 66.03 1.14 1.26
C THR J 215 66.07 0.75 2.74
N ASP J 216 66.42 1.72 3.58
CA ASP J 216 66.58 1.50 5.02
C ASP J 216 65.75 2.51 5.79
N LEU J 217 65.68 2.30 7.11
CA LEU J 217 65.06 3.24 8.03
C LEU J 217 66.10 4.24 8.53
N THR J 218 65.67 5.48 8.72
CA THR J 218 66.58 6.54 9.12
C THR J 218 65.81 7.65 9.80
N GLU J 219 66.55 8.52 10.49
CA GLU J 219 65.97 9.65 11.20
C GLU J 219 66.11 10.97 10.42
N GLY J 220 67.23 11.16 9.73
CA GLY J 220 67.44 12.38 8.98
C GLY J 220 68.63 13.21 9.45
N ARG J 221 69.68 13.24 8.64
CA ARG J 221 70.89 13.96 8.97
C ARG J 221 70.92 15.30 8.23
N ARG J 222 71.61 16.29 8.81
CA ARG J 222 71.75 17.61 8.21
C ARG J 222 72.99 17.76 7.36
N GLY J 223 73.82 16.73 7.25
CA GLY J 223 75.04 16.80 6.46
C GLY J 223 74.87 16.23 5.07
N ARG J 229 80.78 16.42 -5.68
CA ARG J 229 79.46 16.92 -6.02
C ARG J 229 78.82 16.14 -7.16
N GLY J 230 77.49 16.18 -7.22
CA GLY J 230 76.73 15.49 -8.24
C GLY J 230 76.07 16.46 -9.20
N LYS J 231 74.78 16.73 -8.96
CA LYS J 231 73.96 17.68 -9.71
C LYS J 231 73.57 17.16 -11.09
N LYS J 232 74.09 15.98 -11.47
CA LYS J 232 73.78 15.35 -12.75
C LYS J 232 73.22 13.96 -12.47
N LEU J 233 71.91 13.80 -12.65
CA LEU J 233 71.24 12.50 -12.54
C LEU J 233 70.67 12.18 -13.91
N GLU J 234 71.40 11.38 -14.69
CA GLU J 234 71.04 11.06 -16.06
C GLU J 234 71.21 9.58 -16.30
N PRO J 235 70.46 9.01 -17.25
CA PRO J 235 70.58 7.58 -17.53
C PRO J 235 71.99 7.19 -17.97
N CYS J 236 72.40 5.99 -17.59
N CYS J 236 72.40 5.99 -17.59
CA CYS J 236 73.71 5.44 -17.90
CA CYS J 236 73.71 5.45 -17.93
C CYS J 236 73.53 4.13 -18.68
C CYS J 236 73.53 4.13 -18.69
N ASP J 237 74.67 3.52 -19.05
CA ASP J 237 74.63 2.35 -19.92
C ASP J 237 74.04 1.13 -19.22
N ARG J 238 74.39 0.89 -17.96
CA ARG J 238 74.06 -0.38 -17.32
C ARG J 238 72.65 -0.36 -16.77
N VAL J 239 71.87 -1.41 -17.10
CA VAL J 239 70.49 -1.53 -16.66
C VAL J 239 70.30 -2.94 -16.11
N LEU J 240 69.42 -3.07 -15.11
CA LEU J 240 69.14 -4.35 -14.48
C LEU J 240 67.70 -4.75 -14.76
N PHE J 241 67.51 -6.00 -15.21
CA PHE J 241 66.22 -6.58 -15.49
C PHE J 241 65.92 -7.68 -14.48
N SER J 242 64.66 -7.75 -14.04
CA SER J 242 64.21 -8.80 -13.13
C SER J 242 62.93 -9.39 -13.70
N VAL J 243 63.02 -10.63 -14.19
CA VAL J 243 61.87 -11.38 -14.70
C VAL J 243 61.51 -12.39 -13.63
N GLY J 244 60.39 -12.16 -12.94
CA GLY J 244 60.06 -12.95 -11.77
C GLY J 244 61.13 -12.78 -10.71
N SER J 245 61.94 -13.80 -10.51
CA SER J 245 63.07 -13.73 -9.59
C SER J 245 64.41 -13.90 -10.28
N THR J 246 64.47 -13.88 -11.60
CA THR J 246 65.71 -14.04 -12.34
C THR J 246 66.25 -12.68 -12.77
N LEU J 247 67.56 -12.50 -12.63
CA LEU J 247 68.22 -11.22 -12.84
C LEU J 247 69.08 -11.26 -14.10
N TYR J 248 69.01 -10.20 -14.90
CA TYR J 248 69.79 -10.09 -16.13
C TYR J 248 70.36 -8.68 -16.24
N PRO J 249 71.68 -8.51 -16.31
CA PRO J 249 72.24 -7.18 -16.61
C PRO J 249 72.36 -6.95 -18.10
N GLU J 250 72.03 -5.73 -18.54
CA GLU J 250 72.05 -5.40 -19.96
C GLU J 250 72.61 -4.00 -20.15
N SER J 251 72.86 -3.66 -21.42
CA SER J 251 73.39 -2.38 -21.84
C SER J 251 72.39 -1.66 -22.72
N ARG J 252 72.36 -0.32 -22.61
CA ARG J 252 71.38 0.46 -23.37
C ARG J 252 71.69 0.48 -24.86
N LYS J 253 72.97 0.52 -25.22
CA LYS J 253 73.35 0.63 -26.62
C LYS J 253 72.91 -0.59 -27.42
N LEU J 254 73.19 -1.79 -26.91
CA LEU J 254 72.80 -3.00 -27.61
C LEU J 254 71.29 -3.21 -27.63
N LEU J 255 70.57 -2.72 -26.62
CA LEU J 255 69.12 -2.75 -26.67
C LEU J 255 68.58 -1.80 -27.74
N LYS J 256 69.12 -0.58 -27.82
CA LYS J 256 68.67 0.37 -28.81
C LYS J 256 69.06 -0.03 -30.23
N SER J 257 70.12 -0.82 -30.39
CA SER J 257 70.58 -1.19 -31.73
C SER J 257 69.58 -2.06 -32.48
N TRP J 258 68.62 -2.66 -31.79
CA TRP J 258 67.63 -3.51 -32.43
C TRP J 258 66.35 -2.76 -32.82
N HIS J 259 66.30 -1.45 -32.57
CA HIS J 259 65.18 -0.61 -33.03
C HIS J 259 65.52 -0.14 -34.43
N LEU J 260 65.21 -0.99 -35.43
CA LEU J 260 65.64 -0.77 -36.80
C LEU J 260 64.55 -0.09 -37.62
N PRO J 261 64.94 0.72 -38.61
CA PRO J 261 63.95 1.39 -39.46
C PRO J 261 63.30 0.40 -40.42
N SER J 262 62.33 0.93 -41.18
CA SER J 262 61.60 0.09 -42.12
C SER J 262 62.47 -0.35 -43.29
N VAL J 263 63.40 0.49 -43.73
CA VAL J 263 64.30 0.18 -44.84
C VAL J 263 65.69 0.65 -44.47
N PHE J 264 66.70 -0.20 -44.68
CA PHE J 264 68.09 0.21 -44.45
C PHE J 264 69.00 -0.56 -45.39
N HIS J 265 70.27 -0.14 -45.43
CA HIS J 265 71.26 -0.64 -46.37
C HIS J 265 72.48 -1.12 -45.59
N LEU J 266 72.97 -2.32 -45.92
CA LEU J 266 74.21 -2.85 -45.36
C LEU J 266 75.22 -2.90 -46.51
N LYS J 267 76.18 -1.98 -46.51
CA LYS J 267 77.15 -1.85 -47.59
C LYS J 267 78.57 -1.92 -47.04
N GLY J 268 79.17 -3.11 -47.11
CA GLY J 268 80.57 -3.29 -46.80
C GLY J 268 81.37 -3.68 -48.03
N LYS J 269 81.68 -4.98 -48.16
CA LYS J 269 82.24 -5.52 -49.38
C LYS J 269 81.12 -5.94 -50.32
N LEU J 270 80.16 -6.72 -49.84
CA LEU J 270 78.92 -6.97 -50.55
C LEU J 270 77.83 -6.06 -50.00
N SER J 271 76.84 -5.79 -50.83
CA SER J 271 75.79 -4.83 -50.50
C SER J 271 74.44 -5.51 -50.43
N PHE J 272 73.64 -5.11 -49.44
CA PHE J 272 72.32 -5.69 -49.22
C PHE J 272 71.33 -4.58 -48.84
N THR J 273 70.07 -4.80 -49.19
CA THR J 273 68.98 -3.91 -48.84
C THR J 273 68.01 -4.69 -47.96
N CYS J 274 67.73 -4.17 -46.76
CA CYS J 274 67.00 -4.91 -45.75
C CYS J 274 65.77 -4.13 -45.29
N ARG J 275 64.75 -4.90 -44.89
CA ARG J 275 63.49 -4.34 -44.41
C ARG J 275 63.12 -4.99 -43.08
N CYS J 276 62.49 -4.21 -42.20
CA CYS J 276 62.09 -4.68 -40.89
C CYS J 276 60.61 -4.45 -40.69
N ASP J 277 59.90 -5.49 -40.24
CA ASP J 277 58.47 -5.43 -40.02
C ASP J 277 58.11 -6.16 -38.73
N THR J 278 57.06 -5.68 -38.07
CA THR J 278 56.56 -6.28 -36.84
C THR J 278 55.28 -7.06 -37.16
N VAL J 279 55.27 -8.35 -36.82
CA VAL J 279 54.16 -9.21 -37.16
C VAL J 279 53.30 -9.59 -35.96
N VAL J 280 53.90 -9.77 -34.78
CA VAL J 280 53.15 -10.14 -33.57
C VAL J 280 53.58 -9.22 -32.44
N SER J 281 52.59 -8.70 -31.71
CA SER J 281 52.84 -7.77 -30.61
C SER J 281 51.82 -8.04 -29.51
N CYS J 282 52.31 -8.26 -28.29
CA CYS J 282 51.45 -8.55 -27.14
C CYS J 282 52.07 -7.92 -25.89
N GLU J 283 51.55 -6.76 -25.50
CA GLU J 283 51.79 -6.13 -24.20
C GLU J 283 53.25 -6.12 -23.77
N GLY J 284 54.18 -6.07 -24.71
CA GLY J 284 55.57 -6.01 -24.36
C GLY J 284 56.46 -6.93 -25.18
N TYR J 285 55.91 -8.05 -25.65
CA TYR J 285 56.64 -8.95 -26.53
C TYR J 285 56.33 -8.65 -27.98
N VAL J 286 57.38 -8.66 -28.80
CA VAL J 286 57.28 -8.42 -30.23
C VAL J 286 58.07 -9.49 -30.98
N VAL J 287 57.57 -9.81 -32.17
CA VAL J 287 58.26 -10.67 -33.13
C VAL J 287 58.51 -9.81 -34.37
N LYS J 288 59.78 -9.76 -34.78
CA LYS J 288 60.23 -8.93 -35.90
C LYS J 288 60.77 -9.84 -37.00
N ARG J 289 60.31 -9.61 -38.23
CA ARG J 289 60.78 -10.35 -39.38
C ARG J 289 61.63 -9.45 -40.26
N ILE J 290 62.83 -9.91 -40.60
CA ILE J 290 63.78 -9.14 -41.40
C ILE J 290 64.08 -9.92 -42.67
N THR J 291 63.96 -9.24 -43.82
CA THR J 291 64.25 -9.81 -45.12
C THR J 291 65.43 -9.07 -45.74
N MET J 292 66.33 -9.83 -46.36
CA MET J 292 67.55 -9.29 -46.94
C MET J 292 67.67 -9.72 -48.40
N SER J 293 68.24 -8.83 -49.22
CA SER J 293 68.40 -9.09 -50.64
C SER J 293 69.66 -8.40 -51.16
N PRO J 294 70.41 -9.05 -52.05
CA PRO J 294 71.64 -8.44 -52.57
C PRO J 294 71.34 -7.24 -53.44
N GLY J 295 72.27 -6.28 -53.46
CA GLY J 295 72.15 -5.12 -54.32
C GLY J 295 71.60 -3.89 -53.62
N LEU J 296 72.13 -2.72 -53.96
CA LEU J 296 71.67 -1.47 -53.38
C LEU J 296 70.47 -0.94 -54.16
N TYR J 297 69.28 -1.13 -53.63
CA TYR J 297 68.04 -0.68 -54.24
C TYR J 297 67.71 0.71 -53.71
N GLY J 298 66.48 1.22 -53.85
CA GLY J 298 66.18 2.63 -53.67
C GLY J 298 66.44 3.26 -52.31
N LYS J 299 65.89 4.45 -52.12
CA LYS J 299 66.33 5.36 -51.06
C LYS J 299 65.71 5.00 -49.73
N THR J 300 66.25 5.60 -48.66
CA THR J 300 65.83 5.37 -47.29
C THR J 300 65.46 6.70 -46.66
N THR J 301 64.54 6.65 -45.69
CA THR J 301 64.13 7.84 -44.95
C THR J 301 64.76 7.92 -43.57
N GLY J 302 64.83 6.80 -42.85
CA GLY J 302 65.42 6.77 -41.53
C GLY J 302 64.45 6.91 -40.37
N TYR J 303 63.20 6.48 -40.54
CA TYR J 303 62.18 6.63 -39.51
C TYR J 303 61.72 5.25 -39.05
N ALA J 304 61.58 5.08 -37.74
CA ALA J 304 61.03 3.88 -37.14
C ALA J 304 59.68 4.20 -36.52
N VAL J 305 58.71 3.32 -36.74
CA VAL J 305 57.32 3.54 -36.37
C VAL J 305 56.85 2.41 -35.45
N THR J 306 56.12 2.79 -34.41
CA THR J 306 55.56 1.85 -33.45
C THR J 306 54.06 2.10 -33.32
N HIS J 307 53.26 1.05 -33.47
CA HIS J 307 51.82 1.14 -33.34
C HIS J 307 51.39 0.71 -31.95
N HIS J 308 50.49 1.49 -31.33
CA HIS J 308 50.09 1.27 -29.94
C HIS J 308 48.70 0.67 -29.91
N ALA J 309 48.60 -0.60 -29.52
CA ALA J 309 47.30 -1.22 -29.28
C ALA J 309 46.81 -1.00 -27.85
N ASP J 310 47.71 -0.63 -26.94
CA ASP J 310 47.35 -0.27 -25.57
C ASP J 310 47.99 1.07 -25.24
N GLY J 311 47.61 1.62 -24.09
CA GLY J 311 48.14 2.91 -23.70
C GLY J 311 49.57 2.82 -23.21
N PHE J 312 50.37 3.82 -23.56
CA PHE J 312 51.76 3.92 -23.11
C PHE J 312 51.94 5.23 -22.36
N LEU J 313 52.51 5.16 -21.16
CA LEU J 313 52.69 6.34 -20.33
C LEU J 313 54.14 6.51 -19.94
N MET J 314 54.59 7.76 -19.88
CA MET J 314 55.90 8.10 -19.34
C MET J 314 55.76 9.41 -18.56
N CYS J 315 56.07 9.38 -17.27
CA CYS J 315 55.77 10.52 -16.41
C CYS J 315 56.92 10.80 -15.46
N LYS J 316 56.98 12.05 -15.00
CA LYS J 316 57.91 12.47 -13.97
C LYS J 316 57.38 12.08 -12.59
N THR J 317 58.31 11.72 -11.70
CA THR J 317 57.95 11.36 -10.33
C THR J 317 59.07 11.78 -9.39
N THR J 318 58.69 11.99 -8.14
CA THR J 318 59.61 12.40 -7.08
C THR J 318 59.75 11.26 -6.08
N ASP J 319 60.98 10.88 -5.77
CA ASP J 319 61.26 9.78 -4.86
C ASP J 319 62.43 10.17 -3.97
N THR J 320 62.77 9.26 -3.05
CA THR J 320 63.92 9.42 -2.18
C THR J 320 64.91 8.29 -2.44
N VAL J 321 66.10 8.63 -2.89
CA VAL J 321 67.16 7.68 -3.18
C VAL J 321 68.25 7.87 -2.13
N ASP J 322 68.45 6.84 -1.31
CA ASP J 322 69.51 6.84 -0.29
C ASP J 322 69.41 8.04 0.65
N GLY J 323 68.18 8.50 0.87
CA GLY J 323 67.91 9.61 1.76
C GLY J 323 67.75 10.94 1.07
N GLU J 324 68.16 11.07 -0.18
CA GLU J 324 68.11 12.34 -0.89
C GLU J 324 66.90 12.38 -1.82
N ARG J 325 66.16 13.48 -1.77
CA ARG J 325 64.96 13.64 -2.58
C ARG J 325 65.32 14.07 -3.99
N VAL J 326 64.87 13.31 -4.99
CA VAL J 326 65.17 13.56 -6.39
C VAL J 326 63.93 13.29 -7.23
N SER J 327 64.05 13.58 -8.53
CA SER J 327 62.97 13.39 -9.49
C SER J 327 63.52 12.74 -10.75
N PHE J 328 62.73 11.82 -11.33
CA PHE J 328 63.12 11.16 -12.58
C PHE J 328 61.88 10.57 -13.23
N SER J 329 62.07 9.95 -14.40
CA SER J 329 60.98 9.52 -15.26
C SER J 329 60.77 8.02 -15.19
N VAL J 330 59.49 7.61 -15.24
CA VAL J 330 59.09 6.20 -15.20
C VAL J 330 58.05 5.96 -16.28
N CYS J 331 58.12 4.81 -16.93
CA CYS J 331 57.21 4.47 -18.02
C CYS J 331 56.48 3.16 -17.72
N THR J 332 55.31 3.00 -18.32
CA THR J 332 54.48 1.82 -18.08
C THR J 332 53.44 1.67 -19.18
N TYR J 333 52.74 0.53 -19.14
CA TYR J 333 51.69 0.16 -20.07
C TYR J 333 50.35 0.14 -19.35
N VAL J 334 49.30 0.53 -20.05
CA VAL J 334 47.94 0.62 -19.49
C VAL J 334 47.00 -0.10 -20.44
N PRO J 335 46.07 -0.92 -19.94
CA PRO J 335 45.11 -1.61 -20.81
C PRO J 335 44.19 -0.63 -21.52
N ALA J 336 43.67 -1.07 -22.68
CA ALA J 336 42.90 -0.17 -23.54
C ALA J 336 41.53 0.16 -22.93
N THR J 337 40.92 -0.80 -22.23
CA THR J 337 39.58 -0.58 -21.69
C THR J 337 39.56 0.55 -20.66
N ILE J 338 40.56 0.57 -19.78
CA ILE J 338 40.64 1.64 -18.78
C ILE J 338 40.86 2.99 -19.46
N CYS J 339 41.73 3.03 -20.48
CA CYS J 339 41.96 4.26 -21.22
C CYS J 339 40.68 4.76 -21.87
N ASP J 340 39.89 3.86 -22.45
CA ASP J 340 38.63 4.25 -23.06
C ASP J 340 37.63 4.74 -22.02
N GLN J 341 37.59 4.11 -20.85
CA GLN J 341 36.64 4.50 -19.81
C GLN J 341 37.08 5.73 -19.03
N MET J 342 38.31 6.21 -19.21
CA MET J 342 38.77 7.43 -18.57
C MET J 342 38.60 8.67 -19.44
N THR J 343 38.01 8.53 -20.62
CA THR J 343 37.94 9.65 -21.57
C THR J 343 37.09 10.80 -21.03
N GLY J 344 35.96 10.48 -20.39
CA GLY J 344 35.06 11.53 -19.95
C GLY J 344 35.63 12.36 -18.81
N ILE J 345 36.28 11.70 -17.86
CA ILE J 345 36.78 12.41 -16.67
C ILE J 345 37.89 13.37 -17.03
N LEU J 346 38.73 13.01 -18.00
CA LEU J 346 39.90 13.82 -18.34
C LEU J 346 39.56 15.11 -19.07
N ALA J 347 38.28 15.39 -19.31
CA ALA J 347 37.90 16.64 -19.95
C ALA J 347 38.18 17.84 -19.04
N THR J 348 38.01 17.67 -17.74
CA THR J 348 38.26 18.73 -16.78
C THR J 348 39.57 18.49 -16.04
N GLU J 349 39.87 19.38 -15.10
CA GLU J 349 41.07 19.28 -14.27
C GLU J 349 40.72 18.51 -13.00
N VAL J 350 41.47 17.45 -12.73
CA VAL J 350 41.18 16.54 -11.63
C VAL J 350 42.43 16.40 -10.76
N THR J 351 42.21 16.12 -9.48
CA THR J 351 43.26 15.90 -8.51
C THR J 351 43.71 14.44 -8.53
N PRO J 352 44.96 14.17 -8.13
CA PRO J 352 45.44 12.78 -8.15
C PRO J 352 44.64 11.82 -7.29
N GLU J 353 44.10 12.28 -6.16
CA GLU J 353 43.37 11.37 -5.28
C GLU J 353 42.02 10.96 -5.87
N ASP J 354 41.32 11.91 -6.50
CA ASP J 354 40.07 11.58 -7.18
C ASP J 354 40.32 10.60 -8.32
N ALA J 355 41.39 10.81 -9.09
CA ALA J 355 41.74 9.88 -10.15
C ALA J 355 42.08 8.50 -9.59
N GLN J 356 42.79 8.47 -8.45
CA GLN J 356 43.11 7.20 -7.80
C GLN J 356 41.83 6.45 -7.40
N LYS J 357 40.88 7.16 -6.80
CA LYS J 357 39.64 6.52 -6.38
C LYS J 357 38.84 6.02 -7.59
N LEU J 358 38.79 6.82 -8.65
CA LEU J 358 38.08 6.39 -9.87
C LEU J 358 38.74 5.16 -10.48
N LEU J 359 40.08 5.15 -10.53
CA LEU J 359 40.79 4.01 -11.09
C LEU J 359 40.57 2.76 -10.26
N VAL J 360 40.55 2.89 -8.93
CA VAL J 360 40.27 1.75 -8.07
C VAL J 360 38.84 1.25 -8.29
N GLY J 361 37.90 2.18 -8.49
CA GLY J 361 36.53 1.78 -8.76
C GLY J 361 36.38 1.02 -10.07
N LEU J 362 37.03 1.50 -11.13
CA LEU J 362 36.95 0.80 -12.41
C LEU J 362 37.71 -0.52 -12.38
N ASN J 363 38.84 -0.59 -11.69
CA ASN J 363 39.63 -1.81 -11.65
C ASN J 363 38.95 -2.88 -10.80
N ASN J 377 40.98 -8.29 -10.78
CA ASN J 377 41.67 -7.05 -11.16
C ASN J 377 42.13 -7.10 -12.61
N THR J 378 42.00 -5.96 -13.31
CA THR J 378 42.46 -5.86 -14.68
C THR J 378 43.92 -5.41 -14.77
N MET J 379 44.33 -4.46 -13.94
CA MET J 379 45.71 -4.01 -13.86
C MET J 379 46.22 -4.20 -12.44
N LYS J 380 47.53 -4.40 -12.31
CA LYS J 380 48.12 -4.61 -10.99
C LYS J 380 48.06 -3.33 -10.17
N ASN J 381 47.86 -3.49 -8.86
CA ASN J 381 47.55 -2.37 -7.99
C ASN J 381 48.75 -1.51 -7.63
N TYR J 382 49.97 -2.01 -7.80
CA TYR J 382 51.14 -1.23 -7.41
C TYR J 382 51.53 -0.19 -8.45
N MET J 383 50.88 -0.18 -9.62
CA MET J 383 51.14 0.82 -10.64
C MET J 383 50.12 1.96 -10.66
N ILE J 384 49.01 1.81 -9.94
CA ILE J 384 47.90 2.77 -9.95
C ILE J 384 48.31 4.17 -9.48
N PRO J 385 49.05 4.32 -8.36
CA PRO J 385 49.33 5.68 -7.86
C PRO J 385 50.11 6.55 -8.84
N VAL J 386 50.97 5.98 -9.67
CA VAL J 386 51.74 6.81 -10.60
C VAL J 386 50.93 7.09 -11.87
N VAL J 387 50.08 6.15 -12.28
CA VAL J 387 49.19 6.38 -13.40
C VAL J 387 48.22 7.50 -13.09
N ALA J 388 47.68 7.54 -11.87
CA ALA J 388 46.76 8.61 -11.49
C ALA J 388 47.44 9.97 -11.55
N GLN J 389 48.67 10.07 -11.04
CA GLN J 389 49.43 11.30 -11.10
C GLN J 389 49.73 11.73 -12.53
N ALA J 390 50.08 10.79 -13.40
CA ALA J 390 50.34 11.11 -14.80
C ALA J 390 49.08 11.64 -15.49
N PHE J 391 47.93 11.00 -15.25
CA PHE J 391 46.69 11.49 -15.83
C PHE J 391 46.35 12.89 -15.32
N SER J 392 46.53 13.12 -14.02
CA SER J 392 46.22 14.43 -13.44
C SER J 392 47.11 15.51 -14.05
N LYS J 393 48.39 15.22 -14.25
CA LYS J 393 49.28 16.21 -14.85
C LYS J 393 49.01 16.41 -16.34
N TRP J 394 48.55 15.37 -17.04
CA TRP J 394 48.24 15.52 -18.46
C TRP J 394 47.00 16.39 -18.67
N ALA J 395 45.97 16.19 -17.84
CA ALA J 395 44.74 16.95 -18.00
C ALA J 395 44.94 18.44 -17.78
N LYS J 396 45.89 18.81 -16.91
CA LYS J 396 46.16 20.23 -16.67
C LYS J 396 46.93 20.88 -17.82
N GLU J 397 47.91 20.18 -18.39
CA GLU J 397 48.62 20.70 -19.55
C GLU J 397 47.73 20.84 -20.77
N CYS J 398 46.77 19.93 -20.95
CA CYS J 398 45.81 20.11 -22.04
C CYS J 398 45.04 21.42 -21.88
N ARG J 399 44.53 21.69 -20.68
CA ARG J 399 43.79 22.93 -20.45
C ARG J 399 44.67 24.16 -20.62
N LYS J 400 45.93 24.09 -20.16
CA LYS J 400 46.82 25.22 -20.35
C LYS J 400 47.11 25.47 -21.83
N ASP J 401 47.22 24.41 -22.63
CA ASP J 401 47.35 24.60 -24.07
C ASP J 401 46.09 25.24 -24.66
N MET J 402 44.92 24.84 -24.16
CA MET J 402 43.67 25.34 -24.72
C MET J 402 43.46 26.84 -24.50
N GLU J 403 44.07 27.41 -23.45
CA GLU J 403 43.80 28.80 -23.07
C GLU J 403 44.89 29.77 -23.51
N ASP J 404 45.81 29.35 -24.37
CA ASP J 404 46.89 30.21 -24.87
C ASP J 404 46.91 30.17 -26.39
N GLU J 405 45.73 30.38 -26.98
CA GLU J 405 45.55 30.29 -28.42
C GLU J 405 46.46 31.26 -29.16
N LYS J 406 47.01 30.80 -30.28
CA LYS J 406 47.93 31.54 -31.12
C LYS J 406 47.29 31.81 -32.49
N LEU J 407 48.07 32.41 -33.39
CA LEU J 407 47.62 32.72 -34.74
C LEU J 407 48.12 31.66 -35.71
N LEU J 408 47.44 31.55 -36.85
CA LEU J 408 47.74 30.50 -37.83
C LEU J 408 49.04 30.80 -38.57
N GLY J 409 49.99 29.87 -38.48
CA GLY J 409 51.16 29.88 -39.34
C GLY J 409 52.25 30.87 -38.99
N VAL J 410 52.26 31.41 -37.77
CA VAL J 410 53.27 32.39 -37.37
C VAL J 410 53.82 32.00 -36.01
N ARG J 411 55.15 32.04 -35.89
CA ARG J 411 55.84 31.87 -34.62
C ARG J 411 56.37 33.22 -34.15
N GLU J 412 56.22 33.50 -32.87
CA GLU J 412 56.65 34.78 -32.30
C GLU J 412 58.03 34.60 -31.64
N ARG J 413 59.04 35.14 -32.30
CA ARG J 413 60.39 35.16 -31.76
C ARG J 413 60.95 36.58 -31.77
N ALA J 422 65.02 34.52 -29.74
CA ALA J 422 64.84 33.48 -28.74
C ALA J 422 63.37 33.25 -28.43
N PHE J 423 62.97 31.98 -28.35
CA PHE J 423 61.59 31.61 -28.09
C PHE J 423 61.50 30.80 -26.80
N LYS J 424 60.42 31.01 -26.06
CA LYS J 424 60.23 30.35 -24.78
C LYS J 424 59.77 28.90 -24.98
N LYS J 425 60.25 28.02 -24.10
CA LYS J 425 59.78 26.64 -24.07
C LYS J 425 58.88 26.43 -22.85
N GLN J 426 57.99 25.46 -22.97
CA GLN J 426 57.02 25.16 -21.91
C GLN J 426 57.37 23.86 -21.20
N LYS J 427 56.64 23.59 -20.13
CA LYS J 427 56.86 22.39 -19.33
C LYS J 427 56.18 21.19 -19.97
N THR J 428 56.83 20.03 -19.87
CA THR J 428 56.25 18.76 -20.28
C THR J 428 56.61 17.71 -19.23
N HIS J 429 55.61 17.25 -18.49
CA HIS J 429 55.82 16.27 -17.44
C HIS J 429 55.16 14.93 -17.72
N THR J 430 54.41 14.79 -18.80
CA THR J 430 53.75 13.54 -19.13
C THR J 430 53.74 13.34 -20.63
N VAL J 431 54.04 12.10 -21.05
CA VAL J 431 53.87 11.66 -22.42
C VAL J 431 52.88 10.51 -22.40
N TYR J 432 51.79 10.66 -23.15
CA TYR J 432 50.69 9.71 -23.15
C TYR J 432 50.38 9.32 -24.60
N LYS J 433 50.55 8.05 -24.92
CA LYS J 433 50.24 7.51 -26.24
C LYS J 433 49.00 6.63 -26.10
N ARG J 434 47.87 7.13 -26.61
CA ARG J 434 46.62 6.42 -26.55
C ARG J 434 46.58 5.30 -27.59
N PRO J 435 45.72 4.30 -27.40
CA PRO J 435 45.62 3.22 -28.39
C PRO J 435 45.14 3.74 -29.73
N ASP J 436 45.56 3.04 -30.80
CA ASP J 436 45.31 3.40 -32.19
C ASP J 436 46.11 4.63 -32.60
N THR J 437 47.29 4.81 -32.00
CA THR J 437 48.22 5.87 -32.37
C THR J 437 49.57 5.26 -32.71
N GLN J 438 50.49 6.11 -33.15
CA GLN J 438 51.80 5.67 -33.60
C GLN J 438 52.88 6.64 -33.15
N SER J 439 53.99 6.08 -32.71
CA SER J 439 55.21 6.83 -32.40
C SER J 439 56.19 6.71 -33.55
N ILE J 440 56.94 7.78 -33.80
CA ILE J 440 57.90 7.83 -34.90
C ILE J 440 59.20 8.45 -34.40
N GLN J 441 60.32 7.79 -34.67
CA GLN J 441 61.63 8.27 -34.24
C GLN J 441 62.62 8.23 -35.40
N LYS J 442 63.65 9.07 -35.30
CA LYS J 442 64.72 9.13 -36.29
C LYS J 442 65.90 8.27 -35.84
N VAL J 443 66.35 7.38 -36.72
CA VAL J 443 67.44 6.47 -36.40
C VAL J 443 68.42 6.41 -37.57
N GLN J 444 69.46 5.60 -37.44
CA GLN J 444 70.45 5.43 -38.49
C GLN J 444 69.96 4.44 -39.54
N ALA J 445 70.28 4.73 -40.80
CA ALA J 445 69.88 3.88 -41.91
C ALA J 445 71.01 3.47 -42.84
N GLU J 446 72.18 4.09 -42.74
CA GLU J 446 73.32 3.80 -43.60
C GLU J 446 74.40 3.12 -42.76
N PHE J 447 74.57 1.82 -42.94
CA PHE J 447 75.52 1.03 -42.18
C PHE J 447 76.63 0.57 -43.12
N ASP J 448 77.87 0.84 -42.75
CA ASP J 448 79.02 0.46 -43.57
C ASP J 448 80.02 -0.36 -42.75
N ASP K 2 48.06 -42.50 -4.00
CA ASP K 2 48.17 -41.31 -4.83
C ASP K 2 47.98 -40.01 -4.01
N PRO K 3 46.95 -39.93 -3.18
CA PRO K 3 46.77 -38.71 -2.36
C PRO K 3 47.87 -38.62 -1.31
N VAL K 4 48.28 -37.39 -1.01
CA VAL K 4 49.28 -37.13 0.02
C VAL K 4 48.54 -36.69 1.27
N TYR K 5 48.72 -37.43 2.36
CA TYR K 5 48.01 -37.18 3.61
C TYR K 5 48.89 -36.35 4.53
N VAL K 6 48.36 -35.21 4.98
CA VAL K 6 49.09 -34.29 5.84
C VAL K 6 48.29 -34.07 7.12
N ASP K 7 49.00 -33.77 8.20
CA ASP K 7 48.41 -33.65 9.54
C ASP K 7 47.93 -32.22 9.76
N ILE K 8 46.81 -31.87 9.11
CA ILE K 8 46.16 -30.58 9.31
C ILE K 8 44.67 -30.83 9.49
N ASP K 9 44.00 -29.85 10.11
CA ASP K 9 42.56 -29.94 10.29
C ASP K 9 41.84 -29.77 8.95
N ALA K 10 40.62 -30.30 8.88
CA ALA K 10 39.88 -30.31 7.63
C ALA K 10 39.61 -28.89 7.12
N ASP K 11 39.10 -28.02 8.00
CA ASP K 11 38.80 -26.65 7.61
C ASP K 11 39.93 -25.70 7.99
N SER K 12 41.02 -25.79 7.24
CA SER K 12 42.18 -24.94 7.42
C SER K 12 42.45 -24.15 6.15
N ALA K 13 42.71 -22.85 6.28
CA ALA K 13 42.93 -21.99 5.14
C ALA K 13 44.31 -22.17 4.52
N PHE K 14 45.26 -22.76 5.23
CA PHE K 14 46.59 -23.03 4.69
C PHE K 14 46.57 -24.10 3.61
N LEU K 15 45.49 -24.89 3.53
CA LEU K 15 45.40 -25.94 2.53
C LEU K 15 45.40 -25.38 1.12
N LYS K 16 44.60 -24.34 0.87
CA LYS K 16 44.54 -23.76 -0.47
C LYS K 16 45.87 -23.13 -0.86
N ALA K 17 46.57 -22.53 0.10
CA ALA K 17 47.93 -22.07 -0.15
C ALA K 17 48.85 -23.23 -0.49
N LEU K 18 48.63 -24.39 0.14
CA LEU K 18 49.43 -25.57 -0.18
C LEU K 18 49.23 -25.99 -1.63
N GLN K 19 47.97 -26.00 -2.10
CA GLN K 19 47.77 -26.31 -3.52
C GLN K 19 48.38 -25.23 -4.42
N ARG K 20 48.25 -23.96 -4.04
CA ARG K 20 48.83 -22.91 -4.88
C ARG K 20 50.35 -23.06 -4.96
N ALA K 21 50.95 -23.61 -3.92
CA ALA K 21 52.40 -23.80 -3.89
C ALA K 21 52.86 -25.09 -4.54
N TYR K 22 52.03 -26.14 -4.54
CA TYR K 22 52.38 -27.45 -5.07
C TYR K 22 51.28 -27.91 -6.02
N PRO K 23 51.17 -27.30 -7.22
CA PRO K 23 50.11 -27.69 -8.14
C PRO K 23 50.49 -28.90 -8.98
N MET K 24 51.06 -29.92 -8.34
CA MET K 24 51.33 -31.21 -8.97
C MET K 24 51.09 -32.35 -8.00
N PHE K 25 50.47 -32.06 -6.85
CA PHE K 25 50.04 -33.09 -5.92
C PHE K 25 48.63 -32.76 -5.48
N GLU K 26 47.85 -33.80 -5.19
CA GLU K 26 46.54 -33.61 -4.59
C GLU K 26 46.62 -33.94 -3.10
N VAL K 27 46.08 -33.03 -2.29
CA VAL K 27 46.32 -33.00 -0.85
C VAL K 27 45.01 -33.27 -0.12
N GLU K 28 45.05 -34.13 0.89
CA GLU K 28 43.91 -34.44 1.72
C GLU K 28 44.31 -34.35 3.19
N PRO K 29 43.52 -33.69 4.03
CA PRO K 29 43.87 -33.54 5.43
C PRO K 29 43.48 -34.75 6.27
N ARG K 30 44.41 -35.18 7.15
CA ARG K 30 44.18 -36.34 8.01
C ARG K 30 44.82 -36.02 9.37
N GLN K 31 43.99 -35.53 10.29
CA GLN K 31 44.47 -35.11 11.61
C GLN K 31 44.65 -36.31 12.53
N VAL K 32 45.78 -36.36 13.23
CA VAL K 32 46.03 -37.41 14.21
C VAL K 32 46.39 -36.80 15.56
N THR K 33 47.33 -35.86 15.58
CA THR K 33 47.82 -35.28 16.83
C THR K 33 47.57 -33.78 16.88
N PRO K 34 47.41 -33.21 18.08
CA PRO K 34 47.18 -31.76 18.21
C PRO K 34 48.48 -30.97 18.30
N ASN K 35 49.29 -31.04 17.25
CA ASN K 35 50.55 -30.29 17.21
C ASN K 35 50.27 -28.81 16.99
N ASP K 36 50.90 -27.97 17.81
CA ASP K 36 50.67 -26.53 17.75
C ASP K 36 51.53 -25.82 16.71
N HIS K 37 52.44 -26.54 16.03
CA HIS K 37 53.24 -25.97 14.95
C HIS K 37 53.25 -26.95 13.77
N ALA K 38 52.07 -27.49 13.44
CA ALA K 38 51.96 -28.57 12.47
C ALA K 38 51.97 -28.09 11.03
N ASN K 39 51.98 -26.79 10.77
CA ASN K 39 51.91 -26.29 9.40
C ASN K 39 53.25 -26.44 8.68
N ALA K 40 54.36 -26.28 9.39
CA ALA K 40 55.67 -26.42 8.75
C ALA K 40 55.97 -27.84 8.31
N ARG K 41 55.48 -28.83 9.06
CA ARG K 41 55.66 -30.22 8.69
C ARG K 41 55.00 -30.56 7.36
N ALA K 42 53.81 -30.03 7.10
CA ALA K 42 53.15 -30.28 5.82
C ALA K 42 53.93 -29.69 4.65
N PHE K 43 54.64 -28.58 4.85
CA PHE K 43 55.45 -28.01 3.77
C PHE K 43 56.72 -28.83 3.56
N SER K 44 57.43 -29.13 4.65
CA SER K 44 58.63 -29.95 4.55
C SER K 44 58.34 -31.38 4.10
N HIS K 45 57.08 -31.81 4.18
CA HIS K 45 56.67 -33.14 3.76
C HIS K 45 56.57 -33.22 2.24
N LEU K 46 55.90 -32.26 1.61
CA LEU K 46 55.83 -32.21 0.16
C LEU K 46 57.14 -31.74 -0.47
N ALA K 47 57.98 -31.01 0.27
CA ALA K 47 59.27 -30.59 -0.29
C ALA K 47 60.11 -31.80 -0.70
N ILE K 48 60.17 -32.81 0.17
CA ILE K 48 60.96 -34.01 -0.13
C ILE K 48 60.36 -34.77 -1.29
N LYS K 49 59.02 -34.83 -1.36
CA LYS K 49 58.37 -35.47 -2.49
C LYS K 49 58.73 -34.79 -3.80
N LEU K 50 58.71 -33.46 -3.82
CA LEU K 50 59.09 -32.73 -5.03
C LEU K 50 60.55 -33.01 -5.39
N ILE K 51 61.43 -32.98 -4.40
CA ILE K 51 62.86 -33.19 -4.66
C ILE K 51 63.10 -34.57 -5.26
N GLU K 52 62.44 -35.58 -4.70
CA GLU K 52 62.63 -36.95 -5.19
C GLU K 52 61.98 -37.15 -6.55
N GLN K 53 60.83 -36.55 -6.78
CA GLN K 53 60.13 -36.65 -8.05
C GLN K 53 60.82 -35.88 -9.17
N GLU K 54 61.71 -34.94 -8.84
CA GLU K 54 62.49 -34.25 -9.86
C GLU K 54 63.97 -34.63 -9.89
N ILE K 55 64.38 -35.70 -9.22
CA ILE K 55 65.77 -36.15 -9.22
C ILE K 55 65.88 -37.47 -9.97
N ASP K 56 67.03 -37.70 -10.59
CA ASP K 56 67.22 -38.90 -11.37
C ASP K 56 67.23 -40.14 -10.48
N PRO K 57 66.63 -41.25 -10.91
CA PRO K 57 66.66 -42.47 -10.10
C PRO K 57 68.06 -43.07 -10.04
N ASP K 58 68.27 -43.93 -9.04
CA ASP K 58 69.53 -44.64 -8.83
C ASP K 58 70.68 -43.65 -8.62
N SER K 59 70.51 -42.79 -7.61
CA SER K 59 71.51 -41.82 -7.22
C SER K 59 71.71 -41.88 -5.71
N THR K 60 72.91 -41.54 -5.26
CA THR K 60 73.23 -41.50 -3.84
C THR K 60 73.10 -40.07 -3.34
N ILE K 61 72.41 -39.92 -2.20
CA ILE K 61 72.07 -38.60 -1.65
C ILE K 61 72.69 -38.49 -0.26
N LEU K 62 73.51 -37.46 -0.06
CA LEU K 62 73.97 -37.13 1.27
C LEU K 62 72.87 -36.43 2.06
N ASP K 63 72.98 -36.49 3.39
CA ASP K 63 72.01 -35.88 4.28
C ASP K 63 72.76 -35.24 5.43
N ILE K 64 72.82 -33.91 5.45
CA ILE K 64 73.58 -33.18 6.46
C ILE K 64 72.68 -32.94 7.67
N GLY K 65 73.14 -33.38 8.84
CA GLY K 65 72.37 -33.25 10.07
C GLY K 65 70.99 -33.87 9.96
N SER K 66 70.96 -35.19 9.79
CA SER K 66 69.72 -35.88 9.47
C SER K 66 69.13 -36.55 10.71
N ALA K 67 67.86 -36.94 10.57
CA ALA K 67 67.18 -37.84 11.50
C ALA K 67 66.88 -39.13 10.74
N PRO K 68 67.64 -40.20 10.98
CA PRO K 68 67.52 -41.38 10.10
C PRO K 68 66.16 -42.05 10.11
N ALA K 69 65.33 -41.80 11.13
CA ALA K 69 64.00 -42.40 11.16
C ALA K 69 63.12 -41.89 10.02
N ARG K 70 63.35 -40.67 9.54
CA ARG K 70 62.55 -40.16 8.42
C ARG K 70 62.89 -40.85 7.12
N ARG K 71 64.16 -41.21 6.91
CA ARG K 71 64.63 -41.80 5.67
C ARG K 71 64.81 -43.31 5.78
N MET K 72 63.97 -43.99 6.55
CA MET K 72 64.08 -45.44 6.73
C MET K 72 63.18 -46.23 5.79
N MET K 73 61.92 -45.79 5.61
CA MET K 73 60.95 -46.50 4.78
C MET K 73 60.90 -45.93 3.36
N SER K 74 61.98 -45.30 2.89
CA SER K 74 62.02 -44.78 1.52
C SER K 74 62.58 -45.83 0.58
N ASP K 75 62.79 -45.45 -0.69
CA ASP K 75 63.32 -46.40 -1.66
C ASP K 75 64.56 -45.88 -2.37
N ARG K 76 65.24 -44.87 -1.86
CA ARG K 76 66.44 -44.33 -2.47
C ARG K 76 67.62 -44.48 -1.52
N LYS K 77 68.82 -44.48 -2.09
CA LYS K 77 70.05 -44.74 -1.32
C LYS K 77 70.53 -43.43 -0.69
N TYR K 78 70.19 -43.24 0.58
CA TYR K 78 70.69 -42.09 1.33
C TYR K 78 71.97 -42.45 2.09
N HIS K 79 72.66 -41.42 2.55
CA HIS K 79 73.80 -41.58 3.45
C HIS K 79 73.69 -40.49 4.50
N CYS K 80 73.36 -40.89 5.73
CA CYS K 80 73.01 -39.95 6.79
C CYS K 80 74.26 -39.52 7.54
N VAL K 81 74.51 -38.22 7.57
CA VAL K 81 75.60 -37.66 8.37
C VAL K 81 75.01 -37.20 9.70
N CYS K 82 75.34 -37.92 10.77
CA CYS K 82 74.70 -37.72 12.07
C CYS K 82 75.75 -37.51 13.14
N PRO K 83 76.28 -36.29 13.25
CA PRO K 83 77.16 -35.97 14.37
C PRO K 83 76.36 -35.81 15.65
N MET K 84 77.09 -35.82 16.77
CA MET K 84 76.49 -35.71 18.10
C MET K 84 76.90 -34.35 18.67
N ARG K 85 76.11 -33.33 18.33
CA ARG K 85 76.36 -31.97 18.79
C ARG K 85 75.19 -31.32 19.52
N SER K 86 73.99 -31.87 19.39
CA SER K 86 72.79 -31.33 20.02
C SER K 86 72.29 -32.27 21.10
N ALA K 87 71.61 -31.68 22.09
CA ALA K 87 71.10 -32.47 23.21
C ALA K 87 69.97 -33.41 22.81
N GLU K 88 69.39 -33.24 21.63
CA GLU K 88 68.26 -34.05 21.18
C GLU K 88 68.67 -35.18 20.24
N ASP K 89 69.97 -35.40 20.05
CA ASP K 89 70.49 -36.42 19.14
C ASP K 89 70.44 -37.84 19.71
N PRO K 90 70.79 -38.06 20.98
CA PRO K 90 70.73 -39.44 21.52
C PRO K 90 69.34 -40.07 21.42
N GLU K 91 68.29 -39.29 21.66
CA GLU K 91 66.93 -39.80 21.48
C GLU K 91 66.62 -40.14 20.04
N ARG K 92 67.12 -39.35 19.08
CA ARG K 92 66.97 -39.68 17.67
C ARG K 92 67.67 -41.00 17.34
N LEU K 93 68.89 -41.20 17.83
CA LEU K 93 69.59 -42.46 17.60
C LEU K 93 68.87 -43.64 18.24
N ALA K 94 68.37 -43.48 19.46
CA ALA K 94 67.61 -44.52 20.12
C ALA K 94 66.33 -44.87 19.38
N ASN K 95 65.60 -43.86 18.89
CA ASN K 95 64.43 -44.09 18.04
C ASN K 95 64.78 -44.82 16.75
N TYR K 96 65.88 -44.45 16.10
CA TYR K 96 66.32 -45.17 14.92
C TYR K 96 66.61 -46.63 15.24
N ALA K 97 67.28 -46.88 16.36
CA ALA K 97 67.59 -48.25 16.76
C ALA K 97 66.31 -49.04 17.02
N ARG K 98 65.36 -48.45 17.73
CA ARG K 98 64.11 -49.15 18.02
C ARG K 98 63.31 -49.44 16.75
N LYS K 99 63.24 -48.46 15.84
CA LYS K 99 62.53 -48.68 14.59
C LYS K 99 63.21 -49.70 13.68
N LEU K 100 64.54 -49.80 13.75
CA LEU K 100 65.23 -50.85 13.02
C LEU K 100 64.99 -52.22 13.64
N ALA K 101 64.97 -52.29 14.98
CA ALA K 101 64.74 -53.56 15.65
C ALA K 101 63.30 -54.04 15.53
N SER K 102 62.34 -53.13 15.37
CA SER K 102 60.94 -53.50 15.32
C SER K 102 60.50 -54.01 13.95
N ALA K 103 61.40 -54.00 12.96
CA ALA K 103 61.10 -54.49 11.63
C ALA K 103 62.21 -55.40 11.12
N ALA K 104 62.67 -56.32 11.95
CA ALA K 104 63.77 -57.20 11.60
C ALA K 104 63.43 -58.09 10.41
N GLY K 105 62.23 -58.66 10.40
CA GLY K 105 61.82 -59.53 9.31
C GLY K 105 60.41 -59.28 8.83
N LYS K 106 59.69 -58.39 9.51
CA LYS K 106 58.33 -58.05 9.10
C LYS K 106 58.33 -57.35 7.74
N VAL K 107 59.29 -56.45 7.53
CA VAL K 107 59.46 -55.76 6.26
C VAL K 107 60.77 -56.22 5.64
N LEU K 108 60.70 -56.58 4.35
CA LEU K 108 61.88 -57.09 3.65
C LEU K 108 62.07 -56.38 2.32
N ASP K 109 61.11 -55.53 1.94
CA ASP K 109 61.21 -54.77 0.70
C ASP K 109 62.33 -53.74 0.81
N ARG K 110 62.69 -53.37 2.04
CA ARG K 110 63.72 -52.37 2.26
C ARG K 110 65.10 -53.01 2.41
N ASN K 111 66.08 -52.22 2.85
CA ASN K 111 67.43 -52.68 3.11
C ASN K 111 67.69 -52.73 4.61
N ILE K 112 66.71 -53.25 5.35
CA ILE K 112 66.75 -53.19 6.82
C ILE K 112 67.95 -53.98 7.35
N SER K 113 68.20 -55.16 6.77
CA SER K 113 69.31 -55.98 7.23
C SER K 113 70.65 -55.26 7.03
N GLY K 114 70.83 -54.64 5.87
CA GLY K 114 72.06 -53.89 5.63
C GLY K 114 72.20 -52.71 6.56
N LYS K 115 71.10 -52.00 6.82
CA LYS K 115 71.15 -50.86 7.73
C LYS K 115 71.51 -51.30 9.14
N ILE K 116 70.92 -52.42 9.60
CA ILE K 116 71.23 -52.93 10.93
C ILE K 116 72.70 -53.34 11.03
N GLY K 117 73.19 -54.04 10.00
CA GLY K 117 74.59 -54.42 10.00
C GLY K 117 75.52 -53.22 10.00
N ASP K 118 75.19 -52.19 9.22
CA ASP K 118 76.00 -50.99 9.18
C ASP K 118 75.99 -50.27 10.52
N LEU K 119 74.84 -50.18 11.17
CA LEU K 119 74.75 -49.54 12.48
C LEU K 119 75.57 -50.30 13.51
N GLN K 120 75.50 -51.64 13.48
CA GLN K 120 76.32 -52.44 14.39
C GLN K 120 77.81 -52.24 14.13
N ALA K 121 78.21 -52.18 12.86
CA ALA K 121 79.61 -51.93 12.53
C ALA K 121 80.07 -50.57 13.03
N VAL K 122 79.22 -49.55 12.90
CA VAL K 122 79.56 -48.23 13.41
C VAL K 122 79.69 -48.25 14.92
N MET K 123 78.78 -48.95 15.60
CA MET K 123 78.87 -49.07 17.05
C MET K 123 80.14 -49.79 17.47
N ALA K 124 80.61 -50.72 16.65
CA ALA K 124 81.84 -51.45 16.94
C ALA K 124 83.06 -50.54 16.86
N VAL K 125 83.35 -50.02 15.67
CA VAL K 125 84.46 -49.10 15.47
C VAL K 125 83.88 -47.74 15.10
N PRO K 126 84.04 -46.71 15.93
CA PRO K 126 83.41 -45.40 15.65
C PRO K 126 84.25 -44.46 14.79
N ASP K 127 84.80 -45.01 13.71
CA ASP K 127 85.49 -44.19 12.71
C ASP K 127 85.21 -44.72 11.30
N THR K 128 84.39 -45.77 11.20
CA THR K 128 84.13 -46.37 9.90
C THR K 128 83.21 -45.49 9.07
N GLU K 129 83.27 -45.67 7.76
CA GLU K 129 82.41 -44.96 6.82
C GLU K 129 81.57 -45.99 6.08
N THR K 130 80.39 -46.26 6.60
CA THR K 130 79.45 -47.21 6.02
C THR K 130 78.63 -46.53 4.94
N PRO K 131 78.02 -47.32 4.04
CA PRO K 131 77.22 -46.71 2.96
C PRO K 131 76.09 -45.82 3.43
N THR K 132 75.52 -46.10 4.60
CA THR K 132 74.29 -45.41 5.03
C THR K 132 74.42 -44.68 6.35
N PHE K 133 75.60 -44.61 6.97
CA PHE K 133 75.67 -43.98 8.29
C PHE K 133 77.12 -43.66 8.61
N CYS K 134 77.30 -42.60 9.41
CA CYS K 134 78.62 -42.18 9.88
C CYS K 134 78.42 -41.26 11.08
N LEU K 135 79.53 -40.96 11.77
CA LEU K 135 79.53 -40.10 12.95
C LEU K 135 80.48 -38.93 12.75
N HIS K 136 80.41 -38.30 11.58
CA HIS K 136 81.27 -37.19 11.24
C HIS K 136 80.43 -35.93 11.01
N THR K 137 81.12 -34.80 10.87
CA THR K 137 80.47 -33.54 10.51
C THR K 137 80.32 -33.45 9.00
N ASP K 138 79.93 -32.28 8.50
CA ASP K 138 79.81 -32.05 7.06
C ASP K 138 81.15 -31.88 6.37
N VAL K 139 82.16 -31.35 7.08
CA VAL K 139 83.47 -31.13 6.46
C VAL K 139 84.45 -32.27 6.71
N SER K 140 84.01 -33.36 7.36
CA SER K 140 84.88 -34.48 7.65
C SER K 140 84.44 -35.79 7.00
N CYS K 141 83.16 -35.92 6.62
CA CYS K 141 82.71 -37.11 5.91
C CYS K 141 83.41 -37.20 4.56
N ARG K 142 83.91 -38.40 4.23
CA ARG K 142 84.61 -38.64 2.98
C ARG K 142 83.81 -39.48 2.01
N GLN K 143 82.52 -39.72 2.28
CA GLN K 143 81.69 -40.49 1.37
C GLN K 143 81.36 -39.66 0.13
N ARG K 144 81.87 -40.07 -1.02
CA ARG K 144 81.63 -39.36 -2.27
C ARG K 144 80.21 -39.60 -2.73
N ALA K 145 79.58 -38.54 -3.27
CA ALA K 145 78.22 -38.61 -3.77
C ALA K 145 78.04 -37.56 -4.85
N ASP K 146 76.80 -37.35 -5.28
CA ASP K 146 76.49 -36.34 -6.29
C ASP K 146 75.33 -35.43 -5.93
N VAL K 147 74.61 -35.68 -4.84
CA VAL K 147 73.48 -34.86 -4.42
C VAL K 147 73.56 -34.66 -2.91
N ALA K 148 73.26 -33.44 -2.47
CA ALA K 148 73.22 -33.12 -1.06
C ALA K 148 71.92 -32.39 -0.75
N ILE K 149 71.39 -32.61 0.45
CA ILE K 149 70.14 -32.00 0.88
C ILE K 149 70.33 -31.42 2.27
N TYR K 150 69.80 -30.20 2.46
CA TYR K 150 69.82 -29.53 3.75
C TYR K 150 68.37 -29.33 4.19
N GLN K 151 68.05 -29.70 5.42
CA GLN K 151 66.72 -29.52 5.97
C GLN K 151 66.82 -28.86 7.34
N ASP K 152 66.34 -27.63 7.44
CA ASP K 152 66.34 -26.85 8.68
C ASP K 152 67.73 -26.79 9.30
N VAL K 153 68.73 -26.54 8.46
CA VAL K 153 70.13 -26.42 8.88
C VAL K 153 70.48 -24.94 8.86
N TYR K 154 70.90 -24.43 10.02
CA TYR K 154 71.17 -23.00 10.17
C TYR K 154 72.54 -22.69 10.76
N ALA K 155 73.26 -23.68 11.28
CA ALA K 155 74.48 -23.45 12.04
C ALA K 155 75.75 -23.65 11.22
N VAL K 156 75.64 -23.84 9.91
CA VAL K 156 76.81 -24.03 9.06
C VAL K 156 77.03 -22.77 8.22
N HIS K 157 78.28 -22.54 7.85
CA HIS K 157 78.63 -21.43 6.97
C HIS K 157 78.56 -21.91 5.53
N ALA K 158 77.68 -21.31 4.74
CA ALA K 158 77.33 -21.84 3.42
C ALA K 158 78.50 -21.97 2.46
N PRO K 159 79.38 -20.98 2.28
CA PRO K 159 80.48 -21.16 1.30
C PRO K 159 81.39 -22.33 1.62
N THR K 160 81.86 -22.43 2.87
CA THR K 160 82.75 -23.52 3.24
C THR K 160 82.07 -24.88 3.10
N SER K 161 80.81 -24.97 3.55
CA SER K 161 80.08 -26.22 3.41
C SER K 161 79.94 -26.63 1.96
N LEU K 162 79.48 -25.71 1.10
CA LEU K 162 79.32 -26.03 -0.32
C LEU K 162 80.64 -26.40 -0.97
N TYR K 163 81.73 -25.71 -0.60
CA TYR K 163 83.04 -26.06 -1.15
C TYR K 163 83.47 -27.46 -0.74
N HIS K 164 83.15 -27.88 0.48
CA HIS K 164 83.59 -29.19 0.94
C HIS K 164 82.80 -30.35 0.35
N GLN K 165 81.67 -30.11 -0.30
CA GLN K 165 81.08 -31.14 -1.15
C GLN K 165 81.32 -30.91 -2.64
N ALA K 166 81.81 -29.72 -3.02
CA ALA K 166 82.17 -29.50 -4.42
C ALA K 166 83.33 -30.39 -4.84
N ILE K 167 84.27 -30.66 -3.93
CA ILE K 167 85.47 -31.42 -4.25
C ILE K 167 85.18 -32.92 -4.10
N LYS K 168 83.91 -33.27 -3.91
CA LYS K 168 83.55 -34.67 -3.73
C LYS K 168 82.59 -35.18 -4.80
N GLY K 169 82.46 -34.50 -5.94
CA GLY K 169 81.61 -34.98 -7.01
C GLY K 169 80.15 -34.59 -6.91
N VAL K 170 79.79 -33.71 -5.97
CA VAL K 170 78.42 -33.24 -5.83
C VAL K 170 78.20 -32.09 -6.80
N ARG K 171 77.16 -32.19 -7.62
CA ARG K 171 76.86 -31.19 -8.63
C ARG K 171 75.50 -30.53 -8.43
N LEU K 172 74.78 -30.85 -7.36
CA LEU K 172 73.44 -30.33 -7.15
C LEU K 172 73.10 -30.41 -5.67
N ALA K 173 72.57 -29.32 -5.12
CA ALA K 173 72.24 -29.27 -3.71
C ALA K 173 70.91 -28.55 -3.51
N TYR K 174 70.21 -28.90 -2.45
CA TYR K 174 68.93 -28.30 -2.09
C TYR K 174 68.97 -27.79 -0.66
N TRP K 175 68.20 -26.73 -0.40
CA TRP K 175 68.12 -26.13 0.92
C TRP K 175 66.69 -25.69 1.18
N VAL K 176 66.09 -26.22 2.25
CA VAL K 176 64.73 -25.89 2.62
C VAL K 176 64.75 -25.22 3.99
N GLY K 177 64.08 -24.08 4.11
CA GLY K 177 64.11 -23.38 5.37
C GLY K 177 63.28 -22.12 5.35
N PHE K 178 63.56 -21.25 6.33
CA PHE K 178 62.85 -19.98 6.46
C PHE K 178 63.48 -18.92 5.57
N ASP K 179 62.66 -17.93 5.20
CA ASP K 179 63.15 -16.83 4.38
C ASP K 179 64.21 -16.02 5.12
N THR K 180 65.28 -15.68 4.41
CA THR K 180 66.41 -14.95 4.97
C THR K 180 66.25 -13.43 4.82
N THR K 181 65.22 -13.00 4.10
CA THR K 181 65.04 -11.57 3.81
C THR K 181 64.94 -10.68 5.05
N PRO K 182 64.20 -11.04 6.12
CA PRO K 182 64.12 -10.13 7.27
C PRO K 182 65.46 -9.80 7.92
N PHE K 183 66.45 -10.68 7.83
CA PHE K 183 67.76 -10.42 8.42
C PHE K 183 68.69 -9.62 7.50
N MET K 184 68.35 -9.50 6.22
CA MET K 184 69.11 -8.61 5.35
C MET K 184 68.70 -7.16 5.57
N TYR K 185 67.50 -6.92 6.06
CA TYR K 185 67.04 -5.59 6.44
C TYR K 185 67.45 -5.20 7.85
N ASN K 186 67.99 -6.15 8.62
CA ASN K 186 68.53 -5.91 9.96
C ASN K 186 67.44 -5.43 10.93
N ALA K 187 66.37 -6.21 11.01
CA ALA K 187 65.29 -5.92 11.95
C ALA K 187 65.65 -6.42 13.34
N MET K 188 64.89 -5.97 14.33
CA MET K 188 65.14 -6.34 15.72
C MET K 188 64.27 -7.48 16.20
N ALA K 189 63.05 -7.61 15.68
CA ALA K 189 62.15 -8.70 16.04
C ALA K 189 61.18 -8.94 14.88
N GLY K 190 60.55 -10.10 14.89
CA GLY K 190 59.65 -10.40 13.80
C GLY K 190 58.84 -11.65 14.04
N ALA K 191 57.94 -11.92 13.08
CA ALA K 191 57.01 -13.03 13.17
C ALA K 191 56.87 -13.71 11.81
N TYR K 192 56.47 -14.98 11.83
CA TYR K 192 56.05 -15.75 10.67
C TYR K 192 54.66 -16.27 10.98
N PRO K 193 53.64 -15.41 10.90
CA PRO K 193 52.34 -15.73 11.52
C PRO K 193 51.63 -16.94 10.95
N SER K 194 51.99 -17.41 9.75
CA SER K 194 51.36 -18.59 9.17
C SER K 194 51.91 -19.89 9.72
N TYR K 195 53.01 -19.86 10.49
CA TYR K 195 53.60 -21.06 11.05
C TYR K 195 53.74 -20.97 12.57
N SER K 196 53.08 -19.99 13.19
CA SER K 196 53.10 -19.82 14.65
C SER K 196 54.53 -19.71 15.18
N THR K 197 55.30 -18.82 14.57
CA THR K 197 56.70 -18.64 14.88
C THR K 197 57.00 -17.18 15.16
N ASN K 198 57.71 -16.91 16.24
CA ASN K 198 58.15 -15.56 16.57
C ASN K 198 59.64 -15.57 16.90
N TRP K 199 60.34 -14.51 16.49
CA TRP K 199 61.76 -14.42 16.79
C TRP K 199 62.08 -13.03 17.30
N ALA K 200 63.08 -12.95 18.17
CA ALA K 200 63.44 -11.68 18.78
C ALA K 200 64.93 -11.63 19.09
N ASP K 201 65.45 -10.41 19.10
CA ASP K 201 66.81 -10.16 19.57
C ASP K 201 66.86 -10.28 21.10
N GLU K 202 68.04 -10.64 21.60
CA GLU K 202 68.17 -10.94 23.02
C GLU K 202 67.99 -9.71 23.91
N GLN K 203 68.23 -8.51 23.39
CA GLN K 203 68.17 -7.30 24.20
C GLN K 203 66.76 -6.76 24.38
N VAL K 204 65.76 -7.35 23.73
CA VAL K 204 64.37 -6.89 23.86
C VAL K 204 63.46 -7.98 24.40
N LEU K 205 64.01 -8.98 25.11
CA LEU K 205 63.18 -10.06 25.62
C LEU K 205 62.26 -9.59 26.74
N LYS K 206 62.56 -8.45 27.37
CA LYS K 206 61.71 -7.90 28.41
C LYS K 206 60.83 -6.76 27.91
N ALA K 207 60.37 -6.83 26.68
CA ALA K 207 59.44 -5.85 26.13
C ALA K 207 58.03 -6.15 26.62
N LYS K 208 57.03 -5.48 26.05
CA LYS K 208 55.66 -5.61 26.51
C LYS K 208 54.70 -6.14 25.46
N ASN K 209 54.75 -5.63 24.22
CA ASN K 209 53.71 -5.90 23.24
C ASN K 209 54.20 -6.60 21.98
N ILE K 210 55.46 -7.05 21.96
CA ILE K 210 55.93 -7.87 20.86
C ILE K 210 55.49 -9.32 21.11
N GLY K 211 55.63 -10.17 20.10
CA GLY K 211 55.10 -11.52 20.19
C GLY K 211 55.88 -12.48 21.07
N LEU K 212 57.08 -12.10 21.49
CA LEU K 212 57.93 -12.95 22.33
C LEU K 212 58.59 -12.10 23.41
N CYS K 213 57.96 -12.00 24.57
CA CYS K 213 58.48 -11.18 25.66
C CYS K 213 57.74 -11.51 26.95
N SER K 214 58.25 -10.96 28.05
CA SER K 214 57.59 -11.03 29.35
C SER K 214 58.03 -9.85 30.19
N THR K 215 57.08 -9.20 30.86
CA THR K 215 57.36 -8.03 31.68
C THR K 215 56.67 -8.18 33.04
N ASP K 216 56.79 -7.15 33.87
CA ASP K 216 56.26 -7.15 35.22
C ASP K 216 55.39 -5.92 35.45
N LEU K 217 54.70 -5.91 36.59
CA LEU K 217 53.95 -4.75 37.03
C LEU K 217 54.82 -3.85 37.89
N THR K 218 54.64 -2.54 37.74
CA THR K 218 55.47 -1.59 38.46
C THR K 218 54.72 -0.26 38.60
N GLU K 219 55.23 0.57 39.50
CA GLU K 219 54.65 1.88 39.77
C GLU K 219 55.39 3.01 39.05
N GLY K 220 56.72 2.93 38.97
CA GLY K 220 57.49 3.97 38.31
C GLY K 220 58.46 4.70 39.22
N ARG K 221 59.76 4.46 39.02
CA ARG K 221 60.81 5.05 39.83
C ARG K 221 61.42 6.24 39.10
N ARG K 222 62.02 7.16 39.86
CA ARG K 222 62.69 8.32 39.29
C ARG K 222 64.16 8.08 39.00
N GLY K 223 64.70 6.92 39.34
CA GLY K 223 66.10 6.62 39.12
C GLY K 223 66.36 5.78 37.89
N ARG K 229 76.32 3.60 31.27
CA ARG K 229 75.41 4.24 30.32
C ARG K 229 75.18 3.37 29.09
N GLY K 230 74.08 3.65 28.38
CA GLY K 230 73.74 2.92 27.17
C GLY K 230 73.84 3.79 25.92
N LYS K 231 72.69 4.31 25.47
CA LYS K 231 72.60 5.22 24.33
C LYS K 231 72.89 4.52 23.01
N LYS K 232 73.02 3.19 23.04
CA LYS K 232 73.19 2.39 21.83
C LYS K 232 72.31 1.15 21.94
N LEU K 233 71.20 1.14 21.21
CA LEU K 233 70.32 -0.01 21.10
C LEU K 233 70.36 -0.47 19.65
N GLU K 234 71.20 -1.45 19.35
CA GLU K 234 71.42 -1.91 17.99
C GLU K 234 71.37 -3.43 17.97
N PRO K 235 71.03 -4.02 16.82
CA PRO K 235 70.97 -5.48 16.74
C PRO K 235 72.31 -6.14 17.03
N CYS K 236 72.26 -7.31 17.65
N CYS K 236 72.27 -7.31 17.64
CA CYS K 236 73.43 -8.08 18.02
CA CYS K 236 73.45 -8.08 17.99
C CYS K 236 73.36 -9.47 17.37
C CYS K 236 73.37 -9.47 17.36
N ASP K 237 74.38 -10.28 17.63
CA ASP K 237 74.50 -11.56 16.94
C ASP K 237 73.43 -12.56 17.38
N ARG K 238 73.16 -12.66 18.68
CA ARG K 238 72.33 -13.73 19.20
C ARG K 238 70.85 -13.42 18.99
N VAL K 239 70.12 -14.39 18.43
CA VAL K 239 68.69 -14.25 18.18
C VAL K 239 67.98 -15.50 18.68
N LEU K 240 66.75 -15.33 19.18
CA LEU K 240 65.96 -16.43 19.71
C LEU K 240 64.74 -16.66 18.83
N PHE K 241 64.51 -17.93 18.47
CA PHE K 241 63.37 -18.36 17.66
C PHE K 241 62.46 -19.22 18.50
N SER K 242 61.16 -19.05 18.34
CA SER K 242 60.15 -19.87 19.00
C SER K 242 59.16 -20.34 17.94
N VAL K 243 59.20 -21.64 17.65
CA VAL K 243 58.28 -22.29 16.72
C VAL K 243 57.28 -23.06 17.57
N GLY K 244 56.04 -22.59 17.60
CA GLY K 244 55.07 -23.12 18.55
C GLY K 244 55.56 -22.90 19.97
N SER K 245 55.98 -23.98 20.63
CA SER K 245 56.57 -23.90 21.96
C SER K 245 58.02 -24.37 22.00
N THR K 246 58.65 -24.60 20.86
CA THR K 246 60.03 -25.06 20.82
C THR K 246 60.97 -23.88 20.58
N LEU K 247 62.09 -23.87 21.31
CA LEU K 247 63.01 -22.74 21.32
C LEU K 247 64.32 -23.11 20.63
N TYR K 248 64.82 -22.22 19.79
CA TYR K 248 66.08 -22.42 19.08
C TYR K 248 66.90 -21.14 19.11
N PRO K 249 68.15 -21.18 19.57
CA PRO K 249 69.01 -19.99 19.43
C PRO K 249 69.82 -20.04 18.14
N GLU K 250 69.96 -18.88 17.48
CA GLU K 250 70.74 -18.78 16.27
C GLU K 250 71.60 -17.52 16.28
N SER K 251 72.44 -17.42 15.27
CA SER K 251 73.35 -16.31 15.06
C SER K 251 73.00 -15.60 13.74
N ARG K 252 73.20 -14.27 13.72
CA ARG K 252 72.82 -13.49 12.55
C ARG K 252 73.75 -13.76 11.38
N LYS K 253 75.05 -13.98 11.65
CA LYS K 253 76.02 -14.15 10.58
C LYS K 253 75.73 -15.41 9.76
N LEU K 254 75.51 -16.54 10.44
CA LEU K 254 75.23 -17.78 9.74
C LEU K 254 73.88 -17.77 9.05
N LEU K 255 72.92 -16.98 9.53
CA LEU K 255 71.67 -16.81 8.81
C LEU K 255 71.86 -15.99 7.54
N LYS K 256 72.61 -14.89 7.64
CA LYS K 256 72.88 -14.06 6.47
C LYS K 256 73.75 -14.75 5.44
N SER K 257 74.59 -15.71 5.86
CA SER K 257 75.49 -16.36 4.92
C SER K 257 74.77 -17.19 3.86
N TRP K 258 73.49 -17.50 4.07
CA TRP K 258 72.73 -18.29 3.11
C TRP K 258 71.96 -17.44 2.11
N HIS K 259 72.07 -16.11 2.19
CA HIS K 259 71.46 -15.22 1.19
C HIS K 259 72.48 -15.05 0.07
N LEU K 260 72.45 -15.98 -0.90
CA LEU K 260 73.48 -16.07 -1.92
C LEU K 260 73.07 -15.36 -3.20
N PRO K 261 74.03 -14.80 -3.93
CA PRO K 261 73.71 -14.14 -5.21
C PRO K 261 73.37 -15.15 -6.29
N SER K 262 72.95 -14.63 -7.43
CA SER K 262 72.56 -15.48 -8.54
C SER K 262 73.74 -16.23 -9.15
N VAL K 263 74.92 -15.61 -9.19
CA VAL K 263 76.13 -16.22 -9.71
C VAL K 263 77.29 -15.88 -8.78
N PHE K 264 78.08 -16.88 -8.40
CA PHE K 264 79.27 -16.65 -7.61
C PHE K 264 80.33 -17.70 -7.94
N HIS K 265 81.53 -17.51 -7.38
CA HIS K 265 82.69 -18.32 -7.69
C HIS K 265 83.32 -18.83 -6.40
N LEU K 266 83.62 -20.13 -6.36
CA LEU K 266 84.37 -20.73 -5.25
C LEU K 266 85.73 -21.12 -5.80
N LYS K 267 86.76 -20.34 -5.46
CA LYS K 267 88.11 -20.54 -6.00
C LYS K 267 89.10 -20.69 -4.85
N GLY K 268 89.42 -21.94 -4.51
CA GLY K 268 90.47 -22.25 -3.55
C GLY K 268 91.63 -22.95 -4.23
N LYS K 269 91.71 -24.27 -4.08
CA LYS K 269 92.63 -25.09 -4.85
C LYS K 269 91.99 -25.48 -6.17
N LEU K 270 90.79 -26.07 -6.14
CA LEU K 270 89.97 -26.24 -7.32
C LEU K 270 88.99 -25.07 -7.44
N SER K 271 88.51 -24.83 -8.66
CA SER K 271 87.65 -23.70 -8.93
C SER K 271 86.30 -24.17 -9.44
N PHE K 272 85.24 -23.50 -8.98
CA PHE K 272 83.87 -23.83 -9.34
C PHE K 272 83.07 -22.56 -9.55
N THR K 273 82.09 -22.65 -10.44
CA THR K 273 81.16 -21.57 -10.72
C THR K 273 79.77 -22.03 -10.30
N CYS K 274 79.10 -21.24 -9.47
CA CYS K 274 77.89 -21.67 -8.79
C CYS K 274 76.75 -20.69 -9.05
N ARG K 275 75.53 -21.22 -9.08
CA ARG K 275 74.32 -20.43 -9.26
C ARG K 275 73.31 -20.81 -8.18
N CYS K 276 72.48 -19.84 -7.79
CA CYS K 276 71.44 -20.04 -6.79
C CYS K 276 70.10 -19.58 -7.35
N ASP K 277 69.07 -20.42 -7.20
CA ASP K 277 67.74 -20.13 -7.69
C ASP K 277 66.70 -20.59 -6.68
N THR K 278 65.60 -19.85 -6.59
CA THR K 278 64.50 -20.17 -5.70
C THR K 278 63.37 -20.80 -6.51
N VAL K 279 62.94 -21.99 -6.11
CA VAL K 279 61.94 -22.73 -6.86
C VAL K 279 60.59 -22.78 -6.16
N VAL K 280 60.55 -22.84 -4.83
CA VAL K 280 59.30 -22.91 -4.08
C VAL K 280 59.35 -21.88 -2.96
N SER K 281 58.26 -21.12 -2.83
CA SER K 281 58.16 -20.07 -1.82
C SER K 281 56.73 -20.01 -1.31
N CYS K 282 56.57 -20.09 0.02
CA CYS K 282 55.25 -20.06 0.64
C CYS K 282 55.35 -19.34 1.98
N GLU K 283 54.94 -18.06 1.97
CA GLU K 283 54.69 -17.26 3.17
C GLU K 283 55.79 -17.35 4.22
N GLY K 284 57.03 -17.56 3.80
CA GLY K 284 58.13 -17.61 4.75
C GLY K 284 59.06 -18.79 4.56
N TYR K 285 58.56 -19.88 4.00
CA TYR K 285 59.37 -21.05 3.70
C TYR K 285 59.83 -21.01 2.25
N VAL K 286 61.10 -21.33 2.04
CA VAL K 286 61.71 -21.30 0.71
C VAL K 286 62.52 -22.57 0.49
N VAL K 287 62.56 -22.98 -0.77
CA VAL K 287 63.42 -24.06 -1.25
C VAL K 287 64.37 -23.48 -2.29
N LYS K 288 65.66 -23.68 -2.09
CA LYS K 288 66.71 -23.12 -2.94
C LYS K 288 67.49 -24.27 -3.58
N ARG K 289 67.72 -24.15 -4.88
CA ARG K 289 68.49 -25.14 -5.64
C ARG K 289 69.80 -24.53 -6.08
N ILE K 290 70.91 -25.22 -5.81
CA ILE K 290 72.24 -24.74 -6.13
C ILE K 290 72.91 -25.75 -7.06
N THR K 291 73.47 -25.26 -8.16
CA THR K 291 74.18 -26.09 -9.12
C THR K 291 75.65 -25.67 -9.16
N MET K 292 76.53 -26.66 -9.29
CA MET K 292 77.97 -26.44 -9.24
C MET K 292 78.63 -27.06 -10.46
N SER K 293 79.67 -26.39 -10.97
CA SER K 293 80.39 -26.84 -12.15
C SER K 293 81.85 -26.43 -12.07
N PRO K 294 82.78 -27.32 -12.44
CA PRO K 294 84.21 -26.99 -12.38
C PRO K 294 84.57 -25.91 -13.38
N GLY K 295 85.56 -25.09 -13.01
CA GLY K 295 86.08 -24.06 -13.91
C GLY K 295 85.52 -22.68 -13.65
N LEU K 296 86.36 -21.66 -13.83
CA LEU K 296 85.93 -20.28 -13.64
C LEU K 296 85.32 -19.74 -14.92
N TYR K 297 83.99 -19.68 -14.96
CA TYR K 297 83.26 -19.17 -16.12
C TYR K 297 83.02 -17.67 -15.93
N GLY K 298 82.11 -17.03 -16.66
CA GLY K 298 82.05 -15.59 -16.77
C GLY K 298 81.81 -14.78 -15.52
N LYS K 299 81.53 -13.50 -15.69
CA LYS K 299 81.63 -12.50 -14.63
C LYS K 299 80.42 -12.56 -13.71
N THR K 300 80.55 -11.88 -12.57
CA THR K 300 79.54 -11.83 -11.53
C THR K 300 79.19 -10.38 -11.23
N THR K 301 77.95 -10.14 -10.83
CA THR K 301 77.48 -8.81 -10.46
C THR K 301 77.43 -8.58 -8.96
N GLY K 302 77.00 -9.58 -8.19
CA GLY K 302 76.92 -9.48 -6.75
C GLY K 302 75.59 -8.98 -6.20
N TYR K 303 74.49 -9.29 -6.85
CA TYR K 303 73.17 -8.84 -6.43
C TYR K 303 72.29 -10.04 -6.13
N ALA K 304 71.52 -9.95 -5.04
CA ALA K 304 70.53 -10.95 -4.68
C ALA K 304 69.15 -10.35 -4.78
N VAL K 305 68.22 -11.10 -5.38
CA VAL K 305 66.88 -10.61 -5.71
C VAL K 305 65.86 -11.50 -5.02
N THR K 306 64.83 -10.87 -4.46
CA THR K 306 63.72 -11.55 -3.80
C THR K 306 62.41 -11.07 -4.40
N HIS K 307 61.57 -12.01 -4.83
CA HIS K 307 60.26 -11.68 -5.39
C HIS K 307 59.18 -11.82 -4.33
N HIS K 308 58.28 -10.83 -4.27
CA HIS K 308 57.27 -10.77 -3.22
C HIS K 308 55.91 -11.14 -3.81
N ALA K 309 55.41 -12.32 -3.42
CA ALA K 309 54.05 -12.70 -3.77
C ALA K 309 53.04 -12.19 -2.73
N ASP K 310 53.51 -11.77 -1.56
CA ASP K 310 52.68 -11.17 -0.53
C ASP K 310 53.34 -9.90 -0.05
N GLY K 311 52.60 -9.12 0.75
CA GLY K 311 53.14 -7.87 1.24
C GLY K 311 54.16 -8.08 2.35
N PHE K 312 55.22 -7.27 2.33
CA PHE K 312 56.25 -7.29 3.35
C PHE K 312 56.35 -5.92 3.99
N LEU K 313 56.29 -5.86 5.32
CA LEU K 313 56.32 -4.60 6.04
C LEU K 313 57.45 -4.57 7.06
N MET K 314 58.06 -3.40 7.21
CA MET K 314 59.03 -3.14 8.27
C MET K 314 58.77 -1.73 8.78
N CYS K 315 58.54 -1.59 10.10
CA CYS K 315 58.12 -0.31 10.64
C CYS K 315 58.77 -0.06 11.99
N LYS K 316 58.88 1.22 12.32
CA LYS K 316 59.32 1.66 13.63
C LYS K 316 58.17 1.58 14.64
N THR K 317 58.50 1.24 15.87
CA THR K 317 57.52 1.14 16.94
C THR K 317 58.15 1.55 18.25
N THR K 318 57.31 2.03 19.16
CA THR K 318 57.73 2.48 20.49
C THR K 318 57.16 1.53 21.54
N ASP K 319 58.03 1.01 22.40
CA ASP K 319 57.64 0.06 23.42
C ASP K 319 58.36 0.41 24.72
N THR K 320 58.08 -0.38 25.75
CA THR K 320 58.73 -0.25 27.05
C THR K 320 59.47 -1.54 27.34
N VAL K 321 60.80 -1.44 27.50
CA VAL K 321 61.65 -2.57 27.82
C VAL K 321 62.17 -2.36 29.24
N ASP K 322 61.76 -3.26 30.14
CA ASP K 322 62.24 -3.26 31.53
C ASP K 322 61.99 -1.91 32.20
N GLY K 323 60.91 -1.24 31.81
CA GLY K 323 60.51 0.02 32.38
C GLY K 323 60.93 1.25 31.58
N GLU K 324 61.87 1.10 30.65
CA GLU K 324 62.39 2.23 29.90
C GLU K 324 61.76 2.28 28.51
N ARG K 325 61.31 3.48 28.11
CA ARG K 325 60.64 3.66 26.83
C ARG K 325 61.67 3.81 25.71
N VAL K 326 61.57 2.96 24.68
CA VAL K 326 62.51 2.93 23.57
C VAL K 326 61.75 2.69 22.28
N SER K 327 62.48 2.77 21.16
CA SER K 327 61.92 2.56 19.83
C SER K 327 62.83 1.63 19.03
N PHE K 328 62.22 0.76 18.23
CA PHE K 328 62.98 -0.16 17.38
C PHE K 328 62.07 -0.66 16.25
N SER K 329 62.65 -1.45 15.36
CA SER K 329 62.00 -1.86 14.11
C SER K 329 61.47 -3.29 14.19
N VAL K 330 60.31 -3.51 13.59
CA VAL K 330 59.65 -4.82 13.55
C VAL K 330 59.16 -5.07 12.13
N CYS K 331 59.27 -6.32 11.68
CA CYS K 331 58.89 -6.71 10.33
C CYS K 331 57.85 -7.83 10.36
N THR K 332 57.06 -7.91 9.29
CA THR K 332 55.98 -8.90 9.21
C THR K 332 55.54 -9.09 7.77
N TYR K 333 54.70 -10.11 7.57
CA TYR K 333 54.12 -10.47 6.29
C TYR K 333 52.62 -10.19 6.31
N VAL K 334 52.08 -9.76 5.19
CA VAL K 334 50.67 -9.41 5.05
C VAL K 334 50.11 -10.13 3.83
N PRO K 335 48.91 -10.71 3.91
CA PRO K 335 48.33 -11.39 2.75
C PRO K 335 48.02 -10.43 1.61
N ALA K 336 47.98 -10.97 0.39
CA ALA K 336 47.86 -10.13 -0.80
C ALA K 336 46.46 -9.51 -0.92
N THR K 337 45.42 -10.24 -0.49
CA THR K 337 44.06 -9.74 -0.65
C THR K 337 43.83 -8.46 0.15
N ILE K 338 44.32 -8.42 1.39
CA ILE K 338 44.16 -7.23 2.21
C ILE K 338 44.93 -6.07 1.60
N CYS K 339 46.14 -6.33 1.11
CA CYS K 339 46.93 -5.28 0.47
C CYS K 339 46.20 -4.72 -0.74
N ASP K 340 45.61 -5.58 -1.56
CA ASP K 340 44.85 -5.13 -2.71
C ASP K 340 43.62 -4.32 -2.30
N GLN K 341 42.92 -4.75 -1.25
CA GLN K 341 41.71 -4.05 -0.81
C GLN K 341 42.02 -2.77 -0.05
N MET K 342 43.27 -2.53 0.33
CA MET K 342 43.66 -1.31 1.02
C MET K 342 44.12 -0.21 0.09
N THR K 343 44.10 -0.44 -1.23
CA THR K 343 44.66 0.51 -2.19
C THR K 343 43.92 1.83 -2.17
N GLY K 344 42.58 1.78 -2.11
CA GLY K 344 41.80 3.01 -2.18
C GLY K 344 41.97 3.91 -0.98
N ILE K 345 42.02 3.33 0.21
CA ILE K 345 42.08 4.11 1.45
C ILE K 345 43.39 4.87 1.54
N LEU K 346 44.49 4.27 1.07
CA LEU K 346 45.82 4.85 1.22
C LEU K 346 46.05 6.06 0.35
N ALA K 347 45.08 6.47 -0.48
CA ALA K 347 45.25 7.66 -1.30
C ALA K 347 45.34 8.92 -0.44
N THR K 348 44.57 8.97 0.65
CA THR K 348 44.57 10.12 1.54
C THR K 348 45.36 9.82 2.80
N GLU K 349 45.42 10.80 3.71
CA GLU K 349 46.10 10.65 4.99
C GLU K 349 45.09 10.15 6.01
N VAL K 350 45.41 9.03 6.63
CA VAL K 350 44.50 8.36 7.56
C VAL K 350 45.19 8.20 8.91
N THR K 351 44.37 8.20 9.96
CA THR K 351 44.81 7.98 11.33
C THR K 351 44.88 6.49 11.64
N PRO K 352 45.71 6.09 12.62
CA PRO K 352 45.78 4.66 12.96
C PRO K 352 44.47 4.06 13.42
N GLU K 353 43.60 4.83 14.08
CA GLU K 353 42.33 4.28 14.54
C GLU K 353 41.43 3.88 13.39
N ASP K 354 41.29 4.76 12.40
CA ASP K 354 40.46 4.43 11.23
C ASP K 354 41.02 3.25 10.47
N ALA K 355 42.35 3.20 10.31
CA ALA K 355 42.98 2.06 9.64
C ALA K 355 42.73 0.77 10.41
N GLN K 356 42.82 0.83 11.74
CA GLN K 356 42.55 -0.36 12.56
C GLN K 356 41.12 -0.84 12.38
N LYS K 357 40.16 0.10 12.40
CA LYS K 357 38.76 -0.28 12.25
C LYS K 357 38.49 -0.87 10.87
N LEU K 358 39.08 -0.27 9.82
CA LEU K 358 38.92 -0.81 8.48
C LEU K 358 39.53 -2.21 8.35
N LEU K 359 40.71 -2.40 8.95
CA LEU K 359 41.36 -3.71 8.90
C LEU K 359 40.54 -4.75 9.63
N VAL K 360 39.94 -4.39 10.78
CA VAL K 360 39.07 -5.33 11.48
C VAL K 360 37.84 -5.64 10.64
N GLY K 361 37.30 -4.64 9.95
CA GLY K 361 36.15 -4.88 9.09
C GLY K 361 36.46 -5.83 7.94
N LEU K 362 37.60 -5.65 7.28
CA LEU K 362 37.96 -6.53 6.17
C LEU K 362 38.36 -7.91 6.65
N ASN K 363 39.00 -8.03 7.81
CA ASN K 363 39.43 -9.32 8.32
C ASN K 363 38.24 -10.14 8.82
N ASN K 377 38.97 -15.70 10.23
CA ASN K 377 39.95 -14.64 10.08
C ASN K 377 40.99 -14.99 9.02
N THR K 378 41.43 -13.98 8.27
CA THR K 378 42.47 -14.18 7.26
C THR K 378 43.87 -13.97 7.82
N MET K 379 44.05 -12.97 8.67
CA MET K 379 45.32 -12.72 9.34
C MET K 379 45.09 -12.72 10.85
N LYS K 380 46.12 -13.09 11.60
CA LYS K 380 46.00 -13.15 13.05
C LYS K 380 45.83 -11.77 13.65
N ASN K 381 45.01 -11.68 14.69
CA ASN K 381 44.57 -10.39 15.22
C ASN K 381 45.66 -9.66 16.01
N TYR K 382 46.67 -10.37 16.52
CA TYR K 382 47.66 -9.72 17.37
C TYR K 382 48.67 -8.90 16.57
N MET K 383 48.67 -9.00 15.25
CA MET K 383 49.59 -8.21 14.42
C MET K 383 48.93 -6.98 13.79
N ILE K 384 47.61 -6.83 13.90
CA ILE K 384 46.87 -5.74 13.28
C ILE K 384 47.33 -4.35 13.77
N PRO K 385 47.53 -4.12 15.07
CA PRO K 385 47.86 -2.75 15.51
C PRO K 385 49.14 -2.19 14.93
N VAL K 386 50.16 -3.02 14.66
CA VAL K 386 51.39 -2.48 14.08
C VAL K 386 51.23 -2.27 12.58
N VAL K 387 50.45 -3.13 11.92
CA VAL K 387 50.20 -2.96 10.49
C VAL K 387 49.44 -1.67 10.23
N ALA K 388 48.45 -1.35 11.08
CA ALA K 388 47.70 -0.10 10.91
C ALA K 388 48.61 1.12 11.05
N GLN K 389 49.49 1.11 12.06
CA GLN K 389 50.43 2.20 12.27
C GLN K 389 51.40 2.34 11.09
N ALA K 390 51.89 1.22 10.57
CA ALA K 390 52.80 1.27 9.42
C ALA K 390 52.11 1.85 8.19
N PHE K 391 50.87 1.42 7.92
CA PHE K 391 50.14 1.97 6.79
C PHE K 391 49.89 3.47 6.96
N SER K 392 49.51 3.89 8.17
CA SER K 392 49.24 5.30 8.42
C SER K 392 50.50 6.15 8.23
N LYS K 393 51.65 5.65 8.68
CA LYS K 393 52.88 6.39 8.48
C LYS K 393 53.35 6.40 7.03
N TRP K 394 53.12 5.32 6.29
CA TRP K 394 53.49 5.28 4.87
C TRP K 394 52.67 6.28 4.05
N ALA K 395 51.36 6.35 4.33
CA ALA K 395 50.49 7.24 3.56
C ALA K 395 50.89 8.71 3.72
N LYS K 396 51.38 9.10 4.91
CA LYS K 396 51.79 10.47 5.14
C LYS K 396 53.09 10.81 4.43
N GLU K 397 54.07 9.91 4.44
CA GLU K 397 55.31 10.13 3.71
C GLU K 397 55.08 10.21 2.21
N CYS K 398 54.14 9.43 1.67
CA CYS K 398 53.82 9.55 0.25
C CYS K 398 53.34 10.97 -0.08
N ARG K 399 52.42 11.51 0.72
CA ARG K 399 51.93 12.87 0.49
C ARG K 399 53.04 13.90 0.64
N LYS K 400 53.91 13.73 1.64
CA LYS K 400 55.01 14.68 1.80
C LYS K 400 55.96 14.63 0.60
N ASP K 401 56.20 13.45 0.04
CA ASP K 401 56.97 13.38 -1.20
C ASP K 401 56.26 14.08 -2.35
N MET K 402 54.94 13.93 -2.42
CA MET K 402 54.19 14.52 -3.53
C MET K 402 54.22 16.04 -3.54
N GLU K 403 54.38 16.70 -2.39
CA GLU K 403 54.27 18.15 -2.31
C GLU K 403 55.60 18.87 -2.27
N ASP K 404 56.71 18.18 -2.58
CA ASP K 404 58.04 18.78 -2.58
C ASP K 404 58.74 18.47 -3.90
N GLU K 405 58.03 18.71 -4.99
CA GLU K 405 58.51 18.38 -6.33
C GLU K 405 59.82 19.10 -6.64
N LYS K 406 60.70 18.40 -7.36
CA LYS K 406 62.02 18.88 -7.73
C LYS K 406 62.11 19.06 -9.24
N LEU K 407 63.31 19.38 -9.72
CA LEU K 407 63.56 19.54 -11.15
C LEU K 407 64.22 18.30 -11.70
N LEU K 408 64.06 18.07 -13.01
CA LEU K 408 64.55 16.86 -13.65
C LEU K 408 66.07 16.87 -13.76
N GLY K 409 66.71 15.83 -13.22
CA GLY K 409 68.10 15.56 -13.47
C GLY K 409 69.10 16.42 -12.72
N VAL K 410 68.68 17.15 -11.70
CA VAL K 410 69.58 18.02 -10.95
C VAL K 410 69.43 17.75 -9.46
N ARG K 411 70.56 17.63 -8.77
CA ARG K 411 70.61 17.50 -7.32
C ARG K 411 71.14 18.79 -6.73
N GLU K 412 70.49 19.27 -5.66
CA GLU K 412 70.88 20.53 -5.03
C GLU K 412 71.73 20.23 -3.79
N ARG K 413 72.97 20.72 -3.82
CA ARG K 413 73.88 20.62 -2.69
C ARG K 413 74.65 21.93 -2.51
N ALA K 422 76.90 19.65 1.20
CA ALA K 422 76.12 18.81 2.10
C ALA K 422 74.64 18.83 1.73
N PHE K 423 74.02 17.66 1.68
CA PHE K 423 72.62 17.51 1.32
C PHE K 423 71.83 16.95 2.50
N LYS K 424 70.59 17.42 2.64
CA LYS K 424 69.74 17.01 3.74
C LYS K 424 69.15 15.63 3.49
N LYS K 425 69.02 14.84 4.56
CA LYS K 425 68.33 13.56 4.52
C LYS K 425 66.95 13.69 5.14
N GLN K 426 66.03 12.85 4.69
CA GLN K 426 64.65 12.87 5.17
C GLN K 426 64.37 11.67 6.06
N LYS K 427 63.19 11.68 6.67
CA LYS K 427 62.77 10.61 7.57
C LYS K 427 62.22 9.44 6.79
N THR K 428 62.53 8.22 7.27
CA THR K 428 61.95 7.00 6.75
C THR K 428 61.58 6.11 7.93
N HIS K 429 60.29 5.92 8.15
CA HIS K 429 59.80 5.10 9.25
C HIS K 429 59.09 3.84 8.81
N THR K 430 58.85 3.66 7.50
CA THR K 430 58.16 2.49 7.00
C THR K 430 58.76 2.03 5.69
N VAL K 431 58.96 0.72 5.56
CA VAL K 431 59.33 0.08 4.31
C VAL K 431 58.22 -0.89 3.97
N TYR K 432 57.62 -0.74 2.79
CA TYR K 432 56.47 -1.52 2.37
C TYR K 432 56.74 -2.06 0.97
N LYS K 433 56.84 -3.38 0.86
CA LYS K 433 57.03 -4.06 -0.40
C LYS K 433 55.71 -4.74 -0.78
N ARG K 434 55.04 -4.18 -1.78
CA ARG K 434 53.76 -4.68 -2.26
C ARG K 434 53.96 -5.94 -3.10
N PRO K 435 52.92 -6.76 -3.26
CA PRO K 435 53.06 -7.95 -4.09
C PRO K 435 53.35 -7.61 -5.54
N ASP K 436 54.05 -8.52 -6.22
CA ASP K 436 54.54 -8.36 -7.59
C ASP K 436 55.68 -7.35 -7.66
N THR K 437 56.45 -7.22 -6.60
CA THR K 437 57.64 -6.38 -6.58
C THR K 437 58.85 -7.23 -6.20
N GLN K 438 60.03 -6.61 -6.24
CA GLN K 438 61.28 -7.31 -5.98
C GLN K 438 62.21 -6.44 -5.17
N SER K 439 62.90 -7.08 -4.23
CA SER K 439 63.97 -6.45 -3.45
C SER K 439 65.31 -6.91 -4.00
N ILE K 440 66.30 -6.01 -3.95
CA ILE K 440 67.63 -6.29 -4.48
C ILE K 440 68.67 -5.79 -3.48
N GLN K 441 69.63 -6.64 -3.14
CA GLN K 441 70.66 -6.30 -2.17
C GLN K 441 72.04 -6.66 -2.72
N LYS K 442 73.06 -5.92 -2.26
CA LYS K 442 74.44 -6.17 -2.64
C LYS K 442 75.10 -7.11 -1.63
N VAL K 443 75.69 -8.20 -2.12
CA VAL K 443 76.33 -9.19 -1.27
C VAL K 443 77.69 -9.58 -1.84
N GLN K 444 78.38 -10.50 -1.18
CA GLN K 444 79.68 -10.98 -1.62
C GLN K 444 79.52 -12.04 -2.69
N ALA K 445 80.42 -12.04 -3.67
CA ALA K 445 80.40 -12.99 -4.76
C ALA K 445 81.73 -13.68 -5.02
N GLU K 446 82.83 -13.20 -4.44
CA GLU K 446 84.15 -13.79 -4.64
C GLU K 446 84.58 -14.48 -3.35
N PHE K 447 84.58 -15.81 -3.36
CA PHE K 447 84.91 -16.61 -2.19
C PHE K 447 86.21 -17.36 -2.46
N ASP K 448 87.16 -17.23 -1.54
CA ASP K 448 88.45 -17.90 -1.69
C ASP K 448 88.82 -18.70 -0.44
N ASP L 2 35.16 -48.52 21.58
CA ASP L 2 35.93 -47.46 20.96
C ASP L 2 35.70 -46.07 21.59
N PRO L 3 34.44 -45.65 21.77
CA PRO L 3 34.20 -44.35 22.43
C PRO L 3 34.61 -44.40 23.89
N VAL L 4 35.16 -43.29 24.38
CA VAL L 4 35.56 -43.16 25.78
C VAL L 4 34.44 -42.44 26.52
N TYR L 5 33.97 -43.05 27.60
CA TYR L 5 32.86 -42.51 28.37
C TYR L 5 33.40 -41.67 29.53
N VAL L 6 32.95 -40.43 29.63
CA VAL L 6 33.40 -39.49 30.66
C VAL L 6 32.18 -38.98 31.42
N ASP L 7 32.39 -38.62 32.68
CA ASP L 7 31.32 -38.21 33.58
C ASP L 7 31.08 -36.71 33.45
N ILE L 8 30.44 -36.32 32.33
CA ILE L 8 30.06 -34.94 32.10
C ILE L 8 28.63 -34.92 31.58
N ASP L 9 27.98 -33.77 31.73
CA ASP L 9 26.62 -33.61 31.22
C ASP L 9 26.62 -33.57 29.70
N ALA L 10 25.47 -33.91 29.12
CA ALA L 10 25.39 -34.02 27.65
C ALA L 10 25.67 -32.68 26.98
N ASP L 11 25.03 -31.61 27.47
CA ASP L 11 25.21 -30.28 26.87
C ASP L 11 26.22 -29.46 27.67
N SER L 12 27.49 -29.86 27.55
CA SER L 12 28.61 -29.17 28.18
C SER L 12 29.56 -28.65 27.11
N ALA L 13 29.97 -27.38 27.27
CA ALA L 13 30.84 -26.74 26.29
C ALA L 13 32.29 -27.20 26.38
N PHE L 14 32.70 -27.82 27.48
CA PHE L 14 34.05 -28.36 27.62
C PHE L 14 34.29 -29.58 26.74
N LEU L 15 33.22 -30.18 26.22
CA LEU L 15 33.36 -31.37 25.38
C LEU L 15 34.10 -31.07 24.08
N LYS L 16 33.76 -29.95 23.43
CA LYS L 16 34.44 -29.59 22.19
C LYS L 16 35.90 -29.23 22.44
N ALA L 17 36.19 -28.60 23.58
CA ALA L 17 37.58 -28.37 23.97
C ALA L 17 38.31 -29.70 24.18
N LEU L 18 37.61 -30.70 24.73
CA LEU L 18 38.21 -32.02 24.89
C LEU L 18 38.56 -32.63 23.53
N GLN L 19 37.66 -32.51 22.56
CA GLN L 19 38.01 -32.99 21.21
C GLN L 19 39.20 -32.22 20.63
N ARG L 20 39.20 -30.89 20.78
CA ARG L 20 40.30 -30.10 20.23
C ARG L 20 41.62 -30.48 20.88
N ALA L 21 41.58 -30.92 22.14
CA ALA L 21 42.79 -31.32 22.85
C ALA L 21 43.19 -32.77 22.59
N TYR L 22 42.23 -33.65 22.31
CA TYR L 22 42.48 -35.07 22.11
C TYR L 22 41.82 -35.52 20.81
N PRO L 23 42.39 -35.15 19.66
CA PRO L 23 41.77 -35.54 18.38
C PRO L 23 42.19 -36.93 17.93
N MET L 24 42.16 -37.90 18.84
CA MET L 24 42.45 -39.29 18.52
C MET L 24 41.57 -40.25 19.31
N PHE L 25 40.50 -39.75 19.91
CA PHE L 25 39.57 -40.59 20.65
C PHE L 25 38.15 -40.10 20.41
N GLU L 26 37.19 -40.99 20.61
CA GLU L 26 35.79 -40.64 20.56
C GLU L 26 35.27 -40.42 21.97
N VAL L 27 34.61 -39.29 22.17
CA VAL L 27 34.18 -38.84 23.50
C VAL L 27 32.66 -38.84 23.55
N GLU L 28 32.10 -39.50 24.55
CA GLU L 28 30.66 -39.56 24.76
C GLU L 28 30.34 -39.29 26.22
N PRO L 29 29.42 -38.37 26.50
CA PRO L 29 29.09 -38.04 27.89
C PRO L 29 28.15 -39.05 28.54
N ARG L 30 28.49 -39.47 29.75
CA ARG L 30 27.70 -40.44 30.51
C ARG L 30 27.75 -40.00 31.98
N GLN L 31 26.70 -39.29 32.39
CA GLN L 31 26.66 -38.72 33.74
C GLN L 31 26.21 -39.76 34.76
N VAL L 32 26.91 -39.81 35.89
CA VAL L 32 26.54 -40.72 36.98
C VAL L 32 26.31 -39.92 38.26
N THR L 33 27.36 -39.24 38.73
CA THR L 33 27.29 -38.51 39.99
C THR L 33 27.34 -37.00 39.75
N PRO L 34 26.76 -36.21 40.65
CA PRO L 34 26.79 -34.74 40.52
C PRO L 34 28.04 -34.13 41.14
N ASN L 35 29.20 -34.50 40.62
CA ASN L 35 30.46 -33.95 41.12
C ASN L 35 30.61 -32.50 40.67
N ASP L 36 30.95 -31.63 41.62
CA ASP L 36 31.05 -30.20 41.33
C ASP L 36 32.41 -29.80 40.75
N HIS L 37 33.35 -30.73 40.64
CA HIS L 37 34.64 -30.47 40.02
C HIS L 37 34.98 -31.62 39.05
N ALA L 38 34.00 -32.01 38.25
CA ALA L 38 34.09 -33.21 37.43
C ALA L 38 34.85 -33.01 36.12
N ASN L 39 35.24 -31.77 35.79
CA ASN L 39 35.94 -31.56 34.51
C ASN L 39 37.38 -32.04 34.57
N ALA L 40 37.99 -32.04 35.75
CA ALA L 40 39.36 -32.51 35.90
C ALA L 40 39.50 -34.00 35.60
N ARG L 41 38.52 -34.80 36.02
CA ARG L 41 38.54 -36.24 35.79
C ARG L 41 38.55 -36.60 34.32
N ALA L 42 37.77 -35.89 33.50
CA ALA L 42 37.73 -36.19 32.07
C ALA L 42 39.07 -35.91 31.38
N PHE L 43 39.85 -34.96 31.89
CA PHE L 43 41.16 -34.68 31.30
C PHE L 43 42.21 -35.68 31.79
N SER L 44 42.28 -35.88 33.12
CA SER L 44 43.21 -36.86 33.65
C SER L 44 42.87 -38.28 33.26
N HIS L 45 41.66 -38.50 32.75
CA HIS L 45 41.17 -39.81 32.33
C HIS L 45 41.64 -40.14 30.91
N LEU L 46 41.58 -39.15 30.02
CA LEU L 46 42.14 -39.29 28.67
C LEU L 46 43.66 -39.23 28.65
N ALA L 47 44.28 -38.50 29.58
CA ALA L 47 45.73 -38.37 29.60
C ALA L 47 46.41 -39.72 29.78
N ILE L 48 45.88 -40.55 30.69
CA ILE L 48 46.49 -41.85 30.95
C ILE L 48 46.38 -42.76 29.72
N LYS L 49 45.23 -42.72 29.05
CA LYS L 49 45.09 -43.48 27.81
C LYS L 49 46.07 -43.02 26.74
N LEU L 50 46.26 -41.70 26.61
CA LEU L 50 47.23 -41.20 25.64
C LEU L 50 48.63 -41.70 25.98
N ILE L 51 49.00 -41.62 27.26
CA ILE L 51 50.34 -42.06 27.67
C ILE L 51 50.52 -43.55 27.37
N GLU L 52 49.53 -44.37 27.70
CA GLU L 52 49.65 -45.80 27.47
C GLU L 52 49.65 -46.15 26.00
N GLN L 53 48.85 -45.45 25.19
CA GLN L 53 48.79 -45.66 23.75
C GLN L 53 50.03 -45.15 23.04
N GLU L 54 50.83 -44.28 23.67
CA GLU L 54 52.10 -43.88 23.08
C GLU L 54 53.32 -44.46 23.78
N ILE L 55 53.17 -45.45 24.64
CA ILE L 55 54.30 -46.09 25.32
C ILE L 55 54.44 -47.52 24.81
N ASP L 56 55.67 -48.02 24.80
CA ASP L 56 55.92 -49.37 24.30
C ASP L 56 55.31 -50.41 25.22
N PRO L 57 54.76 -51.50 24.67
CA PRO L 57 54.21 -52.55 25.52
C PRO L 57 55.29 -53.32 26.25
N ASP L 58 54.87 -54.03 27.31
CA ASP L 58 55.74 -54.85 28.14
C ASP L 58 56.87 -54.01 28.76
N SER L 59 56.46 -52.98 29.49
CA SER L 59 57.38 -52.13 30.22
C SER L 59 56.87 -51.94 31.64
N THR L 60 57.79 -51.89 32.59
CA THR L 60 57.45 -51.67 33.99
C THR L 60 57.37 -50.17 34.25
N ILE L 61 56.32 -49.76 34.98
CA ILE L 61 55.99 -48.35 35.16
C ILE L 61 55.92 -48.06 36.64
N LEU L 62 56.72 -47.09 37.09
CA LEU L 62 56.60 -46.60 38.45
C LEU L 62 55.43 -45.62 38.57
N ASP L 63 54.96 -45.45 39.79
CA ASP L 63 53.84 -44.55 40.07
C ASP L 63 54.11 -43.85 41.40
N ILE L 64 54.39 -42.55 41.34
CA ILE L 64 54.72 -41.78 42.54
C ILE L 64 53.45 -41.22 43.15
N GLY L 65 53.23 -41.50 44.43
CA GLY L 65 52.05 -41.04 45.12
C GLY L 65 50.77 -41.52 44.48
N SER L 66 50.63 -42.83 44.34
CA SER L 66 49.56 -43.42 43.56
C SER L 66 48.35 -43.77 44.43
N ALA L 67 47.22 -43.99 43.75
CA ALA L 67 46.04 -44.61 44.34
C ALA L 67 45.85 -45.95 43.65
N PRO L 68 46.16 -47.06 44.32
CA PRO L 68 46.21 -48.36 43.60
C PRO L 68 44.88 -48.80 43.03
N ALA L 69 43.76 -48.27 43.50
CA ALA L 69 42.46 -48.65 42.94
C ALA L 69 42.31 -48.23 41.48
N ARG L 70 42.99 -47.15 41.07
CA ARG L 70 42.89 -46.72 39.67
C ARG L 70 43.64 -47.64 38.73
N ARG L 71 44.75 -48.22 39.19
CA ARG L 71 45.60 -49.09 38.36
C ARG L 71 45.40 -50.56 38.67
N MET L 72 44.18 -50.98 38.99
CA MET L 72 43.90 -52.37 39.31
C MET L 72 43.37 -53.17 38.11
N MET L 73 42.41 -52.61 37.38
CA MET L 73 41.82 -53.30 36.24
C MET L 73 42.51 -52.97 34.92
N SER L 74 43.76 -52.49 34.97
CA SER L 74 44.51 -52.21 33.76
C SER L 74 45.22 -53.46 33.27
N ASP L 75 46.03 -53.34 32.21
CA ASP L 75 46.72 -54.50 31.68
C ASP L 75 48.22 -54.29 31.56
N ARG L 76 48.82 -53.34 32.27
CA ARG L 76 50.25 -53.10 32.25
C ARG L 76 50.83 -53.23 33.65
N LYS L 77 52.12 -53.52 33.72
CA LYS L 77 52.79 -53.83 34.99
C LYS L 77 53.17 -52.52 35.67
N TYR L 78 52.33 -52.05 36.58
CA TYR L 78 52.66 -50.89 37.39
C TYR L 78 53.39 -51.31 38.66
N HIS L 79 54.01 -50.33 39.31
CA HIS L 79 54.58 -50.49 40.64
C HIS L 79 54.24 -49.24 41.43
N CYS L 80 53.36 -49.38 42.41
CA CYS L 80 52.77 -48.24 43.10
C CYS L 80 53.60 -47.90 44.34
N VAL L 81 54.08 -46.67 44.41
CA VAL L 81 54.77 -46.15 45.58
C VAL L 81 53.75 -45.40 46.43
N CYS L 82 53.38 -45.98 47.57
CA CYS L 82 52.27 -45.48 48.38
C CYS L 82 52.72 -45.25 49.81
N PRO L 83 53.41 -44.15 50.07
CA PRO L 83 53.71 -43.77 51.46
C PRO L 83 52.47 -43.22 52.15
N MET L 84 52.52 -43.22 53.48
CA MET L 84 51.43 -42.73 54.31
C MET L 84 51.87 -41.40 54.92
N ARG L 85 51.62 -40.31 54.18
CA ARG L 85 51.97 -38.97 54.63
C ARG L 85 50.80 -38.01 54.70
N SER L 86 49.65 -38.37 54.15
CA SER L 86 48.46 -37.53 54.17
C SER L 86 47.32 -38.26 54.88
N ALA L 87 46.36 -37.47 55.37
CA ALA L 87 45.26 -38.02 56.15
C ALA L 87 44.29 -38.86 55.32
N GLU L 88 44.39 -38.80 53.99
CA GLU L 88 43.46 -39.50 53.11
C GLU L 88 44.03 -40.81 52.56
N ASP L 89 45.19 -41.24 53.05
CA ASP L 89 45.84 -42.46 52.57
C ASP L 89 45.25 -43.75 53.17
N PRO L 90 44.94 -43.80 54.48
CA PRO L 90 44.36 -45.04 55.02
C PRO L 90 43.07 -45.47 54.33
N GLU L 91 42.21 -44.53 53.98
CA GLU L 91 41.00 -44.85 53.24
C GLU L 91 41.31 -45.39 51.84
N ARG L 92 42.32 -44.84 51.17
CA ARG L 92 42.75 -45.39 49.89
C ARG L 92 43.24 -46.83 50.03
N LEU L 93 44.05 -47.11 51.06
CA LEU L 93 44.52 -48.48 51.28
C LEU L 93 43.37 -49.43 51.60
N ALA L 94 42.43 -49.00 52.44
CA ALA L 94 41.26 -49.81 52.75
C ALA L 94 40.41 -50.07 51.53
N ASN L 95 40.19 -49.08 50.67
CA ASN L 95 39.48 -49.28 49.41
C ASN L 95 40.21 -50.23 48.48
N TYR L 96 41.53 -50.14 48.39
CA TYR L 96 42.30 -51.10 47.61
C TYR L 96 42.10 -52.51 48.14
N ALA L 97 42.15 -52.68 49.47
CA ALA L 97 41.92 -53.99 50.06
C ALA L 97 40.52 -54.50 49.76
N ARG L 98 39.52 -53.63 49.84
CA ARG L 98 38.14 -54.05 49.57
C ARG L 98 37.95 -54.49 48.13
N LYS L 99 38.44 -53.70 47.17
CA LYS L 99 38.32 -54.09 45.77
C LYS L 99 39.22 -55.26 45.38
N LEU L 100 40.28 -55.53 46.16
CA LEU L 100 41.04 -56.76 45.92
C LEU L 100 40.29 -57.97 46.46
N ALA L 101 39.63 -57.83 47.61
CA ALA L 101 38.89 -58.95 48.19
C ALA L 101 37.59 -59.23 47.45
N SER L 102 37.00 -58.23 46.80
CA SER L 102 35.72 -58.38 46.13
C SER L 102 35.84 -59.04 44.76
N ALA L 103 37.06 -59.32 44.30
CA ALA L 103 37.28 -59.97 43.02
C ALA L 103 38.30 -61.10 43.14
N ALA L 104 38.14 -61.94 44.17
CA ALA L 104 39.09 -63.01 44.44
C ALA L 104 39.15 -64.02 43.31
N GLY L 105 37.98 -64.41 42.78
CA GLY L 105 37.94 -65.38 41.70
C GLY L 105 36.97 -65.03 40.60
N LYS L 106 36.21 -63.95 40.79
CA LYS L 106 35.27 -63.51 39.77
C LYS L 106 36.01 -63.04 38.51
N VAL L 107 37.11 -62.33 38.70
CA VAL L 107 37.96 -61.88 37.60
C VAL L 107 39.29 -62.60 37.68
N LEU L 108 39.72 -63.17 36.56
CA LEU L 108 40.96 -63.93 36.53
C LEU L 108 41.86 -63.49 35.38
N ASP L 109 41.36 -62.58 34.53
CA ASP L 109 42.14 -62.06 33.42
C ASP L 109 43.30 -61.21 33.94
N ARG L 110 43.15 -60.68 35.14
CA ARG L 110 44.15 -59.81 35.75
C ARG L 110 45.13 -60.61 36.60
N ASN L 111 45.95 -59.89 37.37
CA ASN L 111 46.94 -60.49 38.26
C ASN L 111 46.48 -60.33 39.71
N ILE L 112 45.20 -60.56 39.96
CA ILE L 112 44.59 -60.28 41.26
C ILE L 112 45.24 -61.13 42.35
N SER L 113 45.47 -62.41 42.05
CA SER L 113 46.07 -63.30 43.05
C SER L 113 47.47 -62.83 43.44
N GLY L 114 48.27 -62.45 42.46
CA GLY L 114 49.60 -61.94 42.75
C GLY L 114 49.56 -60.65 43.55
N LYS L 115 48.64 -59.76 43.21
CA LYS L 115 48.50 -58.50 43.94
C LYS L 115 48.11 -58.75 45.39
N ILE L 116 47.16 -59.67 45.60
CA ILE L 116 46.73 -60.00 46.97
C ILE L 116 47.90 -60.58 47.76
N GLY L 117 48.63 -61.51 47.15
CA GLY L 117 49.78 -62.09 47.83
C GLY L 117 50.83 -61.05 48.17
N ASP L 118 51.10 -60.13 47.24
CA ASP L 118 52.08 -59.07 47.48
C ASP L 118 51.62 -58.16 48.61
N LEU L 119 50.34 -57.80 48.63
CA LEU L 119 49.82 -56.95 49.70
C LEU L 119 49.93 -57.63 51.04
N GLN L 120 49.61 -58.93 51.10
CA GLN L 120 49.77 -59.68 52.34
C GLN L 120 51.23 -59.75 52.77
N ALA L 121 52.15 -59.92 51.82
CA ALA L 121 53.57 -59.94 52.15
C ALA L 121 54.02 -58.60 52.73
N VAL L 122 53.55 -57.49 52.14
CA VAL L 122 53.91 -56.18 52.68
C VAL L 122 53.32 -56.00 54.08
N MET L 123 52.08 -56.46 54.29
CA MET L 123 51.49 -56.38 55.63
C MET L 123 52.29 -57.19 56.63
N ALA L 124 52.88 -58.31 56.19
CA ALA L 124 53.68 -59.14 57.07
C ALA L 124 54.96 -58.42 57.50
N VAL L 125 55.83 -58.14 56.54
CA VAL L 125 57.09 -57.42 56.80
C VAL L 125 56.99 -56.06 56.11
N PRO L 126 56.98 -54.95 56.86
CA PRO L 126 56.82 -53.62 56.23
C PRO L 126 58.13 -52.97 55.78
N ASP L 127 58.98 -53.76 55.12
CA ASP L 127 60.19 -53.23 54.49
C ASP L 127 60.46 -53.93 53.16
N THR L 128 59.57 -54.85 52.78
CA THR L 128 59.78 -55.62 51.56
C THR L 128 59.54 -54.76 50.33
N GLU L 129 60.13 -55.18 49.22
CA GLU L 129 59.96 -54.51 47.93
C GLU L 129 59.34 -55.52 46.97
N THR L 130 58.02 -55.49 46.86
CA THR L 130 57.28 -56.37 45.98
C THR L 130 57.17 -55.77 44.59
N PRO L 131 56.87 -56.60 43.58
CA PRO L 131 56.78 -56.09 42.21
C PRO L 131 55.78 -54.96 42.02
N THR L 132 54.70 -54.95 42.81
CA THR L 132 53.59 -54.04 42.54
C THR L 132 53.25 -53.09 43.69
N PHE L 133 53.98 -53.11 44.79
CA PHE L 133 53.56 -52.31 45.93
C PHE L 133 54.70 -52.19 46.93
N CYS L 134 54.75 -51.05 47.62
CA CYS L 134 55.76 -50.78 48.64
C CYS L 134 55.29 -49.63 49.52
N LEU L 135 56.02 -49.39 50.60
CA LEU L 135 55.71 -48.35 51.57
C LEU L 135 56.89 -47.39 51.74
N HIS L 136 57.47 -46.97 50.62
CA HIS L 136 58.66 -46.13 50.65
C HIS L 136 58.38 -44.78 50.03
N THR L 137 59.34 -43.87 50.19
CA THR L 137 59.27 -42.54 49.60
C THR L 137 59.78 -42.64 48.16
N ASP L 138 59.66 -41.56 47.38
CA ASP L 138 60.14 -41.56 46.01
C ASP L 138 61.66 -41.62 45.90
N VAL L 139 62.39 -41.10 46.89
CA VAL L 139 63.84 -41.15 46.89
C VAL L 139 64.39 -42.35 47.65
N SER L 140 63.54 -43.25 48.11
CA SER L 140 63.99 -44.42 48.86
C SER L 140 63.59 -45.75 48.25
N CYS L 141 62.58 -45.77 47.36
CA CYS L 141 62.24 -46.99 46.65
C CYS L 141 63.40 -47.43 45.77
N ARG L 142 63.74 -48.72 45.83
CA ARG L 142 64.84 -49.27 45.08
C ARG L 142 64.39 -50.14 43.91
N GLN L 143 63.11 -50.12 43.56
CA GLN L 143 62.62 -50.91 42.43
C GLN L 143 63.05 -50.25 41.12
N ARG L 144 63.93 -50.92 40.39
CA ARG L 144 64.41 -50.39 39.12
C ARG L 144 63.32 -50.50 38.05
N ALA L 145 63.26 -49.48 37.19
CA ALA L 145 62.27 -49.43 36.12
C ALA L 145 62.82 -48.55 35.00
N ASP L 146 61.96 -48.25 34.02
CA ASP L 146 62.35 -47.39 32.91
C ASP L 146 61.37 -46.26 32.62
N VAL L 147 60.20 -46.23 33.26
CA VAL L 147 59.20 -45.20 33.04
C VAL L 147 58.63 -44.77 34.40
N ALA L 148 58.43 -43.46 34.55
CA ALA L 148 57.84 -42.92 35.76
C ALA L 148 56.71 -41.97 35.38
N ILE L 149 55.68 -41.91 36.21
CA ILE L 149 54.51 -41.09 35.97
C ILE L 149 54.18 -40.30 37.22
N TYR L 150 53.87 -39.02 37.03
CA TYR L 150 53.44 -38.14 38.12
C TYR L 150 52.03 -37.65 37.81
N GLN L 151 51.12 -37.77 38.77
CA GLN L 151 49.75 -37.31 38.63
C GLN L 151 49.37 -36.47 39.83
N ASP L 152 49.13 -35.17 39.60
CA ASP L 152 48.73 -34.22 40.64
C ASP L 152 49.70 -34.26 41.83
N VAL L 153 50.99 -34.30 41.53
CA VAL L 153 52.04 -34.33 42.53
C VAL L 153 52.67 -32.94 42.59
N TYR L 154 52.57 -32.28 43.74
CA TYR L 154 53.02 -30.90 43.89
C TYR L 154 54.01 -30.69 45.03
N ALA L 155 54.22 -31.68 45.90
CA ALA L 155 54.99 -31.50 47.11
C ALA L 155 56.43 -32.01 47.00
N VAL L 156 56.88 -32.40 45.81
CA VAL L 156 58.24 -32.88 45.62
C VAL L 156 59.05 -31.82 44.89
N HIS L 157 60.36 -31.82 45.15
CA HIS L 157 61.29 -30.94 44.45
C HIS L 157 61.76 -31.64 43.19
N ALA L 158 61.48 -31.05 42.03
CA ALA L 158 61.65 -31.74 40.75
C ALA L 158 63.08 -32.19 40.47
N PRO L 159 64.12 -31.38 40.65
CA PRO L 159 65.47 -31.86 40.30
C PRO L 159 65.90 -33.09 41.10
N THR L 160 65.72 -33.07 42.42
CA THR L 160 66.12 -34.21 43.24
C THR L 160 65.31 -35.46 42.90
N SER L 161 64.00 -35.30 42.71
CA SER L 161 63.16 -36.43 42.36
C SER L 161 63.56 -37.04 41.03
N LEU L 162 63.85 -36.20 40.03
CA LEU L 162 64.27 -36.70 38.73
C LEU L 162 65.64 -37.35 38.79
N TYR L 163 66.56 -36.79 39.58
CA TYR L 163 67.89 -37.38 39.70
C TYR L 163 67.84 -38.74 40.38
N HIS L 164 67.01 -38.89 41.41
CA HIS L 164 66.87 -40.18 42.06
C HIS L 164 66.11 -41.20 41.23
N GLN L 165 65.44 -40.77 40.16
CA GLN L 165 64.84 -41.70 39.21
C GLN L 165 65.76 -42.05 38.06
N ALA L 166 66.65 -41.13 37.68
CA ALA L 166 67.52 -41.36 36.53
C ALA L 166 68.58 -42.43 36.81
N ILE L 167 69.00 -42.58 38.06
CA ILE L 167 70.07 -43.52 38.40
C ILE L 167 69.49 -44.92 38.55
N LYS L 168 68.22 -45.08 38.24
CA LYS L 168 67.58 -46.38 38.35
C LYS L 168 67.14 -46.96 37.01
N GLY L 169 67.64 -46.45 35.89
CA GLY L 169 67.29 -46.97 34.58
C GLY L 169 66.09 -46.31 33.94
N VAL L 170 65.57 -45.23 34.50
CA VAL L 170 64.42 -44.53 33.95
C VAL L 170 64.90 -43.54 32.91
N ARG L 171 64.32 -43.62 31.71
CA ARG L 171 64.71 -42.76 30.60
C ARG L 171 63.57 -41.88 30.10
N LEU L 172 62.40 -41.92 30.74
CA LEU L 172 61.24 -41.19 30.25
C LEU L 172 60.27 -40.98 31.42
N ALA L 173 59.78 -39.75 31.55
CA ALA L 173 58.87 -39.41 32.65
C ALA L 173 57.77 -38.50 32.14
N TYR L 174 56.61 -38.56 32.80
CA TYR L 174 55.46 -37.74 32.46
C TYR L 174 54.96 -37.00 33.70
N TRP L 175 54.39 -35.82 33.47
CA TRP L 175 53.86 -34.99 34.55
C TRP L 175 52.57 -34.33 34.08
N VAL L 176 51.47 -34.59 34.77
CA VAL L 176 50.17 -34.01 34.43
C VAL L 176 49.71 -33.15 35.59
N GLY L 177 49.33 -31.91 35.29
CA GLY L 177 48.90 -31.04 36.38
C GLY L 177 48.46 -29.67 35.88
N PHE L 178 48.43 -28.74 36.84
CA PHE L 178 48.08 -27.35 36.56
C PHE L 178 49.24 -26.59 35.93
N ASP L 179 48.91 -25.56 35.16
CA ASP L 179 49.92 -24.70 34.57
C ASP L 179 50.67 -23.93 35.65
N THR L 180 51.99 -23.88 35.51
CA THR L 180 52.86 -23.22 36.48
C THR L 180 53.07 -21.74 36.14
N THR L 181 52.56 -21.29 34.99
CA THR L 181 52.81 -19.93 34.54
C THR L 181 52.35 -18.84 35.52
N PRO L 182 51.18 -18.91 36.14
CA PRO L 182 50.77 -17.81 37.04
C PRO L 182 51.72 -17.59 38.22
N PHE L 183 52.46 -18.60 38.65
CA PHE L 183 53.40 -18.43 39.75
C PHE L 183 54.77 -17.95 39.30
N MET L 184 55.06 -18.01 38.00
CA MET L 184 56.28 -17.40 37.49
C MET L 184 56.14 -15.89 37.41
N TYR L 185 54.92 -15.38 37.23
CA TYR L 185 54.65 -13.95 37.26
C TYR L 185 54.48 -13.41 38.67
N ASN L 186 54.43 -14.30 39.67
CA ASN L 186 54.35 -13.91 41.08
C ASN L 186 53.08 -13.12 41.38
N ALA L 187 51.94 -13.71 41.05
CA ALA L 187 50.64 -13.10 41.33
C ALA L 187 50.22 -13.37 42.77
N MET L 188 49.22 -12.62 43.22
CA MET L 188 48.73 -12.74 44.59
C MET L 188 47.56 -13.72 44.72
N ALA L 189 46.69 -13.79 43.72
CA ALA L 189 45.56 -14.70 43.73
C ALA L 189 45.14 -14.97 42.29
N GLY L 190 44.36 -16.02 42.09
CA GLY L 190 43.96 -16.35 40.73
C GLY L 190 42.90 -17.42 40.67
N ALA L 191 42.48 -17.72 39.44
CA ALA L 191 41.41 -18.66 39.17
C ALA L 191 41.74 -19.51 37.96
N TYR L 192 41.12 -20.70 37.90
CA TYR L 192 41.12 -21.58 36.73
C TYR L 192 39.65 -21.83 36.41
N PRO L 193 38.96 -20.86 35.79
CA PRO L 193 37.49 -20.88 35.77
C PRO L 193 36.87 -22.05 35.03
N SER L 194 37.61 -22.75 34.17
CA SER L 194 37.06 -23.89 33.46
C SER L 194 37.03 -25.15 34.30
N TYR L 195 37.71 -25.18 35.45
CA TYR L 195 37.73 -26.35 36.32
C TYR L 195 37.19 -26.05 37.71
N SER L 196 36.55 -24.89 37.90
CA SER L 196 35.96 -24.49 39.17
C SER L 196 37.00 -24.50 40.29
N THR L 197 38.12 -23.83 40.04
CA THR L 197 39.24 -23.81 40.98
C THR L 197 39.66 -22.37 41.23
N ASN L 198 39.86 -22.04 42.51
CA ASN L 198 40.37 -20.74 42.90
C ASN L 198 41.51 -20.90 43.89
N TRP L 199 42.53 -20.04 43.76
CA TRP L 199 43.66 -20.11 44.67
C TRP L 199 44.00 -18.70 45.15
N ALA L 200 44.52 -18.63 46.37
CA ALA L 200 44.81 -17.34 46.96
C ALA L 200 45.95 -17.46 47.97
N ASP L 201 46.65 -16.34 48.16
CA ASP L 201 47.64 -16.22 49.21
C ASP L 201 46.97 -16.13 50.58
N GLU L 202 47.70 -16.53 51.62
CA GLU L 202 47.12 -16.58 52.96
C GLU L 202 46.82 -15.19 53.51
N GLN L 203 47.52 -14.16 53.06
CA GLN L 203 47.37 -12.82 53.62
C GLN L 203 46.16 -12.06 53.05
N VAL L 204 45.46 -12.62 52.06
CA VAL L 204 44.30 -11.97 51.47
C VAL L 204 43.05 -12.81 51.61
N LEU L 205 43.01 -13.73 52.59
CA LEU L 205 41.84 -14.59 52.74
C LEU L 205 40.64 -13.83 53.28
N LYS L 206 40.85 -12.67 53.88
CA LYS L 206 39.75 -11.84 54.37
C LYS L 206 39.43 -10.68 53.42
N ALA L 207 39.58 -10.89 52.12
CA ALA L 207 39.21 -9.87 51.13
C ALA L 207 37.70 -9.91 50.92
N LYS L 208 37.22 -9.19 49.92
CA LYS L 208 35.78 -9.05 49.69
C LYS L 208 35.30 -9.61 48.36
N ASN L 209 35.99 -9.32 47.25
CA ASN L 209 35.45 -9.61 45.93
C ASN L 209 36.32 -10.55 45.11
N ILE L 210 37.33 -11.18 45.72
CA ILE L 210 38.08 -12.23 45.03
C ILE L 210 37.28 -13.53 45.15
N GLY L 211 37.67 -14.55 44.39
CA GLY L 211 36.90 -15.77 44.33
C GLY L 211 36.99 -16.68 45.54
N LEU L 212 37.93 -16.41 46.45
CA LEU L 212 38.13 -17.23 47.64
C LEU L 212 38.40 -16.31 48.83
N CYS L 213 37.35 -15.94 49.56
CA CYS L 213 37.48 -15.03 50.69
C CYS L 213 36.20 -15.05 51.51
N SER L 214 36.27 -14.41 52.68
CA SER L 214 35.09 -14.17 53.52
C SER L 214 35.36 -12.93 54.37
N THR L 215 34.36 -12.06 54.47
CA THR L 215 34.49 -10.82 55.23
C THR L 215 33.26 -10.64 56.12
N ASP L 216 33.21 -9.52 56.83
CA ASP L 216 32.16 -9.22 57.79
C ASP L 216 31.54 -7.85 57.47
N LEU L 217 30.44 -7.56 58.14
CA LEU L 217 29.80 -6.25 58.10
C LEU L 217 30.37 -5.36 59.19
N THR L 218 30.52 -4.07 58.88
CA THR L 218 31.12 -3.14 59.81
C THR L 218 30.67 -1.72 59.50
N GLU L 219 30.90 -0.82 60.45
CA GLU L 219 30.52 0.57 60.32
C GLU L 219 31.70 1.47 59.94
N GLY L 220 32.88 1.19 60.47
CA GLY L 220 34.06 2.00 60.17
C GLY L 220 34.65 2.70 61.36
N ARG L 221 35.84 2.25 61.78
CA ARG L 221 36.51 2.78 62.95
C ARG L 221 37.62 3.75 62.51
N ARG L 222 37.97 4.69 63.39
CA ARG L 222 39.02 5.65 63.13
C ARG L 222 40.41 5.19 63.58
N GLY L 223 40.50 4.04 64.25
CA GLY L 223 41.77 3.56 64.75
C GLY L 223 42.48 2.62 63.79
N ARG L 229 53.73 -2.21 62.76
CA ARG L 229 53.44 -1.62 61.45
C ARG L 229 53.61 -2.64 60.33
N GLY L 230 52.97 -2.36 59.19
CA GLY L 230 53.05 -3.21 58.03
C GLY L 230 53.81 -2.57 56.88
N LYS L 231 53.07 -1.97 55.95
CA LYS L 231 53.60 -1.25 54.79
C LYS L 231 54.21 -2.18 53.75
N LYS L 232 54.26 -3.49 54.05
CA LYS L 232 54.79 -4.50 53.13
C LYS L 232 53.71 -5.54 52.90
N LEU L 233 53.11 -5.51 51.71
CA LEU L 233 52.14 -6.51 51.28
C LEU L 233 52.71 -7.20 50.05
N GLU L 234 53.37 -8.34 50.26
CA GLU L 234 54.07 -9.06 49.21
C GLU L 234 53.72 -10.54 49.28
N PRO L 235 53.79 -11.25 48.17
CA PRO L 235 53.47 -12.69 48.18
C PRO L 235 54.40 -13.46 49.11
N CYS L 236 53.84 -14.50 49.74
N CYS L 236 53.85 -14.50 49.74
CA CYS L 236 54.56 -15.37 50.65
CA CYS L 236 54.59 -15.37 50.64
C CYS L 236 54.51 -16.82 50.15
C CYS L 236 54.53 -16.80 50.13
N ASP L 237 55.14 -17.71 50.90
CA ASP L 237 55.28 -19.09 50.43
C ASP L 237 53.96 -19.85 50.42
N ARG L 238 53.14 -19.69 51.45
CA ARG L 238 51.97 -20.54 51.62
C ARG L 238 50.81 -20.06 50.76
N VAL L 239 50.21 -20.97 50.00
CA VAL L 239 49.09 -20.68 49.11
C VAL L 239 48.00 -21.72 49.34
N LEU L 240 46.74 -21.31 49.17
CA LEU L 240 45.61 -22.20 49.35
C LEU L 240 44.88 -22.38 48.02
N PHE L 241 44.60 -23.65 47.69
CA PHE L 241 43.88 -24.03 46.49
C PHE L 241 42.54 -24.61 46.88
N SER L 242 41.51 -24.29 46.09
CA SER L 242 40.17 -24.84 46.28
C SER L 242 39.67 -25.34 44.92
N VAL L 243 39.56 -26.66 44.80
CA VAL L 243 39.04 -27.31 43.61
C VAL L 243 37.64 -27.78 43.96
N GLY L 244 36.63 -27.13 43.39
CA GLY L 244 35.27 -27.36 43.83
C GLY L 244 35.11 -27.00 45.28
N SER L 245 34.98 -28.01 46.15
CA SER L 245 34.94 -27.80 47.58
C SER L 245 36.09 -28.46 48.32
N THR L 246 37.11 -28.94 47.62
CA THR L 246 38.25 -29.59 48.25
C THR L 246 39.42 -28.62 48.38
N LEU L 247 40.06 -28.62 49.54
CA LEU L 247 41.09 -27.65 49.88
C LEU L 247 42.46 -28.31 49.90
N TYR L 248 43.46 -27.61 49.36
CA TYR L 248 44.84 -28.11 49.31
C TYR L 248 45.79 -26.98 49.68
N PRO L 249 46.65 -27.15 50.68
CA PRO L 249 47.71 -26.16 50.91
C PRO L 249 48.96 -26.50 50.10
N GLU L 250 49.59 -25.47 49.54
CA GLU L 250 50.76 -25.65 48.69
C GLU L 250 51.80 -24.59 49.00
N SER L 251 53.02 -24.84 48.51
CA SER L 251 54.15 -23.94 48.67
C SER L 251 54.59 -23.41 47.31
N ARG L 252 55.04 -22.15 47.28
CA ARG L 252 55.38 -21.53 46.02
C ARG L 252 56.67 -22.09 45.43
N LYS L 253 57.63 -22.44 46.28
CA LYS L 253 58.92 -22.90 45.78
C LYS L 253 58.79 -24.23 45.04
N LEU L 254 58.06 -25.19 45.62
CA LEU L 254 57.88 -26.48 44.97
C LEU L 254 57.01 -26.38 43.72
N LEU L 255 56.09 -25.41 43.67
CA LEU L 255 55.33 -25.18 42.45
C LEU L 255 56.22 -24.62 41.35
N LYS L 256 57.07 -23.65 41.69
CA LYS L 256 57.97 -23.05 40.70
C LYS L 256 59.05 -24.02 40.25
N SER L 257 59.41 -24.99 41.08
CA SER L 257 60.50 -25.91 40.72
C SER L 257 60.17 -26.79 39.51
N TRP L 258 58.89 -26.88 39.13
CA TRP L 258 58.50 -27.69 37.98
C TRP L 258 58.44 -26.90 36.67
N HIS L 259 58.78 -25.61 36.69
CA HIS L 259 58.87 -24.81 35.47
C HIS L 259 60.29 -24.96 34.94
N LEU L 260 60.53 -26.07 34.20
CA LEU L 260 61.87 -26.45 33.78
C LEU L 260 62.20 -25.90 32.39
N PRO L 261 63.47 -25.61 32.14
CA PRO L 261 63.87 -25.13 30.81
C PRO L 261 63.86 -26.26 29.78
N SER L 262 64.13 -25.87 28.54
CA SER L 262 64.11 -26.84 27.44
C SER L 262 65.26 -27.83 27.54
N VAL L 263 66.43 -27.39 28.00
CA VAL L 263 67.60 -28.26 28.16
C VAL L 263 68.25 -27.95 29.49
N PHE L 264 68.55 -28.99 30.26
CA PHE L 264 69.29 -28.82 31.52
C PHE L 264 70.16 -30.03 31.78
N HIS L 265 71.03 -29.89 32.78
CA HIS L 265 72.03 -30.90 33.12
C HIS L 265 71.89 -31.28 34.58
N LEU L 266 71.87 -32.58 34.87
CA LEU L 266 71.91 -33.09 36.24
C LEU L 266 73.27 -33.74 36.44
N LYS L 267 74.15 -33.07 37.19
CA LYS L 267 75.52 -33.53 37.37
C LYS L 267 75.84 -33.65 38.86
N GLY L 268 75.72 -34.87 39.38
CA GLY L 268 76.15 -35.19 40.73
C GLY L 268 77.32 -36.13 40.72
N LYS L 269 77.06 -37.42 40.98
CA LYS L 269 78.06 -38.47 40.79
C LYS L 269 78.01 -38.97 39.35
N LEU L 270 76.83 -39.40 38.89
CA LEU L 270 76.61 -39.64 37.47
C LEU L 270 76.00 -38.39 36.83
N SER L 271 76.20 -38.26 35.53
CA SER L 271 75.78 -37.07 34.80
C SER L 271 74.73 -37.41 33.76
N PHE L 272 73.75 -36.53 33.62
CA PHE L 272 72.65 -36.73 32.69
C PHE L 272 72.31 -35.40 32.02
N THR L 273 71.80 -35.49 30.80
CA THR L 273 71.32 -34.34 30.04
C THR L 273 69.83 -34.55 29.77
N CYS L 274 69.01 -33.57 30.14
CA CYS L 274 67.58 -33.73 30.16
C CYS L 274 66.90 -32.64 29.35
N ARG L 275 65.74 -32.98 28.77
CA ARG L 275 64.94 -32.07 27.97
C ARG L 275 63.50 -32.11 28.46
N CYS L 276 62.80 -30.98 28.35
CA CYS L 276 61.42 -30.85 28.80
C CYS L 276 60.58 -30.27 27.66
N ASP L 277 59.45 -30.92 27.38
CA ASP L 277 58.56 -30.51 26.31
C ASP L 277 57.11 -30.68 26.75
N THR L 278 56.24 -29.80 26.24
CA THR L 278 54.82 -29.82 26.55
C THR L 278 54.06 -30.40 25.37
N VAL L 279 53.23 -31.41 25.62
CA VAL L 279 52.53 -32.11 24.56
C VAL L 279 51.03 -31.86 24.56
N VAL L 280 50.41 -31.62 25.71
CA VAL L 280 48.98 -31.37 25.80
C VAL L 280 48.74 -30.18 26.72
N SER L 281 47.91 -29.24 26.27
CA SER L 281 47.54 -28.07 27.06
C SER L 281 46.05 -27.80 26.87
N CYS L 282 45.33 -27.62 27.97
CA CYS L 282 43.90 -27.34 27.93
C CYS L 282 43.54 -26.43 29.10
N GLU L 283 43.44 -25.13 28.81
CA GLU L 283 42.86 -24.12 29.70
C GLU L 283 43.32 -24.21 31.15
N GLY L 284 44.54 -24.68 31.38
CA GLY L 284 45.05 -24.78 32.73
C GLY L 284 45.77 -26.07 33.04
N TYR L 285 45.36 -27.16 32.40
CA TYR L 285 46.05 -28.45 32.56
C TYR L 285 47.10 -28.63 31.47
N VAL L 286 48.24 -29.16 31.88
CA VAL L 286 49.36 -29.42 30.99
C VAL L 286 49.91 -30.81 31.25
N VAL L 287 50.41 -31.44 30.19
CA VAL L 287 51.14 -32.69 30.25
C VAL L 287 52.55 -32.42 29.74
N LYS L 288 53.55 -32.78 30.55
CA LYS L 288 54.96 -32.53 30.24
C LYS L 288 55.67 -33.86 30.13
N ARG L 289 56.47 -34.02 29.07
CA ARG L 289 57.28 -35.21 28.85
C ARG L 289 58.75 -34.85 29.03
N ILE L 290 59.45 -35.64 29.85
CA ILE L 290 60.86 -35.41 30.15
C ILE L 290 61.65 -36.64 29.73
N THR L 291 62.72 -36.42 28.96
CA THR L 291 63.62 -37.47 28.52
C THR L 291 65.00 -37.25 29.11
N MET L 292 65.66 -38.34 29.49
CA MET L 292 66.95 -38.28 30.14
C MET L 292 67.93 -39.22 29.45
N SER L 293 69.21 -38.82 29.44
CA SER L 293 70.26 -39.59 28.79
C SER L 293 71.58 -39.39 29.50
N PRO L 294 72.36 -40.45 29.71
CA PRO L 294 73.65 -40.30 30.40
C PRO L 294 74.64 -39.48 29.58
N GLY L 295 75.50 -38.75 30.28
CA GLY L 295 76.54 -37.98 29.62
C GLY L 295 76.23 -36.50 29.50
N LEU L 296 77.24 -35.65 29.68
CA LEU L 296 77.07 -34.20 29.56
C LEU L 296 77.24 -33.79 28.11
N TYR L 297 76.12 -33.56 27.42
CA TYR L 297 76.11 -33.15 26.02
C TYR L 297 76.08 -31.62 25.96
N GLY L 298 75.74 -31.00 24.83
CA GLY L 298 75.99 -29.59 24.59
C GLY L 298 75.38 -28.58 25.53
N LYS L 299 75.50 -27.30 25.17
CA LYS L 299 75.33 -26.19 26.10
C LYS L 299 73.85 -25.91 26.34
N THR L 300 73.60 -25.11 27.38
CA THR L 300 72.27 -24.75 27.82
C THR L 300 72.13 -23.22 27.80
N THR L 301 70.91 -22.76 27.55
CA THR L 301 70.62 -21.32 27.55
C THR L 301 69.95 -20.86 28.84
N GLY L 302 68.99 -21.61 29.35
CA GLY L 302 68.31 -21.26 30.58
C GLY L 302 67.01 -20.51 30.41
N TYR L 303 66.26 -20.77 29.33
CA TYR L 303 65.02 -20.07 29.06
C TYR L 303 63.87 -21.06 29.01
N ALA L 304 62.74 -20.68 29.61
CA ALA L 304 61.52 -21.46 29.56
C ALA L 304 60.47 -20.69 28.77
N VAL L 305 59.77 -21.40 27.88
CA VAL L 305 58.85 -20.80 26.92
C VAL L 305 57.47 -21.40 27.10
N THR L 306 56.45 -20.55 27.08
CA THR L 306 55.05 -20.96 27.19
C THR L 306 54.27 -20.40 26.01
N HIS L 307 53.55 -21.27 25.32
CA HIS L 307 52.73 -20.87 24.18
C HIS L 307 51.29 -20.67 24.64
N HIS L 308 50.67 -19.57 24.19
CA HIS L 308 49.34 -19.19 24.63
C HIS L 308 48.32 -19.45 23.52
N ALA L 309 47.45 -20.43 23.75
CA ALA L 309 46.33 -20.66 22.85
C ALA L 309 45.10 -19.85 23.24
N ASP L 310 45.03 -19.39 24.48
CA ASP L 310 43.98 -18.51 24.96
C ASP L 310 44.61 -17.28 25.60
N GLY L 311 43.78 -16.28 25.87
CA GLY L 311 44.29 -15.05 26.44
C GLY L 311 44.66 -15.22 27.91
N PHE L 312 45.75 -14.58 28.31
CA PHE L 312 46.21 -14.57 29.69
C PHE L 312 46.26 -13.13 30.18
N LEU L 313 45.67 -12.87 31.34
CA LEU L 313 45.63 -11.52 31.89
C LEU L 313 46.17 -11.49 33.31
N MET L 314 46.86 -10.40 33.64
CA MET L 314 47.31 -10.13 35.01
C MET L 314 47.17 -8.63 35.25
N CYS L 315 46.35 -8.25 36.22
CA CYS L 315 46.02 -6.84 36.40
C CYS L 315 46.02 -6.46 37.86
N LYS L 316 46.24 -5.16 38.10
CA LYS L 316 46.13 -4.59 39.43
C LYS L 316 44.67 -4.33 39.79
N THR L 317 44.35 -4.47 41.07
CA THR L 317 43.00 -4.25 41.56
C THR L 317 43.06 -3.73 42.99
N THR L 318 42.01 -3.01 43.38
CA THR L 318 41.87 -2.44 44.71
C THR L 318 40.72 -3.12 45.44
N ASP L 319 41.00 -3.59 46.66
CA ASP L 319 40.01 -4.30 47.45
C ASP L 319 40.13 -3.86 48.91
N THR L 320 39.27 -4.42 49.75
CA THR L 320 39.29 -4.17 51.18
C THR L 320 39.55 -5.48 51.91
N VAL L 321 40.67 -5.55 52.61
CA VAL L 321 41.06 -6.73 53.38
C VAL L 321 40.93 -6.38 54.85
N ASP L 322 40.01 -7.06 55.53
CA ASP L 322 39.81 -6.91 56.98
C ASP L 322 39.56 -5.46 57.36
N GLY L 323 38.91 -4.71 56.46
CA GLY L 323 38.56 -3.33 56.68
C GLY L 323 39.52 -2.32 56.08
N GLU L 324 40.72 -2.74 55.71
CA GLU L 324 41.73 -1.82 55.20
C GLU L 324 41.80 -1.90 53.68
N ARG L 325 41.81 -0.73 53.03
CA ARG L 325 41.84 -0.66 51.58
C ARG L 325 43.27 -0.84 51.07
N VAL L 326 43.47 -1.83 50.19
CA VAL L 326 44.78 -2.16 49.64
C VAL L 326 44.64 -2.49 48.16
N SER L 327 45.78 -2.70 47.51
CA SER L 327 45.84 -3.04 46.09
C SER L 327 46.81 -4.20 45.87
N PHE L 328 46.45 -5.10 44.95
CA PHE L 328 47.31 -6.22 44.61
C PHE L 328 46.90 -6.77 43.24
N SER L 329 47.62 -7.79 42.78
CA SER L 329 47.51 -8.29 41.41
C SER L 329 46.74 -9.60 41.36
N VAL L 330 45.93 -9.75 40.31
CA VAL L 330 45.12 -10.95 40.08
C VAL L 330 45.28 -11.37 38.62
N CYS L 331 45.33 -12.68 38.38
CA CYS L 331 45.54 -13.23 37.04
C CYS L 331 44.40 -14.17 36.67
N THR L 332 44.17 -14.32 35.37
CA THR L 332 43.08 -15.16 34.89
C THR L 332 43.28 -15.50 33.41
N TYR L 333 42.42 -16.40 32.94
CA TYR L 333 42.40 -16.88 31.56
C TYR L 333 41.14 -16.39 30.86
N VAL L 334 41.25 -16.07 29.57
CA VAL L 334 40.16 -15.55 28.77
C VAL L 334 40.04 -16.38 27.50
N PRO L 335 38.84 -16.76 27.07
CA PRO L 335 38.70 -17.53 25.83
C PRO L 335 39.14 -16.73 24.61
N ALA L 336 39.55 -17.45 23.56
CA ALA L 336 40.14 -16.80 22.40
C ALA L 336 39.11 -16.04 21.57
N THR L 337 37.87 -16.54 21.52
CA THR L 337 36.85 -15.89 20.70
C THR L 337 36.55 -14.48 21.19
N ILE L 338 36.42 -14.31 22.51
CA ILE L 338 36.17 -12.98 23.07
C ILE L 338 37.34 -12.05 22.78
N CYS L 339 38.57 -12.55 22.94
CA CYS L 339 39.75 -11.75 22.66
C CYS L 339 39.76 -11.29 21.21
N ASP L 340 39.43 -12.18 20.28
CA ASP L 340 39.37 -11.82 18.87
C ASP L 340 38.26 -10.80 18.59
N GLN L 341 37.10 -10.94 19.25
CA GLN L 341 35.99 -10.04 19.02
C GLN L 341 36.14 -8.70 19.73
N MET L 342 37.11 -8.56 20.63
CA MET L 342 37.37 -7.28 21.30
C MET L 342 38.44 -6.45 20.62
N THR L 343 38.96 -6.89 19.47
CA THR L 343 40.08 -6.20 18.83
C THR L 343 39.69 -4.80 18.38
N GLY L 344 38.49 -4.66 17.80
CA GLY L 344 38.10 -3.37 17.25
C GLY L 344 37.88 -2.31 18.32
N ILE L 345 37.26 -2.70 19.43
CA ILE L 345 36.91 -1.73 20.46
C ILE L 345 38.17 -1.16 21.13
N LEU L 346 39.19 -2.00 21.31
CA LEU L 346 40.39 -1.59 22.02
C LEU L 346 41.27 -0.60 21.25
N ALA L 347 40.85 -0.17 20.06
CA ALA L 347 41.63 0.81 19.32
C ALA L 347 41.59 2.18 20.00
N THR L 348 40.47 2.52 20.62
CA THR L 348 40.34 3.80 21.30
C THR L 348 40.38 3.62 22.81
N GLU L 349 40.21 4.72 23.54
CA GLU L 349 40.19 4.70 25.00
C GLU L 349 38.75 4.51 25.45
N VAL L 350 38.52 3.48 26.26
CA VAL L 350 37.18 3.10 26.70
C VAL L 350 37.14 3.08 28.22
N THR L 351 35.95 3.36 28.76
CA THR L 351 35.68 3.32 30.19
C THR L 351 35.37 1.90 30.64
N PRO L 352 35.60 1.59 31.92
CA PRO L 352 35.34 0.21 32.39
C PRO L 352 33.89 -0.24 32.24
N GLU L 353 32.92 0.66 32.42
CA GLU L 353 31.53 0.23 32.36
C GLU L 353 31.09 -0.05 30.93
N ASP L 354 31.59 0.72 29.96
CA ASP L 354 31.31 0.43 28.56
C ASP L 354 31.88 -0.92 28.16
N ALA L 355 33.11 -1.22 28.59
CA ALA L 355 33.69 -2.52 28.34
C ALA L 355 32.89 -3.63 29.01
N GLN L 356 32.41 -3.38 30.23
CA GLN L 356 31.58 -4.36 30.93
C GLN L 356 30.31 -4.66 30.14
N LYS L 357 29.64 -3.61 29.64
CA LYS L 357 28.41 -3.81 28.88
C LYS L 357 28.69 -4.55 27.58
N LEU L 358 29.77 -4.20 26.89
CA LEU L 358 30.14 -4.90 25.66
C LEU L 358 30.43 -6.37 25.93
N LEU L 359 31.16 -6.65 27.00
CA LEU L 359 31.47 -8.04 27.36
C LEU L 359 30.22 -8.82 27.70
N VAL L 360 29.28 -8.21 28.43
CA VAL L 360 28.02 -8.89 28.73
C VAL L 360 27.24 -9.15 27.44
N GLY L 361 27.28 -8.20 26.50
CA GLY L 361 26.61 -8.41 25.23
C GLY L 361 27.20 -9.57 24.44
N LEU L 362 28.53 -9.64 24.36
CA LEU L 362 29.17 -10.73 23.64
C LEU L 362 29.01 -12.08 24.34
N ASN L 363 29.04 -12.08 25.67
CA ASN L 363 28.93 -13.33 26.43
C ASN L 363 27.50 -13.87 26.39
N ASN L 377 26.35 -19.17 28.36
CA ASN L 377 27.50 -18.31 28.60
C ASN L 377 28.80 -19.00 28.18
N THR L 378 29.73 -18.21 27.65
CA THR L 378 31.04 -18.73 27.27
C THR L 378 32.06 -18.61 28.40
N MET L 379 32.04 -17.50 29.13
CA MET L 379 32.90 -17.28 30.28
C MET L 379 32.04 -17.03 31.51
N LYS L 380 32.54 -17.42 32.67
CA LYS L 380 31.80 -17.24 33.91
C LYS L 380 31.68 -15.76 34.26
N ASN L 381 30.53 -15.38 34.81
CA ASN L 381 30.18 -13.97 34.97
C ASN L 381 30.91 -13.29 36.13
N TYR L 382 31.45 -14.05 37.08
CA TYR L 382 32.06 -13.41 38.25
C TYR L 382 33.46 -12.85 37.96
N MET L 383 34.04 -13.16 36.79
CA MET L 383 35.33 -12.62 36.43
C MET L 383 35.26 -11.47 35.45
N ILE L 384 34.08 -11.14 34.94
CA ILE L 384 33.90 -10.09 33.94
C ILE L 384 34.33 -8.71 34.45
N PRO L 385 33.94 -8.28 35.65
CA PRO L 385 34.29 -6.91 36.07
C PRO L 385 35.78 -6.62 36.15
N VAL L 386 36.61 -7.62 36.45
CA VAL L 386 38.05 -7.35 36.52
C VAL L 386 38.68 -7.40 35.13
N VAL L 387 38.14 -8.25 34.24
CA VAL L 387 38.61 -8.28 32.87
C VAL L 387 38.32 -6.96 32.16
N ALA L 388 37.14 -6.38 32.42
CA ALA L 388 36.81 -5.09 31.80
C ALA L 388 37.78 -4.00 32.25
N GLN L 389 38.08 -3.96 33.55
CA GLN L 389 39.04 -2.98 34.07
C GLN L 389 40.43 -3.18 33.50
N ALA L 390 40.88 -4.44 33.37
CA ALA L 390 42.19 -4.71 32.78
C ALA L 390 42.25 -4.24 31.32
N PHE L 391 41.21 -4.52 30.54
CA PHE L 391 41.19 -4.08 29.15
C PHE L 391 41.21 -2.55 29.07
N SER L 392 40.42 -1.89 29.92
CA SER L 392 40.37 -0.44 29.90
C SER L 392 41.72 0.17 30.24
N LYS L 393 42.43 -0.41 31.22
CA LYS L 393 43.75 0.12 31.57
C LYS L 393 44.80 -0.21 30.52
N TRP L 394 44.67 -1.32 29.80
CA TRP L 394 45.62 -1.63 28.74
C TRP L 394 45.46 -0.69 27.55
N ALA L 395 44.21 -0.39 27.18
CA ALA L 395 43.98 0.47 26.02
C ALA L 395 44.54 1.87 26.23
N LYS L 396 44.54 2.37 27.47
CA LYS L 396 45.07 3.70 27.75
C LYS L 396 46.60 3.73 27.70
N GLU L 397 47.26 2.70 28.23
CA GLU L 397 48.70 2.63 28.14
C GLU L 397 49.19 2.49 26.71
N CYS L 398 48.45 1.77 25.86
CA CYS L 398 48.81 1.73 24.45
C CYS L 398 48.80 3.13 23.82
N ARG L 399 47.75 3.91 24.09
CA ARG L 399 47.67 5.27 23.56
C ARG L 399 48.79 6.14 24.11
N LYS L 400 49.10 6.01 25.41
CA LYS L 400 50.19 6.80 25.97
C LYS L 400 51.53 6.43 25.34
N ASP L 401 51.74 5.15 25.01
CA ASP L 401 52.95 4.79 24.29
C ASP L 401 52.97 5.41 22.90
N MET L 402 51.81 5.47 22.23
CA MET L 402 51.77 6.02 20.87
C MET L 402 52.15 7.50 20.80
N GLU L 403 51.95 8.27 21.87
CA GLU L 403 52.13 9.71 21.81
C GLU L 403 53.43 10.21 22.43
N ASP L 404 54.38 9.31 22.72
CA ASP L 404 55.68 9.70 23.30
C ASP L 404 56.80 9.10 22.46
N GLU L 405 56.70 9.29 21.14
CA GLU L 405 57.63 8.71 20.19
C GLU L 405 59.06 9.14 20.48
N LYS L 406 59.99 8.21 20.31
CA LYS L 406 61.42 8.41 20.55
C LYS L 406 62.20 8.29 19.23
N LEU L 407 63.51 8.34 19.34
CA LEU L 407 64.40 8.21 18.19
C LEU L 407 64.98 6.81 18.12
N LEU L 408 65.37 6.40 16.91
CA LEU L 408 65.85 5.04 16.69
C LEU L 408 67.22 4.82 17.32
N GLY L 409 67.32 3.81 18.18
CA GLY L 409 68.60 3.31 18.63
C GLY L 409 69.30 4.12 19.70
N VAL L 410 68.62 5.03 20.36
CA VAL L 410 69.25 5.88 21.38
C VAL L 410 68.37 5.91 22.62
N ARG L 411 69.00 5.75 23.79
CA ARG L 411 68.36 5.93 25.08
C ARG L 411 68.84 7.23 25.70
N GLU L 412 67.93 7.98 26.31
CA GLU L 412 68.25 9.26 26.91
C GLU L 412 68.41 9.08 28.42
N ARG L 413 69.66 9.22 28.88
CA ARG L 413 69.97 9.19 30.30
C ARG L 413 70.86 10.35 30.69
N ALA L 422 70.62 8.46 35.17
CA ALA L 422 69.36 7.90 35.67
C ALA L 422 68.25 8.07 34.63
N PHE L 423 67.47 7.01 34.44
CA PHE L 423 66.37 7.02 33.49
C PHE L 423 65.05 6.77 34.19
N LYS L 424 64.00 7.42 33.68
CA LYS L 424 62.67 7.34 34.30
C LYS L 424 61.99 6.03 33.92
N LYS L 425 61.26 5.45 34.88
CA LYS L 425 60.41 4.30 34.63
C LYS L 425 58.96 4.73 34.53
N GLN L 426 58.17 3.93 33.81
CA GLN L 426 56.76 4.23 33.59
C GLN L 426 55.88 3.24 34.34
N LYS L 427 54.58 3.55 34.37
CA LYS L 427 53.61 2.70 35.04
C LYS L 427 53.23 1.50 34.18
N THR L 428 53.07 0.35 34.82
CA THR L 428 52.54 -0.85 34.18
C THR L 428 51.53 -1.48 35.12
N HIS L 429 50.25 -1.43 34.75
CA HIS L 429 49.19 -1.98 35.57
C HIS L 429 48.49 -3.18 34.94
N THR L 430 48.84 -3.55 33.71
CA THR L 430 48.21 -4.69 33.05
C THR L 430 49.24 -5.43 32.21
N VAL L 431 49.19 -6.76 32.28
CA VAL L 431 49.94 -7.64 31.39
C VAL L 431 48.92 -8.48 30.65
N TYR L 432 48.95 -8.44 29.32
CA TYR L 432 47.98 -9.11 28.47
C TYR L 432 48.74 -9.91 27.42
N LYS L 433 48.57 -11.23 27.46
CA LYS L 433 49.17 -12.14 26.49
C LYS L 433 48.06 -12.66 25.60
N ARG L 434 48.02 -12.18 24.37
CA ARG L 434 47.02 -12.58 23.39
C ARG L 434 47.31 -13.97 22.85
N PRO L 435 46.31 -14.63 22.28
CA PRO L 435 46.54 -15.96 21.70
C PRO L 435 47.52 -15.91 20.54
N ASP L 436 48.24 -17.02 20.34
CA ASP L 436 49.31 -17.16 19.34
C ASP L 436 50.54 -16.34 19.72
N THR L 437 50.78 -16.16 21.01
CA THR L 437 51.98 -15.51 21.51
C THR L 437 52.72 -16.44 22.45
N GLN L 438 53.88 -16.00 22.93
CA GLN L 438 54.73 -16.81 23.77
C GLN L 438 55.35 -15.96 24.87
N SER L 439 55.41 -16.54 26.07
CA SER L 439 56.11 -15.96 27.21
C SER L 439 57.44 -16.67 27.40
N ILE L 440 58.46 -15.92 27.82
CA ILE L 440 59.81 -16.46 27.99
C ILE L 440 60.37 -15.95 29.31
N GLN L 441 60.90 -16.85 30.13
CA GLN L 441 61.46 -16.50 31.43
C GLN L 441 62.83 -17.15 31.62
N LYS L 442 63.65 -16.52 32.46
CA LYS L 442 64.97 -17.03 32.79
C LYS L 442 64.91 -17.88 34.06
N VAL L 443 65.44 -19.10 33.97
CA VAL L 443 65.40 -20.03 35.10
C VAL L 443 66.77 -20.69 35.25
N GLN L 444 66.90 -21.57 36.24
CA GLN L 444 68.13 -22.30 36.50
C GLN L 444 68.25 -23.50 35.57
N ALA L 445 69.48 -23.75 35.10
CA ALA L 445 69.74 -24.86 34.20
C ALA L 445 70.87 -25.78 34.64
N GLU L 446 71.67 -25.39 35.64
CA GLU L 446 72.79 -26.19 36.12
C GLU L 446 72.45 -26.70 37.52
N PHE L 447 72.18 -28.00 37.63
CA PHE L 447 71.79 -28.62 38.89
C PHE L 447 72.89 -29.60 39.31
N ASP L 448 73.38 -29.44 40.54
CA ASP L 448 74.43 -30.30 41.05
C ASP L 448 74.04 -30.92 42.39
ZN ZN M . 21.31 -49.55 71.71
C2 7XQ N . 20.23 -39.28 71.04
C4 7XQ N . 20.62 -37.46 72.46
C6 7XQ N . 19.40 -36.86 72.02
C8 7XQ N . 17.62 -35.67 71.57
C10 7XQ N . 16.46 -37.08 69.89
C11 7XQ N . 15.30 -36.54 70.29
C13 7XQ N . 14.50 -36.24 68.93
C15 7XQ N . 15.55 -36.43 67.76
C16 7XQ N . 15.46 -35.25 66.68
C17 7XQ N . 15.71 -35.76 65.21
C19 7XQ N . 16.75 -36.42 68.39
C21 7XQ N . 18.66 -37.52 71.10
F20 7XQ N . 17.19 -35.10 68.54
N1 7XQ N . 19.09 -38.75 70.60
N3 7XQ N . 20.98 -38.66 71.94
N5 7XQ N . 21.48 -36.80 73.47
N7 7XQ N . 18.73 -35.70 72.31
N9 7XQ N . 17.54 -36.75 70.84
O12 7XQ N . 14.55 -37.48 71.12
O14 7XQ N . 13.48 -37.11 68.79
O18 7XQ N . 14.47 -35.88 64.55
ZN ZN O . -23.07 -39.72 77.02
C2 7XQ P . -21.61 -29.63 75.20
C4 7XQ P . -21.55 -27.66 76.50
C6 7XQ P . -22.32 -26.99 75.49
C8 7XQ P . -23.45 -25.66 74.15
C10 7XQ P . -23.98 -27.17 72.25
C11 7XQ P . -25.10 -26.46 72.03
C13 7XQ P . -25.17 -26.26 70.45
C15 7XQ P . -23.74 -26.72 69.91
C16 7XQ P . -23.17 -25.67 68.82
C17 7XQ P . -22.32 -26.39 67.70
C19 7XQ P . -22.96 -26.74 71.01
C21 7XQ P . -22.67 -27.70 74.38
F20 7XQ P . -22.44 -25.47 71.24
N1 7XQ P . -22.32 -29.03 74.25
N3 7XQ P . -21.24 -28.97 76.29
N5 7XQ P . -21.12 -26.95 77.73
N7 7XQ P . -22.81 -25.72 75.33
N9 7XQ P . -23.39 -26.83 73.56
O12 7XQ P . -26.27 -27.19 72.50
O14 7XQ P . -26.13 -27.04 69.93
O18 7XQ P . -23.14 -26.55 66.56
ZN ZN Q . -62.24 -22.93 60.36
C2 7XQ R . -58.09 -13.54 58.63
C4 7XQ R . -58.20 -11.41 59.61
C6 7XQ R . -58.28 -10.82 58.30
C8 7XQ R . -58.42 -9.60 56.50
C10 7XQ R . -58.38 -11.32 54.69
C11 7XQ R . -59.07 -10.48 53.92
C13 7XQ R . -58.39 -10.58 52.48
C15 7XQ R . -57.02 -11.36 52.72
C16 7XQ R . -55.80 -10.62 51.95
C17 7XQ R . -54.74 -11.65 51.42
C19 7XQ R . -56.84 -11.32 54.05
C21 7XQ R . -58.27 -11.65 57.23
F20 7XQ R . -56.18 -10.14 54.42
N1 7XQ R . -58.17 -13.03 57.40
N3 7XQ R . -58.10 -12.76 59.70
N5 7XQ R . -58.21 -10.57 60.83
N7 7XQ R . -58.39 -9.54 57.82
N9 7XQ R . -58.36 -10.84 56.10
O12 7XQ R . -60.48 -10.90 53.84
O14 7XQ R . -59.17 -11.28 51.65
O18 7XQ R . -54.96 -11.84 50.04
ZN ZN S . -85.74 -3.67 26.18
C2 7XQ T . -79.47 4.53 25.71
C4 7XQ T . -79.60 6.78 26.40
C6 7XQ T . -78.97 7.18 25.18
C8 7XQ T . -78.03 8.13 23.45
C10 7XQ T . -77.51 6.19 21.99
C11 7XQ T . -77.60 7.00 20.93
C13 7XQ T . -76.37 6.59 19.99
C15 7XQ T . -75.45 5.64 20.89
C16 7XQ T . -73.90 6.04 20.75
C17 7XQ T . -72.96 4.78 20.80
C19 7XQ T . -75.89 5.87 22.15
C21 7XQ T . -78.62 6.21 24.29
F20 7XQ T . -75.24 6.98 22.69
N1 7XQ T . -78.88 4.88 24.56
N3 7XQ T . -79.82 5.45 26.60
N5 7XQ T . -80.00 7.78 27.42
N7 7XQ T . -78.59 8.39 24.63
N9 7XQ T . -78.04 6.85 23.20
O12 7XQ T . -78.86 6.79 20.23
O14 7XQ T . -76.81 5.92 18.92
O18 7XQ T . -72.55 4.46 19.49
ZN ZN U . -87.23 12.86 -16.52
C2 7XQ V . -79.93 19.94 -14.57
C4 7XQ V . -79.89 22.26 -14.23
C6 7XQ V . -78.73 22.35 -15.06
C8 7XQ V . -76.96 22.85 -16.26
C10 7XQ V . -76.26 20.61 -17.11
C11 7XQ V . -75.76 21.22 -18.19
C13 7XQ V . -74.35 20.51 -18.44
C15 7XQ V . -74.06 19.66 -17.12
C16 7XQ V . -72.54 19.85 -16.62
C17 7XQ V . -71.98 18.55 -15.95
C19 7XQ V . -74.93 20.15 -16.22
C21 7XQ V . -78.23 21.21 -15.59
F20 7XQ V . -74.38 21.26 -15.58
N1 7XQ V . -78.86 19.99 -15.34
N3 7XQ V . -80.44 21.04 -14.03
N5 7XQ V . -80.48 23.47 -13.61
N7 7XQ V . -77.91 23.37 -15.48
N9 7XQ V . -77.12 21.55 -16.34
O12 7XQ V . -76.63 21.01 -19.36
O14 7XQ V . -74.41 19.70 -19.50
O18 7XQ V . -71.18 17.86 -16.89
ZN ZN W . -66.36 22.26 -56.15
C2 7XQ X . -59.40 28.38 -51.59
C4 7XQ X . -59.10 30.70 -51.45
C6 7XQ X . -57.69 30.50 -51.64
C8 7XQ X . -55.51 30.59 -51.91
C10 7XQ X . -54.93 28.18 -52.16
C11 7XQ X . -53.86 28.55 -52.88
C13 7XQ X . -52.68 27.59 -52.39
C15 7XQ X . -53.22 26.92 -51.06
C16 7XQ X . -52.12 26.95 -49.88
C17 7XQ X . -52.18 25.65 -48.97
C19 7XQ X . -54.30 27.66 -50.71
C21 7XQ X . -57.22 29.24 -51.79
F20 7XQ X . -53.90 28.75 -49.96
N1 7XQ X . -58.11 28.16 -51.77
N3 7XQ X . -59.89 29.60 -51.44
N5 7XQ X . -59.66 32.05 -51.28
N7 7XQ X . -56.59 31.34 -51.72
N9 7XQ X . -55.85 29.32 -51.96
O12 7XQ X . -54.11 28.33 -54.31
O14 7XQ X . -52.42 26.66 -53.30
O18 7XQ X . -51.17 24.77 -49.39
ZN ZN Y . -28.68 22.02 -82.13
C2 7XQ Z . -23.33 27.75 -75.39
C4 7XQ Z . -22.64 29.99 -75.28
C6 7XQ Z . -21.37 29.56 -74.77
C8 7XQ Z . -19.34 29.27 -73.99
C10 7XQ Z . -19.21 26.79 -73.78
C11 7XQ Z . -17.89 26.87 -73.95
C13 7XQ Z . -17.27 25.88 -72.86
C15 7XQ Z . -18.47 25.49 -71.91
C16 7XQ Z . -18.03 25.54 -70.36
C17 7XQ Z . -18.75 24.43 -69.51
C19 7XQ Z . -19.42 26.42 -72.17
C21 7XQ Z . -21.16 28.23 -74.60
F20 7XQ Z . -19.20 27.56 -71.39
N1 7XQ Z . -22.16 27.31 -74.92
N3 7XQ Z . -23.57 29.04 -75.57
N5 7XQ Z . -22.94 31.43 -75.48
N7 7XQ Z . -20.22 30.21 -74.38
N9 7XQ Z . -19.87 28.08 -74.11
O12 7XQ Z . -17.51 26.46 -75.30
O14 7XQ Z . -16.80 24.78 -73.47
O18 7XQ Z . -17.84 23.38 -69.29
ZN ZN AA . 15.74 12.18 -87.51
C2 7XQ BA . 18.52 18.16 -79.56
C4 7XQ BA . 19.54 20.26 -79.32
C6 7XQ BA . 20.34 19.73 -78.25
C8 7XQ BA . 21.71 19.26 -76.61
C10 7XQ BA . 21.22 16.86 -76.18
C11 7XQ BA . 22.48 16.70 -75.77
C13 7XQ BA . 22.38 15.81 -74.45
C15 7XQ BA . 20.83 15.79 -74.07
C16 7XQ BA . 20.61 16.04 -72.50
C17 7XQ BA . 19.34 15.28 -71.96
C19 7XQ BA . 20.30 16.80 -74.80
C21 7XQ BA . 20.17 18.42 -77.91
F20 7XQ BA . 20.44 18.00 -74.10
N1 7XQ BA . 19.25 17.63 -78.58
N3 7XQ BA . 18.65 19.43 -79.92
N5 7XQ BA . 19.67 21.67 -79.74
N7 7XQ BA . 21.32 20.23 -77.42
N9 7XQ BA . 21.06 18.16 -76.87
O12 7XQ BA . 23.27 15.99 -76.79
O14 7XQ BA . 22.81 14.56 -74.69
O18 7XQ BA . 19.76 14.09 -71.32
ZN ZN CA . 54.91 -4.62 -70.80
C2 7XQ DA . 55.05 2.16 -62.94
C4 7XQ DA . 56.23 4.10 -62.39
C6 7XQ DA . 56.36 3.63 -61.05
C8 7XQ DA . 56.72 3.22 -58.92
C10 7XQ DA . 55.62 1.01 -58.61
C11 7XQ DA . 56.50 0.76 -57.62
C13 7XQ DA . 55.62 0.10 -56.45
C15 7XQ DA . 54.11 0.35 -56.88
C16 7XQ DA . 53.23 0.89 -55.64
C17 7XQ DA . 51.74 0.38 -55.70
C19 7XQ DA . 54.18 1.28 -57.86
C21 7XQ DA . 55.80 2.43 -60.72
F20 7XQ DA . 54.17 2.56 -57.29
N1 7XQ DA . 55.14 1.69 -61.70
N3 7XQ DA . 55.58 3.32 -63.28
N5 7XQ DA . 56.82 5.40 -62.79
N7 7XQ DA . 56.93 4.12 -59.89
N9 7XQ DA . 56.04 2.20 -59.39
O12 7XQ DA . 57.53 -0.18 -58.06
O14 7XQ DA . 55.86 -1.21 -56.38
O18 7XQ DA . 51.60 -0.70 -54.80
ZN ZN EA . 78.41 -23.88 -36.57
C2 7XQ FA . 76.40 -16.06 -30.07
C4 7XQ FA . 77.61 -14.25 -29.23
C6 7XQ FA . 77.03 -14.47 -27.93
C8 7XQ FA . 76.32 -14.53 -25.86
C10 7XQ FA . 74.76 -16.48 -25.89
C11 7XQ FA . 75.02 -16.67 -24.58
C13 7XQ FA . 73.60 -16.96 -23.92
C15 7XQ FA . 72.53 -16.60 -25.03
C16 7XQ FA . 71.31 -15.75 -24.40
C17 7XQ FA . 69.93 -16.12 -25.09
C19 7XQ FA . 73.21 -15.86 -25.92
C21 7XQ FA . 76.14 -15.51 -27.81
F20 7XQ FA . 73.22 -14.53 -25.53
N1 7XQ FA . 75.84 -16.30 -28.89
N3 7XQ FA . 77.25 -15.07 -30.24
N5 7XQ FA . 78.57 -13.14 -29.44
N7 7XQ FA . 77.12 -13.87 -26.70
N9 7XQ FA . 75.72 -15.52 -26.49
O12 7XQ FA . 75.92 -17.80 -24.40
O14 7XQ FA . 73.51 -18.26 -23.59
O18 7XQ FA . 69.21 -16.97 -24.23
ZN ZN GA . 79.89 -40.39 6.12
C2 7XQ HA . 76.90 -31.40 10.24
C4 7XQ HA . 77.93 -29.67 11.42
C6 7XQ HA . 76.80 -29.61 12.30
C8 7XQ HA . 75.26 -29.27 13.82
C10 7XQ HA . 73.52 -30.94 13.22
C11 7XQ HA . 73.17 -31.01 14.50
C13 7XQ HA . 71.57 -30.99 14.49
C15 7XQ HA . 71.16 -30.61 13.00
C16 7XQ HA . 69.99 -29.49 12.99
C17 7XQ HA . 69.04 -29.67 11.74
C19 7XQ HA . 72.29 -30.10 12.47
C21 7XQ HA . 75.77 -30.48 12.09
F20 7XQ HA . 72.41 -28.76 12.76
N1 7XQ HA . 75.83 -31.39 11.04
N3 7XQ HA . 77.91 -30.58 10.42
N5 7XQ HA . 79.08 -28.76 11.60
N7 7XQ HA . 76.46 -28.86 13.41
N9 7XQ HA . 74.81 -30.24 13.06
O12 7XQ HA . 73.65 -32.25 15.11
O14 7XQ HA . 71.09 -32.20 14.80
O18 7XQ HA . 67.87 -30.34 12.16
ZN ZN IA . 58.99 -49.84 45.73
C2 7XQ JA . 56.31 -39.86 47.27
C4 7XQ JA . 57.03 -38.11 48.65
C6 7XQ JA . 55.66 -37.76 48.90
C8 7XQ JA . 53.70 -36.96 49.48
C10 7XQ JA . 52.13 -38.47 48.28
C11 7XQ JA . 51.22 -38.24 49.23
C13 7XQ JA . 49.85 -38.02 48.44
C15 7XQ JA . 50.26 -37.87 46.91
C16 7XQ JA . 49.49 -36.64 46.22
C17 7XQ JA . 49.15 -36.92 44.71
C19 7XQ JA . 51.59 -37.65 46.94
C21 7XQ JA . 54.69 -38.51 48.30
F20 7XQ JA . 51.85 -36.29 47.09
N1 7XQ JA . 55.03 -39.57 47.47
N3 7XQ JA . 57.29 -39.16 47.84
N5 7XQ JA . 58.12 -37.34 49.28
N7 7XQ JA . 55.02 -36.80 49.64
N9 7XQ JA . 53.47 -37.98 48.69
O12 7XQ JA . 51.12 -39.37 50.15
O14 7XQ JA . 49.06 -39.09 48.60
O18 7XQ JA . 47.79 -37.29 44.62
#